data_2N46
#
_entry.id   2N46
#
_entity_poly.entity_id   1
_entity_poly.type   'polypeptide(L)'
_entity_poly.pdbx_seq_one_letter_code
;GPLGSDMTEYKLVVVGAGGVGKSALTIQLIQNHFVDEYDPSIEDSYRKQVVIDGETCLLDILDTAGQEEYSAMRDQYMRT
GEGFLCVFAINNTKSFEDIHQYREQIKRVKDSDDVPMVLVGNKCDLAARTVESRQAQDLARSYGIPYIETSAKTRQGVED
AFYTLVREIRQH
;
_entity_poly.pdbx_strand_id   A
#
# COMPACT_ATOMS: atom_id res chain seq x y z
N MET A 7 7.56 20.91 -8.90
CA MET A 7 6.18 20.44 -8.78
C MET A 7 6.09 18.95 -9.14
N THR A 8 7.12 18.20 -8.77
CA THR A 8 7.14 16.76 -9.03
C THR A 8 6.06 16.04 -8.23
N GLU A 9 5.28 15.21 -8.91
CA GLU A 9 4.19 14.47 -8.27
C GLU A 9 4.49 12.98 -8.25
N TYR A 10 4.17 12.32 -7.14
CA TYR A 10 4.27 10.88 -7.05
C TYR A 10 2.91 10.25 -6.77
N LYS A 11 2.37 9.54 -7.74
CA LYS A 11 1.02 9.00 -7.65
C LYS A 11 1.05 7.51 -7.37
N LEU A 12 0.89 7.14 -6.11
CA LEU A 12 1.14 5.77 -5.66
C LEU A 12 -0.15 5.11 -5.18
N VAL A 13 -0.29 3.83 -5.49
CA VAL A 13 -1.56 3.13 -5.27
C VAL A 13 -1.45 2.14 -4.13
N VAL A 14 -2.41 2.21 -3.21
CA VAL A 14 -2.44 1.30 -2.06
C VAL A 14 -3.48 0.21 -2.26
N VAL A 15 -3.05 -1.04 -2.11
CA VAL A 15 -3.91 -2.19 -2.35
C VAL A 15 -3.91 -3.15 -1.18
N GLY A 16 -4.93 -3.99 -1.10
CA GLY A 16 -5.00 -4.99 -0.05
C GLY A 16 -6.41 -5.51 0.18
N ALA A 17 -6.52 -6.61 0.91
CA ALA A 17 -7.82 -7.21 1.20
C ALA A 17 -8.57 -6.40 2.25
N GLY A 18 -9.88 -6.63 2.34
CA GLY A 18 -10.68 -5.95 3.34
C GLY A 18 -10.37 -6.42 4.75
N GLY A 19 -10.32 -5.47 5.68
CA GLY A 19 -10.01 -5.80 7.07
C GLY A 19 -8.76 -5.10 7.56
N VAL A 20 -8.00 -4.53 6.65
CA VAL A 20 -6.85 -3.71 7.01
C VAL A 20 -7.19 -2.22 6.97
N GLY A 21 -6.27 -1.39 7.42
CA GLY A 21 -6.54 0.03 7.55
C GLY A 21 -5.94 0.84 6.41
N LYS A 22 -6.34 0.50 5.18
CA LYS A 22 -5.91 1.26 4.02
C LYS A 22 -6.26 2.73 4.16
N SER A 23 -7.46 3.00 4.66
CA SER A 23 -7.89 4.37 4.91
C SER A 23 -7.04 5.01 6.00
N ALA A 24 -6.72 4.24 7.03
CA ALA A 24 -5.90 4.73 8.13
C ALA A 24 -4.50 5.10 7.67
N LEU A 25 -3.96 4.28 6.77
CA LEU A 25 -2.61 4.50 6.25
C LEU A 25 -2.49 5.89 5.63
N THR A 26 -3.41 6.21 4.71
CA THR A 26 -3.37 7.47 4.00
C THR A 26 -3.69 8.64 4.92
N ILE A 27 -4.80 8.52 5.66
CA ILE A 27 -5.33 9.64 6.41
C ILE A 27 -4.37 10.06 7.52
N GLN A 28 -3.77 9.09 8.18
CA GLN A 28 -2.84 9.36 9.28
C GLN A 28 -1.64 10.15 8.79
N LEU A 29 -1.14 9.77 7.62
CA LEU A 29 0.01 10.44 7.02
C LEU A 29 -0.31 11.89 6.68
N ILE A 30 -1.46 12.10 6.04
CA ILE A 30 -1.81 13.41 5.50
C ILE A 30 -2.31 14.34 6.61
N GLN A 31 -2.79 13.74 7.70
CA GLN A 31 -3.26 14.51 8.85
C GLN A 31 -2.22 14.50 9.98
N ASN A 32 -1.21 13.65 9.83
CA ASN A 32 -0.19 13.50 10.87
C ASN A 32 -0.83 13.23 12.22
N HIS A 33 -1.77 12.28 12.25
CA HIS A 33 -2.57 12.04 13.45
C HIS A 33 -3.07 10.60 13.47
N PHE A 34 -3.29 10.07 14.68
CA PHE A 34 -3.84 8.74 14.84
C PHE A 34 -5.33 8.71 14.49
N VAL A 35 -5.66 8.06 13.37
CA VAL A 35 -7.01 8.09 12.85
C VAL A 35 -7.48 6.70 12.45
N ASP A 36 -8.71 6.36 12.85
CA ASP A 36 -9.32 5.09 12.46
C ASP A 36 -10.37 5.30 11.38
N GLU A 37 -10.76 6.55 11.17
CA GLU A 37 -11.81 6.86 10.21
C GLU A 37 -11.69 5.99 8.96
N TYR A 38 -12.82 5.46 8.52
CA TYR A 38 -12.84 4.54 7.38
C TYR A 38 -13.23 5.27 6.10
N ASP A 39 -12.56 4.92 5.01
CA ASP A 39 -12.85 5.51 3.71
C ASP A 39 -14.20 5.06 3.19
N PRO A 40 -14.73 5.79 2.20
CA PRO A 40 -16.03 5.47 1.59
C PRO A 40 -16.00 4.14 0.84
N SER A 41 -17.19 3.67 0.45
CA SER A 41 -17.32 2.34 -0.13
C SER A 41 -16.72 2.30 -1.54
N ILE A 42 -16.28 3.46 -2.01
CA ILE A 42 -15.67 3.55 -3.33
C ILE A 42 -14.26 4.12 -3.25
N GLU A 43 -13.50 3.98 -4.33
CA GLU A 43 -12.13 4.48 -4.37
C GLU A 43 -12.05 5.88 -3.78
N ASP A 44 -10.91 6.19 -3.15
CA ASP A 44 -10.70 7.50 -2.55
C ASP A 44 -9.22 7.86 -2.56
N SER A 45 -8.89 9.00 -3.17
CA SER A 45 -7.50 9.45 -3.28
C SER A 45 -7.27 10.70 -2.45
N TYR A 46 -6.10 10.78 -1.83
CA TYR A 46 -5.69 11.98 -1.12
C TYR A 46 -4.32 12.47 -1.59
N ARG A 47 -4.09 13.77 -1.50
CA ARG A 47 -2.82 14.35 -1.89
C ARG A 47 -2.27 15.25 -0.79
N LYS A 48 -0.96 15.17 -0.57
CA LYS A 48 -0.31 15.98 0.47
C LYS A 48 1.10 16.39 0.03
N GLN A 49 1.43 17.65 0.25
CA GLN A 49 2.76 18.16 -0.07
C GLN A 49 3.79 17.65 0.93
N VAL A 50 4.84 17.01 0.43
CA VAL A 50 5.85 16.41 1.29
C VAL A 50 7.25 16.71 0.78
N VAL A 51 8.24 16.58 1.65
CA VAL A 51 9.64 16.68 1.26
C VAL A 51 10.36 15.35 1.45
N ILE A 52 10.89 14.80 0.36
CA ILE A 52 11.56 13.50 0.41
C ILE A 52 13.00 13.62 -0.06
N ASP A 53 13.93 13.27 0.82
CA ASP A 53 15.35 13.30 0.49
C ASP A 53 15.76 14.66 -0.07
N GLY A 54 15.25 15.72 0.57
CA GLY A 54 15.67 17.07 0.20
C GLY A 54 14.88 17.61 -0.97
N GLU A 55 14.04 16.78 -1.56
CA GLU A 55 13.24 17.18 -2.71
C GLU A 55 11.80 17.51 -2.29
N THR A 56 11.33 18.69 -2.69
CA THR A 56 9.95 19.07 -2.43
C THR A 56 9.02 18.59 -3.54
N CYS A 57 7.99 17.86 -3.17
CA CYS A 57 7.12 17.21 -4.13
C CYS A 57 5.72 16.97 -3.55
N LEU A 58 4.82 16.48 -4.39
CA LEU A 58 3.49 16.10 -3.92
C LEU A 58 3.35 14.58 -3.84
N LEU A 59 2.82 14.10 -2.72
CA LEU A 59 2.53 12.67 -2.57
C LEU A 59 1.04 12.41 -2.69
N ASP A 60 0.66 11.65 -3.72
CA ASP A 60 -0.74 11.36 -3.98
C ASP A 60 -1.04 9.87 -3.76
N ILE A 61 -1.82 9.58 -2.73
CA ILE A 61 -2.06 8.19 -2.33
C ILE A 61 -3.49 7.77 -2.64
N LEU A 62 -3.64 6.69 -3.39
CA LEU A 62 -4.96 6.18 -3.76
C LEU A 62 -5.30 4.93 -2.97
N ASP A 63 -6.45 4.95 -2.31
CA ASP A 63 -7.01 3.74 -1.70
C ASP A 63 -8.07 3.12 -2.60
N THR A 64 -7.89 1.84 -2.90
CA THR A 64 -8.82 1.13 -3.77
C THR A 64 -9.66 0.12 -2.97
N ALA A 65 -10.79 -0.28 -3.54
CA ALA A 65 -11.72 -1.16 -2.84
C ALA A 65 -12.32 -2.18 -3.80
N GLY A 66 -12.59 -3.38 -3.29
CA GLY A 66 -13.08 -4.46 -4.14
C GLY A 66 -12.06 -4.89 -5.16
N GLN A 67 -11.19 -5.82 -4.77
CA GLN A 67 -10.09 -6.24 -5.63
C GLN A 67 -10.60 -6.68 -7.00
N GLU A 68 -11.53 -7.63 -7.01
CA GLU A 68 -12.17 -8.06 -8.23
C GLU A 68 -13.08 -6.96 -8.79
N GLU A 69 -13.68 -6.20 -7.88
CA GLU A 69 -14.62 -5.15 -8.28
C GLU A 69 -13.88 -3.94 -8.86
N TYR A 70 -12.56 -4.01 -8.86
CA TYR A 70 -11.74 -2.98 -9.48
C TYR A 70 -11.91 -2.98 -11.00
N SER A 71 -13.05 -2.47 -11.46
CA SER A 71 -13.44 -2.62 -12.86
C SER A 71 -12.74 -1.57 -13.72
N ALA A 72 -13.05 -1.59 -15.01
CA ALA A 72 -12.45 -0.64 -15.95
C ALA A 72 -12.69 0.80 -15.50
N MET A 73 -13.81 1.03 -14.82
CA MET A 73 -14.13 2.35 -14.29
C MET A 73 -13.06 2.81 -13.30
N ARG A 74 -12.50 1.86 -12.57
CA ARG A 74 -11.46 2.15 -11.59
C ARG A 74 -10.07 2.03 -12.22
N ASP A 75 -9.97 1.20 -13.25
CA ASP A 75 -8.70 1.01 -13.95
C ASP A 75 -8.16 2.35 -14.45
N GLN A 76 -9.05 3.32 -14.62
CA GLN A 76 -8.65 4.67 -15.02
C GLN A 76 -7.48 5.15 -14.18
N TYR A 77 -7.49 4.82 -12.90
CA TYR A 77 -6.45 5.27 -11.98
C TYR A 77 -5.10 4.64 -12.33
N MET A 78 -5.15 3.44 -12.91
CA MET A 78 -3.94 2.71 -13.26
C MET A 78 -3.03 3.55 -14.15
N ARG A 79 -3.62 4.56 -14.79
CA ARG A 79 -2.84 5.50 -15.59
C ARG A 79 -1.65 6.04 -14.80
N THR A 80 -1.81 6.07 -13.47
CA THR A 80 -0.71 6.49 -12.60
C THR A 80 0.46 5.52 -12.69
N GLY A 81 0.23 4.27 -12.29
CA GLY A 81 1.05 3.17 -12.77
C GLY A 81 2.46 3.23 -12.22
N GLU A 82 2.69 4.13 -11.27
CA GLU A 82 4.02 4.33 -10.72
C GLU A 82 4.44 3.14 -9.85
N GLY A 83 3.74 2.97 -8.73
CA GLY A 83 4.10 1.91 -7.80
C GLY A 83 2.95 1.55 -6.87
N PHE A 84 3.09 0.43 -6.17
CA PHE A 84 1.98 -0.12 -5.40
C PHE A 84 2.44 -0.48 -3.98
N LEU A 85 1.66 -0.06 -3.00
CA LEU A 85 1.88 -0.46 -1.61
C LEU A 85 0.84 -1.48 -1.16
N CYS A 86 1.31 -2.68 -0.82
CA CYS A 86 0.41 -3.77 -0.48
C CYS A 86 0.27 -3.93 1.03
N VAL A 87 -0.96 -3.83 1.52
CA VAL A 87 -1.21 -3.88 2.96
C VAL A 87 -1.95 -5.16 3.33
N PHE A 88 -1.40 -5.89 4.31
CA PHE A 88 -2.08 -7.04 4.87
C PHE A 88 -2.09 -6.99 6.40
N ALA A 89 -2.94 -7.81 7.00
CA ALA A 89 -2.97 -7.93 8.46
C ALA A 89 -2.28 -9.21 8.92
N ILE A 90 -1.49 -9.10 9.99
CA ILE A 90 -0.75 -10.24 10.51
C ILE A 90 -1.69 -11.37 10.89
N ASN A 91 -2.94 -11.03 11.19
CA ASN A 91 -3.92 -12.01 11.62
C ASN A 91 -4.75 -12.52 10.44
N ASN A 92 -4.51 -11.93 9.27
CA ASN A 92 -5.32 -12.23 8.10
C ASN A 92 -4.50 -12.98 7.05
N THR A 93 -4.45 -14.30 7.17
CA THR A 93 -3.67 -15.13 6.27
C THR A 93 -4.16 -15.01 4.84
N LYS A 94 -5.47 -15.04 4.66
CA LYS A 94 -6.07 -15.11 3.34
C LYS A 94 -5.70 -13.88 2.51
N SER A 95 -5.40 -12.79 3.20
CA SER A 95 -5.13 -11.51 2.53
C SER A 95 -3.98 -11.64 1.55
N PHE A 96 -3.10 -12.59 1.80
CA PHE A 96 -1.92 -12.80 0.96
C PHE A 96 -2.34 -13.25 -0.44
N GLU A 97 -3.34 -14.13 -0.50
CA GLU A 97 -3.84 -14.62 -1.78
C GLU A 97 -4.60 -13.53 -2.51
N ASP A 98 -5.35 -12.72 -1.77
CA ASP A 98 -6.14 -11.64 -2.36
C ASP A 98 -5.23 -10.57 -2.96
N ILE A 99 -4.13 -10.28 -2.28
CA ILE A 99 -3.13 -9.36 -2.79
C ILE A 99 -2.47 -9.90 -4.05
N HIS A 100 -2.18 -11.19 -4.04
CA HIS A 100 -1.52 -11.83 -5.18
C HIS A 100 -2.41 -11.77 -6.42
N GLN A 101 -3.67 -12.16 -6.25
CA GLN A 101 -4.63 -12.14 -7.36
C GLN A 101 -4.90 -10.72 -7.83
N TYR A 102 -5.14 -9.82 -6.89
CA TYR A 102 -5.29 -8.41 -7.18
C TYR A 102 -4.06 -7.87 -7.91
N ARG A 103 -2.88 -8.35 -7.51
CA ARG A 103 -1.63 -7.96 -8.16
C ARG A 103 -1.61 -8.41 -9.61
N GLU A 104 -2.06 -9.64 -9.85
CA GLU A 104 -2.05 -10.20 -11.20
C GLU A 104 -2.95 -9.39 -12.13
N GLN A 105 -4.08 -8.92 -11.59
CA GLN A 105 -5.05 -8.19 -12.39
C GLN A 105 -4.51 -6.83 -12.81
N ILE A 106 -3.92 -6.12 -11.86
CA ILE A 106 -3.39 -4.78 -12.12
C ILE A 106 -2.20 -4.83 -13.05
N LYS A 107 -1.47 -5.94 -13.02
CA LYS A 107 -0.38 -6.16 -13.96
C LYS A 107 -0.90 -6.36 -15.38
N ARG A 108 -2.04 -7.04 -15.50
CA ARG A 108 -2.66 -7.28 -16.79
C ARG A 108 -3.16 -5.97 -17.41
N VAL A 109 -3.69 -5.09 -16.56
CA VAL A 109 -4.18 -3.80 -17.01
C VAL A 109 -3.05 -2.95 -17.58
N LYS A 110 -1.85 -3.15 -17.06
CA LYS A 110 -0.70 -2.34 -17.45
C LYS A 110 0.14 -3.07 -18.50
N ASP A 111 -0.31 -4.26 -18.89
CA ASP A 111 0.40 -5.05 -19.90
C ASP A 111 1.89 -5.08 -19.60
N SER A 112 2.24 -5.30 -18.33
CA SER A 112 3.63 -5.19 -17.90
C SER A 112 3.79 -5.74 -16.48
N ASP A 113 5.03 -6.03 -16.11
CA ASP A 113 5.32 -6.52 -14.76
C ASP A 113 6.77 -6.24 -14.39
N ASP A 114 7.10 -4.97 -14.19
CA ASP A 114 8.33 -4.60 -13.50
C ASP A 114 8.16 -3.24 -12.81
N VAL A 115 7.51 -3.24 -11.65
CA VAL A 115 7.17 -2.01 -10.96
C VAL A 115 7.54 -2.08 -9.49
N PRO A 116 7.79 -0.91 -8.88
CA PRO A 116 8.13 -0.81 -7.46
C PRO A 116 6.97 -1.21 -6.56
N MET A 117 7.25 -2.08 -5.59
CA MET A 117 6.21 -2.58 -4.69
C MET A 117 6.77 -2.79 -3.28
N VAL A 118 5.94 -2.56 -2.27
CA VAL A 118 6.33 -2.83 -0.89
C VAL A 118 5.21 -3.55 -0.14
N LEU A 119 5.59 -4.53 0.66
CA LEU A 119 4.63 -5.28 1.46
C LEU A 119 4.65 -4.82 2.91
N VAL A 120 3.48 -4.46 3.43
CA VAL A 120 3.38 -3.90 4.77
C VAL A 120 2.36 -4.65 5.61
N GLY A 121 2.76 -5.01 6.83
CA GLY A 121 1.88 -5.79 7.69
C GLY A 121 1.40 -4.99 8.90
N ASN A 122 0.08 -4.93 9.07
CA ASN A 122 -0.50 -4.18 10.18
C ASN A 122 -0.95 -5.12 11.29
N LYS A 123 -1.25 -4.55 12.45
CA LYS A 123 -1.77 -5.32 13.57
C LYS A 123 -0.72 -6.28 14.12
N CYS A 124 0.52 -5.83 14.15
CA CYS A 124 1.63 -6.64 14.67
C CYS A 124 1.60 -6.68 16.19
N ASP A 125 0.75 -5.84 16.78
CA ASP A 125 0.59 -5.81 18.24
C ASP A 125 -0.51 -6.77 18.69
N LEU A 126 -1.26 -7.29 17.73
CA LEU A 126 -2.29 -8.27 18.02
C LEU A 126 -1.68 -9.65 18.28
N ALA A 127 -2.11 -10.30 19.35
CA ALA A 127 -1.53 -11.56 19.78
C ALA A 127 -2.13 -12.74 19.03
N ALA A 128 -3.45 -12.70 18.83
CA ALA A 128 -4.15 -13.78 18.16
C ALA A 128 -4.06 -13.63 16.64
N ARG A 129 -2.90 -13.99 16.08
CA ARG A 129 -2.70 -13.92 14.64
C ARG A 129 -2.37 -15.29 14.06
N THR A 130 -2.39 -15.39 12.74
CA THR A 130 -2.10 -16.65 12.07
C THR A 130 -1.15 -16.43 10.89
N VAL A 131 -0.29 -15.42 11.01
CA VAL A 131 0.80 -15.23 10.06
C VAL A 131 2.13 -15.06 10.80
N GLU A 132 3.01 -16.05 10.65
CA GLU A 132 4.38 -15.92 11.13
C GLU A 132 5.18 -14.97 10.26
N SER A 133 5.88 -14.04 10.90
CA SER A 133 6.62 -13.00 10.19
C SER A 133 7.67 -13.62 9.28
N ARG A 134 8.18 -14.78 9.67
CA ARG A 134 9.13 -15.52 8.84
C ARG A 134 8.50 -15.92 7.51
N GLN A 135 7.22 -16.29 7.55
CA GLN A 135 6.48 -16.61 6.34
C GLN A 135 6.21 -15.35 5.51
N ALA A 136 5.78 -14.29 6.19
CA ALA A 136 5.39 -13.07 5.51
C ALA A 136 6.57 -12.45 4.76
N GLN A 137 7.73 -12.42 5.42
CA GLN A 137 8.92 -11.81 4.84
C GLN A 137 9.45 -12.64 3.68
N ASP A 138 9.34 -13.96 3.80
CA ASP A 138 9.76 -14.86 2.74
C ASP A 138 8.88 -14.70 1.50
N LEU A 139 7.59 -14.49 1.73
CA LEU A 139 6.67 -14.22 0.63
C LEU A 139 7.01 -12.89 -0.05
N ALA A 140 7.38 -11.90 0.73
CA ALA A 140 7.85 -10.63 0.19
C ALA A 140 9.16 -10.82 -0.58
N ARG A 141 10.04 -11.65 -0.03
CA ARG A 141 11.34 -11.88 -0.65
C ARG A 141 11.20 -12.57 -1.99
N SER A 142 10.25 -13.51 -2.08
CA SER A 142 10.00 -14.22 -3.32
C SER A 142 9.44 -13.29 -4.38
N TYR A 143 8.80 -12.21 -3.94
CA TYR A 143 8.26 -11.20 -4.86
C TYR A 143 9.29 -10.10 -5.10
N GLY A 144 10.41 -10.18 -4.39
CA GLY A 144 11.47 -9.21 -4.58
C GLY A 144 11.11 -7.84 -4.06
N ILE A 145 10.28 -7.80 -3.02
CA ILE A 145 9.81 -6.54 -2.45
C ILE A 145 10.12 -6.46 -0.96
N PRO A 146 10.33 -5.23 -0.47
CA PRO A 146 10.63 -4.99 0.94
C PRO A 146 9.50 -5.45 1.86
N TYR A 147 9.87 -5.97 3.02
CA TYR A 147 8.89 -6.34 4.05
C TYR A 147 8.98 -5.39 5.24
N ILE A 148 7.88 -4.70 5.52
CA ILE A 148 7.83 -3.75 6.63
C ILE A 148 6.66 -4.03 7.55
N GLU A 149 6.94 -4.12 8.85
CA GLU A 149 5.89 -4.27 9.85
C GLU A 149 5.53 -2.91 10.45
N THR A 150 4.23 -2.68 10.63
CA THR A 150 3.75 -1.38 11.10
C THR A 150 2.57 -1.55 12.04
N SER A 151 2.26 -0.50 12.79
CA SER A 151 1.05 -0.47 13.62
C SER A 151 0.28 0.82 13.39
N ALA A 152 -0.96 0.69 12.93
CA ALA A 152 -1.82 1.85 12.68
C ALA A 152 -1.95 2.71 13.93
N LYS A 153 -1.69 2.12 15.09
CA LYS A 153 -1.85 2.82 16.35
C LYS A 153 -0.96 4.06 16.41
N THR A 154 0.35 3.84 16.39
CA THR A 154 1.31 4.94 16.39
C THR A 154 2.51 4.62 15.49
N ARG A 155 2.98 3.38 15.56
CA ARG A 155 4.22 3.00 14.89
C ARG A 155 4.05 3.05 13.38
N GLN A 156 4.60 4.10 12.76
CA GLN A 156 4.46 4.30 11.32
C GLN A 156 5.59 3.63 10.56
N GLY A 157 5.26 2.60 9.78
CA GLY A 157 6.20 2.06 8.83
C GLY A 157 5.82 2.34 7.40
N VAL A 158 4.64 2.92 7.21
CA VAL A 158 4.10 3.14 5.88
C VAL A 158 4.82 4.28 5.16
N GLU A 159 5.28 5.25 5.94
CA GLU A 159 5.95 6.42 5.39
C GLU A 159 7.23 6.02 4.66
N ASP A 160 8.06 5.22 5.32
CA ASP A 160 9.29 4.72 4.73
C ASP A 160 8.99 3.85 3.51
N ALA A 161 7.87 3.12 3.57
CA ALA A 161 7.45 2.27 2.47
C ALA A 161 7.19 3.10 1.21
N PHE A 162 6.56 4.26 1.39
CA PHE A 162 6.30 5.17 0.27
C PHE A 162 7.60 5.77 -0.26
N TYR A 163 8.51 6.09 0.66
CA TYR A 163 9.81 6.62 0.27
C TYR A 163 10.63 5.59 -0.50
N THR A 164 10.54 4.33 -0.08
CA THR A 164 11.13 3.23 -0.82
C THR A 164 10.57 3.15 -2.23
N LEU A 165 9.26 3.29 -2.35
CA LEU A 165 8.59 3.29 -3.65
C LEU A 165 9.13 4.43 -4.51
N VAL A 166 9.27 5.60 -3.91
CA VAL A 166 9.78 6.77 -4.62
C VAL A 166 11.23 6.57 -5.05
N ARG A 167 12.04 6.05 -4.14
CA ARG A 167 13.45 5.80 -4.41
C ARG A 167 13.60 4.80 -5.56
N GLU A 168 12.76 3.76 -5.55
CA GLU A 168 12.81 2.75 -6.59
C GLU A 168 12.37 3.33 -7.94
N ILE A 169 11.43 4.27 -7.90
CA ILE A 169 11.05 5.02 -9.09
C ILE A 169 12.23 5.86 -9.59
N ARG A 170 12.94 6.49 -8.68
CA ARG A 170 14.06 7.36 -9.04
C ARG A 170 15.21 6.53 -9.62
N GLN A 171 15.33 5.29 -9.16
CA GLN A 171 16.39 4.40 -9.62
C GLN A 171 15.92 3.54 -10.79
N HIS A 172 14.62 3.56 -11.05
CA HIS A 172 14.05 2.81 -12.14
C HIS A 172 14.45 1.34 -12.06
N MET A 7 8.41 20.18 -6.68
CA MET A 7 7.62 20.10 -7.90
C MET A 7 7.34 18.64 -8.27
N THR A 8 8.28 17.76 -7.92
CA THR A 8 8.14 16.34 -8.21
C THR A 8 6.86 15.79 -7.59
N GLU A 9 6.08 15.08 -8.41
CA GLU A 9 4.81 14.51 -7.95
C GLU A 9 4.84 12.99 -8.00
N TYR A 10 4.38 12.36 -6.94
CA TYR A 10 4.29 10.90 -6.89
C TYR A 10 2.84 10.45 -6.75
N LYS A 11 2.35 9.73 -7.75
CA LYS A 11 0.97 9.25 -7.75
C LYS A 11 0.91 7.80 -7.30
N LEU A 12 0.52 7.58 -6.04
CA LEU A 12 0.62 6.26 -5.43
C LEU A 12 -0.77 5.66 -5.22
N VAL A 13 -0.92 4.38 -5.57
CA VAL A 13 -2.21 3.70 -5.43
C VAL A 13 -2.12 2.59 -4.38
N VAL A 14 -3.04 2.63 -3.42
CA VAL A 14 -3.03 1.68 -2.32
C VAL A 14 -4.12 0.62 -2.50
N VAL A 15 -3.71 -0.65 -2.46
CA VAL A 15 -4.65 -1.75 -2.67
C VAL A 15 -4.56 -2.76 -1.53
N GLY A 16 -5.61 -3.57 -1.39
CA GLY A 16 -5.62 -4.58 -0.35
C GLY A 16 -7.03 -5.07 -0.03
N ALA A 17 -7.13 -6.24 0.58
CA ALA A 17 -8.42 -6.84 0.88
C ALA A 17 -9.09 -6.15 2.06
N GLY A 18 -10.38 -6.41 2.23
CA GLY A 18 -11.15 -5.73 3.26
C GLY A 18 -10.75 -6.18 4.65
N GLY A 19 -10.66 -5.23 5.58
CA GLY A 19 -10.30 -5.54 6.94
C GLY A 19 -9.05 -4.81 7.40
N VAL A 20 -8.40 -4.12 6.48
CA VAL A 20 -7.24 -3.31 6.80
C VAL A 20 -7.60 -1.83 6.81
N GLY A 21 -6.63 -0.99 7.20
CA GLY A 21 -6.89 0.43 7.30
C GLY A 21 -6.13 1.24 6.27
N LYS A 22 -6.33 0.90 4.99
CA LYS A 22 -5.67 1.61 3.91
C LYS A 22 -5.90 3.11 4.03
N SER A 23 -7.13 3.51 4.31
CA SER A 23 -7.49 4.92 4.40
C SER A 23 -6.91 5.54 5.68
N ALA A 24 -7.00 4.79 6.77
CA ALA A 24 -6.57 5.29 8.07
C ALA A 24 -5.08 5.59 8.09
N LEU A 25 -4.29 4.67 7.55
CA LEU A 25 -2.83 4.81 7.55
C LEU A 25 -2.40 5.95 6.64
N THR A 26 -3.03 6.05 5.48
CA THR A 26 -2.77 7.15 4.55
C THR A 26 -3.04 8.50 5.22
N ILE A 27 -4.13 8.58 5.98
CA ILE A 27 -4.51 9.82 6.63
C ILE A 27 -3.52 10.20 7.73
N GLN A 28 -3.03 9.20 8.44
CA GLN A 28 -2.11 9.43 9.54
C GLN A 28 -0.87 10.18 9.08
N LEU A 29 -0.29 9.73 7.96
CA LEU A 29 0.93 10.32 7.44
C LEU A 29 0.70 11.76 6.99
N ILE A 30 -0.39 11.97 6.27
CA ILE A 30 -0.66 13.27 5.66
C ILE A 30 -1.14 14.27 6.70
N GLN A 31 -1.63 13.76 7.83
CA GLN A 31 -2.09 14.61 8.91
C GLN A 31 -1.07 14.62 10.05
N ASN A 32 -0.07 13.75 9.95
CA ASN A 32 0.96 13.64 10.99
C ASN A 32 0.32 13.40 12.35
N HIS A 33 -0.65 12.50 12.40
CA HIS A 33 -1.46 12.30 13.60
C HIS A 33 -2.04 10.88 13.64
N PHE A 34 -2.32 10.39 14.84
CA PHE A 34 -2.99 9.12 15.00
C PHE A 34 -4.45 9.21 14.55
N VAL A 35 -4.82 8.37 13.59
CA VAL A 35 -6.14 8.43 13.00
C VAL A 35 -6.69 7.03 12.75
N ASP A 36 -7.95 6.81 13.13
CA ASP A 36 -8.65 5.57 12.79
C ASP A 36 -9.69 5.81 11.70
N GLU A 37 -10.02 7.08 11.47
CA GLU A 37 -11.04 7.44 10.49
C GLU A 37 -10.93 6.57 9.24
N TYR A 38 -12.05 6.00 8.82
CA TYR A 38 -12.09 5.17 7.62
C TYR A 38 -12.73 5.92 6.46
N ASP A 39 -12.26 5.63 5.25
CA ASP A 39 -12.82 6.24 4.05
C ASP A 39 -14.28 5.86 3.88
N PRO A 40 -15.01 6.63 3.04
CA PRO A 40 -16.41 6.36 2.72
C PRO A 40 -16.58 5.04 1.96
N SER A 41 -17.84 4.69 1.69
CA SER A 41 -18.14 3.41 1.06
C SER A 41 -17.54 3.34 -0.35
N ILE A 42 -17.07 4.48 -0.84
CA ILE A 42 -16.38 4.54 -2.12
C ILE A 42 -14.94 4.99 -1.96
N GLU A 43 -14.14 4.79 -3.00
CA GLU A 43 -12.72 5.10 -2.95
C GLU A 43 -12.51 6.57 -2.59
N ASP A 44 -11.31 6.89 -2.13
CA ASP A 44 -11.01 8.23 -1.65
C ASP A 44 -9.54 8.59 -1.88
N SER A 45 -9.31 9.78 -2.41
CA SER A 45 -7.95 10.21 -2.74
C SER A 45 -7.50 11.34 -1.82
N TYR A 46 -6.23 11.31 -1.44
CA TYR A 46 -5.66 12.33 -0.58
C TYR A 46 -4.37 12.90 -1.19
N ARG A 47 -4.10 14.16 -0.90
CA ARG A 47 -2.85 14.80 -1.33
C ARG A 47 -2.14 15.44 -0.15
N LYS A 48 -0.82 15.35 -0.14
CA LYS A 48 -0.01 16.02 0.87
C LYS A 48 1.37 16.37 0.31
N GLN A 49 1.77 17.63 0.49
CA GLN A 49 3.10 18.08 0.08
C GLN A 49 4.12 17.79 1.16
N VAL A 50 5.18 17.07 0.79
CA VAL A 50 6.17 16.60 1.76
C VAL A 50 7.59 16.79 1.23
N VAL A 51 8.57 16.62 2.11
CA VAL A 51 9.96 16.58 1.70
C VAL A 51 10.57 15.20 1.93
N ILE A 52 11.00 14.55 0.86
CA ILE A 52 11.59 13.22 0.95
C ILE A 52 13.01 13.20 0.41
N ASP A 53 13.95 12.83 1.26
CA ASP A 53 15.36 12.81 0.89
C ASP A 53 15.79 14.16 0.33
N GLY A 54 15.29 15.22 0.94
CA GLY A 54 15.72 16.56 0.57
C GLY A 54 14.96 17.10 -0.63
N GLU A 55 14.13 16.25 -1.23
CA GLU A 55 13.34 16.66 -2.40
C GLU A 55 11.93 17.05 -1.98
N THR A 56 11.52 18.25 -2.38
CA THR A 56 10.16 18.71 -2.12
C THR A 56 9.19 18.23 -3.20
N CYS A 57 8.18 17.49 -2.79
CA CYS A 57 7.34 16.76 -3.73
C CYS A 57 5.90 16.67 -3.22
N LEU A 58 4.98 16.28 -4.11
CA LEU A 58 3.58 16.09 -3.73
C LEU A 58 3.20 14.62 -3.77
N LEU A 59 2.72 14.10 -2.66
CA LEU A 59 2.21 12.74 -2.59
C LEU A 59 0.70 12.71 -2.84
N ASP A 60 0.30 12.08 -3.93
CA ASP A 60 -1.13 11.84 -4.20
C ASP A 60 -1.47 10.37 -4.04
N ILE A 61 -2.20 10.05 -2.97
CA ILE A 61 -2.40 8.67 -2.57
C ILE A 61 -3.86 8.26 -2.73
N LEU A 62 -4.11 7.20 -3.50
CA LEU A 62 -5.46 6.73 -3.74
C LEU A 62 -5.78 5.53 -2.84
N ASP A 63 -6.86 5.65 -2.08
CA ASP A 63 -7.33 4.55 -1.24
C ASP A 63 -8.53 3.87 -1.87
N THR A 64 -8.47 2.54 -1.97
CA THR A 64 -9.49 1.78 -2.67
C THR A 64 -10.46 1.13 -1.69
N ALA A 65 -11.64 0.76 -2.18
CA ALA A 65 -12.63 0.07 -1.36
C ALA A 65 -13.27 -1.09 -2.11
N GLY A 66 -13.36 -2.24 -1.45
CA GLY A 66 -13.87 -3.44 -2.10
C GLY A 66 -12.85 -4.05 -3.04
N GLN A 67 -12.16 -5.08 -2.57
CA GLN A 67 -11.20 -5.80 -3.40
C GLN A 67 -11.83 -6.22 -4.72
N GLU A 68 -12.93 -6.96 -4.63
CA GLU A 68 -13.68 -7.35 -5.83
C GLU A 68 -14.28 -6.14 -6.52
N GLU A 69 -14.68 -5.15 -5.72
CA GLU A 69 -15.33 -3.95 -6.26
C GLU A 69 -14.38 -3.19 -7.18
N TYR A 70 -13.09 -3.40 -6.99
CA TYR A 70 -12.08 -2.83 -7.88
C TYR A 70 -12.14 -3.50 -9.26
N SER A 71 -13.15 -3.12 -10.04
CA SER A 71 -13.38 -3.74 -11.34
C SER A 71 -12.72 -2.95 -12.45
N ALA A 72 -13.05 -3.28 -13.69
CA ALA A 72 -12.48 -2.60 -14.85
C ALA A 72 -12.76 -1.09 -14.79
N MET A 73 -13.88 -0.73 -14.17
CA MET A 73 -14.22 0.67 -13.99
C MET A 73 -13.18 1.37 -13.11
N ARG A 74 -12.62 0.64 -12.16
CA ARG A 74 -11.63 1.19 -11.24
C ARG A 74 -10.22 0.91 -11.74
N ASP A 75 -10.09 -0.02 -12.68
CA ASP A 75 -8.81 -0.28 -13.34
C ASP A 75 -8.33 0.95 -14.09
N GLN A 76 -9.24 1.87 -14.37
CA GLN A 76 -8.88 3.17 -14.90
C GLN A 76 -7.73 3.79 -14.11
N TYR A 77 -7.74 3.56 -12.80
CA TYR A 77 -6.70 4.09 -11.92
C TYR A 77 -5.34 3.53 -12.30
N MET A 78 -5.33 2.31 -12.84
CA MET A 78 -4.09 1.66 -13.24
C MET A 78 -3.34 2.49 -14.28
N ARG A 79 -4.09 3.34 -14.98
CA ARG A 79 -3.48 4.24 -15.96
C ARG A 79 -2.38 5.09 -15.32
N THR A 80 -2.53 5.37 -14.04
CA THR A 80 -1.48 6.02 -13.27
C THR A 80 -0.18 5.23 -13.34
N GLY A 81 -0.22 3.97 -12.93
CA GLY A 81 0.77 3.01 -13.36
C GLY A 81 2.03 3.07 -12.53
N GLU A 82 2.27 4.22 -11.91
CA GLU A 82 3.56 4.50 -11.29
C GLU A 82 3.94 3.41 -10.29
N GLY A 83 3.25 3.40 -9.16
CA GLY A 83 3.60 2.49 -8.08
C GLY A 83 2.41 2.13 -7.21
N PHE A 84 2.49 0.98 -6.55
CA PHE A 84 1.35 0.43 -5.84
C PHE A 84 1.76 -0.09 -4.46
N LEU A 85 1.00 0.28 -3.44
CA LEU A 85 1.24 -0.22 -2.09
C LEU A 85 0.22 -1.28 -1.70
N CYS A 86 0.71 -2.45 -1.33
CA CYS A 86 -0.16 -3.56 -0.94
C CYS A 86 -0.27 -3.64 0.58
N VAL A 87 -1.49 -3.46 1.09
CA VAL A 87 -1.71 -3.43 2.52
C VAL A 87 -2.45 -4.68 2.99
N PHE A 88 -1.89 -5.36 3.98
CA PHE A 88 -2.55 -6.52 4.59
C PHE A 88 -2.42 -6.48 6.11
N ALA A 89 -3.19 -7.33 6.79
CA ALA A 89 -3.11 -7.45 8.23
C ALA A 89 -2.41 -8.75 8.63
N ILE A 90 -1.58 -8.67 9.66
CA ILE A 90 -0.83 -9.83 10.12
C ILE A 90 -1.77 -10.92 10.65
N ASN A 91 -3.01 -10.53 10.91
CA ASN A 91 -4.02 -11.48 11.37
C ASN A 91 -4.86 -12.00 10.19
N ASN A 92 -4.59 -11.46 9.01
CA ASN A 92 -5.38 -11.78 7.83
C ASN A 92 -4.55 -12.58 6.82
N THR A 93 -4.52 -13.89 7.00
CA THR A 93 -3.71 -14.76 6.15
C THR A 93 -4.20 -14.73 4.71
N LYS A 94 -5.51 -14.84 4.54
CA LYS A 94 -6.11 -15.01 3.21
C LYS A 94 -5.76 -13.84 2.31
N SER A 95 -5.49 -12.69 2.91
CA SER A 95 -5.22 -11.47 2.15
C SER A 95 -4.04 -11.67 1.20
N PHE A 96 -3.17 -12.61 1.54
CA PHE A 96 -1.97 -12.86 0.74
C PHE A 96 -2.35 -13.43 -0.63
N GLU A 97 -3.38 -14.26 -0.65
CA GLU A 97 -3.84 -14.87 -1.90
C GLU A 97 -4.40 -13.79 -2.84
N ASP A 98 -5.12 -12.84 -2.27
CA ASP A 98 -5.67 -11.73 -3.05
C ASP A 98 -4.56 -10.84 -3.59
N ILE A 99 -3.54 -10.61 -2.78
CA ILE A 99 -2.36 -9.86 -3.21
C ILE A 99 -1.61 -10.61 -4.30
N HIS A 100 -1.52 -11.94 -4.16
CA HIS A 100 -0.90 -12.78 -5.17
C HIS A 100 -1.58 -12.61 -6.52
N GLN A 101 -2.92 -12.62 -6.50
CA GLN A 101 -3.71 -12.45 -7.72
C GLN A 101 -3.41 -11.09 -8.36
N TYR A 102 -3.39 -10.05 -7.54
CA TYR A 102 -3.07 -8.71 -8.02
C TYR A 102 -1.65 -8.65 -8.58
N ARG A 103 -0.72 -9.29 -7.88
CA ARG A 103 0.66 -9.33 -8.31
C ARG A 103 0.79 -9.91 -9.72
N GLU A 104 0.00 -10.95 -9.99
CA GLU A 104 -0.08 -11.51 -11.33
C GLU A 104 -0.84 -10.57 -12.27
N GLN A 105 -1.91 -9.97 -11.77
CA GLN A 105 -2.82 -9.20 -12.60
C GLN A 105 -2.11 -7.97 -13.17
N ILE A 106 -1.37 -7.26 -12.32
CA ILE A 106 -0.71 -6.04 -12.72
C ILE A 106 0.18 -6.25 -13.93
N LYS A 107 0.75 -7.45 -14.03
CA LYS A 107 1.62 -7.80 -15.15
C LYS A 107 0.87 -7.67 -16.47
N ARG A 108 -0.33 -8.23 -16.52
CA ARG A 108 -1.12 -8.23 -17.75
C ARG A 108 -1.70 -6.85 -18.04
N VAL A 109 -2.11 -6.17 -16.98
CA VAL A 109 -2.73 -4.85 -17.12
C VAL A 109 -1.73 -3.84 -17.67
N LYS A 110 -0.48 -3.94 -17.25
CA LYS A 110 0.55 -2.98 -17.64
C LYS A 110 1.39 -3.53 -18.78
N ASP A 111 1.01 -4.70 -19.29
CA ASP A 111 1.79 -5.37 -20.33
C ASP A 111 3.27 -5.34 -19.99
N SER A 112 3.60 -5.56 -18.72
CA SER A 112 4.97 -5.40 -18.25
C SER A 112 5.08 -5.76 -16.77
N ASP A 113 6.30 -5.96 -16.30
CA ASP A 113 6.54 -6.28 -14.90
C ASP A 113 7.95 -5.88 -14.49
N ASP A 114 8.20 -4.58 -14.44
CA ASP A 114 9.22 -4.01 -13.57
C ASP A 114 8.75 -2.71 -12.94
N VAL A 115 7.85 -2.81 -11.96
CA VAL A 115 7.21 -1.64 -11.38
C VAL A 115 7.41 -1.60 -9.87
N PRO A 116 7.45 -0.38 -9.31
CA PRO A 116 7.65 -0.17 -7.88
C PRO A 116 6.45 -0.63 -7.05
N MET A 117 6.68 -1.56 -6.14
CA MET A 117 5.63 -2.07 -5.27
C MET A 117 6.17 -2.40 -3.89
N VAL A 118 5.34 -2.16 -2.87
CA VAL A 118 5.74 -2.42 -1.49
C VAL A 118 4.67 -3.21 -0.74
N LEU A 119 5.11 -4.17 0.06
CA LEU A 119 4.19 -4.91 0.93
C LEU A 119 4.30 -4.43 2.37
N VAL A 120 3.16 -4.07 2.96
CA VAL A 120 3.13 -3.54 4.32
C VAL A 120 2.08 -4.26 5.15
N GLY A 121 2.46 -4.62 6.38
CA GLY A 121 1.57 -5.37 7.24
C GLY A 121 1.20 -4.61 8.50
N ASN A 122 -0.10 -4.51 8.77
CA ASN A 122 -0.58 -3.81 9.96
C ASN A 122 -0.97 -4.80 11.05
N LYS A 123 -1.20 -4.29 12.26
CA LYS A 123 -1.70 -5.12 13.35
C LYS A 123 -0.65 -6.13 13.79
N CYS A 124 0.59 -5.70 13.85
CA CYS A 124 1.68 -6.55 14.30
C CYS A 124 1.69 -6.65 15.82
N ASP A 125 0.91 -5.81 16.47
CA ASP A 125 0.82 -5.81 17.92
C ASP A 125 -0.43 -6.56 18.40
N LEU A 126 -1.21 -7.05 17.45
CA LEU A 126 -2.42 -7.81 17.76
C LEU A 126 -2.08 -9.20 18.27
N ALA A 127 -2.74 -9.60 19.35
CA ALA A 127 -2.43 -10.88 19.99
C ALA A 127 -2.81 -12.06 19.11
N ALA A 128 -4.02 -12.02 18.56
CA ALA A 128 -4.50 -13.07 17.67
C ALA A 128 -4.11 -12.76 16.22
N ARG A 129 -2.85 -13.01 15.88
CA ARG A 129 -2.39 -12.81 14.51
C ARG A 129 -1.75 -14.08 13.98
N THR A 130 -1.88 -14.29 12.66
CA THR A 130 -1.64 -15.61 12.07
C THR A 130 -0.76 -15.50 10.82
N VAL A 131 0.09 -14.47 10.80
CA VAL A 131 1.12 -14.37 9.76
C VAL A 131 2.51 -14.24 10.38
N GLU A 132 3.32 -15.26 10.17
CA GLU A 132 4.73 -15.22 10.59
C GLU A 132 5.54 -14.27 9.71
N SER A 133 6.43 -13.52 10.34
CA SER A 133 7.24 -12.55 9.62
C SER A 133 8.07 -13.22 8.52
N ARG A 134 8.55 -14.42 8.81
CA ARG A 134 9.37 -15.17 7.87
C ARG A 134 8.57 -15.51 6.61
N GLN A 135 7.31 -15.91 6.81
CA GLN A 135 6.44 -16.22 5.69
C GLN A 135 6.11 -14.97 4.88
N ALA A 136 5.79 -13.88 5.57
CA ALA A 136 5.38 -12.65 4.92
C ALA A 136 6.50 -12.10 4.05
N GLN A 137 7.72 -12.09 4.59
CA GLN A 137 8.86 -11.50 3.91
C GLN A 137 9.29 -12.36 2.73
N ASP A 138 9.15 -13.67 2.88
CA ASP A 138 9.51 -14.60 1.81
C ASP A 138 8.55 -14.47 0.63
N LEU A 139 7.27 -14.29 0.94
CA LEU A 139 6.26 -14.05 -0.10
C LEU A 139 6.53 -12.73 -0.81
N ALA A 140 6.94 -11.72 -0.05
CA ALA A 140 7.36 -10.45 -0.62
C ALA A 140 8.59 -10.62 -1.49
N ARG A 141 9.51 -11.49 -1.06
CA ARG A 141 10.73 -11.74 -1.80
C ARG A 141 10.43 -12.37 -3.15
N SER A 142 9.46 -13.27 -3.18
CA SER A 142 9.05 -13.92 -4.42
C SER A 142 8.37 -12.94 -5.36
N TYR A 143 7.79 -11.89 -4.78
CA TYR A 143 7.12 -10.84 -5.57
C TYR A 143 8.11 -9.75 -5.97
N GLY A 144 9.33 -9.84 -5.46
CA GLY A 144 10.36 -8.89 -5.82
C GLY A 144 10.17 -7.54 -5.14
N ILE A 145 9.47 -7.55 -4.01
CA ILE A 145 9.13 -6.31 -3.32
C ILE A 145 9.56 -6.36 -1.86
N PRO A 146 9.81 -5.19 -1.27
CA PRO A 146 10.21 -5.06 0.13
C PRO A 146 9.07 -5.38 1.10
N TYR A 147 9.41 -5.89 2.27
CA TYR A 147 8.42 -6.16 3.31
C TYR A 147 8.62 -5.24 4.51
N ILE A 148 7.58 -4.47 4.82
CA ILE A 148 7.66 -3.50 5.91
C ILE A 148 6.49 -3.67 6.87
N GLU A 149 6.80 -3.75 8.16
CA GLU A 149 5.77 -3.89 9.19
C GLU A 149 5.42 -2.54 9.80
N THR A 150 4.13 -2.32 10.05
CA THR A 150 3.67 -1.04 10.57
C THR A 150 2.63 -1.26 11.68
N SER A 151 2.48 -0.25 12.53
CA SER A 151 1.42 -0.28 13.55
C SER A 151 0.61 1.02 13.51
N ALA A 152 -0.69 0.88 13.24
CA ALA A 152 -1.58 2.03 13.19
C ALA A 152 -1.54 2.81 14.49
N LYS A 153 -1.20 2.13 15.59
CA LYS A 153 -1.25 2.73 16.91
C LYS A 153 -0.37 3.97 16.98
N THR A 154 0.95 3.77 16.90
CA THR A 154 1.89 4.88 16.90
C THR A 154 3.05 4.61 15.96
N ARG A 155 3.59 3.40 16.00
CA ARG A 155 4.79 3.07 15.26
C ARG A 155 4.54 3.15 13.75
N GLN A 156 5.02 4.23 13.14
CA GLN A 156 4.69 4.52 11.74
C GLN A 156 5.56 3.68 10.80
N GLY A 157 5.02 2.55 10.37
CA GLY A 157 5.63 1.82 9.26
C GLY A 157 5.04 2.21 7.92
N VAL A 158 3.87 2.86 7.95
CA VAL A 158 3.23 3.32 6.73
C VAL A 158 4.07 4.39 6.04
N GLU A 159 4.72 5.23 6.84
CA GLU A 159 5.60 6.27 6.30
C GLU A 159 6.78 5.65 5.55
N ASP A 160 7.43 4.67 6.19
CA ASP A 160 8.50 3.94 5.53
C ASP A 160 8.00 3.23 4.28
N ALA A 161 6.78 2.72 4.35
CA ALA A 161 6.19 1.99 3.22
C ALA A 161 6.02 2.91 2.00
N PHE A 162 5.48 4.10 2.25
CA PHE A 162 5.24 5.05 1.17
C PHE A 162 6.56 5.62 0.63
N TYR A 163 7.45 5.99 1.54
CA TYR A 163 8.73 6.58 1.17
C TYR A 163 9.61 5.57 0.44
N THR A 164 9.57 4.32 0.90
CA THR A 164 10.22 3.23 0.19
C THR A 164 9.65 3.07 -1.21
N LEU A 165 8.33 3.13 -1.33
CA LEU A 165 7.66 3.08 -2.62
C LEU A 165 8.10 4.25 -3.50
N VAL A 166 8.26 5.41 -2.88
CA VAL A 166 8.78 6.58 -3.59
C VAL A 166 10.22 6.35 -4.04
N ARG A 167 11.01 5.72 -3.17
CA ARG A 167 12.38 5.38 -3.50
C ARG A 167 12.44 4.33 -4.61
N GLU A 168 11.48 3.42 -4.60
CA GLU A 168 11.46 2.31 -5.55
C GLU A 168 11.32 2.82 -6.97
N ILE A 169 10.37 3.73 -7.17
CA ILE A 169 10.09 4.28 -8.50
C ILE A 169 11.28 5.09 -9.02
N ARG A 170 12.05 5.65 -8.09
CA ARG A 170 13.23 6.43 -8.46
C ARG A 170 14.24 5.58 -9.22
N GLN A 171 14.26 4.30 -8.93
CA GLN A 171 15.13 3.36 -9.63
C GLN A 171 14.36 2.54 -10.65
N HIS A 172 13.05 2.46 -10.46
CA HIS A 172 12.18 1.74 -11.39
C HIS A 172 12.66 0.30 -11.58
N MET A 7 8.37 20.46 -8.83
CA MET A 7 6.95 20.13 -8.98
C MET A 7 6.76 18.64 -9.27
N THR A 8 7.74 17.84 -8.87
CA THR A 8 7.69 16.40 -9.08
C THR A 8 6.51 15.78 -8.34
N GLU A 9 5.69 15.03 -9.06
CA GLU A 9 4.53 14.37 -8.46
C GLU A 9 4.68 12.86 -8.49
N TYR A 10 4.22 12.20 -7.43
CA TYR A 10 4.24 10.75 -7.37
C TYR A 10 2.83 10.18 -7.23
N LYS A 11 2.44 9.35 -8.19
CA LYS A 11 1.11 8.76 -8.19
C LYS A 11 1.12 7.36 -7.59
N LEU A 12 0.72 7.27 -6.33
CA LEU A 12 0.85 6.02 -5.57
C LEU A 12 -0.52 5.39 -5.32
N VAL A 13 -0.63 4.10 -5.59
CA VAL A 13 -1.90 3.39 -5.42
C VAL A 13 -1.82 2.40 -4.26
N VAL A 14 -2.75 2.54 -3.32
CA VAL A 14 -2.76 1.69 -2.14
C VAL A 14 -3.84 0.62 -2.24
N VAL A 15 -3.43 -0.64 -2.10
CA VAL A 15 -4.33 -1.77 -2.32
C VAL A 15 -4.21 -2.78 -1.18
N GLY A 16 -5.23 -3.65 -1.07
CA GLY A 16 -5.23 -4.65 -0.02
C GLY A 16 -6.60 -5.23 0.22
N ALA A 17 -6.64 -6.37 0.89
CA ALA A 17 -7.91 -7.06 1.16
C ALA A 17 -8.64 -6.42 2.32
N GLY A 18 -9.93 -6.75 2.46
CA GLY A 18 -10.74 -6.15 3.51
C GLY A 18 -10.30 -6.59 4.90
N GLY A 19 -10.16 -5.62 5.80
CA GLY A 19 -9.76 -5.93 7.15
C GLY A 19 -8.63 -5.06 7.65
N VAL A 20 -8.10 -4.22 6.76
CA VAL A 20 -7.01 -3.32 7.12
C VAL A 20 -7.45 -1.87 7.02
N GLY A 21 -6.55 -0.95 7.39
CA GLY A 21 -6.89 0.45 7.41
C GLY A 21 -6.16 1.25 6.36
N LYS A 22 -6.34 0.87 5.10
CA LYS A 22 -5.69 1.55 3.99
C LYS A 22 -5.94 3.05 4.04
N SER A 23 -7.16 3.43 4.37
CA SER A 23 -7.52 4.84 4.48
C SER A 23 -6.88 5.46 5.71
N ALA A 24 -6.90 4.73 6.82
CA ALA A 24 -6.40 5.26 8.09
C ALA A 24 -4.91 5.56 8.01
N LEU A 25 -4.14 4.64 7.44
CA LEU A 25 -2.70 4.75 7.42
C LEU A 25 -2.24 5.92 6.54
N THR A 26 -2.87 6.03 5.37
CA THR A 26 -2.58 7.14 4.46
C THR A 26 -2.87 8.48 5.12
N ILE A 27 -3.97 8.55 5.86
CA ILE A 27 -4.39 9.79 6.50
C ILE A 27 -3.42 10.19 7.60
N GLN A 28 -2.94 9.20 8.35
CA GLN A 28 -2.06 9.44 9.48
C GLN A 28 -0.80 10.19 9.04
N LEU A 29 -0.21 9.74 7.93
CA LEU A 29 1.02 10.35 7.42
C LEU A 29 0.77 11.78 6.97
N ILE A 30 -0.31 11.99 6.20
CA ILE A 30 -0.56 13.27 5.57
C ILE A 30 -1.09 14.29 6.57
N GLN A 31 -1.60 13.80 7.70
CA GLN A 31 -2.10 14.67 8.76
C GLN A 31 -1.14 14.68 9.94
N ASN A 32 -0.14 13.80 9.90
CA ASN A 32 0.82 13.68 10.99
C ASN A 32 0.09 13.44 12.32
N HIS A 33 -0.88 12.54 12.29
CA HIS A 33 -1.76 12.36 13.45
C HIS A 33 -2.31 10.93 13.48
N PHE A 34 -2.56 10.42 14.68
CA PHE A 34 -3.11 9.09 14.85
C PHE A 34 -4.60 9.05 14.48
N VAL A 35 -4.92 8.27 13.45
CA VAL A 35 -6.23 8.34 12.82
C VAL A 35 -6.77 6.94 12.52
N ASP A 36 -8.05 6.73 12.81
CA ASP A 36 -8.72 5.49 12.45
C ASP A 36 -9.74 5.74 11.34
N GLU A 37 -9.99 7.01 11.04
CA GLU A 37 -10.98 7.38 10.05
C GLU A 37 -10.97 6.40 8.87
N TYR A 38 -12.09 5.70 8.68
CA TYR A 38 -12.24 4.81 7.54
C TYR A 38 -12.84 5.55 6.35
N ASP A 39 -12.29 5.31 5.16
CA ASP A 39 -12.76 5.97 3.95
C ASP A 39 -14.23 5.65 3.69
N PRO A 40 -14.87 6.46 2.86
CA PRO A 40 -16.26 6.23 2.43
C PRO A 40 -16.42 4.92 1.68
N SER A 41 -17.67 4.57 1.38
CA SER A 41 -17.99 3.29 0.76
C SER A 41 -17.34 3.20 -0.62
N ILE A 42 -16.86 4.32 -1.12
CA ILE A 42 -16.14 4.36 -2.39
C ILE A 42 -14.68 4.76 -2.18
N GLU A 43 -13.85 4.54 -3.20
CA GLU A 43 -12.43 4.87 -3.11
C GLU A 43 -12.24 6.33 -2.74
N ASP A 44 -11.05 6.65 -2.23
CA ASP A 44 -10.78 7.99 -1.72
C ASP A 44 -9.32 8.38 -1.97
N SER A 45 -9.11 9.55 -2.55
CA SER A 45 -7.78 10.02 -2.89
C SER A 45 -7.33 11.12 -1.93
N TYR A 46 -6.02 11.15 -1.66
CA TYR A 46 -5.43 12.21 -0.85
C TYR A 46 -4.17 12.77 -1.50
N ARG A 47 -3.90 14.04 -1.26
CA ARG A 47 -2.65 14.65 -1.71
C ARG A 47 -1.92 15.32 -0.55
N LYS A 48 -0.59 15.21 -0.55
CA LYS A 48 0.21 15.85 0.48
C LYS A 48 1.59 16.24 -0.07
N GLN A 49 1.96 17.49 0.12
CA GLN A 49 3.28 17.97 -0.30
C GLN A 49 4.32 17.70 0.78
N VAL A 50 5.39 17.00 0.40
CA VAL A 50 6.37 16.53 1.36
C VAL A 50 7.79 16.78 0.87
N VAL A 51 8.76 16.66 1.77
CA VAL A 51 10.17 16.65 1.38
C VAL A 51 10.81 15.30 1.69
N ILE A 52 11.26 14.62 0.64
CA ILE A 52 11.85 13.30 0.79
C ILE A 52 13.28 13.27 0.26
N ASP A 53 14.22 12.93 1.14
CA ASP A 53 15.63 12.93 0.79
C ASP A 53 16.05 14.27 0.21
N GLY A 54 15.53 15.35 0.79
CA GLY A 54 15.94 16.69 0.38
C GLY A 54 15.19 17.17 -0.85
N GLU A 55 14.35 16.29 -1.41
CA GLU A 55 13.59 16.64 -2.60
C GLU A 55 12.16 17.00 -2.23
N THR A 56 11.73 18.19 -2.67
CA THR A 56 10.36 18.62 -2.46
C THR A 56 9.44 18.15 -3.58
N CYS A 57 8.37 17.46 -3.21
CA CYS A 57 7.50 16.81 -4.19
C CYS A 57 6.08 16.69 -3.65
N LEU A 58 5.16 16.30 -4.53
CA LEU A 58 3.76 16.11 -4.14
C LEU A 58 3.36 14.64 -4.24
N LEU A 59 2.88 14.08 -3.13
CA LEU A 59 2.40 12.70 -3.12
C LEU A 59 0.90 12.65 -3.36
N ASP A 60 0.49 11.91 -4.39
CA ASP A 60 -0.92 11.67 -4.63
C ASP A 60 -1.27 10.20 -4.38
N ILE A 61 -1.98 9.94 -3.29
CA ILE A 61 -2.19 8.59 -2.81
C ILE A 61 -3.64 8.16 -2.95
N LEU A 62 -3.88 7.10 -3.70
CA LEU A 62 -5.25 6.63 -3.95
C LEU A 62 -5.55 5.39 -3.11
N ASP A 63 -6.54 5.50 -2.24
CA ASP A 63 -6.98 4.38 -1.41
C ASP A 63 -8.15 3.66 -2.05
N THR A 64 -8.03 2.34 -2.17
CA THR A 64 -9.03 1.54 -2.87
C THR A 64 -10.03 0.93 -1.90
N ALA A 65 -11.17 0.49 -2.42
CA ALA A 65 -12.17 -0.19 -1.61
C ALA A 65 -12.78 -1.36 -2.37
N GLY A 66 -12.80 -2.53 -1.74
CA GLY A 66 -13.31 -3.72 -2.39
C GLY A 66 -12.35 -4.28 -3.42
N GLN A 67 -11.83 -5.47 -3.15
CA GLN A 67 -11.06 -6.22 -4.15
C GLN A 67 -11.88 -6.44 -5.41
N GLU A 68 -12.99 -7.18 -5.27
CA GLU A 68 -13.89 -7.43 -6.39
C GLU A 68 -14.49 -6.12 -6.91
N GLU A 69 -14.71 -5.18 -5.99
CA GLU A 69 -15.29 -3.89 -6.35
C GLU A 69 -14.36 -3.12 -7.28
N TYR A 70 -13.07 -3.39 -7.17
CA TYR A 70 -12.09 -2.85 -8.10
C TYR A 70 -12.25 -3.47 -9.48
N SER A 71 -13.28 -3.06 -10.20
CA SER A 71 -13.58 -3.64 -11.51
C SER A 71 -12.97 -2.80 -12.62
N ALA A 72 -13.38 -3.08 -13.86
CA ALA A 72 -12.89 -2.34 -15.01
C ALA A 72 -13.13 -0.84 -14.85
N MET A 73 -14.21 -0.49 -14.16
CA MET A 73 -14.51 0.91 -13.87
C MET A 73 -13.42 1.53 -13.02
N ARG A 74 -12.82 0.73 -12.15
CA ARG A 74 -11.79 1.23 -11.25
C ARG A 74 -10.40 0.96 -11.82
N ASP A 75 -10.34 0.10 -12.83
CA ASP A 75 -9.11 -0.11 -13.58
C ASP A 75 -8.65 1.17 -14.26
N GLN A 76 -9.58 2.12 -14.42
CA GLN A 76 -9.24 3.46 -14.89
C GLN A 76 -8.03 4.01 -14.14
N TYR A 77 -7.96 3.72 -12.84
CA TYR A 77 -6.90 4.24 -12.00
C TYR A 77 -5.54 3.68 -12.44
N MET A 78 -5.56 2.51 -13.07
CA MET A 78 -4.34 1.88 -13.55
C MET A 78 -3.61 2.80 -14.52
N ARG A 79 -4.33 3.76 -15.08
CA ARG A 79 -3.73 4.78 -15.94
C ARG A 79 -2.55 5.45 -15.24
N THR A 80 -2.63 5.53 -13.92
CA THR A 80 -1.51 6.03 -13.12
C THR A 80 -0.30 5.11 -13.23
N GLY A 81 -0.50 3.84 -12.90
CA GLY A 81 0.34 2.78 -13.44
C GLY A 81 1.68 2.69 -12.75
N GLU A 82 2.00 3.69 -11.94
CA GLU A 82 3.34 3.87 -11.42
C GLU A 82 3.71 2.72 -10.48
N GLY A 83 3.11 2.73 -9.30
CA GLY A 83 3.52 1.81 -8.24
C GLY A 83 2.42 1.55 -7.24
N PHE A 84 2.56 0.47 -6.48
CA PHE A 84 1.48 -0.03 -5.65
C PHE A 84 1.96 -0.32 -4.23
N LEU A 85 1.24 0.16 -3.23
CA LEU A 85 1.49 -0.19 -1.85
C LEU A 85 0.47 -1.22 -1.36
N CYS A 86 0.96 -2.40 -1.00
CA CYS A 86 0.08 -3.50 -0.61
C CYS A 86 0.03 -3.65 0.91
N VAL A 87 -1.16 -3.46 1.47
CA VAL A 87 -1.34 -3.51 2.92
C VAL A 87 -2.19 -4.70 3.32
N PHE A 88 -1.67 -5.50 4.26
CA PHE A 88 -2.41 -6.65 4.78
C PHE A 88 -2.33 -6.69 6.30
N ALA A 89 -3.19 -7.53 6.90
CA ALA A 89 -3.18 -7.71 8.34
C ALA A 89 -2.51 -9.03 8.73
N ILE A 90 -1.71 -9.00 9.78
CA ILE A 90 -0.99 -10.18 10.24
C ILE A 90 -1.94 -11.28 10.67
N ASN A 91 -3.20 -10.90 10.90
CA ASN A 91 -4.23 -11.87 11.26
C ASN A 91 -5.04 -12.29 10.03
N ASN A 92 -4.71 -11.68 8.89
CA ASN A 92 -5.45 -11.94 7.65
C ASN A 92 -4.59 -12.71 6.65
N THR A 93 -4.49 -14.01 6.84
CA THR A 93 -3.63 -14.84 6.00
C THR A 93 -4.09 -14.81 4.54
N LYS A 94 -5.41 -14.90 4.34
CA LYS A 94 -5.96 -15.04 3.00
C LYS A 94 -5.58 -13.84 2.13
N SER A 95 -5.28 -12.72 2.76
CA SER A 95 -4.99 -11.49 2.05
C SER A 95 -3.83 -11.68 1.06
N PHE A 96 -2.96 -12.63 1.37
CA PHE A 96 -1.77 -12.88 0.56
C PHE A 96 -2.16 -13.38 -0.82
N GLU A 97 -3.20 -14.21 -0.88
CA GLU A 97 -3.69 -14.74 -2.14
C GLU A 97 -4.30 -13.63 -3.00
N ASP A 98 -5.01 -12.72 -2.36
CA ASP A 98 -5.64 -11.60 -3.06
C ASP A 98 -4.59 -10.67 -3.64
N ILE A 99 -3.52 -10.44 -2.88
CA ILE A 99 -2.42 -9.62 -3.35
C ILE A 99 -1.71 -10.29 -4.53
N HIS A 100 -1.53 -11.60 -4.45
CA HIS A 100 -0.92 -12.36 -5.52
C HIS A 100 -1.72 -12.20 -6.82
N GLN A 101 -3.04 -12.32 -6.71
CA GLN A 101 -3.91 -12.18 -7.87
C GLN A 101 -3.78 -10.79 -8.48
N TYR A 102 -3.82 -9.77 -7.64
CA TYR A 102 -3.70 -8.39 -8.09
C TYR A 102 -2.36 -8.16 -8.78
N ARG A 103 -1.30 -8.78 -8.24
CA ARG A 103 0.02 -8.71 -8.83
C ARG A 103 0.00 -9.23 -10.26
N GLU A 104 -0.67 -10.35 -10.47
CA GLU A 104 -0.80 -10.94 -11.79
C GLU A 104 -1.64 -10.05 -12.71
N GLN A 105 -2.69 -9.45 -12.14
CA GLN A 105 -3.63 -8.65 -12.91
C GLN A 105 -2.95 -7.40 -13.46
N ILE A 106 -2.22 -6.70 -12.59
CA ILE A 106 -1.60 -5.44 -12.96
C ILE A 106 -0.52 -5.65 -14.02
N LYS A 107 0.07 -6.84 -14.01
CA LYS A 107 1.02 -7.23 -15.06
C LYS A 107 0.36 -7.25 -16.42
N ARG A 108 -0.81 -7.88 -16.49
CA ARG A 108 -1.53 -8.03 -17.74
C ARG A 108 -2.11 -6.68 -18.20
N VAL A 109 -2.61 -5.91 -17.25
CA VAL A 109 -3.21 -4.62 -17.55
C VAL A 109 -2.17 -3.65 -18.12
N LYS A 110 -0.96 -3.71 -17.59
CA LYS A 110 0.09 -2.80 -18.00
C LYS A 110 1.00 -3.44 -19.05
N ASP A 111 0.65 -4.64 -19.46
CA ASP A 111 1.45 -5.39 -20.43
C ASP A 111 2.93 -5.32 -20.07
N SER A 112 3.23 -5.47 -18.78
CA SER A 112 4.59 -5.27 -18.28
C SER A 112 4.66 -5.54 -16.78
N ASP A 113 5.88 -5.64 -16.27
CA ASP A 113 6.09 -5.76 -14.83
C ASP A 113 7.53 -5.43 -14.46
N ASP A 114 7.81 -4.14 -14.29
CA ASP A 114 8.92 -3.70 -13.45
C ASP A 114 8.56 -2.42 -12.70
N VAL A 115 7.68 -2.56 -11.71
CA VAL A 115 7.10 -1.40 -11.03
C VAL A 115 7.36 -1.44 -9.53
N PRO A 116 7.47 -0.25 -8.93
CA PRO A 116 7.69 -0.12 -7.48
C PRO A 116 6.53 -0.67 -6.67
N MET A 117 6.82 -1.59 -5.77
CA MET A 117 5.81 -2.18 -4.90
C MET A 117 6.38 -2.49 -3.51
N VAL A 118 5.57 -2.26 -2.49
CA VAL A 118 5.99 -2.52 -1.12
C VAL A 118 4.90 -3.25 -0.34
N LEU A 119 5.30 -4.22 0.48
CA LEU A 119 4.35 -4.98 1.28
C LEU A 119 4.38 -4.52 2.73
N VAL A 120 3.21 -4.20 3.27
CA VAL A 120 3.10 -3.69 4.64
C VAL A 120 2.13 -4.53 5.46
N GLY A 121 2.57 -4.88 6.67
CA GLY A 121 1.72 -5.67 7.55
C GLY A 121 1.29 -4.89 8.78
N ASN A 122 -0.02 -4.83 9.01
CA ASN A 122 -0.57 -4.12 10.16
C ASN A 122 -1.11 -5.10 11.20
N LYS A 123 -1.37 -4.60 12.39
CA LYS A 123 -1.92 -5.42 13.47
C LYS A 123 -0.90 -6.46 13.93
N CYS A 124 0.36 -6.05 14.02
CA CYS A 124 1.41 -6.93 14.52
C CYS A 124 1.35 -7.06 16.03
N ASP A 125 0.51 -6.24 16.65
CA ASP A 125 0.37 -6.25 18.10
C ASP A 125 -0.86 -7.05 18.53
N LEU A 126 -1.60 -7.55 17.54
CA LEU A 126 -2.80 -8.33 17.82
C LEU A 126 -2.43 -9.74 18.28
N ALA A 127 -3.07 -10.19 19.35
CA ALA A 127 -2.76 -11.48 19.95
C ALA A 127 -3.12 -12.63 19.02
N ALA A 128 -4.33 -12.58 18.48
CA ALA A 128 -4.80 -13.60 17.55
C ALA A 128 -4.39 -13.26 16.11
N ARG A 129 -3.12 -13.46 15.81
CA ARG A 129 -2.61 -13.22 14.46
C ARG A 129 -1.96 -14.47 13.89
N THR A 130 -2.06 -14.64 12.58
CA THR A 130 -1.78 -15.92 11.94
C THR A 130 -0.89 -15.76 10.72
N VAL A 131 -0.04 -14.74 10.74
CA VAL A 131 1.02 -14.61 9.76
C VAL A 131 2.39 -14.47 10.43
N GLU A 132 3.24 -15.48 10.25
CA GLU A 132 4.62 -15.40 10.69
C GLU A 132 5.43 -14.48 9.79
N SER A 133 6.23 -13.61 10.41
CA SER A 133 6.99 -12.60 9.66
C SER A 133 7.98 -13.26 8.72
N ARG A 134 8.46 -14.44 9.11
CA ARG A 134 9.38 -15.21 8.27
C ARG A 134 8.70 -15.64 6.97
N GLN A 135 7.43 -16.00 7.08
CA GLN A 135 6.63 -16.35 5.90
C GLN A 135 6.31 -15.10 5.08
N ALA A 136 5.92 -14.03 5.75
CA ALA A 136 5.51 -12.81 5.07
C ALA A 136 6.65 -12.21 4.27
N GLN A 137 7.84 -12.18 4.87
CA GLN A 137 9.00 -11.58 4.23
C GLN A 137 9.48 -12.41 3.05
N ASP A 138 9.35 -13.73 3.17
CA ASP A 138 9.72 -14.64 2.10
C ASP A 138 8.78 -14.48 0.90
N LEU A 139 7.50 -14.31 1.19
CA LEU A 139 6.50 -14.07 0.16
C LEU A 139 6.75 -12.73 -0.53
N ALA A 140 7.14 -11.74 0.26
CA ALA A 140 7.54 -10.44 -0.28
C ALA A 140 8.81 -10.57 -1.12
N ARG A 141 9.74 -11.40 -0.67
CA ARG A 141 11.00 -11.59 -1.38
C ARG A 141 10.76 -12.24 -2.73
N SER A 142 9.81 -13.17 -2.78
CA SER A 142 9.46 -13.84 -4.03
C SER A 142 8.78 -12.87 -4.99
N TYR A 143 8.17 -11.82 -4.44
CA TYR A 143 7.55 -10.79 -5.25
C TYR A 143 8.54 -9.67 -5.57
N GLY A 144 9.72 -9.75 -4.97
CA GLY A 144 10.77 -8.78 -5.25
C GLY A 144 10.51 -7.44 -4.59
N ILE A 145 9.73 -7.46 -3.50
CA ILE A 145 9.30 -6.23 -2.85
C ILE A 145 9.69 -6.23 -1.38
N PRO A 146 9.92 -5.03 -0.83
CA PRO A 146 10.25 -4.86 0.59
C PRO A 146 9.12 -5.31 1.51
N TYR A 147 9.47 -5.84 2.67
CA TYR A 147 8.49 -6.18 3.70
C TYR A 147 8.65 -5.27 4.92
N ILE A 148 7.58 -4.54 5.24
CA ILE A 148 7.61 -3.61 6.36
C ILE A 148 6.46 -3.86 7.32
N GLU A 149 6.77 -3.98 8.60
CA GLU A 149 5.76 -4.16 9.63
C GLU A 149 5.43 -2.82 10.29
N THR A 150 4.14 -2.61 10.55
CA THR A 150 3.68 -1.35 11.12
C THR A 150 2.54 -1.57 12.10
N SER A 151 2.28 -0.58 12.95
CA SER A 151 1.12 -0.60 13.83
C SER A 151 0.33 0.70 13.72
N ALA A 152 -0.91 0.60 13.26
CA ALA A 152 -1.76 1.77 13.08
C ALA A 152 -1.92 2.55 14.38
N LYS A 153 -1.73 1.86 15.50
CA LYS A 153 -1.96 2.45 16.81
C LYS A 153 -1.06 3.67 17.02
N THR A 154 0.24 3.43 17.09
CA THR A 154 1.21 4.50 17.28
C THR A 154 2.45 4.30 16.41
N ARG A 155 2.96 3.08 16.39
CA ARG A 155 4.24 2.79 15.76
C ARG A 155 4.14 2.93 14.25
N GLN A 156 4.72 4.01 13.72
CA GLN A 156 4.52 4.38 12.32
C GLN A 156 5.54 3.66 11.43
N GLY A 157 5.04 2.78 10.57
CA GLY A 157 5.81 2.36 9.41
C GLY A 157 5.28 2.95 8.12
N VAL A 158 4.26 3.79 8.23
CA VAL A 158 3.61 4.37 7.06
C VAL A 158 4.57 5.27 6.29
N GLU A 159 5.24 6.17 7.01
CA GLU A 159 6.18 7.09 6.39
C GLU A 159 7.28 6.33 5.64
N ASP A 160 7.86 5.35 6.32
CA ASP A 160 8.91 4.53 5.72
C ASP A 160 8.39 3.79 4.49
N ALA A 161 7.16 3.27 4.60
CA ALA A 161 6.58 2.48 3.53
C ALA A 161 6.40 3.31 2.27
N PHE A 162 5.82 4.50 2.43
CA PHE A 162 5.54 5.38 1.29
C PHE A 162 6.83 5.95 0.72
N TYR A 163 7.72 6.37 1.60
CA TYR A 163 8.98 7.00 1.18
C TYR A 163 9.90 5.96 0.51
N THR A 164 9.88 4.75 1.04
CA THR A 164 10.53 3.62 0.37
C THR A 164 9.96 3.39 -1.02
N LEU A 165 8.63 3.42 -1.12
CA LEU A 165 7.96 3.31 -2.41
C LEU A 165 8.38 4.44 -3.34
N VAL A 166 8.53 5.63 -2.78
CA VAL A 166 9.02 6.77 -3.56
C VAL A 166 10.48 6.58 -3.96
N ARG A 167 11.26 5.96 -3.09
CA ARG A 167 12.63 5.61 -3.40
C ARG A 167 12.69 4.59 -4.52
N GLU A 168 11.77 3.63 -4.49
CA GLU A 168 11.76 2.53 -5.45
C GLU A 168 11.40 3.04 -6.85
N ILE A 169 10.39 3.90 -6.92
CA ILE A 169 9.95 4.44 -8.19
C ILE A 169 11.02 5.32 -8.82
N ARG A 170 11.87 5.90 -7.97
CA ARG A 170 12.97 6.74 -8.45
C ARG A 170 13.98 5.92 -9.25
N GLN A 171 14.04 4.62 -8.97
CA GLN A 171 14.91 3.72 -9.71
C GLN A 171 14.10 2.89 -10.71
N HIS A 172 12.80 2.79 -10.47
CA HIS A 172 11.92 2.03 -11.35
C HIS A 172 12.44 0.62 -11.56
N MET A 7 6.31 21.47 -9.20
CA MET A 7 7.27 20.60 -8.52
C MET A 7 7.01 19.13 -8.87
N THR A 8 7.95 18.27 -8.49
CA THR A 8 7.78 16.84 -8.66
C THR A 8 6.58 16.32 -7.85
N GLU A 9 5.71 15.57 -8.52
CA GLU A 9 4.55 15.00 -7.86
C GLU A 9 4.58 13.47 -7.88
N TYR A 10 4.28 12.86 -6.74
CA TYR A 10 4.24 11.41 -6.64
C TYR A 10 2.82 10.93 -6.42
N LYS A 11 2.28 10.22 -7.41
CA LYS A 11 0.91 9.72 -7.34
C LYS A 11 0.90 8.23 -6.99
N LEU A 12 0.68 7.92 -5.72
CA LEU A 12 0.86 6.57 -5.21
C LEU A 12 -0.49 5.91 -4.92
N VAL A 13 -0.63 4.66 -5.35
CA VAL A 13 -1.91 3.97 -5.26
C VAL A 13 -1.87 2.87 -4.19
N VAL A 14 -2.85 2.91 -3.28
CA VAL A 14 -2.88 1.98 -2.16
C VAL A 14 -3.89 0.87 -2.40
N VAL A 15 -3.45 -0.38 -2.31
CA VAL A 15 -4.30 -1.52 -2.59
C VAL A 15 -4.22 -2.55 -1.47
N GLY A 16 -5.20 -3.45 -1.43
CA GLY A 16 -5.17 -4.53 -0.46
C GLY A 16 -6.55 -5.14 -0.23
N ALA A 17 -6.57 -6.31 0.39
CA ALA A 17 -7.84 -6.98 0.71
C ALA A 17 -8.57 -6.25 1.83
N GLY A 18 -9.87 -6.52 1.95
CA GLY A 18 -10.67 -5.86 2.96
C GLY A 18 -10.34 -6.33 4.36
N GLY A 19 -10.25 -5.38 5.29
CA GLY A 19 -9.94 -5.72 6.67
C GLY A 19 -8.86 -4.84 7.26
N VAL A 20 -8.28 -3.98 6.42
CA VAL A 20 -7.31 -3.00 6.88
C VAL A 20 -7.82 -1.57 6.67
N GLY A 21 -7.05 -0.60 7.14
CA GLY A 21 -7.51 0.78 7.13
C GLY A 21 -6.77 1.63 6.12
N LYS A 22 -6.85 1.25 4.85
CA LYS A 22 -6.10 1.93 3.80
C LYS A 22 -6.37 3.43 3.83
N SER A 23 -7.63 3.79 4.02
CA SER A 23 -8.03 5.19 4.07
C SER A 23 -7.50 5.85 5.35
N ALA A 24 -7.61 5.15 6.47
CA ALA A 24 -7.21 5.68 7.77
C ALA A 24 -5.71 5.94 7.80
N LEU A 25 -4.94 5.01 7.25
CA LEU A 25 -3.48 5.11 7.26
C LEU A 25 -3.02 6.30 6.41
N THR A 26 -3.65 6.48 5.26
CA THR A 26 -3.39 7.65 4.42
C THR A 26 -3.72 8.94 5.15
N ILE A 27 -4.85 8.95 5.85
CA ILE A 27 -5.32 10.15 6.53
C ILE A 27 -4.40 10.52 7.69
N GLN A 28 -3.85 9.49 8.34
CA GLN A 28 -2.87 9.71 9.41
C GLN A 28 -1.67 10.50 8.90
N LEU A 29 -1.15 10.08 7.76
CA LEU A 29 0.01 10.75 7.15
C LEU A 29 -0.34 12.17 6.74
N ILE A 30 -1.48 12.33 6.06
CA ILE A 30 -1.82 13.59 5.42
C ILE A 30 -2.40 14.58 6.43
N GLN A 31 -3.25 14.07 7.33
CA GLN A 31 -4.02 14.93 8.21
C GLN A 31 -3.50 14.85 9.65
N ASN A 32 -2.59 13.91 9.87
CA ASN A 32 -2.01 13.73 11.20
C ASN A 32 -3.06 13.28 12.21
N HIS A 33 -3.99 12.44 11.76
CA HIS A 33 -5.06 11.95 12.61
C HIS A 33 -5.63 10.64 12.08
N PHE A 34 -6.03 9.76 12.99
CA PHE A 34 -6.63 8.48 12.61
C PHE A 34 -8.12 8.64 12.36
N VAL A 35 -8.54 8.38 11.13
CA VAL A 35 -9.95 8.51 10.75
C VAL A 35 -10.43 7.28 9.98
N ASP A 36 -11.25 6.48 10.62
CA ASP A 36 -11.72 5.22 10.03
C ASP A 36 -12.97 5.45 9.19
N GLU A 37 -13.37 6.71 9.05
CA GLU A 37 -14.47 7.07 8.17
C GLU A 37 -14.43 6.25 6.88
N TYR A 38 -15.56 5.62 6.56
CA TYR A 38 -15.63 4.75 5.39
C TYR A 38 -16.56 5.33 4.33
N ASP A 39 -16.20 5.14 3.06
CA ASP A 39 -16.99 5.66 1.96
C ASP A 39 -17.06 4.65 0.81
N PRO A 40 -18.23 4.01 0.66
CA PRO A 40 -18.41 2.90 -0.29
C PRO A 40 -18.47 3.38 -1.73
N SER A 41 -17.81 2.65 -2.62
CA SER A 41 -17.96 2.88 -4.06
C SER A 41 -17.37 4.22 -4.45
N ILE A 42 -16.59 4.82 -3.55
CA ILE A 42 -15.87 6.05 -3.85
C ILE A 42 -14.43 5.97 -3.35
N GLU A 43 -13.49 6.01 -4.29
CA GLU A 43 -12.08 6.13 -3.96
C GLU A 43 -11.77 7.50 -3.37
N ASP A 44 -10.70 7.58 -2.60
CA ASP A 44 -10.37 8.81 -1.87
C ASP A 44 -8.93 9.22 -2.14
N SER A 45 -8.74 10.49 -2.49
CA SER A 45 -7.41 11.01 -2.79
C SER A 45 -7.01 12.11 -1.80
N TYR A 46 -5.80 12.01 -1.28
CA TYR A 46 -5.29 13.01 -0.34
C TYR A 46 -3.93 13.54 -0.80
N ARG A 47 -3.69 14.83 -0.58
CA ARG A 47 -2.49 15.48 -1.06
C ARG A 47 -1.76 16.20 0.07
N LYS A 48 -0.45 16.06 0.11
CA LYS A 48 0.38 16.81 1.06
C LYS A 48 1.74 17.14 0.45
N GLN A 49 2.15 18.40 0.59
CA GLN A 49 3.48 18.80 0.18
C GLN A 49 4.54 18.32 1.17
N VAL A 50 5.50 17.55 0.69
CA VAL A 50 6.49 16.91 1.55
C VAL A 50 7.89 17.04 0.98
N VAL A 51 8.88 16.78 1.82
CA VAL A 51 10.27 16.70 1.36
C VAL A 51 10.83 15.29 1.51
N ILE A 52 11.15 14.66 0.39
CA ILE A 52 11.67 13.29 0.40
C ILE A 52 13.11 13.26 -0.12
N ASP A 53 14.03 12.84 0.74
CA ASP A 53 15.44 12.78 0.38
C ASP A 53 15.93 14.14 -0.13
N GLY A 54 15.48 15.20 0.54
CA GLY A 54 15.96 16.53 0.21
C GLY A 54 15.21 17.13 -0.97
N GLU A 55 14.35 16.34 -1.60
CA GLU A 55 13.58 16.80 -2.73
C GLU A 55 12.18 17.26 -2.31
N THR A 56 11.82 18.48 -2.68
CA THR A 56 10.50 19.00 -2.39
C THR A 56 9.49 18.60 -3.46
N CYS A 57 8.40 17.96 -3.04
CA CYS A 57 7.47 17.34 -3.96
C CYS A 57 6.06 17.32 -3.38
N LEU A 58 5.08 16.98 -4.22
CA LEU A 58 3.70 16.83 -3.77
C LEU A 58 3.31 15.36 -3.73
N LEU A 59 2.91 14.89 -2.54
CA LEU A 59 2.54 13.49 -2.35
C LEU A 59 1.03 13.31 -2.48
N ASP A 60 0.62 12.59 -3.52
CA ASP A 60 -0.80 12.33 -3.75
C ASP A 60 -1.11 10.85 -3.57
N ILE A 61 -1.87 10.53 -2.53
CA ILE A 61 -2.17 9.16 -2.18
C ILE A 61 -3.61 8.80 -2.50
N LEU A 62 -3.81 7.75 -3.28
CA LEU A 62 -5.14 7.33 -3.69
C LEU A 62 -5.50 5.97 -3.13
N ASP A 63 -6.61 5.90 -2.39
CA ASP A 63 -7.09 4.64 -1.84
C ASP A 63 -7.94 3.89 -2.86
N THR A 64 -7.52 2.67 -3.19
CA THR A 64 -8.20 1.88 -4.22
C THR A 64 -8.43 0.45 -3.74
N ALA A 65 -9.21 -0.30 -4.50
CA ALA A 65 -9.60 -1.66 -4.11
C ALA A 65 -8.59 -2.68 -4.62
N GLY A 66 -8.09 -3.51 -3.70
CA GLY A 66 -7.23 -4.61 -4.09
C GLY A 66 -8.02 -5.89 -4.35
N GLN A 67 -9.20 -5.75 -4.93
CA GLN A 67 -10.09 -6.88 -5.15
C GLN A 67 -9.98 -7.38 -6.59
N GLU A 68 -10.37 -8.64 -6.81
CA GLU A 68 -10.43 -9.19 -8.15
C GLU A 68 -11.39 -8.40 -9.02
N GLU A 69 -12.42 -7.83 -8.39
CA GLU A 69 -13.48 -7.14 -9.13
C GLU A 69 -13.20 -5.64 -9.19
N TYR A 70 -12.00 -5.25 -8.81
CA TYR A 70 -11.61 -3.84 -8.84
C TYR A 70 -12.10 -3.16 -10.11
N SER A 71 -12.51 -1.90 -9.98
CA SER A 71 -13.31 -1.24 -11.01
C SER A 71 -12.42 -0.57 -12.05
N ALA A 72 -12.84 -0.63 -13.30
CA ALA A 72 -12.26 0.21 -14.34
C ALA A 72 -12.26 1.68 -13.93
N MET A 73 -13.21 2.05 -13.08
CA MET A 73 -13.27 3.39 -12.52
C MET A 73 -12.00 3.71 -11.73
N ARG A 74 -11.32 2.66 -11.26
CA ARG A 74 -10.07 2.82 -10.54
C ARG A 74 -8.88 2.50 -11.46
N ASP A 75 -9.11 1.62 -12.43
CA ASP A 75 -8.10 1.29 -13.41
C ASP A 75 -7.64 2.53 -14.17
N GLN A 76 -8.58 3.44 -14.41
CA GLN A 76 -8.26 4.72 -15.04
C GLN A 76 -7.22 5.49 -14.23
N TYR A 77 -7.30 5.35 -12.92
CA TYR A 77 -6.30 5.95 -12.03
C TYR A 77 -4.98 5.17 -12.08
N MET A 78 -5.10 3.86 -12.27
CA MET A 78 -3.92 3.00 -12.37
C MET A 78 -3.07 3.38 -13.58
N ARG A 79 -3.69 4.07 -14.54
CA ARG A 79 -2.95 4.68 -15.63
C ARG A 79 -1.79 5.51 -15.09
N THR A 80 -1.89 5.93 -13.84
CA THR A 80 -0.81 6.65 -13.18
C THR A 80 0.52 5.91 -13.33
N GLY A 81 0.50 4.61 -13.05
CA GLY A 81 1.53 3.73 -13.56
C GLY A 81 2.66 3.52 -12.58
N GLU A 82 2.93 4.54 -11.77
CA GLU A 82 4.11 4.54 -10.91
C GLU A 82 4.27 3.21 -10.20
N GLY A 83 3.40 2.95 -9.23
CA GLY A 83 3.52 1.75 -8.42
C GLY A 83 2.42 1.62 -7.39
N PHE A 84 2.51 0.61 -6.55
CA PHE A 84 1.40 0.24 -5.67
C PHE A 84 1.91 -0.05 -4.25
N LEU A 85 1.19 0.44 -3.26
CA LEU A 85 1.43 0.06 -1.87
C LEU A 85 0.40 -0.96 -1.40
N CYS A 86 0.88 -2.14 -1.00
CA CYS A 86 -0.01 -3.23 -0.62
C CYS A 86 -0.06 -3.38 0.91
N VAL A 87 -1.23 -3.16 1.48
CA VAL A 87 -1.39 -3.18 2.93
C VAL A 87 -2.19 -4.40 3.38
N PHE A 88 -1.64 -5.15 4.32
CA PHE A 88 -2.32 -6.31 4.88
C PHE A 88 -2.06 -6.42 6.38
N ALA A 89 -2.79 -7.33 7.03
CA ALA A 89 -2.60 -7.58 8.46
C ALA A 89 -1.92 -8.92 8.69
N ILE A 90 -1.02 -8.97 9.66
CA ILE A 90 -0.29 -10.19 9.98
C ILE A 90 -1.25 -11.32 10.34
N ASN A 91 -2.46 -10.96 10.77
CA ASN A 91 -3.46 -11.92 11.19
C ASN A 91 -4.38 -12.30 10.03
N ASN A 92 -4.07 -11.77 8.85
CA ASN A 92 -4.87 -12.04 7.65
C ASN A 92 -4.11 -12.93 6.68
N THR A 93 -4.27 -14.24 6.84
CA THR A 93 -3.66 -15.20 5.93
C THR A 93 -4.19 -15.02 4.52
N LYS A 94 -5.51 -14.96 4.38
CA LYS A 94 -6.15 -14.85 3.08
C LYS A 94 -5.66 -13.63 2.33
N SER A 95 -5.39 -12.55 3.06
CA SER A 95 -4.97 -11.29 2.46
C SER A 95 -3.72 -11.49 1.61
N PHE A 96 -2.88 -12.44 2.01
CA PHE A 96 -1.66 -12.73 1.27
C PHE A 96 -1.97 -13.31 -0.11
N GLU A 97 -2.99 -14.17 -0.17
CA GLU A 97 -3.40 -14.78 -1.43
C GLU A 97 -4.15 -13.77 -2.30
N ASP A 98 -4.95 -12.92 -1.65
CA ASP A 98 -5.75 -11.92 -2.36
C ASP A 98 -4.85 -10.91 -3.07
N ILE A 99 -3.79 -10.50 -2.39
CA ILE A 99 -2.82 -9.57 -2.97
C ILE A 99 -2.10 -10.20 -4.17
N HIS A 100 -1.77 -11.48 -4.04
CA HIS A 100 -1.05 -12.20 -5.09
C HIS A 100 -1.90 -12.30 -6.35
N GLN A 101 -3.16 -12.72 -6.17
CA GLN A 101 -4.07 -12.86 -7.29
C GLN A 101 -4.36 -11.51 -7.94
N TYR A 102 -4.65 -10.51 -7.12
CA TYR A 102 -4.83 -9.15 -7.60
C TYR A 102 -3.58 -8.66 -8.33
N ARG A 103 -2.42 -8.99 -7.77
CA ARG A 103 -1.14 -8.54 -8.34
C ARG A 103 -0.96 -9.13 -9.74
N GLU A 104 -1.24 -10.41 -9.89
CA GLU A 104 -1.06 -11.09 -11.17
C GLU A 104 -2.05 -10.58 -12.20
N GLN A 105 -3.27 -10.29 -11.76
CA GLN A 105 -4.32 -9.85 -12.66
C GLN A 105 -4.00 -8.48 -13.25
N ILE A 106 -3.63 -7.54 -12.37
CA ILE A 106 -3.27 -6.19 -12.81
C ILE A 106 -1.99 -6.20 -13.63
N LYS A 107 -1.15 -7.19 -13.39
CA LYS A 107 0.03 -7.41 -14.22
C LYS A 107 -0.36 -7.78 -15.65
N ARG A 108 -1.33 -8.67 -15.78
CA ARG A 108 -1.81 -9.10 -17.09
C ARG A 108 -2.47 -7.94 -17.83
N VAL A 109 -3.19 -7.11 -17.09
CA VAL A 109 -3.84 -5.93 -17.67
C VAL A 109 -2.81 -4.90 -18.11
N LYS A 110 -1.78 -4.72 -17.27
CA LYS A 110 -0.77 -3.68 -17.52
C LYS A 110 0.43 -4.27 -18.26
N ASP A 111 0.33 -5.54 -18.65
CA ASP A 111 1.44 -6.23 -19.27
C ASP A 111 2.47 -6.64 -18.23
N SER A 112 2.50 -7.93 -17.89
CA SER A 112 3.42 -8.42 -16.87
C SER A 112 4.76 -7.71 -16.94
N ASP A 113 5.18 -7.14 -15.82
CA ASP A 113 6.36 -6.28 -15.79
C ASP A 113 6.83 -6.06 -14.36
N ASP A 114 8.08 -5.63 -14.21
CA ASP A 114 8.61 -5.23 -12.91
C ASP A 114 8.03 -3.88 -12.49
N VAL A 115 7.11 -3.90 -11.54
CA VAL A 115 6.41 -2.69 -11.11
C VAL A 115 6.70 -2.39 -9.65
N PRO A 116 7.08 -1.13 -9.37
CA PRO A 116 7.37 -0.67 -8.01
C PRO A 116 6.26 -1.02 -7.03
N MET A 117 6.61 -1.76 -5.98
CA MET A 117 5.61 -2.23 -5.02
C MET A 117 6.23 -2.35 -3.63
N VAL A 118 5.41 -2.15 -2.60
CA VAL A 118 5.81 -2.40 -1.23
C VAL A 118 4.77 -3.22 -0.48
N LEU A 119 5.22 -4.22 0.27
CA LEU A 119 4.34 -5.03 1.09
C LEU A 119 4.45 -4.65 2.56
N VAL A 120 3.33 -4.30 3.17
CA VAL A 120 3.31 -3.81 4.55
C VAL A 120 2.40 -4.66 5.43
N GLY A 121 2.93 -5.07 6.58
CA GLY A 121 2.14 -5.85 7.52
C GLY A 121 1.84 -5.09 8.79
N ASN A 122 0.55 -4.93 9.08
CA ASN A 122 0.12 -4.19 10.27
C ASN A 122 -0.26 -5.15 11.39
N LYS A 123 -0.37 -4.62 12.60
CA LYS A 123 -0.80 -5.41 13.75
C LYS A 123 0.23 -6.48 14.09
N CYS A 124 1.50 -6.14 13.95
CA CYS A 124 2.59 -7.04 14.31
C CYS A 124 2.74 -7.12 15.83
N ASP A 125 2.00 -6.28 16.54
CA ASP A 125 1.98 -6.31 17.99
C ASP A 125 0.77 -7.07 18.51
N LEU A 126 0.02 -7.66 17.59
CA LEU A 126 -1.14 -8.47 17.96
C LEU A 126 -0.71 -9.89 18.33
N ALA A 127 -1.34 -10.45 19.36
CA ALA A 127 -0.98 -11.77 19.86
C ALA A 127 -1.56 -12.86 18.97
N ALA A 128 -2.85 -12.76 18.69
CA ALA A 128 -3.54 -13.75 17.88
C ALA A 128 -3.28 -13.51 16.39
N ARG A 129 -2.14 -13.97 15.91
CA ARG A 129 -1.83 -13.91 14.49
C ARG A 129 -1.67 -15.31 13.90
N THR A 130 -1.98 -15.45 12.62
CA THR A 130 -1.95 -16.75 11.96
C THR A 130 -0.89 -16.78 10.86
N VAL A 131 0.03 -15.82 10.91
CA VAL A 131 1.15 -15.78 9.97
C VAL A 131 2.46 -15.53 10.69
N GLU A 132 3.40 -16.46 10.55
CA GLU A 132 4.78 -16.24 11.00
C GLU A 132 5.46 -15.20 10.12
N SER A 133 6.30 -14.38 10.75
CA SER A 133 7.07 -13.37 10.03
C SER A 133 7.96 -14.01 8.96
N ARG A 134 8.47 -15.21 9.27
CA ARG A 134 9.30 -15.94 8.33
C ARG A 134 8.53 -16.25 7.05
N GLN A 135 7.26 -16.62 7.19
CA GLN A 135 6.42 -16.94 6.04
C GLN A 135 6.11 -15.69 5.24
N ALA A 136 5.72 -14.62 5.94
CA ALA A 136 5.34 -13.37 5.28
C ALA A 136 6.52 -12.77 4.51
N GLN A 137 7.70 -12.80 5.11
CA GLN A 137 8.89 -12.27 4.49
C GLN A 137 9.27 -13.09 3.26
N ASP A 138 9.19 -14.41 3.38
CA ASP A 138 9.53 -15.30 2.28
C ASP A 138 8.57 -15.11 1.11
N LEU A 139 7.30 -14.91 1.41
CA LEU A 139 6.30 -14.64 0.38
C LEU A 139 6.61 -13.34 -0.36
N ALA A 140 6.97 -12.31 0.39
CA ALA A 140 7.38 -11.05 -0.20
C ALA A 140 8.67 -11.21 -1.01
N ARG A 141 9.60 -12.00 -0.48
CA ARG A 141 10.89 -12.21 -1.13
C ARG A 141 10.70 -12.90 -2.48
N SER A 142 9.78 -13.87 -2.53
CA SER A 142 9.51 -14.59 -3.76
C SER A 142 8.83 -13.68 -4.79
N TYR A 143 8.15 -12.65 -4.30
CA TYR A 143 7.52 -11.67 -5.18
C TYR A 143 8.49 -10.54 -5.53
N GLY A 144 9.66 -10.56 -4.91
CA GLY A 144 10.67 -9.55 -5.17
C GLY A 144 10.27 -8.19 -4.60
N ILE A 145 9.38 -8.19 -3.62
CA ILE A 145 8.83 -6.96 -3.08
C ILE A 145 9.28 -6.74 -1.64
N PRO A 146 9.77 -5.53 -1.34
CA PRO A 146 10.22 -5.16 0.01
C PRO A 146 9.17 -5.48 1.07
N TYR A 147 9.62 -6.05 2.18
CA TYR A 147 8.72 -6.44 3.26
C TYR A 147 8.93 -5.55 4.48
N ILE A 148 7.87 -4.84 4.88
CA ILE A 148 7.94 -3.92 6.01
C ILE A 148 6.90 -4.26 7.06
N GLU A 149 7.35 -4.49 8.29
CA GLU A 149 6.46 -4.68 9.42
C GLU A 149 6.25 -3.37 10.17
N THR A 150 5.02 -3.14 10.62
CA THR A 150 4.69 -1.92 11.35
C THR A 150 3.57 -2.17 12.36
N SER A 151 3.31 -1.18 13.20
CA SER A 151 2.13 -1.20 14.07
C SER A 151 1.46 0.17 14.10
N ALA A 152 0.29 0.26 13.49
CA ALA A 152 -0.37 1.55 13.31
C ALA A 152 -0.61 2.25 14.65
N LYS A 153 -0.63 1.46 15.72
CA LYS A 153 -0.98 1.97 17.03
C LYS A 153 0.15 2.83 17.61
N THR A 154 1.36 2.29 17.59
CA THR A 154 2.45 2.86 18.36
C THR A 154 3.45 3.57 17.46
N ARG A 155 3.50 3.16 16.20
CA ARG A 155 4.53 3.63 15.27
C ARG A 155 3.95 3.86 13.88
N GLN A 156 4.39 4.92 13.23
CA GLN A 156 4.01 5.18 11.84
C GLN A 156 4.89 4.40 10.88
N GLY A 157 4.30 3.39 10.23
CA GLY A 157 4.96 2.75 9.11
C GLY A 157 4.49 3.31 7.78
N VAL A 158 3.48 4.17 7.81
CA VAL A 158 2.86 4.68 6.59
C VAL A 158 3.84 5.49 5.77
N GLU A 159 4.49 6.46 6.42
CA GLU A 159 5.37 7.39 5.72
C GLU A 159 6.55 6.66 5.10
N ASP A 160 7.22 5.84 5.90
CA ASP A 160 8.37 5.09 5.44
C ASP A 160 7.99 4.16 4.28
N ALA A 161 6.83 3.54 4.40
CA ALA A 161 6.35 2.63 3.36
C ALA A 161 6.18 3.35 2.02
N PHE A 162 5.59 4.54 2.08
CA PHE A 162 5.37 5.33 0.87
C PHE A 162 6.70 5.80 0.28
N TYR A 163 7.61 6.20 1.14
CA TYR A 163 8.92 6.69 0.71
C TYR A 163 9.72 5.57 0.04
N THR A 164 9.65 4.37 0.60
CA THR A 164 10.27 3.21 0.00
C THR A 164 9.71 2.94 -1.39
N LEU A 165 8.39 3.02 -1.51
CA LEU A 165 7.73 2.90 -2.81
C LEU A 165 8.26 3.94 -3.79
N VAL A 166 8.40 5.18 -3.31
CA VAL A 166 8.93 6.25 -4.14
C VAL A 166 10.35 5.95 -4.59
N ARG A 167 11.18 5.45 -3.67
CA ARG A 167 12.57 5.18 -3.96
C ARG A 167 12.69 4.10 -5.04
N GLU A 168 11.83 3.09 -4.97
CA GLU A 168 11.80 2.04 -5.98
C GLU A 168 11.30 2.58 -7.31
N ILE A 169 10.34 3.48 -7.26
CA ILE A 169 9.85 4.15 -8.46
C ILE A 169 10.96 4.95 -9.13
N ARG A 170 11.81 5.58 -8.32
CA ARG A 170 12.91 6.38 -8.83
C ARG A 170 13.88 5.52 -9.62
N GLN A 171 13.93 4.23 -9.31
CA GLN A 171 14.86 3.32 -9.95
C GLN A 171 14.25 2.70 -11.20
N HIS A 172 12.96 2.96 -11.41
CA HIS A 172 12.27 2.45 -12.59
C HIS A 172 12.51 0.97 -12.77
N MET A 7 6.73 21.62 -8.82
CA MET A 7 7.33 20.70 -7.86
C MET A 7 7.09 19.25 -8.27
N THR A 8 8.04 18.38 -7.97
CA THR A 8 7.90 16.95 -8.21
C THR A 8 6.68 16.40 -7.49
N GLU A 9 5.85 15.65 -8.21
CA GLU A 9 4.68 15.03 -7.62
C GLU A 9 4.80 13.51 -7.60
N TYR A 10 4.50 12.91 -6.46
CA TYR A 10 4.51 11.46 -6.32
C TYR A 10 3.10 10.93 -6.07
N LYS A 11 2.62 10.09 -6.98
CA LYS A 11 1.26 9.56 -6.91
C LYS A 11 1.27 8.13 -6.37
N LEU A 12 0.73 7.95 -5.16
CA LEU A 12 0.68 6.64 -4.54
C LEU A 12 -0.71 6.01 -4.70
N VAL A 13 -0.73 4.77 -5.18
CA VAL A 13 -1.97 4.00 -5.23
C VAL A 13 -1.98 2.90 -4.18
N VAL A 14 -2.98 2.95 -3.29
CA VAL A 14 -3.03 2.02 -2.16
C VAL A 14 -4.05 0.92 -2.41
N VAL A 15 -3.61 -0.33 -2.30
CA VAL A 15 -4.46 -1.48 -2.59
C VAL A 15 -4.37 -2.52 -1.50
N GLY A 16 -5.33 -3.44 -1.47
CA GLY A 16 -5.28 -4.56 -0.55
C GLY A 16 -6.64 -5.15 -0.26
N ALA A 17 -6.67 -6.42 0.11
CA ALA A 17 -7.92 -7.12 0.37
C ALA A 17 -8.58 -6.62 1.65
N GLY A 18 -9.84 -7.00 1.85
CA GLY A 18 -10.60 -6.47 2.97
C GLY A 18 -10.08 -6.97 4.30
N GLY A 19 -10.00 -6.08 5.28
CA GLY A 19 -9.63 -6.47 6.63
C GLY A 19 -8.62 -5.54 7.26
N VAL A 20 -8.18 -4.55 6.50
CA VAL A 20 -7.27 -3.53 7.03
C VAL A 20 -7.85 -2.14 6.86
N GLY A 21 -7.13 -1.14 7.33
CA GLY A 21 -7.63 0.22 7.33
C GLY A 21 -6.95 1.11 6.32
N LYS A 22 -7.05 0.74 5.04
CA LYS A 22 -6.36 1.43 3.97
C LYS A 22 -6.64 2.93 4.03
N SER A 23 -7.91 3.29 4.16
CA SER A 23 -8.32 4.69 4.21
C SER A 23 -7.78 5.37 5.46
N ALA A 24 -7.83 4.65 6.58
CA ALA A 24 -7.41 5.20 7.86
C ALA A 24 -5.92 5.50 7.86
N LEU A 25 -5.14 4.61 7.27
CA LEU A 25 -3.69 4.76 7.23
C LEU A 25 -3.29 5.97 6.39
N THR A 26 -3.96 6.13 5.24
CA THR A 26 -3.74 7.31 4.40
C THR A 26 -4.10 8.59 5.13
N ILE A 27 -5.23 8.56 5.83
CA ILE A 27 -5.72 9.74 6.54
C ILE A 27 -4.80 10.11 7.70
N GLN A 28 -4.29 9.09 8.38
CA GLN A 28 -3.40 9.30 9.52
C GLN A 28 -2.15 10.07 9.08
N LEU A 29 -1.54 9.62 7.99
CA LEU A 29 -0.31 10.23 7.49
C LEU A 29 -0.56 11.68 7.08
N ILE A 30 -1.66 11.92 6.37
CA ILE A 30 -1.93 13.21 5.78
C ILE A 30 -2.56 14.16 6.81
N GLN A 31 -3.47 13.63 7.61
CA GLN A 31 -4.30 14.46 8.48
C GLN A 31 -3.85 14.32 9.93
N ASN A 32 -2.92 13.40 10.19
CA ASN A 32 -2.38 13.21 11.52
C ASN A 32 -3.45 12.69 12.48
N HIS A 33 -4.35 11.87 11.96
CA HIS A 33 -5.40 11.27 12.77
C HIS A 33 -5.91 9.97 12.14
N PHE A 34 -6.16 8.97 12.98
CA PHE A 34 -6.61 7.67 12.49
C PHE A 34 -8.13 7.65 12.32
N VAL A 35 -8.58 7.48 11.08
CA VAL A 35 -9.99 7.63 10.75
C VAL A 35 -10.49 6.44 9.92
N ASP A 36 -11.29 5.58 10.56
CA ASP A 36 -11.70 4.33 9.93
C ASP A 36 -12.88 4.56 8.99
N GLU A 37 -13.25 5.82 8.81
CA GLU A 37 -14.32 6.18 7.87
C GLU A 37 -14.25 5.31 6.62
N TYR A 38 -15.39 4.69 6.29
CA TYR A 38 -15.46 3.84 5.11
C TYR A 38 -16.32 4.48 4.03
N ASP A 39 -15.91 4.32 2.78
CA ASP A 39 -16.62 4.91 1.65
C ASP A 39 -16.70 3.92 0.48
N PRO A 40 -17.90 3.38 0.24
CA PRO A 40 -18.09 2.27 -0.70
C PRO A 40 -18.01 2.73 -2.15
N SER A 41 -17.25 2.00 -2.96
CA SER A 41 -17.29 2.15 -4.41
C SER A 41 -16.76 3.52 -4.82
N ILE A 42 -16.18 4.24 -3.87
CA ILE A 42 -15.61 5.55 -4.14
C ILE A 42 -14.18 5.65 -3.64
N GLU A 43 -13.27 5.95 -4.56
CA GLU A 43 -11.87 6.19 -4.19
C GLU A 43 -11.73 7.54 -3.47
N ASP A 44 -10.63 7.68 -2.72
CA ASP A 44 -10.43 8.87 -1.90
C ASP A 44 -8.96 9.30 -1.93
N SER A 45 -8.73 10.55 -2.31
CA SER A 45 -7.38 11.06 -2.48
C SER A 45 -7.04 12.07 -1.40
N TYR A 46 -5.82 12.00 -0.87
CA TYR A 46 -5.33 12.99 0.08
C TYR A 46 -3.96 13.52 -0.33
N ARG A 47 -3.74 14.81 -0.13
CA ARG A 47 -2.54 15.47 -0.62
C ARG A 47 -1.80 16.17 0.51
N LYS A 48 -0.48 16.04 0.51
CA LYS A 48 0.36 16.74 1.48
C LYS A 48 1.69 17.14 0.86
N GLN A 49 2.07 18.40 1.03
CA GLN A 49 3.38 18.87 0.57
C GLN A 49 4.48 18.37 1.48
N VAL A 50 5.44 17.66 0.89
CA VAL A 50 6.48 16.99 1.67
C VAL A 50 7.85 17.18 1.02
N VAL A 51 8.91 16.93 1.80
CA VAL A 51 10.26 16.96 1.27
C VAL A 51 10.94 15.60 1.42
N ILE A 52 11.36 15.03 0.29
CA ILE A 52 11.99 13.72 0.30
C ILE A 52 13.43 13.80 -0.20
N ASP A 53 14.38 13.42 0.65
CA ASP A 53 15.78 13.40 0.27
C ASP A 53 16.22 14.76 -0.28
N GLY A 54 15.72 15.83 0.35
CA GLY A 54 16.13 17.17 -0.04
C GLY A 54 15.34 17.71 -1.21
N GLU A 55 14.46 16.86 -1.76
CA GLU A 55 13.60 17.28 -2.86
C GLU A 55 12.22 17.68 -2.35
N THR A 56 11.78 18.88 -2.73
CA THR A 56 10.44 19.35 -2.39
C THR A 56 9.42 18.84 -3.40
N CYS A 57 8.41 18.13 -2.92
CA CYS A 57 7.48 17.43 -3.79
C CYS A 57 6.10 17.33 -3.15
N LEU A 58 5.12 16.90 -3.94
CA LEU A 58 3.76 16.73 -3.44
C LEU A 58 3.44 15.24 -3.25
N LEU A 59 2.97 14.89 -2.06
CA LEU A 59 2.53 13.54 -1.78
C LEU A 59 1.02 13.40 -2.00
N ASP A 60 0.64 12.69 -3.06
CA ASP A 60 -0.76 12.42 -3.35
C ASP A 60 -1.08 10.94 -3.21
N ILE A 61 -1.84 10.59 -2.17
CA ILE A 61 -2.17 9.20 -1.89
C ILE A 61 -3.62 8.91 -2.25
N LEU A 62 -3.82 7.92 -3.11
CA LEU A 62 -5.17 7.56 -3.56
C LEU A 62 -5.53 6.15 -3.10
N ASP A 63 -6.64 6.04 -2.38
CA ASP A 63 -7.15 4.74 -1.94
C ASP A 63 -8.00 4.09 -3.03
N THR A 64 -7.63 2.88 -3.42
CA THR A 64 -8.31 2.17 -4.49
C THR A 64 -8.66 0.75 -4.08
N ALA A 65 -9.51 0.10 -4.88
CA ALA A 65 -9.99 -1.24 -4.55
C ALA A 65 -8.89 -2.27 -4.75
N GLY A 66 -8.57 -3.00 -3.69
CA GLY A 66 -7.72 -4.18 -3.82
C GLY A 66 -8.51 -5.44 -4.08
N GLN A 67 -9.74 -5.27 -4.56
CA GLN A 67 -10.63 -6.41 -4.78
C GLN A 67 -10.52 -6.94 -6.20
N GLU A 68 -10.82 -8.22 -6.38
CA GLU A 68 -10.85 -8.82 -7.71
C GLU A 68 -11.88 -8.12 -8.60
N GLU A 69 -12.89 -7.52 -7.96
CA GLU A 69 -13.95 -6.84 -8.70
C GLU A 69 -13.51 -5.45 -9.14
N TYR A 70 -12.25 -5.11 -8.86
CA TYR A 70 -11.73 -3.79 -9.17
C TYR A 70 -12.20 -3.33 -10.55
N SER A 71 -12.53 -2.05 -10.64
CA SER A 71 -13.28 -1.54 -11.79
C SER A 71 -12.36 -0.76 -12.73
N ALA A 72 -12.75 -0.68 -14.00
CA ALA A 72 -12.17 0.28 -14.92
C ALA A 72 -12.25 1.70 -14.35
N MET A 73 -13.25 1.94 -13.51
CA MET A 73 -13.36 3.21 -12.80
C MET A 73 -12.12 3.46 -11.93
N ARG A 74 -11.44 2.38 -11.55
CA ARG A 74 -10.21 2.48 -10.79
C ARG A 74 -9.00 2.36 -11.70
N ASP A 75 -9.11 1.53 -12.74
CA ASP A 75 -8.01 1.30 -13.67
C ASP A 75 -7.56 2.62 -14.30
N GLN A 76 -8.50 3.53 -14.49
CA GLN A 76 -8.20 4.85 -15.04
C GLN A 76 -7.16 5.56 -14.17
N TYR A 77 -7.22 5.34 -12.87
CA TYR A 77 -6.23 5.88 -11.94
C TYR A 77 -4.92 5.09 -12.04
N MET A 78 -5.04 3.79 -12.28
CA MET A 78 -3.86 2.94 -12.42
C MET A 78 -3.00 3.40 -13.60
N ARG A 79 -3.61 4.11 -14.53
CA ARG A 79 -2.86 4.79 -15.58
C ARG A 79 -1.72 5.61 -15.00
N THR A 80 -1.84 5.96 -13.73
CA THR A 80 -0.76 6.64 -13.02
C THR A 80 0.56 5.91 -13.20
N GLY A 81 0.55 4.60 -12.95
CA GLY A 81 1.58 3.73 -13.51
C GLY A 81 2.74 3.53 -12.55
N GLU A 82 2.97 4.51 -11.68
CA GLU A 82 4.08 4.45 -10.74
C GLU A 82 4.20 3.07 -10.12
N GLY A 83 3.33 2.78 -9.16
CA GLY A 83 3.45 1.55 -8.39
C GLY A 83 2.28 1.34 -7.45
N PHE A 84 2.37 0.31 -6.63
CA PHE A 84 1.26 -0.09 -5.76
C PHE A 84 1.74 -0.36 -4.34
N LEU A 85 1.01 0.17 -3.37
CA LEU A 85 1.25 -0.17 -1.97
C LEU A 85 0.22 -1.17 -1.46
N CYS A 86 0.69 -2.34 -1.06
CA CYS A 86 -0.21 -3.44 -0.69
C CYS A 86 -0.23 -3.63 0.83
N VAL A 87 -1.40 -3.44 1.43
CA VAL A 87 -1.54 -3.49 2.88
C VAL A 87 -2.31 -4.73 3.31
N PHE A 88 -1.75 -5.48 4.25
CA PHE A 88 -2.46 -6.60 4.87
C PHE A 88 -2.14 -6.67 6.36
N ALA A 89 -2.86 -7.54 7.07
CA ALA A 89 -2.67 -7.69 8.51
C ALA A 89 -2.06 -9.04 8.84
N ILE A 90 -1.22 -9.07 9.87
CA ILE A 90 -0.53 -10.29 10.27
C ILE A 90 -1.52 -11.32 10.80
N ASN A 91 -2.74 -10.87 11.10
CA ASN A 91 -3.80 -11.77 11.52
C ASN A 91 -4.77 -12.04 10.38
N ASN A 92 -4.50 -11.43 9.23
CA ASN A 92 -5.35 -11.60 8.06
C ASN A 92 -4.65 -12.41 6.98
N THR A 93 -4.71 -13.73 7.10
CA THR A 93 -4.09 -14.62 6.12
C THR A 93 -4.72 -14.43 4.74
N LYS A 94 -6.05 -14.40 4.69
CA LYS A 94 -6.77 -14.26 3.43
C LYS A 94 -6.44 -12.93 2.77
N SER A 95 -6.31 -11.88 3.57
CA SER A 95 -6.03 -10.55 3.05
C SER A 95 -4.67 -10.52 2.36
N PHE A 96 -3.70 -11.25 2.92
CA PHE A 96 -2.36 -11.32 2.34
C PHE A 96 -2.38 -12.10 1.03
N GLU A 97 -3.09 -13.22 1.03
CA GLU A 97 -3.09 -14.11 -0.12
C GLU A 97 -3.78 -13.47 -1.32
N ASP A 98 -4.89 -12.79 -1.05
CA ASP A 98 -5.70 -12.21 -2.13
C ASP A 98 -4.93 -11.13 -2.87
N ILE A 99 -4.00 -10.48 -2.18
CA ILE A 99 -3.16 -9.46 -2.80
C ILE A 99 -2.39 -10.01 -4.00
N HIS A 100 -1.93 -11.25 -3.87
CA HIS A 100 -1.14 -11.88 -4.92
C HIS A 100 -1.98 -12.11 -6.18
N GLN A 101 -3.19 -12.63 -5.97
CA GLN A 101 -4.12 -12.83 -7.08
C GLN A 101 -4.48 -11.50 -7.74
N TYR A 102 -4.78 -10.50 -6.92
CA TYR A 102 -4.97 -9.14 -7.42
C TYR A 102 -3.76 -8.67 -8.20
N ARG A 103 -2.57 -8.99 -7.69
CA ARG A 103 -1.33 -8.54 -8.31
C ARG A 103 -1.18 -9.12 -9.72
N GLU A 104 -1.50 -10.40 -9.86
CA GLU A 104 -1.29 -11.11 -11.12
C GLU A 104 -2.27 -10.63 -12.18
N GLN A 105 -3.49 -10.32 -11.76
CA GLN A 105 -4.55 -9.92 -12.69
C GLN A 105 -4.27 -8.53 -13.26
N ILE A 106 -3.87 -7.61 -12.39
CA ILE A 106 -3.57 -6.24 -12.82
C ILE A 106 -2.35 -6.20 -13.73
N LYS A 107 -1.49 -7.19 -13.59
CA LYS A 107 -0.35 -7.36 -14.49
C LYS A 107 -0.84 -7.63 -15.91
N ARG A 108 -1.87 -8.46 -16.04
CA ARG A 108 -2.39 -8.86 -17.34
C ARG A 108 -2.97 -7.66 -18.09
N VAL A 109 -3.63 -6.77 -17.35
CA VAL A 109 -4.20 -5.56 -17.92
C VAL A 109 -3.11 -4.58 -18.33
N LYS A 110 -2.09 -4.46 -17.49
CA LYS A 110 -1.03 -3.48 -17.71
C LYS A 110 0.16 -4.10 -18.43
N ASP A 111 0.00 -5.36 -18.84
CA ASP A 111 1.08 -6.09 -19.50
C ASP A 111 2.14 -6.51 -18.49
N SER A 112 2.15 -7.80 -18.15
CA SER A 112 3.06 -8.31 -17.13
C SER A 112 4.42 -7.62 -17.23
N ASP A 113 4.88 -7.09 -16.10
CA ASP A 113 6.08 -6.26 -16.08
C ASP A 113 6.61 -6.09 -14.66
N ASP A 114 7.87 -5.70 -14.54
CA ASP A 114 8.44 -5.33 -13.26
C ASP A 114 7.91 -3.98 -12.79
N VAL A 115 7.02 -4.01 -11.80
CA VAL A 115 6.34 -2.80 -11.34
C VAL A 115 6.62 -2.54 -9.87
N PRO A 116 6.97 -1.29 -9.55
CA PRO A 116 7.24 -0.87 -8.16
C PRO A 116 6.12 -1.27 -7.20
N MET A 117 6.47 -2.01 -6.17
CA MET A 117 5.48 -2.51 -5.21
C MET A 117 6.09 -2.66 -3.82
N VAL A 118 5.27 -2.48 -2.80
CA VAL A 118 5.68 -2.74 -1.43
C VAL A 118 4.62 -3.55 -0.69
N LEU A 119 5.07 -4.52 0.10
CA LEU A 119 4.17 -5.28 0.96
C LEU A 119 4.28 -4.82 2.41
N VAL A 120 3.14 -4.47 3.01
CA VAL A 120 3.12 -3.94 4.37
C VAL A 120 2.24 -4.79 5.27
N GLY A 121 2.75 -5.11 6.45
CA GLY A 121 1.95 -5.82 7.44
C GLY A 121 1.60 -4.96 8.64
N ASN A 122 0.31 -4.72 8.84
CA ASN A 122 -0.15 -3.85 9.92
C ASN A 122 -0.47 -4.65 11.17
N LYS A 123 -0.49 -3.97 12.31
CA LYS A 123 -0.76 -4.62 13.59
C LYS A 123 0.34 -5.61 13.94
N CYS A 124 1.58 -5.25 13.63
CA CYS A 124 2.72 -6.12 13.87
C CYS A 124 2.96 -6.29 15.37
N ASP A 125 2.30 -5.47 16.17
CA ASP A 125 2.42 -5.55 17.62
C ASP A 125 1.29 -6.38 18.20
N LEU A 126 0.47 -6.96 17.34
CA LEU A 126 -0.58 -7.89 17.76
C LEU A 126 0.02 -9.26 18.08
N ALA A 127 -0.42 -9.85 19.18
CA ALA A 127 0.15 -11.11 19.67
C ALA A 127 -0.40 -12.29 18.89
N ALA A 128 -1.72 -12.31 18.72
CA ALA A 128 -2.39 -13.41 18.02
C ALA A 128 -2.37 -13.19 16.52
N ARG A 129 -1.32 -13.69 15.87
CA ARG A 129 -1.18 -13.56 14.42
C ARG A 129 -1.29 -14.92 13.74
N THR A 130 -1.66 -14.90 12.45
CA THR A 130 -1.67 -16.11 11.65
C THR A 130 -0.77 -15.98 10.43
N VAL A 131 0.01 -14.91 10.39
CA VAL A 131 1.08 -14.76 9.41
C VAL A 131 2.42 -14.52 10.10
N GLU A 132 3.26 -15.56 10.11
CA GLU A 132 4.58 -15.46 10.71
C GLU A 132 5.47 -14.50 9.92
N SER A 133 6.27 -13.71 10.63
CA SER A 133 7.16 -12.75 10.00
C SER A 133 8.09 -13.45 9.00
N ARG A 134 8.61 -14.60 9.39
CA ARG A 134 9.51 -15.36 8.53
C ARG A 134 8.82 -15.75 7.23
N GLN A 135 7.57 -16.19 7.34
CA GLN A 135 6.81 -16.62 6.17
C GLN A 135 6.50 -15.44 5.26
N ALA A 136 6.00 -14.35 5.85
CA ALA A 136 5.58 -13.18 5.08
C ALA A 136 6.78 -12.55 4.36
N GLN A 137 7.90 -12.48 5.06
CA GLN A 137 9.12 -11.90 4.48
C GLN A 137 9.62 -12.76 3.31
N ASP A 138 9.67 -14.07 3.52
CA ASP A 138 10.16 -14.98 2.49
C ASP A 138 9.24 -14.99 1.28
N LEU A 139 7.94 -14.90 1.53
CA LEU A 139 6.96 -14.79 0.44
C LEU A 139 7.16 -13.51 -0.35
N ALA A 140 7.34 -12.41 0.36
CA ALA A 140 7.64 -11.13 -0.27
C ALA A 140 8.96 -11.19 -1.05
N ARG A 141 9.94 -11.87 -0.47
CA ARG A 141 11.26 -11.97 -1.08
C ARG A 141 11.20 -12.73 -2.39
N SER A 142 10.34 -13.75 -2.44
CA SER A 142 10.21 -14.58 -3.63
C SER A 142 9.63 -13.77 -4.79
N TYR A 143 8.92 -12.70 -4.46
CA TYR A 143 8.35 -11.83 -5.48
C TYR A 143 9.22 -10.57 -5.66
N GLY A 144 10.30 -10.50 -4.90
CA GLY A 144 11.22 -9.38 -5.02
C GLY A 144 10.64 -8.10 -4.45
N ILE A 145 9.65 -8.23 -3.59
CA ILE A 145 8.96 -7.06 -3.03
C ILE A 145 9.32 -6.85 -1.58
N PRO A 146 9.71 -5.62 -1.24
CA PRO A 146 10.06 -5.25 0.14
C PRO A 146 8.96 -5.57 1.14
N TYR A 147 9.34 -6.07 2.30
CA TYR A 147 8.38 -6.37 3.36
C TYR A 147 8.61 -5.46 4.57
N ILE A 148 7.58 -4.69 4.92
CA ILE A 148 7.69 -3.72 6.00
C ILE A 148 6.54 -3.88 6.99
N GLU A 149 6.89 -4.01 8.27
CA GLU A 149 5.87 -4.17 9.31
C GLU A 149 5.58 -2.84 9.99
N THR A 150 4.31 -2.63 10.34
CA THR A 150 3.89 -1.39 10.95
C THR A 150 2.81 -1.63 12.01
N SER A 151 2.59 -0.64 12.86
CA SER A 151 1.47 -0.67 13.80
C SER A 151 0.72 0.67 13.78
N ALA A 152 -0.47 0.66 13.20
CA ALA A 152 -1.21 1.90 12.98
C ALA A 152 -1.39 2.67 14.28
N LYS A 153 -1.31 1.97 15.40
CA LYS A 153 -1.57 2.57 16.70
C LYS A 153 -0.32 3.25 17.25
N THR A 154 0.83 2.60 17.09
CA THR A 154 2.00 2.91 17.90
C THR A 154 3.15 3.42 17.03
N ARG A 155 3.29 2.85 15.84
CA ARG A 155 4.43 3.12 14.98
C ARG A 155 4.01 3.25 13.53
N GLN A 156 4.44 4.33 12.88
CA GLN A 156 4.08 4.58 11.50
C GLN A 156 5.08 3.92 10.55
N GLY A 157 4.60 2.96 9.77
CA GLY A 157 5.42 2.37 8.71
C GLY A 157 4.92 2.75 7.33
N VAL A 158 3.83 3.49 7.28
CA VAL A 158 3.23 3.88 6.01
C VAL A 158 4.14 4.83 5.23
N GLU A 159 4.68 5.83 5.91
CA GLU A 159 5.56 6.80 5.29
C GLU A 159 6.82 6.14 4.76
N ASP A 160 7.46 5.32 5.60
CA ASP A 160 8.65 4.59 5.20
C ASP A 160 8.34 3.64 4.05
N ALA A 161 7.18 3.01 4.11
CA ALA A 161 6.74 2.11 3.05
C ALA A 161 6.60 2.85 1.73
N PHE A 162 6.05 4.04 1.77
CA PHE A 162 5.93 4.90 0.59
C PHE A 162 7.32 5.28 0.07
N TYR A 163 8.21 5.64 0.99
CA TYR A 163 9.57 6.04 0.62
C TYR A 163 10.30 4.90 -0.09
N THR A 164 10.14 3.69 0.44
CA THR A 164 10.70 2.50 -0.18
C THR A 164 10.19 2.33 -1.60
N LEU A 165 8.88 2.49 -1.77
CA LEU A 165 8.26 2.45 -3.08
C LEU A 165 8.87 3.50 -4.01
N VAL A 166 9.03 4.71 -3.49
CA VAL A 166 9.60 5.81 -4.26
C VAL A 166 11.04 5.50 -4.69
N ARG A 167 11.81 4.94 -3.77
CA ARG A 167 13.19 4.57 -4.05
C ARG A 167 13.25 3.49 -5.13
N GLU A 168 12.31 2.56 -5.07
CA GLU A 168 12.19 1.54 -6.12
C GLU A 168 11.80 2.16 -7.44
N ILE A 169 10.91 3.15 -7.39
CA ILE A 169 10.52 3.90 -8.58
C ILE A 169 11.70 4.65 -9.17
N ARG A 170 12.49 5.27 -8.30
CA ARG A 170 13.63 6.07 -8.73
C ARG A 170 14.67 5.22 -9.44
N GLN A 171 14.74 3.94 -9.07
CA GLN A 171 15.69 3.02 -9.66
C GLN A 171 15.10 2.33 -10.88
N HIS A 172 13.77 2.34 -10.99
CA HIS A 172 13.08 1.70 -12.09
C HIS A 172 13.50 0.23 -12.21
N MET A 7 7.06 21.21 -9.27
CA MET A 7 7.40 20.47 -8.07
C MET A 7 7.07 18.99 -8.24
N THR A 8 7.97 18.13 -7.74
CA THR A 8 7.80 16.69 -7.87
C THR A 8 6.49 16.23 -7.23
N GLU A 9 5.67 15.53 -8.01
CA GLU A 9 4.41 14.99 -7.49
C GLU A 9 4.40 13.46 -7.61
N TYR A 10 3.84 12.81 -6.60
CA TYR A 10 3.74 11.36 -6.60
C TYR A 10 2.28 10.91 -6.55
N LYS A 11 1.95 9.91 -7.37
CA LYS A 11 0.62 9.33 -7.36
C LYS A 11 0.66 7.90 -6.81
N LEU A 12 0.21 7.73 -5.57
CA LEU A 12 0.32 6.45 -4.88
C LEU A 12 -1.04 5.76 -4.82
N VAL A 13 -1.07 4.49 -5.22
CA VAL A 13 -2.27 3.68 -5.11
C VAL A 13 -2.09 2.57 -4.07
N VAL A 14 -2.98 2.53 -3.09
CA VAL A 14 -2.91 1.54 -2.01
C VAL A 14 -3.94 0.44 -2.21
N VAL A 15 -3.48 -0.81 -2.15
CA VAL A 15 -4.35 -1.95 -2.34
C VAL A 15 -4.17 -2.98 -1.23
N GLY A 16 -5.14 -3.87 -1.08
CA GLY A 16 -5.05 -4.92 -0.08
C GLY A 16 -6.40 -5.47 0.32
N ALA A 17 -6.40 -6.65 0.91
CA ALA A 17 -7.64 -7.34 1.24
C ALA A 17 -8.32 -6.70 2.45
N GLY A 18 -9.62 -6.96 2.60
CA GLY A 18 -10.37 -6.37 3.69
C GLY A 18 -9.91 -6.86 5.05
N GLY A 19 -9.79 -5.95 6.00
CA GLY A 19 -9.34 -6.30 7.33
C GLY A 19 -8.27 -5.37 7.86
N VAL A 20 -7.73 -4.54 6.97
CA VAL A 20 -6.75 -3.53 7.37
C VAL A 20 -7.29 -2.13 7.16
N GLY A 21 -6.55 -1.13 7.62
CA GLY A 21 -7.03 0.24 7.59
C GLY A 21 -6.46 1.03 6.42
N LYS A 22 -6.70 0.54 5.21
CA LYS A 22 -6.25 1.24 4.01
C LYS A 22 -6.69 2.70 4.02
N SER A 23 -7.97 2.93 4.26
CA SER A 23 -8.52 4.28 4.29
C SER A 23 -7.93 5.07 5.46
N ALA A 24 -7.79 4.41 6.60
CA ALA A 24 -7.25 5.05 7.80
C ALA A 24 -5.82 5.54 7.54
N LEU A 25 -5.01 4.70 6.90
CA LEU A 25 -3.60 4.99 6.70
C LEU A 25 -3.43 6.21 5.80
N THR A 26 -4.23 6.29 4.74
CA THR A 26 -4.15 7.39 3.79
C THR A 26 -4.60 8.70 4.43
N ILE A 27 -5.56 8.61 5.34
CA ILE A 27 -6.06 9.77 6.07
C ILE A 27 -5.03 10.26 7.08
N GLN A 28 -4.47 9.32 7.84
CA GLN A 28 -3.65 9.67 8.99
C GLN A 28 -2.41 10.45 8.57
N LEU A 29 -1.83 10.05 7.44
CA LEU A 29 -0.62 10.70 6.94
C LEU A 29 -0.88 12.14 6.56
N ILE A 30 -2.11 12.43 6.13
CA ILE A 30 -2.48 13.76 5.69
C ILE A 30 -2.58 14.72 6.86
N GLN A 31 -2.97 14.21 8.01
CA GLN A 31 -3.25 15.04 9.18
C GLN A 31 -2.21 14.84 10.27
N ASN A 32 -1.32 13.89 10.06
CA ASN A 32 -0.30 13.54 11.05
C ASN A 32 -0.96 13.20 12.39
N HIS A 33 -2.00 12.36 12.34
CA HIS A 33 -2.81 12.08 13.52
C HIS A 33 -3.48 10.72 13.41
N PHE A 34 -3.74 10.10 14.55
CA PHE A 34 -4.32 8.76 14.58
C PHE A 34 -5.84 8.83 14.39
N VAL A 35 -6.32 8.25 13.29
CA VAL A 35 -7.71 8.40 12.90
C VAL A 35 -8.35 7.05 12.60
N ASP A 36 -9.52 6.82 13.18
CA ASP A 36 -10.28 5.60 12.92
C ASP A 36 -11.45 5.89 11.99
N GLU A 37 -11.85 7.14 11.92
CA GLU A 37 -12.95 7.55 11.06
C GLU A 37 -12.88 6.83 9.71
N TYR A 38 -14.02 6.34 9.25
CA TYR A 38 -14.09 5.63 7.98
C TYR A 38 -14.44 6.59 6.84
N ASP A 39 -13.67 6.51 5.75
CA ASP A 39 -13.86 7.40 4.62
C ASP A 39 -15.17 7.09 3.90
N PRO A 40 -15.55 7.96 2.96
CA PRO A 40 -16.78 7.80 2.17
C PRO A 40 -16.84 6.45 1.47
N SER A 41 -18.04 6.01 1.14
CA SER A 41 -18.25 4.72 0.50
C SER A 41 -17.67 4.72 -0.91
N ILE A 42 -17.34 5.91 -1.41
CA ILE A 42 -16.72 6.03 -2.72
C ILE A 42 -15.26 6.43 -2.62
N GLU A 43 -14.51 6.21 -3.69
CA GLU A 43 -13.08 6.49 -3.69
C GLU A 43 -12.80 7.93 -3.27
N ASP A 44 -11.73 8.12 -2.51
CA ASP A 44 -11.42 9.44 -1.95
C ASP A 44 -9.92 9.63 -1.85
N SER A 45 -9.35 10.36 -2.81
CA SER A 45 -7.92 10.63 -2.82
C SER A 45 -7.58 11.77 -1.87
N TYR A 46 -6.37 11.74 -1.32
CA TYR A 46 -5.90 12.79 -0.43
C TYR A 46 -4.54 13.33 -0.89
N ARG A 47 -4.33 14.61 -0.66
CA ARG A 47 -3.08 15.26 -1.05
C ARG A 47 -2.41 15.93 0.15
N LYS A 48 -1.09 15.79 0.23
CA LYS A 48 -0.31 16.45 1.26
C LYS A 48 1.09 16.80 0.76
N GLN A 49 1.50 18.05 0.97
CA GLN A 49 2.83 18.49 0.60
C GLN A 49 3.84 18.20 1.72
N VAL A 50 4.88 17.46 1.39
CA VAL A 50 5.84 17.02 2.38
C VAL A 50 7.28 17.18 1.89
N VAL A 51 8.24 17.10 2.81
CA VAL A 51 9.64 17.03 2.44
C VAL A 51 10.23 15.66 2.76
N ILE A 52 10.66 14.96 1.72
CA ILE A 52 11.22 13.62 1.88
C ILE A 52 12.61 13.53 1.28
N ASP A 53 13.57 13.10 2.09
CA ASP A 53 14.97 13.02 1.64
C ASP A 53 15.49 14.39 1.22
N GLY A 54 15.00 15.43 1.88
CA GLY A 54 15.44 16.78 1.59
C GLY A 54 14.73 17.37 0.38
N GLU A 55 13.94 16.54 -0.30
CA GLU A 55 13.23 16.98 -1.49
C GLU A 55 11.77 17.29 -1.18
N THR A 56 11.33 18.48 -1.58
CA THR A 56 9.95 18.89 -1.38
C THR A 56 9.06 18.38 -2.51
N CYS A 57 7.97 17.71 -2.15
CA CYS A 57 7.12 17.05 -3.13
C CYS A 57 5.67 17.03 -2.66
N LEU A 58 4.76 16.75 -3.58
CA LEU A 58 3.35 16.61 -3.24
C LEU A 58 2.89 15.16 -3.38
N LEU A 59 2.36 14.59 -2.30
CA LEU A 59 1.90 13.21 -2.31
C LEU A 59 0.39 13.15 -2.52
N ASP A 60 -0.01 12.51 -3.62
CA ASP A 60 -1.42 12.23 -3.87
C ASP A 60 -1.71 10.74 -3.69
N ILE A 61 -2.39 10.42 -2.59
CA ILE A 61 -2.53 9.02 -2.18
C ILE A 61 -3.99 8.58 -2.24
N LEU A 62 -4.24 7.48 -2.96
CA LEU A 62 -5.59 6.95 -3.08
C LEU A 62 -5.65 5.50 -2.63
N ASP A 63 -6.52 5.21 -1.66
CA ASP A 63 -6.78 3.84 -1.24
C ASP A 63 -7.90 3.23 -2.08
N THR A 64 -7.67 2.01 -2.55
CA THR A 64 -8.67 1.29 -3.33
C THR A 64 -9.14 0.04 -2.59
N ALA A 65 -10.46 -0.18 -2.60
CA ALA A 65 -11.04 -1.31 -1.89
C ALA A 65 -12.22 -1.89 -2.65
N GLY A 66 -12.32 -3.21 -2.66
CA GLY A 66 -13.44 -3.87 -3.34
C GLY A 66 -13.04 -4.43 -4.69
N GLN A 67 -12.84 -5.74 -4.75
CA GLN A 67 -12.69 -6.44 -6.02
C GLN A 67 -14.05 -6.81 -6.59
N GLU A 68 -15.11 -6.23 -6.02
CA GLU A 68 -16.47 -6.55 -6.44
C GLU A 68 -16.87 -5.73 -7.67
N GLU A 69 -16.65 -4.41 -7.58
CA GLU A 69 -16.99 -3.53 -8.69
C GLU A 69 -15.77 -3.22 -9.54
N TYR A 70 -14.61 -3.71 -9.10
CA TYR A 70 -13.35 -3.49 -9.82
C TYR A 70 -13.55 -3.75 -11.31
N SER A 71 -13.40 -2.70 -12.11
CA SER A 71 -13.54 -2.80 -13.56
C SER A 71 -12.56 -1.88 -14.28
N ALA A 72 -12.73 -1.76 -15.58
CA ALA A 72 -11.94 -0.82 -16.37
C ALA A 72 -12.06 0.60 -15.81
N MET A 73 -13.17 0.86 -15.11
CA MET A 73 -13.38 2.16 -14.50
C MET A 73 -12.28 2.46 -13.47
N ARG A 74 -11.80 1.41 -12.81
CA ARG A 74 -10.72 1.56 -11.84
C ARG A 74 -9.35 1.40 -12.50
N ASP A 75 -9.31 0.60 -13.57
CA ASP A 75 -8.08 0.39 -14.32
C ASP A 75 -7.50 1.71 -14.79
N GLN A 76 -8.37 2.70 -14.99
CA GLN A 76 -7.93 4.04 -15.37
C GLN A 76 -6.94 4.61 -14.35
N TYR A 77 -7.15 4.27 -13.09
CA TYR A 77 -6.25 4.69 -12.03
C TYR A 77 -4.93 3.93 -12.10
N MET A 78 -5.01 2.64 -12.41
CA MET A 78 -3.83 1.80 -12.53
C MET A 78 -2.97 2.26 -13.72
N ARG A 79 -3.61 2.90 -14.69
CA ARG A 79 -2.90 3.44 -15.84
C ARG A 79 -1.75 4.34 -15.39
N THR A 80 -1.89 4.93 -14.22
CA THR A 80 -0.87 5.83 -13.68
C THR A 80 0.49 5.14 -13.63
N GLY A 81 0.54 3.98 -12.98
CA GLY A 81 1.65 3.08 -13.17
C GLY A 81 2.83 3.41 -12.28
N GLU A 82 2.79 4.61 -11.69
CA GLU A 82 3.89 5.07 -10.83
C GLU A 82 4.34 3.97 -9.87
N GLY A 83 3.49 3.66 -8.91
CA GLY A 83 3.78 2.57 -7.99
C GLY A 83 2.57 2.17 -7.16
N PHE A 84 2.63 0.99 -6.56
CA PHE A 84 1.50 0.46 -5.79
C PHE A 84 1.97 -0.02 -4.42
N LEU A 85 1.23 0.37 -3.38
CA LEU A 85 1.52 -0.07 -2.03
C LEU A 85 0.53 -1.14 -1.57
N CYS A 86 1.03 -2.32 -1.25
CA CYS A 86 0.18 -3.46 -0.89
C CYS A 86 0.21 -3.70 0.61
N VAL A 87 -0.94 -3.56 1.25
CA VAL A 87 -1.03 -3.65 2.70
C VAL A 87 -1.83 -4.88 3.13
N PHE A 88 -1.26 -5.66 4.03
CA PHE A 88 -1.95 -6.82 4.58
C PHE A 88 -1.77 -6.89 6.11
N ALA A 89 -2.59 -7.72 6.75
CA ALA A 89 -2.47 -7.94 8.19
C ALA A 89 -1.64 -9.19 8.48
N ILE A 90 -0.80 -9.10 9.51
CA ILE A 90 0.05 -10.21 9.90
C ILE A 90 -0.76 -11.34 10.53
N ASN A 91 -2.06 -11.09 10.70
CA ASN A 91 -2.97 -12.12 11.18
C ASN A 91 -3.79 -12.70 10.05
N ASN A 92 -3.98 -11.91 8.99
CA ASN A 92 -4.85 -12.29 7.89
C ASN A 92 -4.06 -13.06 6.82
N THR A 93 -4.18 -14.38 6.83
CA THR A 93 -3.52 -15.22 5.84
C THR A 93 -4.07 -14.95 4.44
N LYS A 94 -5.39 -14.84 4.35
CA LYS A 94 -6.05 -14.74 3.06
C LYS A 94 -5.58 -13.51 2.29
N SER A 95 -5.17 -12.48 3.03
CA SER A 95 -4.71 -11.23 2.42
C SER A 95 -3.50 -11.49 1.54
N PHE A 96 -2.69 -12.47 1.92
CA PHE A 96 -1.46 -12.78 1.19
C PHE A 96 -1.76 -13.16 -0.26
N GLU A 97 -2.76 -14.01 -0.45
CA GLU A 97 -3.12 -14.48 -1.79
C GLU A 97 -3.84 -13.38 -2.56
N ASP A 98 -4.69 -12.63 -1.87
CA ASP A 98 -5.52 -11.63 -2.51
C ASP A 98 -4.67 -10.52 -3.13
N ILE A 99 -3.61 -10.13 -2.42
CA ILE A 99 -2.70 -9.12 -2.90
C ILE A 99 -1.95 -9.60 -4.15
N HIS A 100 -1.55 -10.86 -4.14
CA HIS A 100 -0.89 -11.47 -5.29
C HIS A 100 -1.79 -11.42 -6.52
N GLN A 101 -3.07 -11.70 -6.32
CA GLN A 101 -4.04 -11.60 -7.40
C GLN A 101 -4.15 -10.17 -7.92
N TYR A 102 -4.20 -9.22 -6.99
CA TYR A 102 -4.20 -7.80 -7.35
C TYR A 102 -2.95 -7.45 -8.15
N ARG A 103 -1.81 -8.01 -7.75
CA ARG A 103 -0.55 -7.78 -8.43
C ARG A 103 -0.65 -8.21 -9.90
N GLU A 104 -1.22 -9.39 -10.12
CA GLU A 104 -1.35 -9.93 -11.47
C GLU A 104 -2.27 -9.05 -12.32
N GLN A 105 -3.32 -8.53 -11.70
CA GLN A 105 -4.26 -7.65 -12.39
C GLN A 105 -3.60 -6.35 -12.81
N ILE A 106 -2.76 -5.81 -11.93
CA ILE A 106 -2.07 -4.56 -12.20
C ILE A 106 -1.17 -4.69 -13.42
N LYS A 107 -0.42 -5.78 -13.48
CA LYS A 107 0.52 -6.00 -14.58
C LYS A 107 -0.22 -6.13 -15.91
N ARG A 108 -1.35 -6.83 -15.89
CA ARG A 108 -2.14 -7.02 -17.10
C ARG A 108 -2.73 -5.70 -17.59
N VAL A 109 -3.18 -4.88 -16.65
CA VAL A 109 -3.71 -3.56 -16.97
C VAL A 109 -2.64 -2.66 -17.57
N LYS A 110 -1.41 -2.85 -17.12
CA LYS A 110 -0.29 -2.01 -17.58
C LYS A 110 0.27 -2.53 -18.91
N ASP A 111 -0.28 -3.65 -19.38
CA ASP A 111 0.12 -4.21 -20.66
C ASP A 111 1.63 -4.15 -20.83
N SER A 112 2.36 -4.49 -19.77
CA SER A 112 3.81 -4.34 -19.75
C SER A 112 4.42 -5.11 -18.58
N ASP A 113 5.74 -5.10 -18.50
CA ASP A 113 6.45 -5.72 -17.39
C ASP A 113 5.92 -5.20 -16.05
N ASP A 114 6.37 -5.81 -14.96
CA ASP A 114 5.82 -5.55 -13.65
C ASP A 114 6.19 -4.15 -13.17
N VAL A 115 5.63 -3.75 -12.03
CA VAL A 115 5.71 -2.37 -11.58
C VAL A 115 6.20 -2.28 -10.14
N PRO A 116 6.71 -1.11 -9.75
CA PRO A 116 7.17 -0.86 -8.39
C PRO A 116 6.12 -1.21 -7.34
N MET A 117 6.50 -2.04 -6.38
CA MET A 117 5.56 -2.58 -5.41
C MET A 117 6.24 -2.81 -4.06
N VAL A 118 5.51 -2.53 -2.98
CA VAL A 118 6.01 -2.78 -1.63
C VAL A 118 4.99 -3.55 -0.80
N LEU A 119 5.47 -4.54 -0.06
CA LEU A 119 4.60 -5.32 0.83
C LEU A 119 4.81 -4.91 2.29
N VAL A 120 3.72 -4.56 2.95
CA VAL A 120 3.78 -4.19 4.36
C VAL A 120 2.81 -5.02 5.20
N GLY A 121 3.23 -5.38 6.41
CA GLY A 121 2.36 -6.12 7.29
C GLY A 121 1.96 -5.32 8.52
N ASN A 122 0.65 -5.22 8.76
CA ASN A 122 0.14 -4.39 9.85
C ASN A 122 -0.17 -5.24 11.07
N LYS A 123 -0.36 -4.57 12.21
CA LYS A 123 -0.77 -5.26 13.43
C LYS A 123 0.38 -6.07 14.00
N CYS A 124 1.60 -5.56 13.86
CA CYS A 124 2.77 -6.15 14.50
C CYS A 124 2.78 -5.86 15.99
N ASP A 125 2.19 -4.73 16.38
CA ASP A 125 2.08 -4.37 17.79
C ASP A 125 0.62 -4.18 18.18
N LEU A 126 -0.24 -4.02 17.19
CA LEU A 126 -1.67 -3.77 17.44
C LEU A 126 -2.28 -4.91 18.23
N ALA A 127 -2.14 -6.13 17.72
CA ALA A 127 -2.86 -7.28 18.27
C ALA A 127 -2.11 -8.58 17.99
N ALA A 128 -2.37 -9.59 18.80
CA ALA A 128 -1.85 -10.94 18.54
C ALA A 128 -2.33 -11.45 17.19
N ARG A 129 -1.51 -12.29 16.56
CA ARG A 129 -1.76 -12.72 15.19
C ARG A 129 -1.58 -14.22 15.05
N THR A 130 -1.73 -14.73 13.83
CA THR A 130 -1.62 -16.16 13.57
C THR A 130 -0.73 -16.43 12.36
N VAL A 131 0.24 -15.56 12.14
CA VAL A 131 1.26 -15.80 11.12
C VAL A 131 2.65 -15.52 11.67
N GLU A 132 3.56 -16.48 11.44
CA GLU A 132 4.96 -16.29 11.81
C GLU A 132 5.65 -15.32 10.84
N SER A 133 6.42 -14.39 11.40
CA SER A 133 7.09 -13.37 10.59
C SER A 133 8.00 -14.02 9.57
N ARG A 134 8.59 -15.16 9.93
CA ARG A 134 9.49 -15.87 9.03
C ARG A 134 8.75 -16.35 7.78
N GLN A 135 7.49 -16.72 7.95
CA GLN A 135 6.67 -17.15 6.83
C GLN A 135 6.28 -15.96 5.96
N ALA A 136 5.84 -14.88 6.60
CA ALA A 136 5.35 -13.72 5.88
C ALA A 136 6.45 -13.08 5.05
N GLN A 137 7.65 -12.97 5.65
CA GLN A 137 8.78 -12.35 4.97
C GLN A 137 9.28 -13.23 3.84
N ASP A 138 9.20 -14.55 4.03
CA ASP A 138 9.63 -15.50 3.01
C ASP A 138 8.72 -15.41 1.78
N LEU A 139 7.43 -15.25 2.02
CA LEU A 139 6.46 -15.11 0.93
C LEU A 139 6.76 -13.85 0.11
N ALA A 140 7.02 -12.75 0.79
CA ALA A 140 7.37 -11.51 0.12
C ALA A 140 8.68 -11.66 -0.66
N ARG A 141 9.63 -12.39 -0.09
CA ARG A 141 10.91 -12.62 -0.74
C ARG A 141 10.74 -13.48 -1.98
N SER A 142 9.79 -14.42 -1.93
CA SER A 142 9.52 -15.29 -3.06
C SER A 142 8.98 -14.50 -4.25
N TYR A 143 8.32 -13.39 -3.95
CA TYR A 143 7.74 -12.55 -5.00
C TYR A 143 8.67 -11.38 -5.34
N GLY A 144 9.81 -11.32 -4.65
CA GLY A 144 10.81 -10.33 -4.96
C GLY A 144 10.40 -8.93 -4.51
N ILE A 145 9.53 -8.86 -3.51
CA ILE A 145 9.00 -7.59 -3.05
C ILE A 145 9.48 -7.28 -1.64
N PRO A 146 9.93 -6.02 -1.44
CA PRO A 146 10.38 -5.55 -0.13
C PRO A 146 9.36 -5.83 0.97
N TYR A 147 9.86 -6.30 2.12
CA TYR A 147 8.98 -6.69 3.21
C TYR A 147 9.20 -5.78 4.43
N ILE A 148 8.15 -5.07 4.83
CA ILE A 148 8.21 -4.18 5.97
C ILE A 148 7.13 -4.48 6.98
N GLU A 149 7.54 -4.61 8.25
CA GLU A 149 6.59 -4.80 9.33
C GLU A 149 6.28 -3.48 10.03
N THR A 150 5.01 -3.25 10.31
CA THR A 150 4.58 -2.01 10.97
C THR A 150 3.35 -2.26 11.84
N SER A 151 2.96 -1.23 12.59
CA SER A 151 1.71 -1.29 13.37
C SER A 151 1.05 0.08 13.43
N ALA A 152 -0.09 0.21 12.76
CA ALA A 152 -0.74 1.50 12.58
C ALA A 152 -1.06 2.14 13.93
N LYS A 153 -1.20 1.30 14.95
CA LYS A 153 -1.59 1.77 16.28
C LYS A 153 -0.50 2.64 16.89
N THR A 154 0.75 2.24 16.69
CA THR A 154 1.87 2.82 17.43
C THR A 154 2.81 3.58 16.51
N ARG A 155 2.75 3.26 15.22
CA ARG A 155 3.73 3.79 14.26
C ARG A 155 3.10 3.93 12.88
N GLN A 156 3.43 5.02 12.19
CA GLN A 156 3.06 5.18 10.79
C GLN A 156 4.10 4.53 9.87
N GLY A 157 3.68 3.52 9.12
CA GLY A 157 4.59 2.82 8.23
C GLY A 157 4.42 3.22 6.79
N VAL A 158 3.48 4.12 6.53
CA VAL A 158 3.14 4.51 5.16
C VAL A 158 4.30 5.23 4.50
N GLU A 159 4.89 6.18 5.21
CA GLU A 159 5.98 6.99 4.66
C GLU A 159 7.20 6.13 4.37
N ASP A 160 7.56 5.29 5.33
CA ASP A 160 8.70 4.39 5.18
C ASP A 160 8.48 3.43 4.00
N ALA A 161 7.28 2.89 3.90
CA ALA A 161 6.92 2.02 2.79
C ALA A 161 6.94 2.79 1.47
N PHE A 162 6.43 4.02 1.50
CA PHE A 162 6.42 4.86 0.32
C PHE A 162 7.84 5.15 -0.16
N TYR A 163 8.73 5.44 0.79
CA TYR A 163 10.12 5.77 0.47
C TYR A 163 10.79 4.60 -0.25
N THR A 164 10.56 3.39 0.26
CA THR A 164 11.04 2.19 -0.41
C THR A 164 10.47 2.07 -1.82
N LEU A 165 9.19 2.35 -1.97
CA LEU A 165 8.54 2.36 -3.27
C LEU A 165 9.23 3.34 -4.21
N VAL A 166 9.55 4.52 -3.69
CA VAL A 166 10.23 5.54 -4.48
C VAL A 166 11.59 5.05 -4.95
N ARG A 167 12.29 4.35 -4.07
CA ARG A 167 13.58 3.76 -4.40
C ARG A 167 13.45 2.79 -5.57
N GLU A 168 12.41 1.97 -5.53
CA GLU A 168 12.14 1.01 -6.60
C GLU A 168 11.77 1.73 -7.89
N ILE A 169 11.03 2.82 -7.77
CA ILE A 169 10.70 3.65 -8.91
C ILE A 169 11.94 4.28 -9.53
N ARG A 170 12.82 4.78 -8.67
CA ARG A 170 14.02 5.48 -9.13
C ARG A 170 15.00 4.49 -9.77
N GLN A 171 14.99 3.26 -9.28
CA GLN A 171 15.91 2.23 -9.78
C GLN A 171 15.23 1.36 -10.83
N HIS A 172 13.93 1.57 -11.01
CA HIS A 172 13.18 0.86 -12.05
C HIS A 172 13.34 -0.65 -11.90
N MET A 7 6.87 21.13 -9.99
CA MET A 7 7.32 20.35 -8.84
C MET A 7 7.00 18.87 -9.03
N THR A 8 7.93 18.02 -8.62
CA THR A 8 7.78 16.58 -8.81
C THR A 8 6.59 16.04 -8.02
N GLU A 9 5.74 15.27 -8.69
CA GLU A 9 4.58 14.67 -8.03
C GLU A 9 4.68 13.15 -8.05
N TYR A 10 4.38 12.53 -6.91
CA TYR A 10 4.40 11.07 -6.80
C TYR A 10 2.99 10.53 -6.56
N LYS A 11 2.57 9.61 -7.41
CA LYS A 11 1.20 9.10 -7.38
C LYS A 11 1.15 7.67 -6.84
N LEU A 12 0.63 7.51 -5.63
CA LEU A 12 0.58 6.21 -4.99
C LEU A 12 -0.81 5.59 -5.10
N VAL A 13 -0.85 4.31 -5.47
CA VAL A 13 -2.09 3.55 -5.42
C VAL A 13 -1.99 2.42 -4.40
N VAL A 14 -2.91 2.41 -3.44
CA VAL A 14 -2.86 1.46 -2.33
C VAL A 14 -3.88 0.35 -2.51
N VAL A 15 -3.42 -0.88 -2.45
CA VAL A 15 -4.30 -2.04 -2.63
C VAL A 15 -4.10 -3.06 -1.52
N GLY A 16 -5.06 -3.95 -1.36
CA GLY A 16 -4.97 -4.98 -0.34
C GLY A 16 -6.30 -5.63 -0.04
N ALA A 17 -6.28 -6.64 0.83
CA ALA A 17 -7.51 -7.32 1.24
C ALA A 17 -8.28 -6.49 2.25
N GLY A 18 -9.59 -6.73 2.32
CA GLY A 18 -10.41 -6.03 3.29
C GLY A 18 -10.16 -6.51 4.71
N GLY A 19 -10.23 -5.58 5.67
CA GLY A 19 -9.99 -5.93 7.05
C GLY A 19 -8.90 -5.08 7.68
N VAL A 20 -8.06 -4.49 6.85
CA VAL A 20 -7.04 -3.56 7.33
C VAL A 20 -7.42 -2.11 7.01
N GLY A 21 -6.64 -1.18 7.54
CA GLY A 21 -7.01 0.22 7.46
C GLY A 21 -6.36 0.93 6.30
N LYS A 22 -6.62 0.43 5.09
CA LYS A 22 -6.07 1.03 3.88
C LYS A 22 -6.43 2.51 3.79
N SER A 23 -7.71 2.82 3.99
CA SER A 23 -8.18 4.20 3.90
C SER A 23 -7.64 5.02 5.07
N ALA A 24 -7.64 4.43 6.26
CA ALA A 24 -7.23 5.14 7.47
C ALA A 24 -5.77 5.54 7.40
N LEU A 25 -4.92 4.63 6.93
CA LEU A 25 -3.48 4.82 6.96
C LEU A 25 -3.06 5.94 6.02
N THR A 26 -3.67 5.97 4.84
CA THR A 26 -3.36 6.99 3.84
C THR A 26 -3.73 8.38 4.34
N ILE A 27 -4.81 8.46 5.13
CA ILE A 27 -5.25 9.72 5.69
C ILE A 27 -4.27 10.24 6.72
N GLN A 28 -3.70 9.32 7.51
CA GLN A 28 -2.90 9.70 8.66
C GLN A 28 -1.67 10.49 8.22
N LEU A 29 -1.07 10.09 7.11
CA LEU A 29 0.11 10.77 6.58
C LEU A 29 -0.26 12.17 6.10
N ILE A 30 -1.45 12.31 5.53
CA ILE A 30 -1.87 13.59 4.96
C ILE A 30 -2.06 14.64 6.05
N GLN A 31 -2.43 14.18 7.25
CA GLN A 31 -2.76 15.09 8.34
C GLN A 31 -1.78 14.91 9.50
N ASN A 32 -0.80 14.03 9.33
CA ASN A 32 0.18 13.77 10.36
C ASN A 32 -0.49 13.50 11.70
N HIS A 33 -1.46 12.60 11.71
CA HIS A 33 -2.29 12.36 12.88
C HIS A 33 -2.88 10.95 12.85
N PHE A 34 -3.15 10.40 14.03
CA PHE A 34 -3.70 9.06 14.15
C PHE A 34 -5.20 9.06 13.89
N VAL A 35 -5.61 8.36 12.83
CA VAL A 35 -6.99 8.43 12.36
C VAL A 35 -7.55 7.03 12.09
N ASP A 36 -8.68 6.72 12.72
CA ASP A 36 -9.40 5.49 12.43
C ASP A 36 -10.63 5.77 11.56
N GLU A 37 -11.07 7.02 11.58
CA GLU A 37 -12.24 7.42 10.79
C GLU A 37 -12.22 6.76 9.42
N TYR A 38 -13.36 6.21 9.02
CA TYR A 38 -13.48 5.55 7.72
C TYR A 38 -13.90 6.54 6.63
N ASP A 39 -13.20 6.49 5.50
CA ASP A 39 -13.49 7.39 4.39
C ASP A 39 -14.83 7.05 3.75
N PRO A 40 -15.29 7.91 2.83
CA PRO A 40 -16.57 7.73 2.13
C PRO A 40 -16.65 6.37 1.43
N SER A 41 -17.87 5.95 1.13
CA SER A 41 -18.09 4.62 0.55
C SER A 41 -17.45 4.52 -0.84
N ILE A 42 -17.10 5.67 -1.40
CA ILE A 42 -16.39 5.69 -2.67
C ILE A 42 -14.94 6.15 -2.49
N GLU A 43 -14.10 5.82 -3.46
CA GLU A 43 -12.67 6.12 -3.37
C GLU A 43 -12.44 7.61 -3.12
N ASP A 44 -11.44 7.92 -2.30
CA ASP A 44 -11.17 9.30 -1.92
C ASP A 44 -9.68 9.57 -1.88
N SER A 45 -9.16 10.20 -2.92
CA SER A 45 -7.73 10.49 -3.02
C SER A 45 -7.36 11.71 -2.17
N TYR A 46 -6.12 11.73 -1.69
CA TYR A 46 -5.64 12.85 -0.90
C TYR A 46 -4.30 13.35 -1.42
N ARG A 47 -4.04 14.65 -1.25
CA ARG A 47 -2.78 15.24 -1.67
C ARG A 47 -2.11 15.96 -0.50
N LYS A 48 -0.80 15.79 -0.39
CA LYS A 48 -0.02 16.50 0.63
C LYS A 48 1.39 16.81 0.12
N GLN A 49 1.81 18.05 0.28
CA GLN A 49 3.17 18.44 -0.07
C GLN A 49 4.16 17.98 0.99
N VAL A 50 5.15 17.19 0.57
CA VAL A 50 6.06 16.55 1.51
C VAL A 50 7.50 16.63 1.02
N VAL A 51 8.45 16.39 1.92
CA VAL A 51 9.85 16.27 1.54
C VAL A 51 10.32 14.83 1.65
N ILE A 52 10.69 14.25 0.52
CA ILE A 52 11.17 12.87 0.49
C ILE A 52 12.60 12.79 -0.05
N ASP A 53 13.49 12.25 0.77
CA ASP A 53 14.90 12.16 0.40
C ASP A 53 15.49 13.55 0.15
N GLY A 54 15.03 14.53 0.93
CA GLY A 54 15.57 15.87 0.83
C GLY A 54 14.95 16.66 -0.31
N GLU A 55 14.14 15.99 -1.13
CA GLU A 55 13.51 16.63 -2.27
C GLU A 55 12.05 16.96 -1.96
N THR A 56 11.66 18.20 -2.27
CA THR A 56 10.30 18.64 -2.04
C THR A 56 9.39 18.25 -3.21
N CYS A 57 8.27 17.60 -2.89
CA CYS A 57 7.41 17.05 -3.92
C CYS A 57 5.95 17.02 -3.45
N LEU A 58 5.04 16.72 -4.37
CA LEU A 58 3.63 16.57 -4.02
C LEU A 58 3.24 15.10 -4.01
N LEU A 59 2.74 14.63 -2.86
CA LEU A 59 2.39 13.23 -2.69
C LEU A 59 0.89 13.01 -2.83
N ASP A 60 0.49 12.34 -3.89
CA ASP A 60 -0.93 12.07 -4.15
C ASP A 60 -1.26 10.60 -3.92
N ILE A 61 -2.05 10.34 -2.89
CA ILE A 61 -2.29 8.97 -2.45
C ILE A 61 -3.75 8.57 -2.69
N LEU A 62 -3.94 7.47 -3.41
CA LEU A 62 -5.29 6.94 -3.64
C LEU A 62 -5.37 5.48 -3.20
N ASP A 63 -6.21 5.21 -2.21
CA ASP A 63 -6.43 3.84 -1.75
C ASP A 63 -7.68 3.25 -2.37
N THR A 64 -7.64 1.95 -2.64
CA THR A 64 -8.79 1.25 -3.20
C THR A 64 -9.34 0.22 -2.22
N ALA A 65 -10.66 0.16 -2.12
CA ALA A 65 -11.32 -0.79 -1.22
C ALA A 65 -12.59 -1.35 -1.84
N GLY A 66 -12.92 -2.59 -1.49
CA GLY A 66 -14.06 -3.25 -2.08
C GLY A 66 -13.79 -3.75 -3.49
N GLN A 67 -13.46 -5.04 -3.60
CA GLN A 67 -13.26 -5.66 -4.91
C GLN A 67 -14.56 -6.24 -5.44
N GLU A 68 -15.68 -5.62 -5.05
CA GLU A 68 -17.00 -6.08 -5.50
C GLU A 68 -17.37 -5.43 -6.83
N GLU A 69 -17.20 -4.11 -6.91
CA GLU A 69 -17.48 -3.38 -8.13
C GLU A 69 -16.21 -3.15 -8.95
N TYR A 70 -15.08 -3.59 -8.39
CA TYR A 70 -13.79 -3.42 -9.07
C TYR A 70 -13.86 -3.90 -10.51
N SER A 71 -13.81 -2.96 -11.44
CA SER A 71 -13.79 -3.29 -12.86
C SER A 71 -12.75 -2.45 -13.60
N ALA A 72 -12.81 -2.46 -14.93
CA ALA A 72 -11.97 -1.61 -15.74
C ALA A 72 -12.14 -0.14 -15.36
N MET A 73 -13.28 0.18 -14.77
CA MET A 73 -13.55 1.53 -14.30
C MET A 73 -12.52 1.95 -13.26
N ARG A 74 -12.02 0.99 -12.50
CA ARG A 74 -11.02 1.24 -11.47
C ARG A 74 -9.61 1.06 -12.03
N ASP A 75 -9.49 0.21 -13.04
CA ASP A 75 -8.21 -0.01 -13.69
C ASP A 75 -7.64 1.29 -14.24
N GLN A 76 -8.52 2.25 -14.52
CA GLN A 76 -8.11 3.57 -14.96
C GLN A 76 -7.15 4.20 -13.95
N TYR A 77 -7.37 3.91 -12.68
CA TYR A 77 -6.47 4.38 -11.62
C TYR A 77 -5.13 3.66 -11.70
N MET A 78 -5.18 2.37 -11.99
CA MET A 78 -3.96 1.57 -12.13
C MET A 78 -3.14 2.03 -13.33
N ARG A 79 -3.82 2.64 -14.29
CA ARG A 79 -3.14 3.20 -15.46
C ARG A 79 -2.05 4.17 -15.04
N THR A 80 -2.23 4.79 -13.87
CA THR A 80 -1.25 5.73 -13.34
C THR A 80 0.15 5.13 -13.34
N GLY A 81 0.28 3.95 -12.75
CA GLY A 81 1.42 3.09 -13.04
C GLY A 81 2.64 3.48 -12.24
N GLU A 82 2.59 4.63 -11.59
CA GLU A 82 3.74 5.17 -10.87
C GLU A 82 4.26 4.15 -9.86
N GLY A 83 3.51 3.96 -8.78
CA GLY A 83 3.87 2.97 -7.78
C GLY A 83 2.67 2.47 -7.00
N PHE A 84 2.78 1.26 -6.46
CA PHE A 84 1.65 0.61 -5.80
C PHE A 84 2.04 0.11 -4.41
N LEU A 85 1.21 0.39 -3.43
CA LEU A 85 1.42 -0.10 -2.07
C LEU A 85 0.57 -1.33 -1.79
N CYS A 86 1.21 -2.37 -1.27
CA CYS A 86 0.49 -3.60 -0.92
C CYS A 86 0.40 -3.75 0.59
N VAL A 87 -0.82 -3.65 1.11
CA VAL A 87 -1.04 -3.65 2.56
C VAL A 87 -1.79 -4.91 3.00
N PHE A 88 -1.21 -5.62 3.96
CA PHE A 88 -1.83 -6.84 4.49
C PHE A 88 -1.80 -6.83 6.01
N ALA A 89 -2.56 -7.75 6.61
CA ALA A 89 -2.49 -7.97 8.05
C ALA A 89 -1.57 -9.13 8.39
N ILE A 90 -0.74 -8.96 9.41
CA ILE A 90 0.15 -10.01 9.86
C ILE A 90 -0.63 -11.17 10.46
N ASN A 91 -1.93 -10.98 10.64
CA ASN A 91 -2.82 -12.05 11.06
C ASN A 91 -3.47 -12.73 9.87
N ASN A 92 -3.54 -12.01 8.74
CA ASN A 92 -4.31 -12.46 7.59
C ASN A 92 -3.41 -13.10 6.55
N THR A 93 -3.39 -14.43 6.51
CA THR A 93 -2.70 -15.15 5.45
C THR A 93 -3.30 -14.85 4.09
N LYS A 94 -4.63 -14.80 4.03
CA LYS A 94 -5.32 -14.66 2.76
C LYS A 94 -4.99 -13.34 2.08
N SER A 95 -4.64 -12.34 2.90
CA SER A 95 -4.31 -11.02 2.38
C SER A 95 -3.22 -11.10 1.32
N PHE A 96 -2.29 -12.03 1.51
CA PHE A 96 -1.17 -12.19 0.59
C PHE A 96 -1.65 -12.63 -0.78
N GLU A 97 -2.66 -13.51 -0.80
CA GLU A 97 -3.19 -14.05 -2.05
C GLU A 97 -3.90 -12.95 -2.85
N ASP A 98 -4.66 -12.13 -2.14
CA ASP A 98 -5.40 -11.04 -2.79
C ASP A 98 -4.44 -9.99 -3.34
N ILE A 99 -3.36 -9.74 -2.62
CA ILE A 99 -2.32 -8.83 -3.09
C ILE A 99 -1.66 -9.36 -4.35
N HIS A 100 -1.41 -10.67 -4.38
CA HIS A 100 -0.85 -11.32 -5.55
C HIS A 100 -1.77 -11.16 -6.75
N GLN A 101 -3.08 -11.29 -6.52
CA GLN A 101 -4.06 -11.07 -7.58
C GLN A 101 -3.99 -9.64 -8.12
N TYR A 102 -3.90 -8.68 -7.21
CA TYR A 102 -3.71 -7.29 -7.59
C TYR A 102 -2.44 -7.11 -8.42
N ARG A 103 -1.38 -7.80 -8.02
CA ARG A 103 -0.11 -7.73 -8.72
C ARG A 103 -0.28 -8.16 -10.17
N GLU A 104 -0.97 -9.28 -10.38
CA GLU A 104 -1.17 -9.81 -11.73
C GLU A 104 -2.10 -8.91 -12.54
N GLN A 105 -3.14 -8.40 -11.89
CA GLN A 105 -4.10 -7.54 -12.56
C GLN A 105 -3.46 -6.23 -12.98
N ILE A 106 -2.66 -5.66 -12.10
CA ILE A 106 -1.92 -4.44 -12.42
C ILE A 106 -0.95 -4.67 -13.58
N LYS A 107 -0.30 -5.84 -13.57
CA LYS A 107 0.63 -6.20 -14.64
C LYS A 107 -0.08 -6.23 -15.98
N ARG A 108 -1.29 -6.79 -16.00
CA ARG A 108 -2.07 -6.89 -17.23
C ARG A 108 -2.52 -5.50 -17.68
N VAL A 109 -2.90 -4.66 -16.74
CA VAL A 109 -3.29 -3.28 -17.05
C VAL A 109 -2.12 -2.50 -17.62
N LYS A 110 -0.92 -2.81 -17.15
CA LYS A 110 0.28 -2.10 -17.59
C LYS A 110 0.73 -2.60 -18.96
N ASP A 111 0.18 -3.72 -19.39
CA ASP A 111 0.59 -4.36 -20.63
C ASP A 111 2.11 -4.49 -20.69
N SER A 112 2.70 -4.96 -19.58
CA SER A 112 4.15 -5.04 -19.48
C SER A 112 4.55 -5.84 -18.24
N ASP A 113 5.85 -5.88 -17.96
CA ASP A 113 6.34 -6.38 -16.69
C ASP A 113 5.69 -5.66 -15.53
N ASP A 114 5.68 -6.30 -14.36
CA ASP A 114 4.94 -5.79 -13.21
C ASP A 114 5.59 -4.52 -12.66
N VAL A 115 5.15 -4.11 -11.47
CA VAL A 115 5.30 -2.72 -11.05
C VAL A 115 6.09 -2.64 -9.74
N PRO A 116 6.65 -1.46 -9.46
CA PRO A 116 7.30 -1.17 -8.17
C PRO A 116 6.33 -1.28 -6.99
N MET A 117 6.71 -2.05 -5.99
CA MET A 117 5.79 -2.44 -4.92
C MET A 117 6.49 -2.43 -3.57
N VAL A 118 5.73 -2.20 -2.51
CA VAL A 118 6.20 -2.45 -1.15
C VAL A 118 5.15 -3.20 -0.35
N LEU A 119 5.60 -4.22 0.39
CA LEU A 119 4.71 -5.02 1.22
C LEU A 119 4.81 -4.60 2.68
N VAL A 120 3.68 -4.23 3.27
CA VAL A 120 3.65 -3.80 4.66
C VAL A 120 2.61 -4.58 5.46
N GLY A 121 3.02 -5.08 6.63
CA GLY A 121 2.14 -5.89 7.43
C GLY A 121 1.73 -5.20 8.72
N ASN A 122 0.42 -5.10 8.95
CA ASN A 122 -0.09 -4.36 10.09
C ASN A 122 -0.48 -5.31 11.22
N LYS A 123 -0.77 -4.75 12.39
CA LYS A 123 -1.34 -5.52 13.49
C LYS A 123 -0.29 -6.47 14.08
N CYS A 124 0.96 -6.04 14.07
CA CYS A 124 2.04 -6.83 14.66
C CYS A 124 2.05 -6.67 16.19
N ASP A 125 1.52 -5.55 16.66
CA ASP A 125 1.37 -5.33 18.09
C ASP A 125 -0.08 -4.97 18.44
N LEU A 126 -0.86 -4.65 17.41
CA LEU A 126 -2.26 -4.27 17.61
C LEU A 126 -3.05 -5.41 18.23
N ALA A 127 -2.88 -6.61 17.68
CA ALA A 127 -3.65 -7.77 18.12
C ALA A 127 -2.89 -9.06 17.84
N ALA A 128 -3.18 -10.09 18.64
CA ALA A 128 -2.62 -11.42 18.40
C ALA A 128 -2.81 -11.84 16.95
N ARG A 129 -1.82 -12.55 16.41
CA ARG A 129 -1.78 -12.83 14.98
C ARG A 129 -1.51 -14.31 14.73
N THR A 130 -1.82 -14.77 13.52
CA THR A 130 -1.70 -16.19 13.18
C THR A 130 -0.87 -16.37 11.91
N VAL A 131 0.16 -15.55 11.75
CA VAL A 131 1.15 -15.76 10.71
C VAL A 131 2.56 -15.59 11.25
N GLU A 132 3.42 -16.56 10.98
CA GLU A 132 4.83 -16.48 11.35
C GLU A 132 5.57 -15.49 10.46
N SER A 133 6.39 -14.64 11.08
CA SER A 133 7.13 -13.62 10.34
C SER A 133 7.99 -14.26 9.26
N ARG A 134 8.51 -15.45 9.55
CA ARG A 134 9.34 -16.16 8.59
C ARG A 134 8.55 -16.50 7.32
N GLN A 135 7.29 -16.87 7.49
CA GLN A 135 6.42 -17.17 6.36
C GLN A 135 6.12 -15.92 5.56
N ALA A 136 5.76 -14.85 6.25
CA ALA A 136 5.34 -13.62 5.59
C ALA A 136 6.49 -13.01 4.79
N GLN A 137 7.68 -13.03 5.38
CA GLN A 137 8.85 -12.44 4.74
C GLN A 137 9.32 -13.29 3.56
N ASP A 138 9.12 -14.60 3.67
CA ASP A 138 9.42 -15.51 2.57
C ASP A 138 8.51 -15.24 1.38
N LEU A 139 7.24 -14.96 1.66
CA LEU A 139 6.28 -14.63 0.61
C LEU A 139 6.66 -13.33 -0.08
N ALA A 140 7.06 -12.34 0.71
CA ALA A 140 7.42 -11.04 0.17
C ALA A 140 8.64 -11.12 -0.73
N ARG A 141 9.67 -11.83 -0.27
CA ARG A 141 10.94 -11.90 -0.97
C ARG A 141 10.82 -12.74 -2.24
N SER A 142 9.86 -13.67 -2.24
CA SER A 142 9.63 -14.52 -3.40
C SER A 142 9.11 -13.71 -4.58
N TYR A 143 8.52 -12.56 -4.27
CA TYR A 143 8.02 -11.66 -5.32
C TYR A 143 8.99 -10.50 -5.54
N GLY A 144 10.08 -10.50 -4.79
CA GLY A 144 11.07 -9.45 -4.92
C GLY A 144 10.60 -8.13 -4.35
N ILE A 145 9.69 -8.19 -3.38
CA ILE A 145 9.09 -7.00 -2.81
C ILE A 145 9.57 -6.75 -1.39
N PRO A 146 10.00 -5.51 -1.11
CA PRO A 146 10.44 -5.11 0.23
C PRO A 146 9.44 -5.48 1.31
N TYR A 147 9.93 -6.01 2.42
CA TYR A 147 9.07 -6.48 3.50
C TYR A 147 9.20 -5.61 4.73
N ILE A 148 8.09 -4.97 5.11
CA ILE A 148 8.08 -4.09 6.28
C ILE A 148 6.99 -4.52 7.26
N GLU A 149 7.38 -4.67 8.53
CA GLU A 149 6.41 -4.94 9.59
C GLU A 149 6.09 -3.66 10.36
N THR A 150 4.81 -3.47 10.67
CA THR A 150 4.38 -2.29 11.44
C THR A 150 3.16 -2.63 12.29
N SER A 151 2.84 -1.73 13.22
CA SER A 151 1.62 -1.85 14.02
C SER A 151 0.98 -0.49 14.23
N ALA A 152 -0.16 -0.26 13.60
CA ALA A 152 -0.77 1.05 13.57
C ALA A 152 -1.06 1.57 14.98
N LYS A 153 -1.19 0.64 15.92
CA LYS A 153 -1.60 0.98 17.28
C LYS A 153 -0.62 1.98 17.90
N THR A 154 0.67 1.69 17.80
CA THR A 154 1.70 2.48 18.46
C THR A 154 2.76 2.93 17.47
N ARG A 155 2.80 2.28 16.30
CA ARG A 155 3.91 2.43 15.37
C ARG A 155 3.40 2.87 14.00
N GLN A 156 3.93 3.99 13.52
CA GLN A 156 3.61 4.47 12.17
C GLN A 156 4.52 3.81 11.14
N GLY A 157 3.94 2.96 10.30
CA GLY A 157 4.67 2.36 9.21
C GLY A 157 4.35 3.02 7.87
N VAL A 158 3.45 3.99 7.89
CA VAL A 158 2.96 4.59 6.65
C VAL A 158 4.08 5.30 5.91
N GLU A 159 4.85 6.10 6.64
CA GLU A 159 5.92 6.89 6.03
C GLU A 159 6.97 5.98 5.39
N ASP A 160 7.42 4.98 6.14
CA ASP A 160 8.46 4.08 5.67
C ASP A 160 8.01 3.33 4.43
N ALA A 161 6.79 2.79 4.46
CA ALA A 161 6.28 2.00 3.37
C ALA A 161 6.11 2.84 2.10
N PHE A 162 5.48 3.99 2.25
CA PHE A 162 5.17 4.84 1.09
C PHE A 162 6.44 5.43 0.49
N TYR A 163 7.33 5.91 1.35
CA TYR A 163 8.55 6.57 0.90
C TYR A 163 9.51 5.55 0.27
N THR A 164 9.53 4.35 0.84
CA THR A 164 10.28 3.25 0.24
C THR A 164 9.77 2.92 -1.17
N LEU A 165 8.45 2.95 -1.32
CA LEU A 165 7.84 2.77 -2.64
C LEU A 165 8.29 3.87 -3.60
N VAL A 166 8.36 5.09 -3.10
CA VAL A 166 8.88 6.21 -3.87
C VAL A 166 10.33 5.97 -4.29
N ARG A 167 11.11 5.38 -3.37
CA ARG A 167 12.48 5.00 -3.68
C ARG A 167 12.52 3.91 -4.74
N GLU A 168 11.55 3.01 -4.70
CA GLU A 168 11.41 1.98 -5.72
C GLU A 168 11.08 2.60 -7.08
N ILE A 169 10.29 3.66 -7.06
CA ILE A 169 10.06 4.47 -8.25
C ILE A 169 11.35 5.13 -8.73
N ARG A 170 12.14 5.62 -7.78
CA ARG A 170 13.40 6.28 -8.10
C ARG A 170 14.35 5.33 -8.82
N GLN A 171 14.26 4.05 -8.47
CA GLN A 171 15.13 3.04 -9.06
C GLN A 171 14.52 2.45 -10.33
N HIS A 172 13.28 2.85 -10.61
CA HIS A 172 12.59 2.38 -11.81
C HIS A 172 12.59 0.85 -11.87
N MET A 7 6.67 21.39 -8.77
CA MET A 7 7.25 20.39 -7.88
C MET A 7 6.96 18.98 -8.39
N THR A 8 7.92 18.08 -8.19
CA THR A 8 7.74 16.68 -8.54
C THR A 8 6.56 16.08 -7.78
N GLU A 9 5.67 15.41 -8.53
CA GLU A 9 4.48 14.82 -7.93
C GLU A 9 4.52 13.30 -8.04
N TYR A 10 4.14 12.62 -6.96
CA TYR A 10 4.08 11.17 -6.95
C TYR A 10 2.64 10.68 -6.82
N LYS A 11 2.23 9.79 -7.72
CA LYS A 11 0.88 9.25 -7.71
C LYS A 11 0.88 7.78 -7.33
N LEU A 12 0.62 7.51 -6.05
CA LEU A 12 0.80 6.17 -5.51
C LEU A 12 -0.55 5.55 -5.12
N VAL A 13 -0.73 4.28 -5.48
CA VAL A 13 -2.02 3.63 -5.30
C VAL A 13 -1.92 2.51 -4.26
N VAL A 14 -2.85 2.50 -3.31
CA VAL A 14 -2.84 1.53 -2.23
C VAL A 14 -3.88 0.44 -2.45
N VAL A 15 -3.43 -0.81 -2.39
CA VAL A 15 -4.32 -1.95 -2.59
C VAL A 15 -4.19 -2.95 -1.44
N GLY A 16 -5.20 -3.80 -1.29
CA GLY A 16 -5.16 -4.83 -0.26
C GLY A 16 -6.53 -5.40 0.04
N ALA A 17 -6.55 -6.48 0.81
CA ALA A 17 -7.81 -7.12 1.18
C ALA A 17 -8.49 -6.38 2.33
N GLY A 18 -9.79 -6.62 2.50
CA GLY A 18 -10.52 -5.99 3.57
C GLY A 18 -10.12 -6.50 4.94
N GLY A 19 -10.00 -5.58 5.90
CA GLY A 19 -9.62 -5.96 7.25
C GLY A 19 -8.54 -5.07 7.82
N VAL A 20 -7.94 -4.24 6.97
CA VAL A 20 -6.97 -3.26 7.43
C VAL A 20 -7.45 -1.84 7.15
N GLY A 21 -6.67 -0.86 7.60
CA GLY A 21 -7.12 0.52 7.56
C GLY A 21 -6.52 1.30 6.41
N LYS A 22 -6.73 0.82 5.19
CA LYS A 22 -6.16 1.45 4.01
C LYS A 22 -6.53 2.93 3.95
N SER A 23 -7.82 3.22 4.10
CA SER A 23 -8.30 4.60 4.05
C SER A 23 -7.81 5.39 5.25
N ALA A 24 -7.83 4.75 6.42
CA ALA A 24 -7.43 5.41 7.66
C ALA A 24 -5.98 5.89 7.59
N LEU A 25 -5.12 5.04 7.04
CA LEU A 25 -3.69 5.32 7.02
C LEU A 25 -3.38 6.54 6.16
N THR A 26 -4.06 6.66 5.03
CA THR A 26 -3.88 7.79 4.14
C THR A 26 -4.41 9.07 4.76
N ILE A 27 -5.46 8.94 5.56
CA ILE A 27 -5.96 10.06 6.35
C ILE A 27 -4.94 10.48 7.41
N GLN A 28 -4.37 9.50 8.11
CA GLN A 28 -3.50 9.77 9.23
C GLN A 28 -2.27 10.57 8.80
N LEU A 29 -1.74 10.22 7.63
CA LEU A 29 -0.58 10.92 7.08
C LEU A 29 -0.92 12.38 6.79
N ILE A 30 -2.07 12.61 6.17
CA ILE A 30 -2.43 13.94 5.69
C ILE A 30 -2.81 14.86 6.85
N GLN A 31 -3.33 14.27 7.91
CA GLN A 31 -3.79 15.05 9.06
C GLN A 31 -2.80 14.94 10.22
N ASN A 32 -1.76 14.14 10.03
CA ASN A 32 -0.72 13.99 11.04
C ASN A 32 -1.32 13.59 12.38
N HIS A 33 -2.21 12.61 12.36
CA HIS A 33 -2.96 12.23 13.55
C HIS A 33 -3.46 10.79 13.44
N PHE A 34 -3.62 10.14 14.58
CA PHE A 34 -4.15 8.77 14.61
C PHE A 34 -5.67 8.77 14.46
N VAL A 35 -6.15 8.18 13.37
CA VAL A 35 -7.54 8.32 12.97
C VAL A 35 -8.16 6.96 12.62
N ASP A 36 -9.32 6.68 13.20
CA ASP A 36 -10.10 5.51 12.82
C ASP A 36 -11.31 5.91 11.98
N GLU A 37 -11.68 7.19 12.07
CA GLU A 37 -12.82 7.71 11.31
C GLU A 37 -12.87 7.11 9.91
N TYR A 38 -14.05 6.69 9.49
CA TYR A 38 -14.22 6.06 8.18
C TYR A 38 -14.49 7.09 7.10
N ASP A 39 -13.71 7.04 6.03
CA ASP A 39 -13.87 7.98 4.92
C ASP A 39 -15.18 7.74 4.18
N PRO A 40 -15.50 8.65 3.26
CA PRO A 40 -16.75 8.57 2.48
C PRO A 40 -16.91 7.23 1.78
N SER A 41 -18.14 6.90 1.41
CA SER A 41 -18.45 5.59 0.83
C SER A 41 -17.84 5.46 -0.56
N ILE A 42 -17.37 6.58 -1.10
CA ILE A 42 -16.74 6.60 -2.41
C ILE A 42 -15.24 6.89 -2.29
N GLU A 43 -14.51 6.64 -3.37
CA GLU A 43 -13.06 6.80 -3.36
C GLU A 43 -12.68 8.21 -2.93
N ASP A 44 -11.52 8.33 -2.28
CA ASP A 44 -11.09 9.61 -1.72
C ASP A 44 -9.56 9.71 -1.69
N SER A 45 -9.01 10.43 -2.66
CA SER A 45 -7.57 10.64 -2.74
C SER A 45 -7.14 11.72 -1.77
N TYR A 46 -5.88 11.64 -1.32
CA TYR A 46 -5.33 12.63 -0.40
C TYR A 46 -3.98 13.14 -0.90
N ARG A 47 -3.70 14.41 -0.64
CA ARG A 47 -2.46 15.03 -1.08
C ARG A 47 -1.73 15.66 0.10
N LYS A 48 -0.41 15.47 0.14
CA LYS A 48 0.42 16.11 1.16
C LYS A 48 1.76 16.54 0.57
N GLN A 49 2.15 17.78 0.84
CA GLN A 49 3.46 18.28 0.45
C GLN A 49 4.54 17.74 1.40
N VAL A 50 5.52 17.05 0.83
CA VAL A 50 6.53 16.36 1.62
C VAL A 50 7.93 16.57 1.04
N VAL A 51 8.94 16.25 1.83
CA VAL A 51 10.31 16.23 1.35
C VAL A 51 10.88 14.81 1.34
N ILE A 52 11.20 14.32 0.16
CA ILE A 52 11.73 12.97 0.02
C ILE A 52 13.14 12.98 -0.58
N ASP A 53 14.09 12.45 0.16
CA ASP A 53 15.48 12.37 -0.30
C ASP A 53 16.02 13.76 -0.62
N GLY A 54 15.64 14.74 0.20
CA GLY A 54 16.15 16.08 0.02
C GLY A 54 15.36 16.88 -1.01
N GLU A 55 14.45 16.20 -1.70
CA GLU A 55 13.67 16.84 -2.75
C GLU A 55 12.28 17.21 -2.24
N THR A 56 11.87 18.45 -2.52
CA THR A 56 10.54 18.91 -2.16
C THR A 56 9.52 18.55 -3.25
N CYS A 57 8.46 17.86 -2.86
CA CYS A 57 7.56 17.24 -3.82
C CYS A 57 6.14 17.16 -3.26
N LEU A 58 5.19 16.80 -4.13
CA LEU A 58 3.82 16.60 -3.70
C LEU A 58 3.45 15.12 -3.75
N LEU A 59 3.00 14.59 -2.60
CA LEU A 59 2.67 13.17 -2.50
C LEU A 59 1.16 12.95 -2.61
N ASP A 60 0.75 12.30 -3.69
CA ASP A 60 -0.67 12.08 -3.94
C ASP A 60 -1.03 10.61 -3.81
N ILE A 61 -1.79 10.27 -2.78
CA ILE A 61 -2.07 8.88 -2.46
C ILE A 61 -3.55 8.56 -2.67
N LEU A 62 -3.81 7.52 -3.46
CA LEU A 62 -5.17 7.03 -3.63
C LEU A 62 -5.31 5.60 -3.10
N ASP A 63 -6.15 5.42 -2.10
CA ASP A 63 -6.40 4.11 -1.52
C ASP A 63 -7.65 3.48 -2.12
N THR A 64 -7.63 2.16 -2.31
CA THR A 64 -8.79 1.44 -2.82
C THR A 64 -9.44 0.62 -1.73
N ALA A 65 -10.77 0.69 -1.65
CA ALA A 65 -11.53 -0.06 -0.65
C ALA A 65 -12.82 -0.61 -1.25
N GLY A 66 -13.27 -1.74 -0.72
CA GLY A 66 -14.42 -2.43 -1.29
C GLY A 66 -14.07 -3.19 -2.55
N GLN A 67 -13.86 -4.50 -2.41
CA GLN A 67 -13.59 -5.36 -3.56
C GLN A 67 -14.89 -5.95 -4.11
N GLU A 68 -15.98 -5.20 -3.97
CA GLU A 68 -17.28 -5.66 -4.43
C GLU A 68 -17.56 -5.18 -5.85
N GLU A 69 -17.38 -3.88 -6.07
CA GLU A 69 -17.60 -3.29 -7.38
C GLU A 69 -16.29 -3.15 -8.16
N TYR A 70 -15.19 -3.43 -7.47
CA TYR A 70 -13.86 -3.31 -8.08
C TYR A 70 -13.77 -4.11 -9.36
N SER A 71 -13.91 -3.44 -10.50
CA SER A 71 -13.64 -4.04 -11.79
C SER A 71 -12.75 -3.14 -12.64
N ALA A 72 -12.81 -3.32 -13.96
CA ALA A 72 -11.96 -2.57 -14.88
C ALA A 72 -12.14 -1.07 -14.67
N MET A 73 -13.27 -0.67 -14.11
CA MET A 73 -13.54 0.74 -13.83
C MET A 73 -12.49 1.31 -12.88
N ARG A 74 -11.96 0.46 -12.01
CA ARG A 74 -10.94 0.88 -11.05
C ARG A 74 -9.54 0.63 -11.61
N ASP A 75 -9.44 -0.28 -12.57
CA ASP A 75 -8.19 -0.52 -13.27
C ASP A 75 -7.73 0.74 -14.01
N GLN A 76 -8.67 1.64 -14.27
CA GLN A 76 -8.35 2.97 -14.76
C GLN A 76 -7.35 3.67 -13.84
N TYR A 77 -7.54 3.48 -12.54
CA TYR A 77 -6.63 4.03 -11.55
C TYR A 77 -5.25 3.40 -11.68
N MET A 78 -5.21 2.12 -12.00
CA MET A 78 -3.96 1.39 -12.13
C MET A 78 -3.14 1.93 -13.29
N ARG A 79 -3.82 2.58 -14.24
CA ARG A 79 -3.14 3.20 -15.38
C ARG A 79 -2.04 4.14 -14.92
N THR A 80 -2.19 4.67 -13.71
CA THR A 80 -1.16 5.53 -13.12
C THR A 80 0.21 4.89 -13.19
N GLY A 81 0.29 3.64 -12.75
CA GLY A 81 1.35 2.76 -13.22
C GLY A 81 2.64 2.92 -12.42
N GLU A 82 2.81 4.10 -11.83
CA GLU A 82 4.06 4.44 -11.16
C GLU A 82 4.43 3.37 -10.13
N GLY A 83 3.67 3.31 -9.04
CA GLY A 83 3.95 2.35 -7.99
C GLY A 83 2.72 2.00 -7.18
N PHE A 84 2.76 0.85 -6.51
CA PHE A 84 1.61 0.37 -5.76
C PHE A 84 2.03 -0.08 -4.35
N LEU A 85 1.29 0.35 -3.35
CA LEU A 85 1.51 -0.09 -1.97
C LEU A 85 0.51 -1.15 -1.56
N CYS A 86 1.00 -2.32 -1.18
CA CYS A 86 0.13 -3.42 -0.79
C CYS A 86 0.11 -3.59 0.72
N VAL A 87 -1.05 -3.39 1.32
CA VAL A 87 -1.20 -3.43 2.77
C VAL A 87 -2.01 -4.63 3.23
N PHE A 88 -1.43 -5.44 4.10
CA PHE A 88 -2.09 -6.65 4.58
C PHE A 88 -1.92 -6.79 6.09
N ALA A 89 -2.68 -7.71 6.68
CA ALA A 89 -2.53 -8.03 8.10
C ALA A 89 -1.80 -9.36 8.27
N ILE A 90 -0.91 -9.41 9.25
CA ILE A 90 -0.17 -10.63 9.55
C ILE A 90 -1.05 -11.62 10.30
N ASN A 91 -2.34 -11.31 10.40
CA ASN A 91 -3.32 -12.29 10.87
C ASN A 91 -4.20 -12.76 9.72
N ASN A 92 -4.23 -11.99 8.65
CA ASN A 92 -5.16 -12.23 7.55
C ASN A 92 -4.47 -12.92 6.38
N THR A 93 -4.46 -14.24 6.39
CA THR A 93 -3.74 -15.01 5.39
C THR A 93 -4.21 -14.68 3.99
N LYS A 94 -5.52 -14.52 3.83
CA LYS A 94 -6.12 -14.37 2.51
C LYS A 94 -5.52 -13.17 1.77
N SER A 95 -5.05 -12.19 2.52
CA SER A 95 -4.49 -10.98 1.95
C SER A 95 -3.30 -11.30 1.05
N PHE A 96 -2.52 -12.30 1.46
CA PHE A 96 -1.27 -12.63 0.78
C PHE A 96 -1.54 -13.11 -0.64
N GLU A 97 -2.60 -13.91 -0.80
CA GLU A 97 -2.98 -14.41 -2.11
C GLU A 97 -3.55 -13.29 -2.99
N ASP A 98 -4.34 -12.41 -2.37
CA ASP A 98 -5.00 -11.34 -3.09
C ASP A 98 -3.99 -10.37 -3.68
N ILE A 99 -2.90 -10.14 -2.95
CA ILE A 99 -1.83 -9.26 -3.42
C ILE A 99 -1.22 -9.78 -4.72
N HIS A 100 -1.03 -11.10 -4.79
CA HIS A 100 -0.50 -11.73 -6.00
C HIS A 100 -1.46 -11.51 -7.18
N GLN A 101 -2.76 -11.62 -6.91
CA GLN A 101 -3.77 -11.36 -7.92
C GLN A 101 -3.70 -9.92 -8.41
N TYR A 102 -3.55 -8.98 -7.47
CA TYR A 102 -3.35 -7.58 -7.81
C TYR A 102 -2.13 -7.40 -8.71
N ARG A 103 -1.06 -8.13 -8.38
CA ARG A 103 0.18 -8.03 -9.14
C ARG A 103 -0.03 -8.40 -10.60
N GLU A 104 -0.70 -9.52 -10.82
CA GLU A 104 -0.91 -10.04 -12.17
C GLU A 104 -1.85 -9.13 -12.96
N GLN A 105 -2.86 -8.59 -12.28
CA GLN A 105 -3.81 -7.70 -12.93
C GLN A 105 -3.16 -6.38 -13.32
N ILE A 106 -2.29 -5.88 -12.46
CA ILE A 106 -1.54 -4.66 -12.74
C ILE A 106 -0.65 -4.84 -13.97
N LYS A 107 -0.06 -6.03 -14.10
CA LYS A 107 0.78 -6.34 -15.24
C LYS A 107 0.00 -6.24 -16.54
N ARG A 108 -1.24 -6.74 -16.52
CA ARG A 108 -2.08 -6.72 -17.70
C ARG A 108 -2.52 -5.29 -18.02
N VAL A 109 -2.86 -4.53 -16.98
CA VAL A 109 -3.29 -3.15 -17.15
C VAL A 109 -2.17 -2.29 -17.73
N LYS A 110 -0.94 -2.61 -17.37
CA LYS A 110 0.21 -1.83 -17.81
C LYS A 110 0.91 -2.51 -18.99
N ASP A 111 0.30 -3.59 -19.48
CA ASP A 111 0.81 -4.26 -20.66
C ASP A 111 2.33 -4.44 -20.59
N SER A 112 2.80 -4.90 -19.44
CA SER A 112 4.24 -4.97 -19.18
C SER A 112 4.53 -5.79 -17.92
N ASP A 113 5.79 -6.09 -17.70
CA ASP A 113 6.22 -6.75 -16.47
C ASP A 113 5.76 -5.97 -15.25
N ASP A 114 5.88 -6.59 -14.08
CA ASP A 114 5.34 -6.01 -12.85
C ASP A 114 6.05 -4.71 -12.51
N VAL A 115 5.67 -4.11 -11.38
CA VAL A 115 5.95 -2.70 -11.14
C VAL A 115 6.45 -2.48 -9.71
N PRO A 116 7.04 -1.30 -9.47
CA PRO A 116 7.50 -0.91 -8.13
C PRO A 116 6.44 -1.15 -7.06
N MET A 117 6.81 -1.89 -6.02
CA MET A 117 5.86 -2.31 -5.00
C MET A 117 6.50 -2.31 -3.62
N VAL A 118 5.68 -2.12 -2.59
CA VAL A 118 6.11 -2.39 -1.21
C VAL A 118 5.07 -3.23 -0.47
N LEU A 119 5.54 -4.24 0.24
CA LEU A 119 4.66 -5.08 1.05
C LEU A 119 4.71 -4.67 2.51
N VAL A 120 3.53 -4.39 3.08
CA VAL A 120 3.45 -3.90 4.45
C VAL A 120 2.55 -4.79 5.29
N GLY A 121 3.09 -5.28 6.41
CA GLY A 121 2.31 -6.11 7.31
C GLY A 121 1.92 -5.40 8.59
N ASN A 122 0.62 -5.27 8.83
CA ASN A 122 0.13 -4.50 9.96
C ASN A 122 -0.25 -5.41 11.12
N LYS A 123 -0.51 -4.81 12.27
CA LYS A 123 -1.04 -5.54 13.41
C LYS A 123 0.03 -6.41 14.05
N CYS A 124 1.26 -5.90 14.08
CA CYS A 124 2.35 -6.59 14.75
C CYS A 124 2.30 -6.35 16.25
N ASP A 125 1.63 -5.28 16.66
CA ASP A 125 1.44 -4.98 18.07
C ASP A 125 -0.05 -4.84 18.39
N LEU A 126 -0.87 -4.71 17.35
CA LEU A 126 -2.30 -4.48 17.53
C LEU A 126 -2.95 -5.65 18.26
N ALA A 127 -2.79 -6.84 17.72
CA ALA A 127 -3.46 -8.03 18.25
C ALA A 127 -2.73 -9.30 17.84
N ALA A 128 -2.86 -10.34 18.68
CA ALA A 128 -2.33 -11.65 18.34
C ALA A 128 -2.78 -12.07 16.93
N ARG A 129 -1.93 -12.83 16.25
CA ARG A 129 -2.11 -13.09 14.84
C ARG A 129 -1.91 -14.58 14.53
N THR A 130 -2.02 -14.93 13.25
CA THR A 130 -1.97 -16.33 12.84
C THR A 130 -1.15 -16.49 11.55
N VAL A 131 -0.23 -15.57 11.32
CA VAL A 131 0.77 -15.74 10.28
C VAL A 131 2.18 -15.48 10.82
N GLU A 132 3.06 -16.46 10.64
CA GLU A 132 4.44 -16.33 11.09
C GLU A 132 5.20 -15.35 10.21
N SER A 133 5.99 -14.49 10.83
CA SER A 133 6.77 -13.48 10.10
C SER A 133 7.69 -14.14 9.09
N ARG A 134 8.22 -15.30 9.45
CA ARG A 134 9.14 -16.03 8.57
C ARG A 134 8.46 -16.41 7.27
N GLN A 135 7.18 -16.78 7.35
CA GLN A 135 6.39 -17.11 6.18
C GLN A 135 6.12 -15.86 5.34
N ALA A 136 5.71 -14.79 6.01
CA ALA A 136 5.32 -13.57 5.32
C ALA A 136 6.49 -12.97 4.54
N GLN A 137 7.66 -12.95 5.17
CA GLN A 137 8.84 -12.34 4.57
C GLN A 137 9.36 -13.19 3.41
N ASP A 138 9.21 -14.51 3.54
CA ASP A 138 9.59 -15.41 2.47
C ASP A 138 8.70 -15.22 1.24
N LEU A 139 7.42 -14.97 1.48
CA LEU A 139 6.49 -14.66 0.40
C LEU A 139 6.87 -13.35 -0.28
N ALA A 140 7.29 -12.37 0.52
CA ALA A 140 7.78 -11.11 -0.01
C ALA A 140 9.05 -11.30 -0.83
N ARG A 141 9.94 -12.14 -0.33
CA ARG A 141 11.22 -12.38 -0.99
C ARG A 141 11.02 -13.08 -2.33
N SER A 142 10.05 -13.98 -2.38
CA SER A 142 9.74 -14.72 -3.61
C SER A 142 9.20 -13.78 -4.67
N TYR A 143 8.60 -12.67 -4.24
CA TYR A 143 8.07 -11.68 -5.17
C TYR A 143 9.10 -10.61 -5.47
N GLY A 144 10.21 -10.64 -4.75
CA GLY A 144 11.26 -9.65 -4.94
C GLY A 144 10.85 -8.27 -4.48
N ILE A 145 9.92 -8.22 -3.53
CA ILE A 145 9.35 -6.95 -3.08
C ILE A 145 9.73 -6.67 -1.63
N PRO A 146 10.16 -5.42 -1.36
CA PRO A 146 10.56 -5.00 -0.03
C PRO A 146 9.52 -5.34 1.04
N TYR A 147 9.98 -5.88 2.16
CA TYR A 147 9.07 -6.34 3.21
C TYR A 147 9.19 -5.47 4.45
N ILE A 148 8.08 -4.84 4.83
CA ILE A 148 8.08 -3.95 5.99
C ILE A 148 7.00 -4.36 6.98
N GLU A 149 7.41 -4.58 8.23
CA GLU A 149 6.48 -4.84 9.31
C GLU A 149 6.18 -3.57 10.11
N THR A 150 4.92 -3.38 10.46
CA THR A 150 4.51 -2.20 11.23
C THR A 150 3.28 -2.51 12.08
N SER A 151 2.94 -1.57 12.97
CA SER A 151 1.70 -1.66 13.72
C SER A 151 1.05 -0.29 13.87
N ALA A 152 -0.08 -0.11 13.18
CA ALA A 152 -0.66 1.22 13.02
C ALA A 152 -1.08 1.80 14.37
N LYS A 153 -1.37 0.92 15.32
CA LYS A 153 -1.96 1.33 16.59
C LYS A 153 -1.00 2.23 17.36
N THR A 154 0.27 1.82 17.43
CA THR A 154 1.24 2.49 18.29
C THR A 154 2.31 3.18 17.45
N ARG A 155 2.41 2.81 16.19
CA ARG A 155 3.49 3.29 15.33
C ARG A 155 2.97 3.59 13.92
N GLN A 156 3.49 4.66 13.33
CA GLN A 156 3.24 4.94 11.92
C GLN A 156 4.28 4.30 11.03
N GLY A 157 3.85 3.41 10.16
CA GLY A 157 4.72 2.90 9.11
C GLY A 157 4.41 3.51 7.75
N VAL A 158 3.50 4.47 7.73
CA VAL A 158 3.01 5.04 6.48
C VAL A 158 4.15 5.70 5.71
N GLU A 159 4.87 6.60 6.38
CA GLU A 159 5.86 7.43 5.72
C GLU A 159 6.95 6.57 5.09
N ASP A 160 7.49 5.64 5.88
CA ASP A 160 8.56 4.78 5.41
C ASP A 160 8.11 3.93 4.23
N ALA A 161 6.88 3.42 4.31
CA ALA A 161 6.34 2.54 3.28
C ALA A 161 6.26 3.26 1.94
N PHE A 162 5.69 4.46 1.95
CA PHE A 162 5.48 5.22 0.71
C PHE A 162 6.80 5.75 0.16
N TYR A 163 7.67 6.20 1.05
CA TYR A 163 8.96 6.76 0.66
C TYR A 163 9.84 5.68 0.03
N THR A 164 9.80 4.48 0.60
CA THR A 164 10.47 3.33 0.01
C THR A 164 9.91 3.02 -1.38
N LEU A 165 8.59 3.06 -1.49
CA LEU A 165 7.93 2.84 -2.78
C LEU A 165 8.41 3.87 -3.81
N VAL A 166 8.52 5.12 -3.38
CA VAL A 166 9.06 6.17 -4.24
C VAL A 166 10.49 5.86 -4.67
N ARG A 167 11.28 5.36 -3.72
CA ARG A 167 12.68 5.02 -4.00
C ARG A 167 12.77 3.89 -5.02
N GLU A 168 11.89 2.90 -4.88
CA GLU A 168 11.86 1.76 -5.78
C GLU A 168 11.48 2.20 -7.19
N ILE A 169 10.55 3.15 -7.27
CA ILE A 169 10.17 3.75 -8.54
C ILE A 169 11.37 4.46 -9.19
N ARG A 170 12.11 5.21 -8.38
CA ARG A 170 13.22 6.02 -8.89
C ARG A 170 14.38 5.13 -9.30
N GLN A 171 14.45 3.93 -8.71
CA GLN A 171 15.51 2.98 -9.04
C GLN A 171 15.03 1.98 -10.08
N HIS A 172 13.75 2.05 -10.42
CA HIS A 172 13.17 1.17 -11.44
C HIS A 172 13.50 -0.29 -11.12
N MET A 7 6.27 21.67 -8.84
CA MET A 7 6.70 20.85 -7.71
C MET A 7 6.37 19.38 -7.96
N THR A 8 7.28 18.49 -7.55
CA THR A 8 7.10 17.07 -7.75
C THR A 8 5.81 16.58 -7.08
N GLU A 9 5.00 15.85 -7.82
CA GLU A 9 3.78 15.25 -7.27
C GLU A 9 3.81 13.73 -7.42
N TYR A 10 3.33 13.03 -6.39
CA TYR A 10 3.30 11.58 -6.41
C TYR A 10 1.86 11.07 -6.38
N LYS A 11 1.57 10.09 -7.23
CA LYS A 11 0.27 9.43 -7.23
C LYS A 11 0.41 7.98 -6.76
N LEU A 12 -0.04 7.71 -5.53
CA LEU A 12 0.10 6.38 -4.95
C LEU A 12 -1.23 5.65 -4.97
N VAL A 13 -1.21 4.41 -5.46
CA VAL A 13 -2.37 3.53 -5.38
C VAL A 13 -2.19 2.47 -4.31
N VAL A 14 -3.06 2.49 -3.31
CA VAL A 14 -2.97 1.56 -2.19
C VAL A 14 -4.02 0.46 -2.31
N VAL A 15 -3.57 -0.80 -2.23
CA VAL A 15 -4.46 -1.94 -2.36
C VAL A 15 -4.27 -2.91 -1.20
N GLY A 16 -5.26 -3.76 -0.98
CA GLY A 16 -5.19 -4.73 0.10
C GLY A 16 -6.47 -5.53 0.27
N ALA A 17 -6.46 -6.48 1.18
CA ALA A 17 -7.66 -7.25 1.51
C ALA A 17 -8.52 -6.52 2.53
N GLY A 18 -9.81 -6.83 2.54
CA GLY A 18 -10.70 -6.24 3.52
C GLY A 18 -10.40 -6.70 4.93
N GLY A 19 -10.31 -5.75 5.86
CA GLY A 19 -10.01 -6.07 7.23
C GLY A 19 -8.90 -5.21 7.81
N VAL A 20 -8.15 -4.55 6.93
CA VAL A 20 -7.15 -3.58 7.36
C VAL A 20 -7.64 -2.15 7.11
N GLY A 21 -6.90 -1.18 7.62
CA GLY A 21 -7.34 0.20 7.58
C GLY A 21 -6.80 0.95 6.38
N LYS A 22 -7.12 0.47 5.20
CA LYS A 22 -6.65 1.11 3.96
C LYS A 22 -7.05 2.57 3.93
N SER A 23 -8.31 2.85 4.22
CA SER A 23 -8.81 4.22 4.23
C SER A 23 -8.29 4.97 5.46
N ALA A 24 -8.21 4.28 6.59
CA ALA A 24 -7.74 4.89 7.83
C ALA A 24 -6.32 5.42 7.66
N LEU A 25 -5.47 4.63 7.03
CA LEU A 25 -4.04 4.97 6.92
C LEU A 25 -3.86 6.23 6.09
N THR A 26 -4.64 6.36 5.01
CA THR A 26 -4.57 7.53 4.15
C THR A 26 -5.09 8.77 4.86
N ILE A 27 -6.04 8.58 5.77
CA ILE A 27 -6.51 9.65 6.63
C ILE A 27 -5.44 10.04 7.65
N GLN A 28 -4.82 9.04 8.26
CA GLN A 28 -3.91 9.27 9.38
C GLN A 28 -2.73 10.12 8.95
N LEU A 29 -2.28 9.92 7.71
CA LEU A 29 -1.20 10.73 7.14
C LEU A 29 -1.55 12.21 7.18
N ILE A 30 -2.81 12.52 6.91
CA ILE A 30 -3.23 13.91 6.71
C ILE A 30 -3.08 14.72 7.99
N GLN A 31 -3.35 14.08 9.12
CA GLN A 31 -3.45 14.78 10.40
C GLN A 31 -2.40 14.29 11.39
N ASN A 32 -1.56 13.37 10.93
CA ASN A 32 -0.50 12.83 11.77
C ASN A 32 -1.06 12.32 13.09
N HIS A 33 -2.07 11.46 13.01
CA HIS A 33 -2.82 11.04 14.19
C HIS A 33 -3.47 9.68 13.96
N PHE A 34 -3.68 8.94 15.05
CA PHE A 34 -4.26 7.60 14.97
C PHE A 34 -5.78 7.68 14.82
N VAL A 35 -6.28 7.29 13.65
CA VAL A 35 -7.69 7.49 13.32
C VAL A 35 -8.32 6.21 12.82
N ASP A 36 -9.49 5.88 13.36
CA ASP A 36 -10.22 4.69 12.95
C ASP A 36 -11.39 5.06 12.05
N GLU A 37 -11.76 6.34 12.04
CA GLU A 37 -12.87 6.81 11.23
C GLU A 37 -12.88 6.13 9.87
N TYR A 38 -14.06 5.69 9.44
CA TYR A 38 -14.20 4.98 8.17
C TYR A 38 -14.62 5.94 7.06
N ASP A 39 -13.95 5.82 5.92
CA ASP A 39 -14.24 6.67 4.77
C ASP A 39 -15.66 6.43 4.26
N PRO A 40 -16.18 7.37 3.47
CA PRO A 40 -17.48 7.23 2.83
C PRO A 40 -17.53 6.06 1.85
N SER A 41 -18.74 5.69 1.42
CA SER A 41 -18.93 4.53 0.56
C SER A 41 -18.31 4.76 -0.81
N ILE A 42 -17.91 6.00 -1.07
CA ILE A 42 -17.26 6.33 -2.33
C ILE A 42 -15.77 6.56 -2.14
N GLU A 43 -15.02 6.47 -3.23
CA GLU A 43 -13.57 6.67 -3.18
C GLU A 43 -13.23 8.04 -2.64
N ASP A 44 -12.07 8.15 -1.98
CA ASP A 44 -11.66 9.39 -1.35
C ASP A 44 -10.14 9.48 -1.28
N SER A 45 -9.55 10.23 -2.21
CA SER A 45 -8.11 10.43 -2.22
C SER A 45 -7.71 11.51 -1.22
N TYR A 46 -6.48 11.42 -0.73
CA TYR A 46 -5.97 12.40 0.23
C TYR A 46 -4.60 12.93 -0.21
N ARG A 47 -4.35 14.19 0.08
CA ARG A 47 -3.11 14.84 -0.33
C ARG A 47 -2.34 15.37 0.88
N LYS A 48 -1.04 15.15 0.88
CA LYS A 48 -0.18 15.64 1.97
C LYS A 48 1.19 16.02 1.44
N GLN A 49 1.66 17.20 1.82
CA GLN A 49 2.96 17.68 1.39
C GLN A 49 4.07 17.02 2.20
N VAL A 50 5.00 16.38 1.50
CA VAL A 50 6.06 15.61 2.15
C VAL A 50 7.40 15.85 1.48
N VAL A 51 8.49 15.56 2.20
CA VAL A 51 9.83 15.63 1.63
C VAL A 51 10.44 14.25 1.50
N ILE A 52 10.80 13.88 0.27
CA ILE A 52 11.35 12.55 0.01
C ILE A 52 12.75 12.65 -0.59
N ASP A 53 13.73 12.09 0.12
CA ASP A 53 15.10 12.07 -0.36
C ASP A 53 15.59 13.49 -0.66
N GLY A 54 15.24 14.43 0.21
CA GLY A 54 15.74 15.79 0.09
C GLY A 54 14.90 16.62 -0.87
N GLU A 55 13.94 15.99 -1.53
CA GLU A 55 13.10 16.67 -2.49
C GLU A 55 11.71 16.93 -1.92
N THR A 56 11.25 18.17 -2.03
CA THR A 56 9.93 18.55 -1.55
C THR A 56 8.87 18.27 -2.62
N CYS A 57 7.81 17.57 -2.23
CA CYS A 57 6.80 17.11 -3.18
C CYS A 57 5.44 17.01 -2.51
N LEU A 58 4.40 16.81 -3.32
CA LEU A 58 3.05 16.59 -2.81
C LEU A 58 2.60 15.15 -3.06
N LEU A 59 2.26 14.46 -1.98
CA LEU A 59 1.90 13.04 -2.06
C LEU A 59 0.39 12.86 -2.06
N ASP A 60 -0.13 12.34 -3.17
CA ASP A 60 -1.56 12.08 -3.30
C ASP A 60 -1.86 10.59 -3.27
N ILE A 61 -2.51 10.14 -2.21
CA ILE A 61 -2.74 8.71 -2.00
C ILE A 61 -4.21 8.34 -2.19
N LEU A 62 -4.46 7.33 -3.01
CA LEU A 62 -5.80 6.80 -3.17
C LEU A 62 -5.88 5.35 -2.68
N ASP A 63 -6.72 5.12 -1.67
CA ASP A 63 -6.96 3.77 -1.18
C ASP A 63 -8.07 3.09 -1.97
N THR A 64 -7.81 1.88 -2.43
CA THR A 64 -8.73 1.18 -3.33
C THR A 64 -9.37 -0.02 -2.64
N ALA A 65 -10.65 -0.22 -2.90
CA ALA A 65 -11.38 -1.34 -2.31
C ALA A 65 -12.39 -1.93 -3.30
N GLY A 66 -12.61 -3.23 -3.20
CA GLY A 66 -13.55 -3.90 -4.09
C GLY A 66 -12.95 -4.16 -5.47
N GLN A 67 -12.41 -5.35 -5.65
CA GLN A 67 -11.90 -5.76 -6.97
C GLN A 67 -13.00 -6.43 -7.77
N GLU A 68 -14.15 -6.67 -7.14
CA GLU A 68 -15.34 -7.13 -7.84
C GLU A 68 -15.85 -6.06 -8.80
N GLU A 69 -15.76 -4.80 -8.38
CA GLU A 69 -16.19 -3.69 -9.22
C GLU A 69 -15.02 -3.16 -10.05
N TYR A 70 -13.83 -3.70 -9.80
CA TYR A 70 -12.64 -3.33 -10.57
C TYR A 70 -13.00 -3.06 -12.03
N SER A 71 -13.20 -1.79 -12.36
CA SER A 71 -13.57 -1.40 -13.71
C SER A 71 -12.63 -0.32 -14.24
N ALA A 72 -12.97 0.23 -15.41
CA ALA A 72 -12.23 1.36 -15.96
C ALA A 72 -12.16 2.51 -14.96
N MET A 73 -13.09 2.52 -14.01
CA MET A 73 -13.13 3.56 -12.99
C MET A 73 -11.84 3.57 -12.17
N ARG A 74 -11.25 2.38 -12.00
CA ARG A 74 -9.97 2.27 -11.31
C ARG A 74 -8.81 2.36 -12.30
N ASP A 75 -9.00 1.79 -13.48
CA ASP A 75 -7.94 1.74 -14.48
C ASP A 75 -7.45 3.13 -14.84
N GLN A 76 -8.38 4.09 -14.85
CA GLN A 76 -8.05 5.47 -15.17
C GLN A 76 -7.00 6.02 -14.21
N TYR A 77 -7.09 5.59 -12.95
CA TYR A 77 -6.10 5.97 -11.95
C TYR A 77 -4.80 5.20 -12.16
N MET A 78 -4.91 3.94 -12.53
CA MET A 78 -3.74 3.11 -12.81
C MET A 78 -2.94 3.67 -13.98
N ARG A 79 -3.63 4.38 -14.87
CA ARG A 79 -2.99 4.94 -16.05
C ARG A 79 -1.74 5.72 -15.66
N THR A 80 -1.73 6.27 -14.45
CA THR A 80 -0.61 7.06 -13.98
C THR A 80 0.64 6.20 -13.84
N GLY A 81 0.48 5.03 -13.22
CA GLY A 81 1.46 3.98 -13.37
C GLY A 81 2.65 4.15 -12.45
N GLU A 82 2.63 5.22 -11.66
CA GLU A 82 3.73 5.51 -10.74
C GLU A 82 4.16 4.25 -10.00
N GLY A 83 3.31 3.77 -9.10
CA GLY A 83 3.61 2.55 -8.37
C GLY A 83 2.45 2.10 -7.50
N PHE A 84 2.58 0.92 -6.91
CA PHE A 84 1.50 0.34 -6.11
C PHE A 84 2.00 -0.06 -4.73
N LEU A 85 1.25 0.33 -3.71
CA LEU A 85 1.53 -0.10 -2.33
C LEU A 85 0.51 -1.12 -1.87
N CYS A 86 0.98 -2.31 -1.50
CA CYS A 86 0.10 -3.40 -1.11
C CYS A 86 0.18 -3.65 0.40
N VAL A 87 -0.97 -3.55 1.07
CA VAL A 87 -1.03 -3.67 2.52
C VAL A 87 -1.70 -4.96 2.94
N PHE A 88 -1.03 -5.71 3.81
CA PHE A 88 -1.60 -6.94 4.36
C PHE A 88 -1.67 -6.87 5.88
N ALA A 89 -2.51 -7.73 6.46
CA ALA A 89 -2.53 -7.90 7.92
C ALA A 89 -1.69 -9.10 8.34
N ILE A 90 -0.86 -8.89 9.37
CA ILE A 90 -0.01 -9.97 9.88
C ILE A 90 -0.84 -11.01 10.63
N ASN A 91 -2.13 -10.74 10.79
CA ASN A 91 -3.04 -11.70 11.37
C ASN A 91 -3.88 -12.38 10.29
N ASN A 92 -4.02 -11.70 9.16
CA ASN A 92 -4.88 -12.20 8.08
C ASN A 92 -4.05 -12.89 7.00
N THR A 93 -4.00 -14.21 7.06
CA THR A 93 -3.25 -14.99 6.08
C THR A 93 -3.72 -14.68 4.66
N LYS A 94 -5.04 -14.51 4.51
CA LYS A 94 -5.64 -14.34 3.19
C LYS A 94 -5.04 -13.13 2.48
N SER A 95 -4.58 -12.15 3.25
CA SER A 95 -4.12 -10.88 2.69
C SER A 95 -3.05 -11.11 1.63
N PHE A 96 -2.17 -12.07 1.89
CA PHE A 96 -1.04 -12.33 1.01
C PHE A 96 -1.52 -12.92 -0.32
N GLU A 97 -2.52 -13.79 -0.24
CA GLU A 97 -3.07 -14.41 -1.44
C GLU A 97 -3.73 -13.37 -2.34
N ASP A 98 -4.46 -12.44 -1.73
CA ASP A 98 -5.14 -11.38 -2.47
C ASP A 98 -4.13 -10.41 -3.08
N ILE A 99 -3.04 -10.18 -2.37
CA ILE A 99 -1.95 -9.36 -2.88
C ILE A 99 -1.31 -10.00 -4.10
N HIS A 100 -1.14 -11.32 -4.06
CA HIS A 100 -0.61 -12.06 -5.19
C HIS A 100 -1.53 -11.92 -6.41
N GLN A 101 -2.83 -11.98 -6.17
CA GLN A 101 -3.80 -11.74 -7.23
C GLN A 101 -3.67 -10.34 -7.80
N TYR A 102 -3.51 -9.36 -6.91
CA TYR A 102 -3.26 -7.99 -7.33
C TYR A 102 -2.02 -7.89 -8.20
N ARG A 103 -0.97 -8.59 -7.79
CA ARG A 103 0.31 -8.52 -8.50
C ARG A 103 0.17 -9.02 -9.93
N GLU A 104 -0.47 -10.18 -10.09
CA GLU A 104 -0.64 -10.77 -11.41
C GLU A 104 -1.60 -9.94 -12.27
N GLN A 105 -2.64 -9.40 -11.63
CA GLN A 105 -3.63 -8.60 -12.33
C GLN A 105 -3.00 -7.32 -12.88
N ILE A 106 -2.24 -6.63 -12.05
CA ILE A 106 -1.62 -5.37 -12.44
C ILE A 106 -0.61 -5.58 -13.56
N LYS A 107 0.18 -6.65 -13.46
CA LYS A 107 1.19 -6.95 -14.45
C LYS A 107 0.55 -7.23 -15.82
N ARG A 108 -0.57 -7.95 -15.81
CA ARG A 108 -1.28 -8.27 -17.03
C ARG A 108 -1.86 -7.01 -17.67
N VAL A 109 -2.38 -6.11 -16.84
CA VAL A 109 -2.91 -4.85 -17.32
C VAL A 109 -1.83 -3.99 -17.95
N LYS A 110 -0.62 -4.09 -17.42
CA LYS A 110 0.49 -3.28 -17.90
C LYS A 110 1.22 -3.98 -19.04
N ASP A 111 0.78 -5.19 -19.37
CA ASP A 111 1.32 -5.91 -20.52
C ASP A 111 2.83 -5.73 -20.63
N SER A 112 3.52 -5.92 -19.50
CA SER A 112 4.94 -5.64 -19.42
C SER A 112 5.56 -6.28 -18.19
N ASP A 113 6.88 -6.18 -18.07
CA ASP A 113 7.58 -6.69 -16.90
C ASP A 113 6.96 -6.15 -15.61
N ASP A 114 7.27 -6.81 -14.49
CA ASP A 114 6.64 -6.48 -13.22
C ASP A 114 6.86 -5.00 -12.88
N VAL A 115 6.11 -4.52 -11.88
CA VAL A 115 6.03 -3.09 -11.63
C VAL A 115 6.44 -2.77 -10.19
N PRO A 116 6.76 -1.48 -9.94
CA PRO A 116 7.15 -1.01 -8.61
C PRO A 116 6.12 -1.36 -7.54
N MET A 117 6.54 -2.16 -6.57
CA MET A 117 5.63 -2.62 -5.52
C MET A 117 6.34 -2.70 -4.18
N VAL A 118 5.58 -2.48 -3.10
CA VAL A 118 6.07 -2.75 -1.76
C VAL A 118 5.02 -3.46 -0.91
N LEU A 119 5.45 -4.42 -0.12
CA LEU A 119 4.56 -5.12 0.81
C LEU A 119 4.74 -4.59 2.23
N VAL A 120 3.65 -4.13 2.83
CA VAL A 120 3.69 -3.62 4.19
C VAL A 120 2.65 -4.31 5.07
N GLY A 121 3.08 -4.74 6.25
CA GLY A 121 2.21 -5.50 7.12
C GLY A 121 1.83 -4.74 8.39
N ASN A 122 0.54 -4.69 8.68
CA ASN A 122 0.06 -4.01 9.87
C ASN A 122 -0.31 -5.01 10.97
N LYS A 123 -0.57 -4.50 12.17
CA LYS A 123 -1.06 -5.32 13.26
C LYS A 123 0.05 -6.22 13.80
N CYS A 124 1.28 -5.70 13.81
CA CYS A 124 2.39 -6.36 14.47
C CYS A 124 2.35 -6.11 15.97
N ASP A 125 2.02 -4.89 16.35
CA ASP A 125 1.91 -4.53 17.76
C ASP A 125 0.54 -3.95 18.07
N LEU A 126 -0.19 -3.55 17.02
CA LEU A 126 -1.52 -2.99 17.19
C LEU A 126 -2.50 -4.04 17.73
N ALA A 127 -2.37 -5.27 17.22
CA ALA A 127 -3.28 -6.34 17.59
C ALA A 127 -2.58 -7.69 17.55
N ALA A 128 -3.02 -8.61 18.41
CA ALA A 128 -2.56 -9.99 18.35
C ALA A 128 -2.65 -10.54 16.94
N ARG A 129 -1.69 -11.38 16.57
CA ARG A 129 -1.55 -11.84 15.19
C ARG A 129 -1.24 -13.33 15.14
N THR A 130 -1.50 -13.94 13.99
CA THR A 130 -1.39 -15.39 13.84
C THR A 130 -0.58 -15.76 12.60
N VAL A 131 0.38 -14.91 12.25
CA VAL A 131 1.34 -15.25 11.20
C VAL A 131 2.77 -15.03 11.68
N GLU A 132 3.63 -16.02 11.46
CA GLU A 132 5.04 -15.91 11.80
C GLU A 132 5.77 -15.01 10.80
N SER A 133 6.61 -14.12 11.32
CA SER A 133 7.33 -13.18 10.48
C SER A 133 8.17 -13.91 9.43
N ARG A 134 8.69 -15.07 9.80
CA ARG A 134 9.51 -15.87 8.90
C ARG A 134 8.69 -16.34 7.70
N GLN A 135 7.44 -16.70 7.94
CA GLN A 135 6.53 -17.10 6.87
C GLN A 135 6.16 -15.91 5.99
N ALA A 136 5.80 -14.81 6.62
CA ALA A 136 5.32 -13.63 5.89
C ALA A 136 6.41 -13.06 5.00
N GLN A 137 7.64 -13.01 5.52
CA GLN A 137 8.76 -12.44 4.77
C GLN A 137 9.15 -13.34 3.61
N ASP A 138 8.99 -14.65 3.80
CA ASP A 138 9.28 -15.61 2.74
C ASP A 138 8.27 -15.50 1.61
N LEU A 139 7.02 -15.22 1.96
CA LEU A 139 5.99 -14.96 0.96
C LEU A 139 6.31 -13.72 0.15
N ALA A 140 6.79 -12.68 0.82
CA ALA A 140 7.21 -11.46 0.15
C ALA A 140 8.43 -11.72 -0.74
N ARG A 141 9.33 -12.57 -0.26
CA ARG A 141 10.55 -12.90 -0.99
C ARG A 141 10.23 -13.68 -2.27
N SER A 142 9.27 -14.59 -2.16
CA SER A 142 8.85 -15.38 -3.31
C SER A 142 8.15 -14.51 -4.35
N TYR A 143 7.60 -13.39 -3.91
CA TYR A 143 6.97 -12.44 -4.81
C TYR A 143 7.97 -11.42 -5.33
N GLY A 144 9.17 -11.43 -4.75
CA GLY A 144 10.22 -10.53 -5.20
C GLY A 144 9.94 -9.09 -4.82
N ILE A 145 9.15 -8.89 -3.78
CA ILE A 145 8.72 -7.55 -3.37
C ILE A 145 9.21 -7.23 -1.96
N PRO A 146 9.75 -6.01 -1.80
CA PRO A 146 10.29 -5.55 -0.52
C PRO A 146 9.32 -5.79 0.63
N TYR A 147 9.85 -6.25 1.76
CA TYR A 147 9.02 -6.64 2.90
C TYR A 147 9.23 -5.71 4.08
N ILE A 148 8.17 -5.00 4.48
CA ILE A 148 8.25 -4.08 5.60
C ILE A 148 7.17 -4.38 6.63
N GLU A 149 7.59 -4.50 7.89
CA GLU A 149 6.65 -4.68 8.99
C GLU A 149 6.39 -3.36 9.70
N THR A 150 5.12 -3.06 9.95
CA THR A 150 4.74 -1.85 10.67
C THR A 150 3.66 -2.14 11.70
N SER A 151 3.40 -1.17 12.57
CA SER A 151 2.26 -1.24 13.48
C SER A 151 1.62 0.15 13.65
N ALA A 152 0.40 0.28 13.13
CA ALA A 152 -0.26 1.59 13.09
C ALA A 152 -0.37 2.19 14.48
N LYS A 153 -0.31 1.34 15.50
CA LYS A 153 -0.48 1.79 16.88
C LYS A 153 0.47 2.92 17.21
N THR A 154 1.75 2.70 16.93
CA THR A 154 2.79 3.65 17.33
C THR A 154 3.65 4.05 16.13
N ARG A 155 3.54 3.28 15.06
CA ARG A 155 4.47 3.40 13.95
C ARG A 155 3.74 3.73 12.65
N GLN A 156 4.04 4.90 12.09
CA GLN A 156 3.49 5.30 10.80
C GLN A 156 4.20 4.56 9.66
N GLY A 157 3.49 3.65 9.01
CA GLY A 157 4.10 2.85 7.95
C GLY A 157 3.87 3.46 6.57
N VAL A 158 2.97 4.43 6.50
CA VAL A 158 2.57 5.00 5.22
C VAL A 158 3.76 5.61 4.50
N GLU A 159 4.46 6.51 5.17
CA GLU A 159 5.61 7.19 4.58
C GLU A 159 6.76 6.22 4.35
N ASP A 160 7.11 5.47 5.39
CA ASP A 160 8.26 4.58 5.34
C ASP A 160 8.12 3.57 4.21
N ALA A 161 6.93 2.99 4.08
CA ALA A 161 6.66 2.01 3.04
C ALA A 161 6.73 2.66 1.66
N PHE A 162 6.13 3.85 1.53
CA PHE A 162 6.05 4.53 0.25
C PHE A 162 7.42 4.98 -0.22
N TYR A 163 8.22 5.49 0.71
CA TYR A 163 9.54 6.04 0.39
C TYR A 163 10.43 4.96 -0.23
N THR A 164 10.33 3.75 0.30
CA THR A 164 10.96 2.59 -0.32
C THR A 164 10.43 2.36 -1.73
N LEU A 165 9.11 2.46 -1.87
CA LEU A 165 8.48 2.32 -3.19
C LEU A 165 9.01 3.36 -4.16
N VAL A 166 9.17 4.59 -3.69
CA VAL A 166 9.68 5.67 -4.51
C VAL A 166 11.09 5.37 -5.00
N ARG A 167 11.93 4.86 -4.10
CA ARG A 167 13.31 4.50 -4.45
C ARG A 167 13.33 3.36 -5.45
N GLU A 168 12.41 2.41 -5.28
CA GLU A 168 12.27 1.30 -6.22
C GLU A 168 11.82 1.81 -7.59
N ILE A 169 10.94 2.80 -7.59
CA ILE A 169 10.53 3.47 -8.82
C ILE A 169 11.71 4.18 -9.48
N ARG A 170 12.51 4.85 -8.67
CA ARG A 170 13.64 5.62 -9.17
C ARG A 170 14.68 4.71 -9.80
N GLN A 171 14.77 3.48 -9.29
CA GLN A 171 15.73 2.51 -9.80
C GLN A 171 15.11 1.63 -10.86
N HIS A 172 13.80 1.79 -11.07
CA HIS A 172 13.09 1.02 -12.07
C HIS A 172 13.30 -0.48 -11.88
N MET A 7 5.19 21.23 -8.49
CA MET A 7 6.00 20.24 -7.80
C MET A 7 5.89 18.87 -8.47
N THR A 8 6.92 18.05 -8.31
CA THR A 8 6.85 16.65 -8.70
C THR A 8 5.79 15.90 -7.91
N GLU A 9 4.89 15.24 -8.61
CA GLU A 9 3.75 14.58 -7.99
C GLU A 9 3.93 13.06 -7.97
N TYR A 10 3.63 12.43 -6.85
CA TYR A 10 3.63 10.97 -6.75
C TYR A 10 2.25 10.45 -6.43
N LYS A 11 1.63 9.78 -7.40
CA LYS A 11 0.25 9.30 -7.25
C LYS A 11 0.24 7.79 -7.00
N LEU A 12 0.07 7.42 -5.74
CA LEU A 12 0.25 6.02 -5.33
C LEU A 12 -1.09 5.37 -5.05
N VAL A 13 -1.23 4.11 -5.48
CA VAL A 13 -2.49 3.39 -5.32
C VAL A 13 -2.36 2.29 -4.28
N VAL A 14 -3.25 2.30 -3.29
CA VAL A 14 -3.19 1.35 -2.19
C VAL A 14 -4.24 0.26 -2.34
N VAL A 15 -3.81 -0.99 -2.29
CA VAL A 15 -4.71 -2.12 -2.48
C VAL A 15 -4.57 -3.12 -1.34
N GLY A 16 -5.58 -3.98 -1.18
CA GLY A 16 -5.53 -4.99 -0.15
C GLY A 16 -6.91 -5.57 0.15
N ALA A 17 -6.93 -6.67 0.90
CA ALA A 17 -8.19 -7.32 1.25
C ALA A 17 -8.86 -6.64 2.43
N GLY A 18 -10.12 -6.99 2.68
CA GLY A 18 -10.84 -6.41 3.79
C GLY A 18 -10.36 -6.93 5.14
N GLY A 19 -10.22 -6.03 6.10
CA GLY A 19 -9.77 -6.42 7.42
C GLY A 19 -8.68 -5.50 7.96
N VAL A 20 -8.14 -4.65 7.09
CA VAL A 20 -7.16 -3.67 7.51
C VAL A 20 -7.68 -2.24 7.29
N GLY A 21 -6.90 -1.26 7.74
CA GLY A 21 -7.37 0.12 7.73
C GLY A 21 -6.76 0.92 6.59
N LYS A 22 -7.01 0.47 5.36
CA LYS A 22 -6.44 1.13 4.19
C LYS A 22 -6.79 2.61 4.18
N SER A 23 -8.07 2.92 4.38
CA SER A 23 -8.53 4.30 4.38
C SER A 23 -7.92 5.08 5.55
N ALA A 24 -7.87 4.42 6.71
CA ALA A 24 -7.38 5.08 7.92
C ALA A 24 -5.91 5.47 7.79
N LEU A 25 -5.11 4.56 7.24
CA LEU A 25 -3.67 4.73 7.20
C LEU A 25 -3.27 5.84 6.23
N THR A 26 -3.92 5.84 5.06
CA THR A 26 -3.65 6.86 4.05
C THR A 26 -4.02 8.25 4.55
N ILE A 27 -5.05 8.33 5.38
CA ILE A 27 -5.46 9.59 5.97
C ILE A 27 -4.43 10.08 6.99
N GLN A 28 -3.91 9.15 7.78
CA GLN A 28 -3.09 9.51 8.93
C GLN A 28 -1.85 10.28 8.49
N LEU A 29 -1.17 9.77 7.46
CA LEU A 29 0.04 10.40 6.95
C LEU A 29 -0.25 11.77 6.35
N ILE A 30 -1.36 11.85 5.63
CA ILE A 30 -1.72 13.08 4.93
C ILE A 30 -2.18 14.16 5.90
N GLN A 31 -2.76 13.73 7.01
CA GLN A 31 -3.30 14.67 8.00
C GLN A 31 -2.34 14.83 9.17
N ASN A 32 -1.26 14.06 9.16
CA ASN A 32 -0.29 14.08 10.25
C ASN A 32 -0.98 13.84 11.58
N HIS A 33 -1.92 12.91 11.61
CA HIS A 33 -2.76 12.69 12.78
C HIS A 33 -3.39 11.31 12.74
N PHE A 34 -3.64 10.74 13.93
CA PHE A 34 -4.26 9.43 14.02
C PHE A 34 -5.77 9.52 13.88
N VAL A 35 -6.28 9.12 12.73
CA VAL A 35 -7.69 9.29 12.39
C VAL A 35 -8.37 7.94 12.16
N ASP A 36 -9.46 7.71 12.89
CA ASP A 36 -10.26 6.50 12.70
C ASP A 36 -11.49 6.79 11.85
N GLU A 37 -11.89 8.06 11.81
CA GLU A 37 -13.03 8.47 11.00
C GLU A 37 -13.02 7.76 9.65
N TYR A 38 -14.18 7.23 9.27
CA TYR A 38 -14.31 6.48 8.01
C TYR A 38 -14.57 7.42 6.85
N ASP A 39 -13.79 7.27 5.78
CA ASP A 39 -13.96 8.07 4.58
C ASP A 39 -15.27 7.74 3.88
N PRO A 40 -15.62 8.54 2.86
CA PRO A 40 -16.87 8.36 2.11
C PRO A 40 -17.01 6.96 1.54
N SER A 41 -18.24 6.59 1.19
CA SER A 41 -18.53 5.24 0.73
C SER A 41 -17.80 4.93 -0.57
N ILE A 42 -17.29 5.97 -1.22
CA ILE A 42 -16.49 5.81 -2.42
C ILE A 42 -15.04 6.20 -2.16
N GLU A 43 -14.15 5.86 -3.10
CA GLU A 43 -12.73 6.09 -2.94
C GLU A 43 -12.44 7.58 -2.80
N ASP A 44 -11.36 7.90 -2.08
CA ASP A 44 -11.08 9.28 -1.71
C ASP A 44 -9.57 9.52 -1.62
N SER A 45 -9.05 10.26 -2.59
CA SER A 45 -7.62 10.56 -2.64
C SER A 45 -7.26 11.68 -1.67
N TYR A 46 -6.06 11.62 -1.11
CA TYR A 46 -5.58 12.66 -0.22
C TYR A 46 -4.18 13.13 -0.63
N ARG A 47 -3.94 14.43 -0.47
CA ARG A 47 -2.70 15.03 -0.95
C ARG A 47 -1.97 15.75 0.18
N LYS A 48 -0.65 15.60 0.22
CA LYS A 48 0.17 16.33 1.19
C LYS A 48 1.54 16.65 0.60
N GLN A 49 1.97 17.90 0.78
CA GLN A 49 3.31 18.30 0.37
C GLN A 49 4.36 17.76 1.33
N VAL A 50 5.32 17.01 0.80
CA VAL A 50 6.31 16.32 1.62
C VAL A 50 7.71 16.47 1.04
N VAL A 51 8.72 16.16 1.85
CA VAL A 51 10.09 16.09 1.36
C VAL A 51 10.62 14.66 1.44
N ILE A 52 10.91 14.09 0.29
CA ILE A 52 11.40 12.71 0.22
C ILE A 52 12.82 12.66 -0.34
N ASP A 53 13.75 12.19 0.46
CA ASP A 53 15.16 12.12 0.05
C ASP A 53 15.67 13.49 -0.36
N GLY A 54 15.23 14.53 0.36
CA GLY A 54 15.70 15.88 0.09
C GLY A 54 14.93 16.53 -1.03
N GLU A 55 14.07 15.76 -1.70
CA GLU A 55 13.28 16.27 -2.81
C GLU A 55 11.91 16.73 -2.33
N THR A 56 11.55 17.97 -2.66
CA THR A 56 10.24 18.50 -2.33
C THR A 56 9.22 18.15 -3.39
N CYS A 57 8.12 17.51 -2.98
CA CYS A 57 7.16 16.94 -3.91
C CYS A 57 5.77 16.89 -3.30
N LEU A 58 4.77 16.58 -4.12
CA LEU A 58 3.40 16.42 -3.64
C LEU A 58 3.00 14.95 -3.64
N LEU A 59 2.65 14.43 -2.46
CA LEU A 59 2.32 13.02 -2.30
C LEU A 59 0.81 12.81 -2.36
N ASP A 60 0.35 12.09 -3.38
CA ASP A 60 -1.08 11.84 -3.56
C ASP A 60 -1.39 10.37 -3.33
N ILE A 61 -2.09 10.08 -2.25
CA ILE A 61 -2.37 8.70 -1.86
C ILE A 61 -3.84 8.37 -2.04
N LEU A 62 -4.11 7.31 -2.80
CA LEU A 62 -5.48 6.85 -3.02
C LEU A 62 -5.63 5.38 -2.67
N ASP A 63 -6.50 5.10 -1.71
CA ASP A 63 -6.80 3.72 -1.33
C ASP A 63 -8.04 3.21 -2.06
N THR A 64 -8.02 1.93 -2.42
CA THR A 64 -9.14 1.32 -3.14
C THR A 64 -9.71 0.15 -2.35
N ALA A 65 -10.92 -0.26 -2.71
CA ALA A 65 -11.60 -1.34 -2.00
C ALA A 65 -12.55 -2.08 -2.93
N GLY A 66 -12.73 -3.38 -2.68
CA GLY A 66 -13.57 -4.20 -3.54
C GLY A 66 -12.89 -4.53 -4.85
N GLN A 67 -12.25 -5.70 -4.90
CA GLN A 67 -11.60 -6.15 -6.13
C GLN A 67 -12.60 -6.32 -7.26
N GLU A 68 -13.84 -6.60 -6.90
CA GLU A 68 -14.95 -6.59 -7.86
C GLU A 68 -15.07 -5.23 -8.54
N GLU A 69 -14.88 -4.17 -7.76
CA GLU A 69 -15.02 -2.81 -8.27
C GLU A 69 -13.86 -2.45 -9.18
N TYR A 70 -12.66 -2.93 -8.83
CA TYR A 70 -11.50 -2.80 -9.69
C TYR A 70 -11.87 -3.12 -11.14
N SER A 71 -12.16 -2.07 -11.91
CA SER A 71 -12.46 -2.23 -13.32
C SER A 71 -11.73 -1.18 -14.15
N ALA A 72 -12.12 -1.04 -15.42
CA ALA A 72 -11.55 -0.03 -16.29
C ALA A 72 -11.62 1.35 -15.64
N MET A 73 -12.62 1.55 -14.79
CA MET A 73 -12.77 2.80 -14.07
C MET A 73 -11.54 3.09 -13.21
N ARG A 74 -10.96 2.04 -12.66
CA ARG A 74 -9.79 2.17 -11.79
C ARG A 74 -8.49 2.01 -12.58
N ASP A 75 -8.59 1.38 -13.75
CA ASP A 75 -7.51 1.40 -14.72
C ASP A 75 -7.15 2.83 -15.11
N GLN A 76 -8.14 3.71 -15.08
CA GLN A 76 -7.90 5.13 -15.25
C GLN A 76 -7.00 5.67 -14.14
N TYR A 77 -7.24 5.20 -12.92
CA TYR A 77 -6.37 5.54 -11.79
C TYR A 77 -4.98 4.95 -11.97
N MET A 78 -4.92 3.74 -12.49
CA MET A 78 -3.64 3.08 -12.74
C MET A 78 -2.82 3.88 -13.74
N ARG A 79 -3.49 4.66 -14.58
CA ARG A 79 -2.82 5.44 -15.61
C ARG A 79 -1.69 6.27 -15.01
N THR A 80 -1.85 6.64 -13.74
CA THR A 80 -0.83 7.41 -13.03
C THR A 80 0.52 6.70 -13.07
N GLY A 81 0.50 5.39 -12.83
CA GLY A 81 1.57 4.52 -13.31
C GLY A 81 2.69 4.38 -12.30
N GLU A 82 2.78 5.33 -11.38
CA GLU A 82 3.87 5.34 -10.40
C GLU A 82 4.08 3.94 -9.83
N GLY A 83 3.24 3.54 -8.89
CA GLY A 83 3.42 2.27 -8.21
C GLY A 83 2.25 1.92 -7.32
N PHE A 84 2.34 0.77 -6.66
CA PHE A 84 1.22 0.25 -5.88
C PHE A 84 1.67 -0.14 -4.47
N LEU A 85 0.88 0.27 -3.48
CA LEU A 85 1.14 -0.12 -2.10
C LEU A 85 0.17 -1.22 -1.66
N CYS A 86 0.73 -2.34 -1.19
CA CYS A 86 -0.08 -3.49 -0.81
C CYS A 86 -0.11 -3.65 0.71
N VAL A 87 -1.29 -3.52 1.29
CA VAL A 87 -1.44 -3.54 2.74
C VAL A 87 -2.15 -4.81 3.20
N PHE A 88 -1.52 -5.53 4.12
CA PHE A 88 -2.11 -6.73 4.69
C PHE A 88 -1.92 -6.76 6.21
N ALA A 89 -2.59 -7.69 6.86
CA ALA A 89 -2.38 -7.94 8.28
C ALA A 89 -1.67 -9.27 8.52
N ILE A 90 -0.80 -9.30 9.51
CA ILE A 90 -0.04 -10.50 9.83
C ILE A 90 -0.92 -11.53 10.54
N ASN A 91 -2.20 -11.22 10.66
CA ASN A 91 -3.19 -12.19 11.14
C ASN A 91 -4.12 -12.62 10.01
N ASN A 92 -4.23 -11.78 8.98
CA ASN A 92 -5.19 -12.00 7.91
C ASN A 92 -4.56 -12.77 6.76
N THR A 93 -4.71 -14.08 6.77
CA THR A 93 -4.13 -14.93 5.74
C THR A 93 -4.65 -14.55 4.35
N LYS A 94 -5.96 -14.30 4.26
CA LYS A 94 -6.59 -14.05 2.98
C LYS A 94 -5.90 -12.90 2.24
N SER A 95 -5.41 -11.93 3.01
CA SER A 95 -4.79 -10.74 2.43
C SER A 95 -3.57 -11.12 1.60
N PHE A 96 -2.84 -12.13 2.06
CA PHE A 96 -1.61 -12.55 1.39
C PHE A 96 -1.91 -13.09 -0.01
N GLU A 97 -2.98 -13.89 -0.11
CA GLU A 97 -3.37 -14.47 -1.39
C GLU A 97 -4.00 -13.41 -2.29
N ASP A 98 -4.83 -12.55 -1.70
CA ASP A 98 -5.58 -11.56 -2.47
C ASP A 98 -4.64 -10.57 -3.14
N ILE A 99 -3.61 -10.15 -2.41
CA ILE A 99 -2.64 -9.19 -2.94
C ILE A 99 -1.86 -9.80 -4.10
N HIS A 100 -1.53 -11.08 -3.99
CA HIS A 100 -0.82 -11.78 -5.05
C HIS A 100 -1.65 -11.81 -6.34
N GLN A 101 -2.95 -12.03 -6.19
CA GLN A 101 -3.86 -11.97 -7.32
C GLN A 101 -3.87 -10.58 -7.94
N TYR A 102 -3.91 -9.56 -7.09
CA TYR A 102 -3.84 -8.18 -7.54
C TYR A 102 -2.54 -7.92 -8.29
N ARG A 103 -1.45 -8.51 -7.79
CA ARG A 103 -0.15 -8.37 -8.42
C ARG A 103 -0.18 -8.87 -9.85
N GLU A 104 -0.76 -10.06 -10.05
CA GLU A 104 -0.82 -10.66 -11.39
C GLU A 104 -1.71 -9.84 -12.31
N GLN A 105 -2.81 -9.33 -11.77
CA GLN A 105 -3.76 -8.56 -12.57
C GLN A 105 -3.13 -7.26 -13.04
N ILE A 106 -2.41 -6.59 -12.15
CA ILE A 106 -1.73 -5.34 -12.50
C ILE A 106 -0.68 -5.58 -13.59
N LYS A 107 0.05 -6.68 -13.47
CA LYS A 107 1.09 -7.01 -14.44
C LYS A 107 0.50 -7.20 -15.84
N ARG A 108 -0.64 -7.89 -15.91
CA ARG A 108 -1.28 -8.17 -17.19
C ARG A 108 -1.86 -6.90 -17.80
N VAL A 109 -2.44 -6.05 -16.95
CA VAL A 109 -3.01 -4.79 -17.40
C VAL A 109 -1.94 -3.86 -17.94
N LYS A 110 -0.75 -3.95 -17.37
CA LYS A 110 0.37 -3.10 -17.79
C LYS A 110 1.13 -3.74 -18.95
N ASP A 111 0.64 -4.89 -19.40
CA ASP A 111 1.25 -5.59 -20.54
C ASP A 111 2.77 -5.51 -20.47
N SER A 112 3.32 -5.80 -19.30
CA SER A 112 4.76 -5.64 -19.06
C SER A 112 5.19 -6.38 -17.80
N ASP A 113 6.50 -6.49 -17.62
CA ASP A 113 7.04 -7.07 -16.39
C ASP A 113 6.44 -6.39 -15.16
N ASP A 114 6.59 -7.03 -14.00
CA ASP A 114 5.98 -6.54 -12.77
C ASP A 114 6.43 -5.12 -12.47
N VAL A 115 5.79 -4.49 -11.49
CA VAL A 115 5.84 -3.03 -11.35
C VAL A 115 6.25 -2.64 -9.93
N PRO A 116 6.70 -1.40 -9.77
CA PRO A 116 7.06 -0.84 -8.46
C PRO A 116 5.99 -1.09 -7.41
N MET A 117 6.37 -1.78 -6.33
CA MET A 117 5.40 -2.24 -5.34
C MET A 117 6.06 -2.45 -3.98
N VAL A 118 5.31 -2.24 -2.91
CA VAL A 118 5.80 -2.47 -1.57
C VAL A 118 4.79 -3.27 -0.75
N LEU A 119 5.29 -4.26 -0.01
CA LEU A 119 4.43 -5.06 0.86
C LEU A 119 4.60 -4.67 2.32
N VAL A 120 3.50 -4.33 2.97
CA VAL A 120 3.53 -3.88 4.36
C VAL A 120 2.55 -4.67 5.22
N GLY A 121 3.00 -5.08 6.40
CA GLY A 121 2.15 -5.87 7.28
C GLY A 121 1.82 -5.14 8.57
N ASN A 122 0.52 -5.02 8.86
CA ASN A 122 0.07 -4.25 10.02
C ASN A 122 -0.22 -5.18 11.20
N LYS A 123 -0.40 -4.58 12.37
CA LYS A 123 -0.84 -5.32 13.54
C LYS A 123 0.29 -6.18 14.10
N CYS A 124 1.52 -5.67 13.99
CA CYS A 124 2.68 -6.40 14.47
C CYS A 124 2.86 -6.22 15.97
N ASP A 125 2.23 -5.18 16.51
CA ASP A 125 2.25 -4.95 17.95
C ASP A 125 0.83 -4.85 18.50
N LEU A 126 -0.14 -4.74 17.60
CA LEU A 126 -1.54 -4.62 17.98
C LEU A 126 -1.97 -5.81 18.84
N ALA A 127 -1.78 -7.01 18.31
CA ALA A 127 -2.33 -8.22 18.93
C ALA A 127 -1.68 -9.47 18.35
N ALA A 128 -1.72 -10.55 19.11
CA ALA A 128 -1.28 -11.85 18.63
C ALA A 128 -1.91 -12.18 17.28
N ARG A 129 -1.19 -12.94 16.46
CA ARG A 129 -1.58 -13.15 15.07
C ARG A 129 -1.55 -14.64 14.72
N THR A 130 -1.86 -14.95 13.47
CA THR A 130 -1.88 -16.33 13.01
C THR A 130 -1.10 -16.49 11.71
N VAL A 131 -0.25 -15.52 11.41
CA VAL A 131 0.76 -15.68 10.37
C VAL A 131 2.15 -15.32 10.89
N GLU A 132 3.08 -16.25 10.77
CA GLU A 132 4.46 -16.02 11.22
C GLU A 132 5.17 -15.04 10.30
N SER A 133 5.96 -14.14 10.89
CA SER A 133 6.69 -13.15 10.13
C SER A 133 7.62 -13.81 9.12
N ARG A 134 8.18 -14.95 9.51
CA ARG A 134 9.09 -15.69 8.64
C ARG A 134 8.40 -16.12 7.35
N GLN A 135 7.14 -16.50 7.48
CA GLN A 135 6.33 -16.86 6.31
C GLN A 135 6.00 -15.62 5.48
N ALA A 136 5.61 -14.54 6.14
CA ALA A 136 5.20 -13.33 5.46
C ALA A 136 6.34 -12.75 4.63
N GLN A 137 7.53 -12.72 5.22
CA GLN A 137 8.70 -12.13 4.56
C GLN A 137 9.17 -13.01 3.42
N ASP A 138 9.02 -14.33 3.57
CA ASP A 138 9.35 -15.27 2.52
C ASP A 138 8.47 -15.05 1.29
N LEU A 139 7.18 -14.82 1.53
CA LEU A 139 6.24 -14.54 0.45
C LEU A 139 6.61 -13.25 -0.29
N ALA A 140 6.95 -12.22 0.48
CA ALA A 140 7.27 -10.92 -0.09
C ALA A 140 8.54 -10.98 -0.93
N ARG A 141 9.58 -11.62 -0.39
CA ARG A 141 10.89 -11.63 -1.03
C ARG A 141 10.87 -12.51 -2.28
N SER A 142 10.00 -13.51 -2.28
CA SER A 142 9.82 -14.37 -3.45
C SER A 142 9.17 -13.59 -4.59
N TYR A 143 8.46 -12.52 -4.25
CA TYR A 143 7.86 -11.64 -5.25
C TYR A 143 8.82 -10.53 -5.65
N GLY A 144 9.97 -10.48 -4.98
CA GLY A 144 10.92 -9.41 -5.22
C GLY A 144 10.46 -8.08 -4.66
N ILE A 145 9.54 -8.14 -3.70
CA ILE A 145 8.93 -6.92 -3.16
C ILE A 145 9.36 -6.68 -1.73
N PRO A 146 9.77 -5.43 -1.44
CA PRO A 146 10.21 -5.04 -0.09
C PRO A 146 9.20 -5.42 0.99
N TYR A 147 9.71 -5.96 2.09
CA TYR A 147 8.85 -6.36 3.20
C TYR A 147 9.03 -5.45 4.41
N ILE A 148 7.96 -4.76 4.79
CA ILE A 148 8.01 -3.84 5.90
C ILE A 148 6.94 -4.16 6.93
N GLU A 149 7.36 -4.32 8.19
CA GLU A 149 6.43 -4.55 9.28
C GLU A 149 6.06 -3.25 9.97
N THR A 150 4.78 -3.11 10.32
CA THR A 150 4.31 -1.91 11.01
C THR A 150 3.19 -2.25 11.99
N SER A 151 2.95 -1.36 12.94
CA SER A 151 1.81 -1.49 13.84
C SER A 151 1.11 -0.15 14.05
N ALA A 152 -0.09 -0.02 13.50
CA ALA A 152 -0.78 1.26 13.46
C ALA A 152 -0.93 1.84 14.86
N LYS A 153 -0.90 0.97 15.86
CA LYS A 153 -1.14 1.38 17.25
C LYS A 153 0.07 2.10 17.82
N THR A 154 1.24 1.48 17.69
CA THR A 154 2.40 1.85 18.50
C THR A 154 3.50 2.44 17.63
N ARG A 155 3.66 1.89 16.43
CA ARG A 155 4.82 2.20 15.60
C ARG A 155 4.42 2.34 14.14
N GLN A 156 4.67 3.52 13.57
CA GLN A 156 4.16 3.86 12.26
C GLN A 156 5.16 3.46 11.18
N GLY A 157 4.71 2.64 10.23
CA GLY A 157 5.51 2.33 9.06
C GLY A 157 4.94 2.95 7.79
N VAL A 158 3.88 3.73 7.93
CA VAL A 158 3.16 4.27 6.79
C VAL A 158 4.06 5.17 5.95
N GLU A 159 4.73 6.12 6.60
CA GLU A 159 5.59 7.06 5.91
C GLU A 159 6.73 6.34 5.20
N ASP A 160 7.40 5.46 5.93
CA ASP A 160 8.54 4.72 5.39
C ASP A 160 8.11 3.87 4.19
N ALA A 161 6.95 3.23 4.32
CA ALA A 161 6.46 2.34 3.28
C ALA A 161 6.19 3.11 1.99
N PHE A 162 5.53 4.26 2.11
CA PHE A 162 5.21 5.08 0.96
C PHE A 162 6.47 5.62 0.29
N TYR A 163 7.42 6.05 1.11
CA TYR A 163 8.67 6.61 0.60
C TYR A 163 9.52 5.52 -0.04
N THR A 164 9.50 4.33 0.55
CA THR A 164 10.21 3.19 -0.02
C THR A 164 9.76 2.91 -1.45
N LEU A 165 8.45 2.96 -1.68
CA LEU A 165 7.90 2.80 -3.03
C LEU A 165 8.44 3.88 -3.96
N VAL A 166 8.49 5.11 -3.47
CA VAL A 166 9.04 6.22 -4.24
C VAL A 166 10.49 5.97 -4.62
N ARG A 167 11.25 5.42 -3.69
CA ARG A 167 12.64 5.05 -3.95
C ARG A 167 12.72 3.99 -5.04
N GLU A 168 11.84 3.00 -4.95
CA GLU A 168 11.80 1.92 -5.93
C GLU A 168 11.40 2.46 -7.31
N ILE A 169 10.49 3.42 -7.33
CA ILE A 169 10.08 4.06 -8.57
C ILE A 169 11.23 4.85 -9.19
N ARG A 170 11.93 5.61 -8.35
CA ARG A 170 13.00 6.48 -8.83
C ARG A 170 14.18 5.67 -9.33
N GLN A 171 14.30 4.44 -8.83
CA GLN A 171 15.35 3.53 -9.26
C GLN A 171 14.84 2.54 -10.30
N HIS A 172 13.53 2.59 -10.55
CA HIS A 172 12.92 1.71 -11.54
C HIS A 172 13.29 0.25 -11.26
N MET A 7 8.32 20.92 -9.09
CA MET A 7 6.99 20.46 -8.71
C MET A 7 6.86 18.95 -8.92
N THR A 8 7.82 18.20 -8.38
CA THR A 8 7.80 16.75 -8.50
C THR A 8 6.57 16.15 -7.82
N GLU A 9 5.86 15.28 -8.55
CA GLU A 9 4.71 14.60 -7.98
C GLU A 9 4.84 13.08 -8.16
N TYR A 10 4.53 12.35 -7.10
CA TYR A 10 4.56 10.88 -7.15
C TYR A 10 3.16 10.31 -6.94
N LYS A 11 2.74 9.44 -7.85
CA LYS A 11 1.40 8.88 -7.83
C LYS A 11 1.41 7.44 -7.33
N LEU A 12 0.81 7.20 -6.17
CA LEU A 12 0.84 5.89 -5.54
C LEU A 12 -0.56 5.26 -5.53
N VAL A 13 -0.64 4.01 -5.97
CA VAL A 13 -1.90 3.27 -5.94
C VAL A 13 -1.88 2.22 -4.83
N VAL A 14 -2.89 2.25 -3.97
CA VAL A 14 -2.95 1.36 -2.82
C VAL A 14 -3.96 0.24 -3.06
N VAL A 15 -3.52 -1.00 -2.82
CA VAL A 15 -4.40 -2.16 -2.96
C VAL A 15 -4.30 -3.06 -1.74
N GLY A 16 -5.31 -3.92 -1.56
CA GLY A 16 -5.32 -4.83 -0.44
C GLY A 16 -6.71 -5.34 -0.10
N ALA A 17 -6.77 -6.41 0.68
CA ALA A 17 -8.04 -7.00 1.05
C ALA A 17 -8.78 -6.14 2.06
N GLY A 18 -10.11 -6.25 2.08
CA GLY A 18 -10.92 -5.47 3.00
C GLY A 18 -10.64 -5.81 4.45
N GLY A 19 -10.64 -4.80 5.31
CA GLY A 19 -10.40 -5.02 6.72
C GLY A 19 -9.32 -4.11 7.28
N VAL A 20 -8.70 -3.32 6.40
CA VAL A 20 -7.64 -2.42 6.81
C VAL A 20 -8.09 -0.97 6.72
N GLY A 21 -7.32 -0.08 7.33
CA GLY A 21 -7.70 1.33 7.38
C GLY A 21 -6.73 2.22 6.63
N LYS A 22 -6.51 1.91 5.36
CA LYS A 22 -5.54 2.64 4.55
C LYS A 22 -5.96 4.10 4.38
N SER A 23 -7.27 4.32 4.30
CA SER A 23 -7.81 5.67 4.26
C SER A 23 -7.46 6.44 5.52
N ALA A 24 -7.57 5.78 6.67
CA ALA A 24 -7.23 6.39 7.95
C ALA A 24 -5.73 6.68 8.02
N LEU A 25 -4.92 5.78 7.48
CA LEU A 25 -3.47 5.88 7.60
C LEU A 25 -2.94 7.07 6.79
N THR A 26 -3.52 7.27 5.61
CA THR A 26 -3.22 8.45 4.80
C THR A 26 -3.66 9.73 5.51
N ILE A 27 -4.75 9.63 6.27
CA ILE A 27 -5.22 10.76 7.07
C ILE A 27 -4.25 11.07 8.20
N GLN A 28 -3.68 10.03 8.78
CA GLN A 28 -2.72 10.19 9.88
C GLN A 28 -1.56 11.07 9.44
N LEU A 29 -0.99 10.77 8.29
CA LEU A 29 0.16 11.52 7.78
C LEU A 29 -0.25 12.96 7.44
N ILE A 30 -1.44 13.11 6.86
CA ILE A 30 -1.90 14.41 6.40
C ILE A 30 -2.14 15.35 7.58
N GLN A 31 -2.64 14.79 8.68
CA GLN A 31 -3.05 15.59 9.82
C GLN A 31 -2.04 15.49 10.96
N ASN A 32 -0.98 14.72 10.73
CA ASN A 32 0.03 14.50 11.76
C ASN A 32 -0.59 13.96 13.04
N HIS A 33 -1.49 12.98 12.88
CA HIS A 33 -2.26 12.47 14.02
C HIS A 33 -2.21 10.95 14.05
N PHE A 34 -2.37 10.38 15.25
CA PHE A 34 -2.49 8.94 15.40
C PHE A 34 -3.94 8.52 15.55
N VAL A 35 -4.47 7.85 14.53
CA VAL A 35 -5.89 7.47 14.52
C VAL A 35 -6.04 5.95 14.53
N ASP A 36 -6.44 5.42 15.67
CA ASP A 36 -6.61 3.97 15.82
C ASP A 36 -8.09 3.59 15.69
N GLU A 37 -8.53 3.36 14.46
CA GLU A 37 -9.89 2.93 14.20
C GLU A 37 -10.05 2.42 12.77
N TYR A 38 -11.20 1.82 12.49
CA TYR A 38 -11.46 1.27 11.16
C TYR A 38 -12.21 2.28 10.29
N ASP A 39 -11.63 2.62 9.15
CA ASP A 39 -12.19 3.65 8.28
C ASP A 39 -12.29 3.14 6.84
N PRO A 40 -13.43 2.53 6.52
CA PRO A 40 -13.71 2.04 5.16
C PRO A 40 -14.16 3.17 4.23
N SER A 41 -13.68 3.13 2.99
CA SER A 41 -14.15 4.06 1.96
C SER A 41 -14.09 3.41 0.58
N ILE A 42 -14.48 4.17 -0.44
CA ILE A 42 -14.53 3.65 -1.80
C ILE A 42 -14.08 4.71 -2.80
N GLU A 43 -12.98 4.43 -3.49
CA GLU A 43 -12.45 5.33 -4.50
C GLU A 43 -12.18 6.71 -3.91
N ASP A 44 -11.16 6.79 -3.06
CA ASP A 44 -10.93 7.99 -2.27
C ASP A 44 -9.45 8.40 -2.34
N SER A 45 -9.18 9.51 -2.99
CA SER A 45 -7.81 9.95 -3.22
C SER A 45 -7.33 10.85 -2.08
N TYR A 46 -6.02 10.83 -1.84
CA TYR A 46 -5.41 11.72 -0.85
C TYR A 46 -4.15 12.38 -1.41
N ARG A 47 -3.87 13.59 -0.94
CA ARG A 47 -2.64 14.28 -1.30
C ARG A 47 -1.91 14.77 -0.06
N LYS A 48 -0.59 14.60 -0.04
CA LYS A 48 0.23 15.07 1.06
C LYS A 48 1.63 15.44 0.58
N GLN A 49 2.07 16.64 0.95
CA GLN A 49 3.40 17.11 0.55
C GLN A 49 4.48 16.45 1.38
N VAL A 50 5.41 15.79 0.70
CA VAL A 50 6.42 14.96 1.36
C VAL A 50 7.80 15.20 0.77
N VAL A 51 8.83 14.84 1.54
CA VAL A 51 10.20 14.89 1.03
C VAL A 51 10.85 13.50 1.08
N ILE A 52 11.29 13.04 -0.09
CA ILE A 52 11.95 11.74 -0.18
C ILE A 52 13.37 11.89 -0.73
N ASP A 53 14.35 11.38 0.02
CA ASP A 53 15.73 11.36 -0.44
C ASP A 53 16.17 12.76 -0.88
N GLY A 54 15.81 13.76 -0.09
CA GLY A 54 16.32 15.10 -0.31
C GLY A 54 15.52 15.87 -1.33
N GLU A 55 14.61 15.18 -2.01
CA GLU A 55 13.79 15.81 -3.04
C GLU A 55 12.38 16.10 -2.51
N THR A 56 11.96 17.36 -2.64
CA THR A 56 10.63 17.77 -2.20
C THR A 56 9.60 17.55 -3.30
N CYS A 57 8.51 16.88 -2.95
CA CYS A 57 7.52 16.47 -3.94
C CYS A 57 6.14 16.34 -3.31
N LEU A 58 5.12 16.15 -4.14
CA LEU A 58 3.76 15.91 -3.67
C LEU A 58 3.37 14.45 -3.86
N LEU A 59 2.92 13.82 -2.79
CA LEU A 59 2.49 12.43 -2.85
C LEU A 59 0.98 12.32 -3.04
N ASP A 60 0.56 11.82 -4.20
CA ASP A 60 -0.86 11.65 -4.49
C ASP A 60 -1.24 10.18 -4.45
N ILE A 61 -2.07 9.81 -3.48
CA ILE A 61 -2.38 8.41 -3.24
C ILE A 61 -3.81 8.07 -3.67
N LEU A 62 -3.94 7.07 -4.52
CA LEU A 62 -5.26 6.58 -4.91
C LEU A 62 -5.64 5.33 -4.11
N ASP A 63 -6.66 5.46 -3.28
CA ASP A 63 -7.10 4.36 -2.43
C ASP A 63 -8.32 3.67 -3.01
N THR A 64 -8.20 2.39 -3.32
CA THR A 64 -9.25 1.64 -3.98
C THR A 64 -10.33 1.23 -2.98
N ALA A 65 -11.44 0.71 -3.50
CA ALA A 65 -12.55 0.28 -2.66
C ALA A 65 -12.08 -0.65 -1.55
N GLY A 66 -12.63 -0.47 -0.35
CA GLY A 66 -12.37 -1.41 0.73
C GLY A 66 -12.84 -2.81 0.39
N GLN A 67 -13.67 -2.93 -0.65
CA GLN A 67 -14.07 -4.23 -1.16
C GLN A 67 -12.99 -4.81 -2.08
N GLU A 68 -12.42 -5.95 -1.67
CA GLU A 68 -11.31 -6.54 -2.41
C GLU A 68 -11.77 -7.05 -3.77
N GLU A 69 -13.08 -7.20 -3.93
CA GLU A 69 -13.62 -7.72 -5.18
C GLU A 69 -13.77 -6.59 -6.21
N TYR A 70 -13.40 -5.38 -5.81
CA TYR A 70 -13.42 -4.24 -6.72
C TYR A 70 -13.10 -4.67 -8.15
N SER A 71 -13.89 -4.19 -9.10
CA SER A 71 -13.83 -4.69 -10.46
C SER A 71 -12.92 -3.82 -11.33
N ALA A 72 -13.00 -4.01 -12.64
CA ALA A 72 -12.19 -3.24 -13.58
C ALA A 72 -12.45 -1.74 -13.42
N MET A 73 -13.60 -1.40 -12.83
CA MET A 73 -13.94 0.00 -12.57
C MET A 73 -12.88 0.65 -11.67
N ARG A 74 -12.29 -0.14 -10.79
CA ARG A 74 -11.27 0.38 -9.88
C ARG A 74 -9.88 0.25 -10.49
N ASP A 75 -9.75 -0.62 -11.48
CA ASP A 75 -8.48 -0.79 -12.18
C ASP A 75 -8.08 0.48 -12.90
N GLN A 76 -9.05 1.35 -13.15
CA GLN A 76 -8.78 2.66 -13.72
C GLN A 76 -7.61 3.34 -13.00
N TYR A 77 -7.56 3.15 -11.68
CA TYR A 77 -6.49 3.73 -10.87
C TYR A 77 -5.13 3.16 -11.26
N MET A 78 -5.12 1.90 -11.67
CA MET A 78 -3.88 1.21 -11.99
C MET A 78 -3.20 1.85 -13.20
N ARG A 79 -3.97 2.57 -13.99
CA ARG A 79 -3.43 3.35 -15.10
C ARG A 79 -2.30 4.25 -14.62
N THR A 80 -2.34 4.63 -13.35
CA THR A 80 -1.26 5.39 -12.75
C THR A 80 0.09 4.73 -12.98
N GLY A 81 0.18 3.44 -12.67
CA GLY A 81 1.19 2.60 -13.26
C GLY A 81 2.53 2.71 -12.55
N GLU A 82 2.71 3.80 -11.82
CA GLU A 82 4.01 4.13 -11.24
C GLU A 82 4.40 3.12 -10.17
N GLY A 83 3.63 3.08 -9.09
CA GLY A 83 3.94 2.18 -8.00
C GLY A 83 2.69 1.74 -7.25
N PHE A 84 2.76 0.57 -6.62
CA PHE A 84 1.60 -0.03 -5.98
C PHE A 84 1.95 -0.54 -4.59
N LEU A 85 1.16 -0.13 -3.59
CA LEU A 85 1.38 -0.56 -2.22
C LEU A 85 0.37 -1.63 -1.81
N CYS A 86 0.88 -2.77 -1.39
CA CYS A 86 0.01 -3.89 -1.01
C CYS A 86 0.03 -4.10 0.50
N VAL A 87 -1.13 -3.92 1.14
CA VAL A 87 -1.22 -4.03 2.58
C VAL A 87 -2.05 -5.25 2.99
N PHE A 88 -1.59 -5.96 4.01
CA PHE A 88 -2.34 -7.09 4.55
C PHE A 88 -2.44 -7.00 6.07
N ALA A 89 -3.30 -7.83 6.65
CA ALA A 89 -3.35 -7.98 8.10
C ALA A 89 -2.77 -9.32 8.54
N ILE A 90 -2.05 -9.31 9.65
CA ILE A 90 -1.33 -10.50 10.12
C ILE A 90 -2.30 -11.59 10.55
N ASN A 91 -3.58 -11.25 10.65
CA ASN A 91 -4.62 -12.23 10.93
C ASN A 91 -5.30 -12.67 9.64
N ASN A 92 -4.84 -12.13 8.51
CA ASN A 92 -5.42 -12.47 7.22
C ASN A 92 -4.41 -13.24 6.36
N THR A 93 -4.46 -14.57 6.46
CA THR A 93 -3.70 -15.42 5.56
C THR A 93 -4.20 -15.29 4.12
N LYS A 94 -5.52 -15.33 3.95
CA LYS A 94 -6.12 -15.31 2.63
C LYS A 94 -5.70 -14.07 1.86
N SER A 95 -5.54 -12.96 2.56
CA SER A 95 -5.30 -11.66 1.93
C SER A 95 -4.05 -11.72 1.05
N PHE A 96 -3.15 -12.64 1.37
CA PHE A 96 -1.92 -12.79 0.61
C PHE A 96 -2.23 -13.26 -0.82
N GLU A 97 -3.22 -14.13 -0.95
CA GLU A 97 -3.64 -14.63 -2.26
C GLU A 97 -4.22 -13.49 -3.10
N ASP A 98 -4.96 -12.60 -2.44
CA ASP A 98 -5.55 -11.45 -3.12
C ASP A 98 -4.46 -10.50 -3.62
N ILE A 99 -3.42 -10.32 -2.80
CA ILE A 99 -2.28 -9.50 -3.18
C ILE A 99 -1.57 -10.07 -4.41
N HIS A 100 -1.41 -11.39 -4.42
CA HIS A 100 -0.78 -12.08 -5.55
C HIS A 100 -1.59 -11.84 -6.83
N GLN A 101 -2.91 -11.93 -6.72
CA GLN A 101 -3.78 -11.71 -7.86
C GLN A 101 -3.61 -10.30 -8.42
N TYR A 102 -3.61 -9.31 -7.53
CA TYR A 102 -3.36 -7.93 -7.92
C TYR A 102 -1.99 -7.79 -8.58
N ARG A 103 -1.00 -8.48 -8.03
CA ARG A 103 0.35 -8.43 -8.56
C ARG A 103 0.36 -8.80 -10.05
N GLU A 104 -0.27 -9.92 -10.37
CA GLU A 104 -0.31 -10.41 -11.75
C GLU A 104 -1.18 -9.50 -12.62
N GLN A 105 -2.30 -9.07 -12.07
CA GLN A 105 -3.28 -8.28 -12.83
C GLN A 105 -2.70 -6.93 -13.21
N ILE A 106 -2.01 -6.30 -12.26
CA ILE A 106 -1.38 -5.01 -12.51
C ILE A 106 -0.43 -5.08 -13.70
N LYS A 107 0.30 -6.18 -13.81
CA LYS A 107 1.27 -6.36 -14.88
C LYS A 107 0.58 -6.41 -16.25
N ARG A 108 -0.55 -7.09 -16.30
CA ARG A 108 -1.32 -7.21 -17.53
C ARG A 108 -1.95 -5.86 -17.90
N VAL A 109 -2.43 -5.14 -16.90
CA VAL A 109 -3.04 -3.84 -17.11
C VAL A 109 -2.03 -2.85 -17.69
N LYS A 110 -0.80 -2.92 -17.20
CA LYS A 110 0.25 -1.99 -17.59
C LYS A 110 1.02 -2.51 -18.81
N ASP A 111 0.64 -3.70 -19.26
CA ASP A 111 1.39 -4.40 -20.30
C ASP A 111 2.90 -4.35 -20.00
N SER A 112 3.25 -4.62 -18.76
CA SER A 112 4.63 -4.44 -18.30
C SER A 112 5.03 -5.57 -17.36
N ASP A 113 6.33 -5.83 -17.27
CA ASP A 113 6.87 -6.73 -16.27
C ASP A 113 6.71 -6.15 -14.86
N ASP A 114 7.33 -6.80 -13.88
CA ASP A 114 7.10 -6.46 -12.49
C ASP A 114 7.28 -4.97 -12.25
N VAL A 115 6.61 -4.44 -11.24
CA VAL A 115 6.54 -3.00 -11.01
C VAL A 115 6.89 -2.64 -9.58
N PRO A 116 7.26 -1.37 -9.36
CA PRO A 116 7.56 -0.86 -8.01
C PRO A 116 6.45 -1.15 -7.02
N MET A 117 6.79 -1.90 -5.97
CA MET A 117 5.79 -2.35 -5.00
C MET A 117 6.39 -2.45 -3.60
N VAL A 118 5.56 -2.24 -2.59
CA VAL A 118 5.97 -2.47 -1.21
C VAL A 118 4.92 -3.29 -0.46
N LEU A 119 5.37 -4.26 0.32
CA LEU A 119 4.47 -5.08 1.13
C LEU A 119 4.40 -4.56 2.56
N VAL A 120 3.19 -4.25 3.02
CA VAL A 120 2.99 -3.67 4.34
C VAL A 120 2.09 -4.55 5.20
N GLY A 121 2.56 -4.90 6.39
CA GLY A 121 1.75 -5.67 7.31
C GLY A 121 1.24 -4.83 8.47
N ASN A 122 -0.07 -4.71 8.57
CA ASN A 122 -0.70 -3.88 9.60
C ASN A 122 -1.09 -4.71 10.81
N LYS A 123 -1.45 -4.03 11.90
CA LYS A 123 -1.99 -4.69 13.08
C LYS A 123 -0.95 -5.61 13.71
N CYS A 124 0.30 -5.15 13.73
CA CYS A 124 1.40 -5.96 14.26
C CYS A 124 1.33 -6.05 15.78
N ASP A 125 0.41 -5.29 16.37
CA ASP A 125 0.19 -5.36 17.81
C ASP A 125 -0.96 -6.31 18.14
N LEU A 126 -1.52 -6.94 17.11
CA LEU A 126 -2.56 -7.95 17.30
C LEU A 126 -1.94 -9.28 17.73
N ALA A 127 -2.47 -9.84 18.82
CA ALA A 127 -1.93 -11.06 19.38
C ALA A 127 -2.34 -12.28 18.56
N ALA A 128 -3.64 -12.36 18.25
CA ALA A 128 -4.18 -13.50 17.52
C ALA A 128 -3.87 -13.37 16.02
N ARG A 129 -2.67 -13.80 15.63
CA ARG A 129 -2.25 -13.71 14.24
C ARG A 129 -2.11 -15.10 13.62
N THR A 130 -2.19 -15.16 12.29
CA THR A 130 -1.94 -16.40 11.56
C THR A 130 -0.87 -16.21 10.51
N VAL A 131 -0.10 -15.13 10.63
CA VAL A 131 0.97 -14.84 9.69
C VAL A 131 2.31 -14.67 10.41
N GLU A 132 3.25 -15.55 10.10
CA GLU A 132 4.64 -15.35 10.52
C GLU A 132 5.32 -14.30 9.65
N SER A 133 6.03 -13.37 10.29
CA SER A 133 6.66 -12.27 9.58
C SER A 133 7.72 -12.78 8.62
N ARG A 134 8.31 -13.92 8.96
CA ARG A 134 9.30 -14.56 8.09
C ARG A 134 8.65 -15.03 6.79
N GLN A 135 7.43 -15.54 6.89
CA GLN A 135 6.68 -15.97 5.72
C GLN A 135 6.32 -14.79 4.84
N ALA A 136 5.84 -13.72 5.46
CA ALA A 136 5.53 -12.49 4.74
C ALA A 136 6.77 -11.91 4.07
N GLN A 137 7.90 -11.98 4.77
CA GLN A 137 9.17 -11.50 4.22
C GLN A 137 9.58 -12.34 3.02
N ASP A 138 9.45 -13.65 3.13
CA ASP A 138 9.83 -14.57 2.07
C ASP A 138 8.93 -14.38 0.85
N LEU A 139 7.63 -14.19 1.09
CA LEU A 139 6.69 -13.91 0.03
C LEU A 139 7.03 -12.60 -0.67
N ALA A 140 7.40 -11.58 0.11
CA ALA A 140 7.89 -10.32 -0.43
C ALA A 140 9.19 -10.53 -1.20
N ARG A 141 10.04 -11.40 -0.68
CA ARG A 141 11.35 -11.64 -1.30
C ARG A 141 11.18 -12.28 -2.67
N SER A 142 10.22 -13.19 -2.78
CA SER A 142 9.92 -13.83 -4.06
C SER A 142 9.29 -12.84 -5.03
N TYR A 143 8.69 -11.79 -4.48
CA TYR A 143 8.09 -10.75 -5.31
C TYR A 143 9.10 -9.65 -5.63
N GLY A 144 10.27 -9.74 -5.02
CA GLY A 144 11.33 -8.77 -5.28
C GLY A 144 11.06 -7.45 -4.59
N ILE A 145 10.27 -7.47 -3.53
CA ILE A 145 9.84 -6.26 -2.86
C ILE A 145 10.18 -6.31 -1.37
N PRO A 146 10.30 -5.12 -0.75
CA PRO A 146 10.55 -5.00 0.69
C PRO A 146 9.30 -5.28 1.51
N TYR A 147 9.50 -5.73 2.75
CA TYR A 147 8.40 -5.93 3.67
C TYR A 147 8.54 -5.06 4.91
N ILE A 148 7.48 -4.31 5.23
CA ILE A 148 7.52 -3.36 6.34
C ILE A 148 6.39 -3.63 7.33
N GLU A 149 6.74 -3.71 8.61
CA GLU A 149 5.74 -3.80 9.66
C GLU A 149 5.21 -2.41 10.03
N THR A 150 3.90 -2.33 10.21
CA THR A 150 3.28 -1.10 10.73
C THR A 150 2.10 -1.42 11.65
N SER A 151 1.72 -0.44 12.47
CA SER A 151 0.48 -0.54 13.23
C SER A 151 -0.30 0.77 13.16
N ALA A 152 -1.54 0.69 12.72
CA ALA A 152 -2.41 1.86 12.64
C ALA A 152 -2.48 2.58 13.98
N LYS A 153 -2.22 1.85 15.06
CA LYS A 153 -2.33 2.39 16.40
C LYS A 153 -1.41 3.59 16.59
N THR A 154 -0.10 3.34 16.57
CA THR A 154 0.88 4.40 16.66
C THR A 154 2.10 4.09 15.79
N ARG A 155 2.53 2.84 15.80
CA ARG A 155 3.76 2.46 15.14
C ARG A 155 3.68 2.71 13.64
N GLN A 156 4.34 3.77 13.18
CA GLN A 156 4.27 4.17 11.78
C GLN A 156 5.30 3.41 10.95
N GLY A 157 4.81 2.50 10.11
CA GLY A 157 5.60 2.04 8.98
C GLY A 157 5.08 2.56 7.66
N VAL A 158 3.99 3.32 7.71
CA VAL A 158 3.33 3.80 6.50
C VAL A 158 4.19 4.81 5.77
N GLU A 159 4.74 5.77 6.51
CA GLU A 159 5.56 6.81 5.93
C GLU A 159 6.81 6.22 5.29
N ASP A 160 7.46 5.31 5.98
CA ASP A 160 8.62 4.61 5.44
C ASP A 160 8.25 3.82 4.19
N ALA A 161 7.07 3.21 4.22
CA ALA A 161 6.57 2.47 3.06
C ALA A 161 6.36 3.39 1.87
N PHE A 162 5.83 4.58 2.13
CA PHE A 162 5.64 5.57 1.08
C PHE A 162 6.98 5.99 0.47
N TYR A 163 7.94 6.32 1.33
CA TYR A 163 9.21 6.86 0.88
C TYR A 163 10.00 5.82 0.09
N THR A 164 10.03 4.59 0.60
CA THR A 164 10.75 3.52 -0.05
C THR A 164 10.22 3.25 -1.45
N LEU A 165 8.89 3.20 -1.58
CA LEU A 165 8.25 3.02 -2.88
C LEU A 165 8.59 4.16 -3.82
N VAL A 166 8.58 5.38 -3.29
CA VAL A 166 8.97 6.56 -4.06
C VAL A 166 10.43 6.47 -4.50
N ARG A 167 11.28 5.98 -3.60
CA ARG A 167 12.69 5.79 -3.92
C ARG A 167 12.86 4.79 -5.05
N GLU A 168 12.02 3.75 -5.06
CA GLU A 168 12.03 2.77 -6.13
C GLU A 168 11.61 3.41 -7.46
N ILE A 169 10.63 4.31 -7.39
CA ILE A 169 10.21 5.06 -8.56
C ILE A 169 11.32 5.98 -9.05
N ARG A 170 11.98 6.66 -8.12
CA ARG A 170 13.02 7.62 -8.47
C ARG A 170 14.21 6.94 -9.11
N GLN A 171 14.50 5.71 -8.68
CA GLN A 171 15.70 5.01 -9.12
C GLN A 171 15.39 4.09 -10.29
N HIS A 172 14.15 4.17 -10.79
CA HIS A 172 13.74 3.37 -11.94
C HIS A 172 12.94 4.20 -12.93
N MET A 7 8.45 20.95 -8.52
CA MET A 7 7.03 20.60 -8.55
C MET A 7 6.84 19.14 -8.93
N THR A 8 7.80 18.30 -8.58
CA THR A 8 7.74 16.88 -8.88
C THR A 8 6.60 16.21 -8.13
N GLU A 9 5.78 15.45 -8.86
CA GLU A 9 4.65 14.75 -8.24
C GLU A 9 4.84 13.24 -8.35
N TYR A 10 4.55 12.53 -7.27
CA TYR A 10 4.65 11.08 -7.25
C TYR A 10 3.29 10.44 -7.03
N LYS A 11 2.86 9.63 -8.00
CA LYS A 11 1.49 9.09 -7.99
C LYS A 11 1.50 7.63 -7.55
N LEU A 12 1.03 7.38 -6.34
CA LEU A 12 1.07 6.04 -5.76
C LEU A 12 -0.34 5.46 -5.65
N VAL A 13 -0.46 4.17 -5.95
CA VAL A 13 -1.74 3.47 -5.85
C VAL A 13 -1.73 2.47 -4.70
N VAL A 14 -2.71 2.59 -3.81
CA VAL A 14 -2.77 1.75 -2.62
C VAL A 14 -3.86 0.70 -2.75
N VAL A 15 -3.48 -0.57 -2.59
CA VAL A 15 -4.41 -1.67 -2.75
C VAL A 15 -4.39 -2.59 -1.53
N GLY A 16 -5.46 -3.38 -1.38
CA GLY A 16 -5.52 -4.34 -0.28
C GLY A 16 -6.93 -4.80 0.00
N ALA A 17 -7.05 -5.96 0.64
CA ALA A 17 -8.34 -6.58 0.86
C ALA A 17 -9.08 -5.92 2.03
N GLY A 18 -10.37 -6.20 2.15
CA GLY A 18 -11.17 -5.59 3.21
C GLY A 18 -10.75 -6.06 4.59
N GLY A 19 -10.60 -5.10 5.51
CA GLY A 19 -10.26 -5.45 6.87
C GLY A 19 -9.12 -4.58 7.40
N VAL A 20 -8.47 -3.85 6.51
CA VAL A 20 -7.39 -2.95 6.91
C VAL A 20 -7.79 -1.50 6.72
N GLY A 21 -6.93 -0.58 7.13
CA GLY A 21 -7.28 0.83 7.15
C GLY A 21 -6.48 1.63 6.15
N LYS A 22 -6.60 1.27 4.87
CA LYS A 22 -5.87 1.95 3.81
C LYS A 22 -6.13 3.46 3.86
N SER A 23 -7.38 3.83 4.12
CA SER A 23 -7.76 5.23 4.24
C SER A 23 -7.18 5.85 5.51
N ALA A 24 -7.26 5.11 6.60
CA ALA A 24 -6.87 5.63 7.90
C ALA A 24 -5.39 5.96 7.95
N LEU A 25 -4.58 5.08 7.36
CA LEU A 25 -3.12 5.24 7.40
C LEU A 25 -2.68 6.47 6.64
N THR A 26 -3.27 6.68 5.46
CA THR A 26 -2.98 7.86 4.66
C THR A 26 -3.38 9.13 5.40
N ILE A 27 -4.51 9.09 6.09
CA ILE A 27 -5.00 10.24 6.83
C ILE A 27 -4.06 10.61 7.97
N GLN A 28 -3.52 9.60 8.63
CA GLN A 28 -2.64 9.81 9.78
C GLN A 28 -1.43 10.66 9.37
N LEU A 29 -0.82 10.31 8.24
CA LEU A 29 0.34 11.04 7.75
C LEU A 29 -0.03 12.47 7.37
N ILE A 30 -1.19 12.63 6.77
CA ILE A 30 -1.61 13.94 6.25
C ILE A 30 -1.82 14.94 7.38
N GLN A 31 -2.33 14.45 8.51
CA GLN A 31 -2.76 15.32 9.59
C GLN A 31 -1.76 15.27 10.75
N ASN A 32 -0.72 14.47 10.59
CA ASN A 32 0.20 14.20 11.69
C ASN A 32 -0.54 13.68 12.92
N HIS A 33 -1.46 12.75 12.70
CA HIS A 33 -2.33 12.26 13.77
C HIS A 33 -2.21 10.75 13.91
N PHE A 34 -2.46 10.25 15.12
CA PHE A 34 -2.49 8.81 15.37
C PHE A 34 -3.93 8.31 15.45
N VAL A 35 -4.33 7.55 14.44
CA VAL A 35 -5.73 7.12 14.32
C VAL A 35 -5.83 5.60 14.33
N ASP A 36 -6.29 5.06 15.45
CA ASP A 36 -6.44 3.61 15.60
C ASP A 36 -7.90 3.20 15.48
N GLU A 37 -8.33 2.94 14.26
CA GLU A 37 -9.70 2.48 14.01
C GLU A 37 -9.90 2.09 12.55
N TYR A 38 -11.08 1.61 12.23
CA TYR A 38 -11.37 1.09 10.89
C TYR A 38 -12.09 2.13 10.04
N ASP A 39 -11.52 2.44 8.88
CA ASP A 39 -12.05 3.49 8.02
C ASP A 39 -12.21 2.99 6.59
N PRO A 40 -13.39 2.44 6.28
CA PRO A 40 -13.71 1.95 4.94
C PRO A 40 -14.11 3.07 3.98
N SER A 41 -13.62 3.01 2.76
CA SER A 41 -14.05 3.93 1.71
C SER A 41 -13.87 3.31 0.34
N ILE A 42 -14.04 4.12 -0.71
CA ILE A 42 -13.99 3.64 -2.08
C ILE A 42 -13.68 4.77 -3.05
N GLU A 43 -12.71 4.54 -3.92
CA GLU A 43 -12.36 5.52 -4.95
C GLU A 43 -12.09 6.89 -4.33
N ASP A 44 -11.03 6.96 -3.52
CA ASP A 44 -10.77 8.16 -2.72
C ASP A 44 -9.31 8.56 -2.83
N SER A 45 -9.07 9.78 -3.33
CA SER A 45 -7.72 10.26 -3.56
C SER A 45 -7.26 11.17 -2.42
N TYR A 46 -5.95 11.19 -2.17
CA TYR A 46 -5.37 12.14 -1.24
C TYR A 46 -4.11 12.77 -1.82
N ARG A 47 -3.84 14.01 -1.42
CA ARG A 47 -2.59 14.67 -1.79
C ARG A 47 -1.91 15.27 -0.57
N LYS A 48 -0.59 15.10 -0.49
CA LYS A 48 0.18 15.64 0.63
C LYS A 48 1.59 16.01 0.17
N GLN A 49 2.01 17.23 0.50
CA GLN A 49 3.37 17.68 0.18
C GLN A 49 4.39 17.05 1.13
N VAL A 50 5.37 16.36 0.56
CA VAL A 50 6.33 15.61 1.35
C VAL A 50 7.75 15.82 0.82
N VAL A 51 8.74 15.45 1.64
CA VAL A 51 10.13 15.40 1.17
C VAL A 51 10.66 13.97 1.18
N ILE A 52 10.94 13.44 0.00
CA ILE A 52 11.39 12.06 -0.13
C ILE A 52 12.74 12.00 -0.85
N ASP A 53 13.70 11.34 -0.22
CA ASP A 53 15.04 11.21 -0.78
C ASP A 53 15.70 12.58 -0.93
N GLY A 54 15.38 13.49 -0.01
CA GLY A 54 15.97 14.81 -0.05
C GLY A 54 15.26 15.73 -1.01
N GLU A 55 14.38 15.16 -1.83
CA GLU A 55 13.66 15.95 -2.85
C GLU A 55 12.28 16.35 -2.35
N THR A 56 11.95 17.63 -2.50
CA THR A 56 10.63 18.12 -2.13
C THR A 56 9.63 17.95 -3.27
N CYS A 57 8.51 17.31 -2.96
CA CYS A 57 7.60 16.84 -4.00
C CYS A 57 6.17 16.74 -3.46
N LEU A 58 5.23 16.50 -4.35
CA LEU A 58 3.84 16.28 -3.96
C LEU A 58 3.45 14.82 -4.09
N LEU A 59 3.01 14.22 -2.99
CA LEU A 59 2.65 12.81 -2.98
C LEU A 59 1.15 12.63 -3.17
N ASP A 60 0.78 11.98 -4.27
CA ASP A 60 -0.63 11.77 -4.59
C ASP A 60 -1.02 10.31 -4.44
N ILE A 61 -1.88 10.02 -3.46
CA ILE A 61 -2.22 8.66 -3.11
C ILE A 61 -3.62 8.31 -3.57
N LEU A 62 -3.75 7.21 -4.32
CA LEU A 62 -5.05 6.72 -4.76
C LEU A 62 -5.45 5.47 -4.00
N ASP A 63 -6.48 5.60 -3.16
CA ASP A 63 -6.91 4.49 -2.32
C ASP A 63 -8.07 3.74 -2.98
N THR A 64 -7.88 2.43 -3.17
CA THR A 64 -8.88 1.60 -3.82
C THR A 64 -9.97 1.17 -2.83
N ALA A 65 -11.04 0.60 -3.36
CA ALA A 65 -12.17 0.18 -2.53
C ALA A 65 -11.71 -0.70 -1.38
N GLY A 66 -12.28 -0.49 -0.21
CA GLY A 66 -12.11 -1.42 0.89
C GLY A 66 -12.68 -2.79 0.59
N GLN A 67 -13.48 -2.87 -0.48
CA GLN A 67 -13.96 -4.15 -0.97
C GLN A 67 -12.96 -4.78 -1.93
N GLU A 68 -12.49 -5.97 -1.60
CA GLU A 68 -11.47 -6.65 -2.39
C GLU A 68 -12.02 -7.06 -3.76
N GLU A 69 -13.34 -7.09 -3.87
CA GLU A 69 -13.99 -7.55 -5.09
C GLU A 69 -14.00 -6.46 -6.16
N TYR A 70 -13.58 -5.27 -5.77
CA TYR A 70 -13.52 -4.15 -6.71
C TYR A 70 -13.15 -4.62 -8.11
N SER A 71 -13.90 -4.15 -9.10
CA SER A 71 -13.80 -4.68 -10.45
C SER A 71 -12.94 -3.80 -11.33
N ALA A 72 -13.07 -3.97 -12.64
CA ALA A 72 -12.27 -3.22 -13.60
C ALA A 72 -12.46 -1.72 -13.41
N MET A 73 -13.60 -1.33 -12.85
CA MET A 73 -13.91 0.08 -12.62
C MET A 73 -12.84 0.73 -11.74
N ARG A 74 -12.26 -0.07 -10.84
CA ARG A 74 -11.24 0.45 -9.93
C ARG A 74 -9.85 0.29 -10.53
N ASP A 75 -9.73 -0.59 -11.52
CA ASP A 75 -8.45 -0.81 -12.19
C ASP A 75 -8.00 0.46 -12.92
N GLN A 76 -8.94 1.36 -13.17
CA GLN A 76 -8.61 2.67 -13.72
C GLN A 76 -7.43 3.29 -13.01
N TYR A 77 -7.36 3.09 -11.69
CA TYR A 77 -6.27 3.64 -10.89
C TYR A 77 -4.94 3.04 -11.31
N MET A 78 -4.97 1.79 -11.75
CA MET A 78 -3.74 1.08 -12.10
C MET A 78 -3.02 1.76 -13.27
N ARG A 79 -3.78 2.50 -14.07
CA ARG A 79 -3.21 3.27 -15.16
C ARG A 79 -2.12 4.22 -14.65
N THR A 80 -2.26 4.63 -13.39
CA THR A 80 -1.25 5.45 -12.74
C THR A 80 0.14 4.83 -12.91
N GLY A 81 0.23 3.52 -12.69
CA GLY A 81 1.33 2.76 -13.24
C GLY A 81 2.55 2.76 -12.33
N GLU A 82 2.92 3.94 -11.85
CA GLU A 82 4.22 4.12 -11.23
C GLU A 82 4.51 3.04 -10.20
N GLY A 83 3.77 3.08 -9.08
CA GLY A 83 4.04 2.18 -7.98
C GLY A 83 2.79 1.80 -7.23
N PHE A 84 2.83 0.65 -6.56
CA PHE A 84 1.66 0.12 -5.87
C PHE A 84 2.01 -0.31 -4.45
N LEU A 85 1.22 0.17 -3.49
CA LEU A 85 1.40 -0.22 -2.09
C LEU A 85 0.34 -1.24 -1.67
N CYS A 86 0.80 -2.41 -1.23
CA CYS A 86 -0.12 -3.48 -0.84
C CYS A 86 -0.16 -3.62 0.68
N VAL A 87 -1.33 -3.33 1.26
CA VAL A 87 -1.48 -3.36 2.71
C VAL A 87 -2.39 -4.51 3.15
N PHE A 88 -1.91 -5.31 4.09
CA PHE A 88 -2.69 -6.44 4.59
C PHE A 88 -2.53 -6.56 6.10
N ALA A 89 -3.36 -7.42 6.71
CA ALA A 89 -3.34 -7.61 8.15
C ALA A 89 -2.59 -8.88 8.53
N ILE A 90 -1.82 -8.80 9.60
CA ILE A 90 -1.04 -9.95 10.07
C ILE A 90 -1.95 -11.14 10.35
N ASN A 91 -3.23 -10.88 10.55
CA ASN A 91 -4.20 -11.93 10.84
C ASN A 91 -4.87 -12.43 9.57
N ASN A 92 -4.40 -11.94 8.43
CA ASN A 92 -5.00 -12.28 7.14
C ASN A 92 -4.05 -13.13 6.31
N THR A 93 -4.20 -14.44 6.41
CA THR A 93 -3.49 -15.36 5.52
C THR A 93 -3.95 -15.18 4.08
N LYS A 94 -5.26 -15.15 3.87
CA LYS A 94 -5.82 -15.07 2.53
C LYS A 94 -5.25 -13.88 1.77
N SER A 95 -4.92 -12.82 2.50
CA SER A 95 -4.44 -11.59 1.89
C SER A 95 -3.23 -11.86 0.99
N PHE A 96 -2.51 -12.94 1.29
CA PHE A 96 -1.36 -13.32 0.50
C PHE A 96 -1.77 -13.67 -0.94
N GLU A 97 -2.86 -14.41 -1.07
CA GLU A 97 -3.37 -14.77 -2.39
C GLU A 97 -4.01 -13.57 -3.08
N ASP A 98 -4.66 -12.72 -2.29
CA ASP A 98 -5.34 -11.55 -2.83
C ASP A 98 -4.34 -10.58 -3.45
N ILE A 99 -3.21 -10.40 -2.77
CA ILE A 99 -2.15 -9.52 -3.26
C ILE A 99 -1.54 -10.07 -4.56
N HIS A 100 -1.38 -11.39 -4.62
CA HIS A 100 -0.79 -12.03 -5.79
C HIS A 100 -1.68 -11.83 -7.01
N GLN A 101 -2.99 -11.98 -6.82
CA GLN A 101 -3.95 -11.73 -7.89
C GLN A 101 -3.89 -10.28 -8.35
N TYR A 102 -3.84 -9.36 -7.38
CA TYR A 102 -3.70 -7.95 -7.70
C TYR A 102 -2.40 -7.69 -8.47
N ARG A 103 -1.34 -8.38 -8.09
CA ARG A 103 -0.06 -8.26 -8.77
C ARG A 103 -0.19 -8.64 -10.25
N GLU A 104 -0.88 -9.73 -10.52
CA GLU A 104 -1.04 -10.22 -11.88
C GLU A 104 -1.94 -9.29 -12.69
N GLN A 105 -2.95 -8.73 -12.02
CA GLN A 105 -3.84 -7.77 -12.67
C GLN A 105 -3.10 -6.49 -13.03
N ILE A 106 -2.24 -6.03 -12.12
CA ILE A 106 -1.38 -4.90 -12.39
C ILE A 106 -0.45 -5.18 -13.57
N LYS A 107 0.06 -6.40 -13.64
CA LYS A 107 0.96 -6.79 -14.72
C LYS A 107 0.28 -6.62 -16.07
N ARG A 108 -0.95 -7.11 -16.19
CA ARG A 108 -1.65 -7.11 -17.47
C ARG A 108 -2.11 -5.71 -17.83
N VAL A 109 -2.61 -4.97 -16.85
CA VAL A 109 -3.15 -3.64 -17.08
C VAL A 109 -2.06 -2.66 -17.50
N LYS A 110 -0.88 -2.82 -16.91
CA LYS A 110 0.23 -1.92 -17.18
C LYS A 110 1.07 -2.43 -18.36
N ASP A 111 0.68 -3.58 -18.90
CA ASP A 111 1.48 -4.25 -19.92
C ASP A 111 2.95 -4.27 -19.52
N SER A 112 3.22 -4.61 -18.27
CA SER A 112 4.57 -4.53 -17.73
C SER A 112 4.84 -5.68 -16.76
N ASP A 113 6.08 -6.15 -16.74
CA ASP A 113 6.50 -7.15 -15.75
C ASP A 113 6.49 -6.57 -14.35
N ASP A 114 7.00 -7.33 -13.40
CA ASP A 114 6.93 -6.95 -11.99
C ASP A 114 7.19 -5.45 -11.81
N VAL A 115 6.51 -4.86 -10.84
CA VAL A 115 6.48 -3.40 -10.71
C VAL A 115 6.88 -2.97 -9.30
N PRO A 116 7.31 -1.70 -9.18
CA PRO A 116 7.60 -1.10 -7.88
C PRO A 116 6.47 -1.29 -6.88
N MET A 117 6.77 -1.96 -5.77
CA MET A 117 5.73 -2.42 -4.85
C MET A 117 6.30 -2.62 -3.45
N VAL A 118 5.45 -2.42 -2.44
CA VAL A 118 5.83 -2.71 -1.06
C VAL A 118 4.73 -3.49 -0.35
N LEU A 119 5.15 -4.47 0.45
CA LEU A 119 4.21 -5.23 1.28
C LEU A 119 4.20 -4.72 2.71
N VAL A 120 3.01 -4.39 3.22
CA VAL A 120 2.88 -3.86 4.57
C VAL A 120 1.98 -4.75 5.41
N GLY A 121 2.45 -5.12 6.59
CA GLY A 121 1.64 -5.91 7.52
C GLY A 121 1.20 -5.09 8.72
N ASN A 122 -0.11 -4.92 8.85
CA ASN A 122 -0.67 -4.13 9.95
C ASN A 122 -1.10 -5.04 11.11
N LYS A 123 -1.38 -4.43 12.26
CA LYS A 123 -1.92 -5.16 13.40
C LYS A 123 -0.89 -6.12 13.97
N CYS A 124 0.38 -5.70 13.94
CA CYS A 124 1.47 -6.54 14.42
C CYS A 124 1.46 -6.63 15.94
N ASP A 125 0.59 -5.85 16.57
CA ASP A 125 0.40 -5.92 18.01
C ASP A 125 -0.78 -6.82 18.36
N LEU A 126 -1.39 -7.42 17.35
CA LEU A 126 -2.46 -8.38 17.57
C LEU A 126 -1.90 -9.77 17.87
N ALA A 127 -2.43 -10.39 18.93
CA ALA A 127 -1.93 -11.69 19.37
C ALA A 127 -2.43 -12.81 18.47
N ALA A 128 -3.72 -12.80 18.17
CA ALA A 128 -4.33 -13.82 17.32
C ALA A 128 -4.05 -13.56 15.85
N ARG A 129 -2.86 -13.93 15.39
CA ARG A 129 -2.48 -13.76 14.00
C ARG A 129 -2.32 -15.11 13.31
N THR A 130 -2.47 -15.10 11.99
CA THR A 130 -2.28 -16.31 11.19
C THR A 130 -1.22 -16.10 10.12
N VAL A 131 -0.41 -15.05 10.29
CA VAL A 131 0.73 -14.81 9.41
C VAL A 131 2.02 -14.67 10.23
N GLU A 132 2.98 -15.55 9.96
CA GLU A 132 4.36 -15.31 10.38
C GLU A 132 5.02 -14.27 9.49
N SER A 133 5.65 -13.28 10.11
CA SER A 133 6.25 -12.17 9.37
C SER A 133 7.37 -12.67 8.46
N ARG A 134 7.96 -13.80 8.83
CA ARG A 134 8.99 -14.43 8.01
C ARG A 134 8.41 -14.91 6.68
N GLN A 135 7.18 -15.41 6.72
CA GLN A 135 6.49 -15.84 5.52
C GLN A 135 6.15 -14.66 4.63
N ALA A 136 5.65 -13.58 5.24
CA ALA A 136 5.34 -12.37 4.50
C ALA A 136 6.59 -11.74 3.91
N GLN A 137 7.69 -11.79 4.66
CA GLN A 137 8.97 -11.28 4.18
C GLN A 137 9.46 -12.08 2.98
N ASP A 138 9.36 -13.41 3.07
CA ASP A 138 9.79 -14.29 1.99
C ASP A 138 8.92 -14.10 0.75
N LEU A 139 7.64 -13.85 0.97
CA LEU A 139 6.74 -13.49 -0.12
C LEU A 139 7.19 -12.19 -0.78
N ALA A 140 7.58 -11.21 0.03
CA ALA A 140 8.14 -9.97 -0.47
C ALA A 140 9.45 -10.22 -1.22
N ARG A 141 10.24 -11.14 -0.69
CA ARG A 141 11.54 -11.47 -1.30
C ARG A 141 11.36 -12.03 -2.70
N SER A 142 10.35 -12.89 -2.86
CA SER A 142 10.06 -13.48 -4.16
C SER A 142 9.56 -12.43 -5.15
N TYR A 143 8.99 -11.35 -4.60
CA TYR A 143 8.50 -10.25 -5.43
C TYR A 143 9.60 -9.22 -5.66
N GLY A 144 10.73 -9.41 -4.98
CA GLY A 144 11.85 -8.50 -5.16
C GLY A 144 11.65 -7.17 -4.46
N ILE A 145 10.80 -7.17 -3.44
CA ILE A 145 10.38 -5.92 -2.80
C ILE A 145 10.51 -6.01 -1.29
N PRO A 146 10.53 -4.84 -0.63
CA PRO A 146 10.68 -4.76 0.83
C PRO A 146 9.39 -5.10 1.57
N TYR A 147 9.53 -5.57 2.80
CA TYR A 147 8.38 -5.83 3.66
C TYR A 147 8.45 -4.99 4.93
N ILE A 148 7.36 -4.30 5.24
CA ILE A 148 7.32 -3.41 6.39
C ILE A 148 6.23 -3.81 7.37
N GLU A 149 6.62 -4.03 8.62
CA GLU A 149 5.67 -4.19 9.71
C GLU A 149 5.25 -2.84 10.29
N THR A 150 3.95 -2.67 10.49
CA THR A 150 3.42 -1.40 11.00
C THR A 150 2.29 -1.64 12.00
N SER A 151 1.98 -0.62 12.79
CA SER A 151 0.80 -0.64 13.63
C SER A 151 0.03 0.68 13.53
N ALA A 152 -1.21 0.60 13.08
CA ALA A 152 -2.04 1.80 12.92
C ALA A 152 -2.07 2.62 14.21
N LYS A 153 -1.83 1.96 15.33
CA LYS A 153 -1.95 2.60 16.63
C LYS A 153 -1.06 3.84 16.71
N THR A 154 0.24 3.64 16.62
CA THR A 154 1.19 4.74 16.60
C THR A 154 2.33 4.48 15.61
N ARG A 155 2.78 3.24 15.56
CA ARG A 155 3.95 2.88 14.76
C ARG A 155 3.68 3.08 13.27
N GLN A 156 4.18 4.19 12.73
CA GLN A 156 3.92 4.54 11.34
C GLN A 156 4.82 3.75 10.39
N GLY A 157 4.23 2.81 9.66
CA GLY A 157 4.91 2.21 8.54
C GLY A 157 4.41 2.74 7.21
N VAL A 158 3.32 3.50 7.25
CA VAL A 158 2.71 4.04 6.04
C VAL A 158 3.60 5.09 5.39
N GLU A 159 4.27 5.89 6.22
CA GLU A 159 5.16 6.92 5.73
C GLU A 159 6.40 6.31 5.09
N ASP A 160 7.04 5.39 5.81
CA ASP A 160 8.18 4.66 5.27
C ASP A 160 7.79 3.88 4.02
N ALA A 161 6.58 3.33 4.03
CA ALA A 161 6.06 2.61 2.88
C ALA A 161 5.94 3.53 1.66
N PHE A 162 5.40 4.72 1.87
CA PHE A 162 5.26 5.70 0.80
C PHE A 162 6.62 6.15 0.29
N TYR A 163 7.51 6.50 1.21
CA TYR A 163 8.81 7.04 0.85
C TYR A 163 9.66 5.99 0.13
N THR A 164 9.70 4.79 0.70
CA THR A 164 10.48 3.70 0.12
C THR A 164 9.97 3.34 -1.27
N LEU A 165 8.65 3.22 -1.40
CA LEU A 165 8.03 2.92 -2.68
C LEU A 165 8.38 3.98 -3.73
N VAL A 166 8.32 5.24 -3.31
CA VAL A 166 8.72 6.34 -4.17
C VAL A 166 10.20 6.25 -4.52
N ARG A 167 11.01 5.88 -3.55
CA ARG A 167 12.45 5.72 -3.76
C ARG A 167 12.74 4.58 -4.73
N GLU A 168 11.96 3.50 -4.62
CA GLU A 168 12.08 2.38 -5.54
C GLU A 168 11.65 2.78 -6.94
N ILE A 169 10.63 3.62 -7.04
CA ILE A 169 10.26 4.24 -8.31
C ILE A 169 11.37 5.13 -8.84
N ARG A 170 12.01 5.87 -7.94
CA ARG A 170 13.08 6.78 -8.33
C ARG A 170 14.27 6.02 -8.90
N GLN A 171 14.47 4.80 -8.43
CA GLN A 171 15.61 4.00 -8.84
C GLN A 171 15.21 2.97 -9.88
N HIS A 172 13.98 3.08 -10.37
CA HIS A 172 13.47 2.16 -11.38
C HIS A 172 13.29 2.87 -12.72
N MET A 7 8.73 21.16 -8.61
CA MET A 7 7.31 20.84 -8.82
C MET A 7 7.12 19.35 -9.07
N THR A 8 8.04 18.54 -8.56
CA THR A 8 7.97 17.10 -8.75
C THR A 8 6.76 16.51 -8.03
N GLU A 9 5.97 15.74 -8.77
CA GLU A 9 4.81 15.07 -8.20
C GLU A 9 4.92 13.55 -8.34
N TYR A 10 4.60 12.84 -7.27
CA TYR A 10 4.61 11.38 -7.29
C TYR A 10 3.21 10.82 -7.10
N LYS A 11 2.86 9.81 -7.89
CA LYS A 11 1.53 9.22 -7.83
C LYS A 11 1.60 7.82 -7.20
N LEU A 12 1.09 7.70 -5.98
CA LEU A 12 1.18 6.45 -5.23
C LEU A 12 -0.20 5.80 -5.10
N VAL A 13 -0.28 4.53 -5.48
CA VAL A 13 -1.55 3.80 -5.41
C VAL A 13 -1.50 2.73 -4.32
N VAL A 14 -2.47 2.78 -3.41
CA VAL A 14 -2.53 1.84 -2.31
C VAL A 14 -3.61 0.79 -2.53
N VAL A 15 -3.23 -0.48 -2.47
CA VAL A 15 -4.13 -1.58 -2.78
C VAL A 15 -4.16 -2.60 -1.65
N GLY A 16 -5.22 -3.40 -1.62
CA GLY A 16 -5.32 -4.46 -0.64
C GLY A 16 -6.73 -4.98 -0.48
N ALA A 17 -6.86 -6.18 0.08
CA ALA A 17 -8.16 -6.81 0.26
C ALA A 17 -8.90 -6.21 1.45
N GLY A 18 -10.20 -6.47 1.54
CA GLY A 18 -11.01 -5.91 2.61
C GLY A 18 -10.62 -6.46 3.98
N GLY A 19 -10.51 -5.57 4.95
CA GLY A 19 -10.17 -5.99 6.30
C GLY A 19 -9.08 -5.15 6.92
N VAL A 20 -8.52 -4.23 6.12
CA VAL A 20 -7.49 -3.32 6.61
C VAL A 20 -7.98 -1.87 6.55
N GLY A 21 -7.17 -0.97 7.08
CA GLY A 21 -7.53 0.44 7.10
C GLY A 21 -6.64 1.28 6.21
N LYS A 22 -6.57 0.91 4.94
CA LYS A 22 -5.66 1.57 4.01
C LYS A 22 -5.93 3.07 3.94
N SER A 23 -7.21 3.43 4.08
CA SER A 23 -7.59 4.84 4.11
C SER A 23 -7.26 5.47 5.46
N ALA A 24 -7.45 4.71 6.53
CA ALA A 24 -7.11 5.18 7.86
C ALA A 24 -5.61 5.46 7.99
N LEU A 25 -4.80 4.62 7.34
CA LEU A 25 -3.36 4.81 7.34
C LEU A 25 -2.97 6.03 6.52
N THR A 26 -3.61 6.21 5.38
CA THR A 26 -3.39 7.38 4.54
C THR A 26 -3.75 8.67 5.28
N ILE A 27 -4.91 8.65 5.94
CA ILE A 27 -5.42 9.85 6.61
C ILE A 27 -4.44 10.33 7.68
N GLN A 28 -3.85 9.38 8.40
CA GLN A 28 -2.91 9.70 9.46
C GLN A 28 -1.77 10.56 8.94
N LEU A 29 -1.17 10.14 7.83
CA LEU A 29 0.03 10.79 7.30
C LEU A 29 -0.32 12.11 6.63
N ILE A 30 -1.51 12.17 6.05
CA ILE A 30 -1.96 13.38 5.35
C ILE A 30 -2.31 14.49 6.35
N GLN A 31 -2.88 14.10 7.48
CA GLN A 31 -3.38 15.07 8.45
C GLN A 31 -2.49 15.12 9.68
N ASN A 32 -1.41 14.36 9.66
CA ASN A 32 -0.48 14.31 10.78
C ASN A 32 -1.21 13.91 12.06
N HIS A 33 -2.03 12.87 11.97
CA HIS A 33 -2.84 12.44 13.11
C HIS A 33 -2.58 10.97 13.43
N PHE A 34 -3.00 10.55 14.62
CA PHE A 34 -2.95 9.14 14.99
C PHE A 34 -4.35 8.55 15.10
N VAL A 35 -4.68 7.64 14.19
CA VAL A 35 -6.03 7.09 14.11
C VAL A 35 -6.02 5.59 14.33
N ASP A 36 -6.49 5.16 15.49
CA ASP A 36 -6.57 3.74 15.82
C ASP A 36 -8.00 3.24 15.73
N GLU A 37 -8.43 2.90 14.52
CA GLU A 37 -9.78 2.39 14.30
C GLU A 37 -9.99 1.97 12.86
N TYR A 38 -11.16 1.43 12.56
CA TYR A 38 -11.46 0.94 11.22
C TYR A 38 -12.18 2.00 10.39
N ASP A 39 -11.61 2.36 9.26
CA ASP A 39 -12.14 3.43 8.42
C ASP A 39 -12.10 3.05 6.96
N PRO A 40 -13.18 2.42 6.47
CA PRO A 40 -13.29 2.00 5.07
C PRO A 40 -13.69 3.15 4.14
N SER A 41 -13.12 3.15 2.95
CA SER A 41 -13.50 4.12 1.93
C SER A 41 -13.47 3.49 0.53
N ILE A 42 -13.66 4.32 -0.48
CA ILE A 42 -13.67 3.84 -1.87
C ILE A 42 -13.41 4.98 -2.84
N GLU A 43 -12.47 4.77 -3.76
CA GLU A 43 -12.14 5.78 -4.76
C GLU A 43 -11.82 7.11 -4.10
N ASP A 44 -10.79 7.13 -3.27
CA ASP A 44 -10.57 8.24 -2.34
C ASP A 44 -9.12 8.72 -2.39
N SER A 45 -8.93 9.97 -2.78
CA SER A 45 -7.60 10.48 -3.08
C SER A 45 -7.16 11.50 -2.04
N TYR A 46 -5.87 11.48 -1.71
CA TYR A 46 -5.29 12.47 -0.80
C TYR A 46 -3.98 13.02 -1.36
N ARG A 47 -3.69 14.27 -1.02
CA ARG A 47 -2.43 14.89 -1.43
C ARG A 47 -1.70 15.48 -0.23
N LYS A 48 -0.38 15.35 -0.21
CA LYS A 48 0.44 15.94 0.83
C LYS A 48 1.84 16.26 0.31
N GLN A 49 2.28 17.49 0.55
CA GLN A 49 3.64 17.88 0.21
C GLN A 49 4.66 17.26 1.17
N VAL A 50 5.61 16.51 0.62
CA VAL A 50 6.56 15.76 1.42
C VAL A 50 7.97 15.89 0.87
N VAL A 51 8.96 15.51 1.69
CA VAL A 51 10.33 15.43 1.23
C VAL A 51 10.82 13.98 1.21
N ILE A 52 11.10 13.47 0.01
CA ILE A 52 11.52 12.09 -0.14
C ILE A 52 12.88 12.00 -0.82
N ASP A 53 13.83 11.34 -0.17
CA ASP A 53 15.17 11.19 -0.71
C ASP A 53 15.84 12.55 -0.87
N GLY A 54 15.53 13.47 0.04
CA GLY A 54 16.15 14.78 0.00
C GLY A 54 15.45 15.72 -0.96
N GLU A 55 14.57 15.17 -1.78
CA GLU A 55 13.87 15.97 -2.79
C GLU A 55 12.48 16.37 -2.31
N THR A 56 12.15 17.65 -2.45
CA THR A 56 10.83 18.14 -2.08
C THR A 56 9.83 17.95 -3.23
N CYS A 57 8.70 17.31 -2.91
CA CYS A 57 7.76 16.89 -3.94
C CYS A 57 6.34 16.84 -3.38
N LEU A 58 5.36 16.67 -4.27
CA LEU A 58 3.98 16.49 -3.85
C LEU A 58 3.56 15.03 -4.02
N LEU A 59 3.14 14.41 -2.92
CA LEU A 59 2.77 13.00 -2.93
C LEU A 59 1.26 12.84 -3.02
N ASP A 60 0.78 12.27 -4.12
CA ASP A 60 -0.64 12.04 -4.33
C ASP A 60 -0.98 10.57 -4.13
N ILE A 61 -1.73 10.28 -3.08
CA ILE A 61 -1.99 8.90 -2.68
C ILE A 61 -3.43 8.50 -2.99
N LEU A 62 -3.59 7.42 -3.73
CA LEU A 62 -4.92 6.94 -4.12
C LEU A 62 -5.33 5.74 -3.28
N ASP A 63 -6.48 5.84 -2.61
CA ASP A 63 -7.04 4.71 -1.89
C ASP A 63 -8.07 3.98 -2.77
N THR A 64 -7.90 2.66 -2.87
CA THR A 64 -8.85 1.83 -3.60
C THR A 64 -9.97 1.32 -2.68
N ALA A 65 -10.99 0.72 -3.28
CA ALA A 65 -12.13 0.22 -2.52
C ALA A 65 -11.68 -0.64 -1.34
N GLY A 66 -12.27 -0.40 -0.18
CA GLY A 66 -12.07 -1.30 0.95
C GLY A 66 -12.73 -2.64 0.74
N GLN A 67 -13.49 -2.78 -0.35
CA GLN A 67 -13.96 -4.08 -0.81
C GLN A 67 -13.10 -4.61 -1.95
N GLU A 68 -12.60 -5.83 -1.77
CA GLU A 68 -11.67 -6.41 -2.74
C GLU A 68 -12.40 -6.74 -4.05
N GLU A 69 -13.72 -6.78 -4.00
CA GLU A 69 -14.52 -7.13 -5.17
C GLU A 69 -14.50 -6.00 -6.19
N TYR A 70 -13.97 -4.85 -5.79
CA TYR A 70 -13.85 -3.72 -6.70
C TYR A 70 -13.59 -4.18 -8.13
N SER A 71 -14.34 -3.61 -9.06
CA SER A 71 -14.32 -4.09 -10.45
C SER A 71 -13.34 -3.28 -11.30
N ALA A 72 -13.42 -3.46 -12.61
CA ALA A 72 -12.56 -2.72 -13.53
C ALA A 72 -12.77 -1.22 -13.39
N MET A 73 -13.91 -0.84 -12.80
CA MET A 73 -14.18 0.57 -12.54
C MET A 73 -13.11 1.18 -11.63
N ARG A 74 -12.55 0.35 -10.75
CA ARG A 74 -11.52 0.80 -9.83
C ARG A 74 -10.13 0.63 -10.44
N ASP A 75 -10.03 -0.23 -11.45
CA ASP A 75 -8.77 -0.47 -12.14
C ASP A 75 -8.30 0.82 -12.84
N GLN A 76 -9.22 1.75 -13.04
CA GLN A 76 -8.88 3.06 -13.55
C GLN A 76 -7.65 3.62 -12.85
N TYR A 77 -7.54 3.37 -11.56
CA TYR A 77 -6.42 3.86 -10.77
C TYR A 77 -5.12 3.21 -11.21
N MET A 78 -5.21 1.97 -11.70
CA MET A 78 -4.04 1.23 -12.11
C MET A 78 -3.28 1.97 -13.22
N ARG A 79 -4.02 2.74 -14.00
CA ARG A 79 -3.42 3.52 -15.08
C ARG A 79 -2.27 4.37 -14.56
N THR A 80 -2.35 4.74 -13.28
CA THR A 80 -1.28 5.50 -12.64
C THR A 80 0.08 4.85 -12.87
N GLY A 81 0.15 3.55 -12.61
CA GLY A 81 1.21 2.73 -13.18
C GLY A 81 2.48 2.78 -12.34
N GLU A 82 2.78 3.95 -11.79
CA GLU A 82 4.10 4.20 -11.20
C GLU A 82 4.46 3.12 -10.19
N GLY A 83 3.72 3.07 -9.09
CA GLY A 83 3.99 2.10 -8.06
C GLY A 83 2.75 1.74 -7.26
N PHE A 84 2.76 0.55 -6.64
CA PHE A 84 1.59 0.03 -5.96
C PHE A 84 1.98 -0.57 -4.61
N LEU A 85 1.31 -0.13 -3.55
CA LEU A 85 1.62 -0.57 -2.20
C LEU A 85 0.55 -1.51 -1.66
N CYS A 86 0.98 -2.67 -1.19
CA CYS A 86 0.05 -3.71 -0.75
C CYS A 86 -0.04 -3.75 0.78
N VAL A 87 -1.23 -3.50 1.31
CA VAL A 87 -1.44 -3.52 2.75
C VAL A 87 -2.30 -4.72 3.15
N PHE A 88 -1.81 -5.49 4.11
CA PHE A 88 -2.55 -6.63 4.63
C PHE A 88 -2.56 -6.64 6.16
N ALA A 89 -3.43 -7.45 6.73
CA ALA A 89 -3.50 -7.60 8.18
C ALA A 89 -2.80 -8.89 8.62
N ILE A 90 -2.06 -8.81 9.73
CA ILE A 90 -1.28 -9.95 10.21
C ILE A 90 -2.18 -11.15 10.46
N ASN A 91 -3.48 -10.90 10.62
CA ASN A 91 -4.44 -11.97 10.89
C ASN A 91 -5.06 -12.49 9.60
N ASN A 92 -4.59 -11.96 8.47
CA ASN A 92 -5.15 -12.34 7.18
C ASN A 92 -4.15 -13.20 6.39
N THR A 93 -4.34 -14.52 6.49
CA THR A 93 -3.63 -15.45 5.61
C THR A 93 -4.04 -15.25 4.16
N LYS A 94 -5.33 -15.20 3.91
CA LYS A 94 -5.86 -15.17 2.55
C LYS A 94 -5.28 -13.99 1.77
N SER A 95 -5.01 -12.89 2.49
CA SER A 95 -4.59 -11.65 1.85
C SER A 95 -3.36 -11.89 0.97
N PHE A 96 -2.57 -12.89 1.33
CA PHE A 96 -1.35 -13.21 0.59
C PHE A 96 -1.69 -13.68 -0.82
N GLU A 97 -2.72 -14.52 -0.93
CA GLU A 97 -3.17 -14.99 -2.23
C GLU A 97 -3.84 -13.86 -3.02
N ASP A 98 -4.56 -13.00 -2.30
CA ASP A 98 -5.24 -11.87 -2.94
C ASP A 98 -4.24 -10.90 -3.55
N ILE A 99 -3.16 -10.63 -2.82
CA ILE A 99 -2.12 -9.72 -3.30
C ILE A 99 -1.46 -10.26 -4.56
N HIS A 100 -1.21 -11.57 -4.58
CA HIS A 100 -0.56 -12.21 -5.72
C HIS A 100 -1.42 -12.04 -6.98
N GLN A 101 -2.71 -12.32 -6.85
CA GLN A 101 -3.62 -12.26 -7.99
C GLN A 101 -3.71 -10.84 -8.53
N TYR A 102 -3.92 -9.87 -7.63
CA TYR A 102 -4.05 -8.47 -8.02
C TYR A 102 -2.72 -7.94 -8.57
N ARG A 103 -1.62 -8.47 -8.06
CA ARG A 103 -0.30 -8.15 -8.57
C ARG A 103 -0.19 -8.53 -10.05
N GLU A 104 -0.66 -9.72 -10.38
CA GLU A 104 -0.65 -10.19 -11.77
C GLU A 104 -1.59 -9.37 -12.62
N GLN A 105 -2.70 -8.94 -12.03
CA GLN A 105 -3.66 -8.10 -12.73
C GLN A 105 -3.05 -6.74 -13.08
N ILE A 106 -2.32 -6.17 -12.13
CA ILE A 106 -1.62 -4.91 -12.37
C ILE A 106 -0.64 -5.04 -13.53
N LYS A 107 0.05 -6.18 -13.59
CA LYS A 107 1.05 -6.40 -14.63
C LYS A 107 0.40 -6.45 -16.01
N ARG A 108 -0.75 -7.10 -16.10
CA ARG A 108 -1.46 -7.23 -17.36
C ARG A 108 -2.03 -5.88 -17.79
N VAL A 109 -2.56 -5.13 -16.82
CA VAL A 109 -3.13 -3.81 -17.10
C VAL A 109 -2.06 -2.85 -17.60
N LYS A 110 -0.85 -2.96 -17.05
CA LYS A 110 0.24 -2.07 -17.41
C LYS A 110 1.05 -2.63 -18.56
N ASP A 111 0.65 -3.80 -19.04
CA ASP A 111 1.40 -4.50 -20.08
C ASP A 111 2.88 -4.54 -19.74
N SER A 112 3.19 -4.86 -18.48
CA SER A 112 4.57 -4.78 -17.99
C SER A 112 4.87 -5.95 -17.05
N ASP A 113 6.15 -6.29 -16.95
CA ASP A 113 6.61 -7.22 -15.92
C ASP A 113 6.45 -6.62 -14.54
N ASP A 114 6.97 -7.31 -13.53
CA ASP A 114 6.74 -6.93 -12.13
C ASP A 114 7.01 -5.45 -11.93
N VAL A 115 6.32 -4.87 -10.95
CA VAL A 115 6.29 -3.41 -10.80
C VAL A 115 6.71 -3.00 -9.40
N PRO A 116 7.15 -1.73 -9.26
CA PRO A 116 7.50 -1.16 -7.96
C PRO A 116 6.41 -1.37 -6.92
N MET A 117 6.76 -2.01 -5.82
CA MET A 117 5.77 -2.44 -4.83
C MET A 117 6.39 -2.55 -3.44
N VAL A 118 5.60 -2.25 -2.42
CA VAL A 118 6.03 -2.47 -1.04
C VAL A 118 4.97 -3.22 -0.25
N LEU A 119 5.42 -4.20 0.54
CA LEU A 119 4.51 -5.02 1.34
C LEU A 119 4.45 -4.52 2.77
N VAL A 120 3.25 -4.20 3.23
CA VAL A 120 3.07 -3.64 4.57
C VAL A 120 2.07 -4.46 5.38
N GLY A 121 2.46 -4.84 6.60
CA GLY A 121 1.59 -5.62 7.45
C GLY A 121 1.14 -4.86 8.67
N ASN A 122 -0.17 -4.72 8.84
CA ASN A 122 -0.73 -3.98 9.97
C ASN A 122 -1.18 -4.92 11.08
N LYS A 123 -1.45 -4.35 12.25
CA LYS A 123 -2.00 -5.12 13.36
C LYS A 123 -0.98 -6.11 13.90
N CYS A 124 0.28 -5.73 13.87
CA CYS A 124 1.35 -6.60 14.33
C CYS A 124 1.38 -6.68 15.85
N ASP A 125 0.50 -5.90 16.49
CA ASP A 125 0.35 -5.97 17.94
C ASP A 125 -0.78 -6.93 18.33
N LEU A 126 -1.45 -7.47 17.31
CA LEU A 126 -2.51 -8.45 17.55
C LEU A 126 -1.92 -9.80 17.93
N ALA A 127 -2.45 -10.39 19.00
CA ALA A 127 -1.95 -11.66 19.49
C ALA A 127 -2.45 -12.82 18.63
N ALA A 128 -3.75 -12.84 18.36
CA ALA A 128 -4.34 -13.90 17.54
C ALA A 128 -4.11 -13.64 16.05
N ARG A 129 -2.93 -14.01 15.58
CA ARG A 129 -2.57 -13.78 14.18
C ARG A 129 -2.37 -15.12 13.46
N THR A 130 -2.51 -15.09 12.13
CA THR A 130 -2.29 -16.28 11.32
C THR A 130 -1.23 -16.02 10.26
N VAL A 131 -0.40 -15.00 10.49
CA VAL A 131 0.74 -14.74 9.62
C VAL A 131 2.03 -14.64 10.41
N GLU A 132 2.97 -15.54 10.14
CA GLU A 132 4.34 -15.37 10.57
C GLU A 132 5.06 -14.33 9.73
N SER A 133 5.74 -13.39 10.40
CA SER A 133 6.38 -12.28 9.71
C SER A 133 7.46 -12.78 8.76
N ARG A 134 8.06 -13.92 9.10
CA ARG A 134 9.06 -14.55 8.25
C ARG A 134 8.46 -15.00 6.93
N GLN A 135 7.23 -15.51 6.99
CA GLN A 135 6.52 -15.92 5.79
C GLN A 135 6.17 -14.71 4.92
N ALA A 136 5.69 -13.65 5.55
CA ALA A 136 5.39 -12.42 4.85
C ALA A 136 6.64 -11.81 4.22
N GLN A 137 7.75 -11.87 4.95
CA GLN A 137 9.02 -11.35 4.46
C GLN A 137 9.50 -12.15 3.25
N ASP A 138 9.44 -13.46 3.37
CA ASP A 138 9.90 -14.34 2.29
C ASP A 138 9.02 -14.20 1.05
N LEU A 139 7.73 -13.99 1.28
CA LEU A 139 6.81 -13.68 0.19
C LEU A 139 7.21 -12.39 -0.52
N ALA A 140 7.57 -11.38 0.27
CA ALA A 140 8.08 -10.13 -0.28
C ALA A 140 9.42 -10.35 -1.00
N ARG A 141 10.24 -11.24 -0.45
CA ARG A 141 11.54 -11.53 -1.03
C ARG A 141 11.40 -12.14 -2.43
N SER A 142 10.42 -13.02 -2.58
CA SER A 142 10.15 -13.64 -3.88
C SER A 142 9.62 -12.62 -4.87
N TYR A 143 9.03 -11.54 -4.35
CA TYR A 143 8.50 -10.47 -5.20
C TYR A 143 9.56 -9.40 -5.43
N GLY A 144 10.69 -9.52 -4.73
CA GLY A 144 11.77 -8.58 -4.90
C GLY A 144 11.48 -7.25 -4.23
N ILE A 145 10.63 -7.27 -3.22
CA ILE A 145 10.18 -6.04 -2.57
C ILE A 145 10.44 -6.08 -1.07
N PRO A 146 10.52 -4.90 -0.45
CA PRO A 146 10.70 -4.78 1.00
C PRO A 146 9.42 -5.08 1.77
N TYR A 147 9.57 -5.60 2.99
CA TYR A 147 8.44 -5.85 3.86
C TYR A 147 8.58 -5.08 5.16
N ILE A 148 7.52 -4.35 5.53
CA ILE A 148 7.54 -3.51 6.72
C ILE A 148 6.40 -3.86 7.66
N GLU A 149 6.72 -4.12 8.93
CA GLU A 149 5.72 -4.29 9.96
C GLU A 149 5.34 -2.95 10.59
N THR A 150 4.04 -2.71 10.71
CA THR A 150 3.55 -1.43 11.20
C THR A 150 2.32 -1.62 12.10
N SER A 151 1.99 -0.59 12.87
CA SER A 151 0.76 -0.57 13.63
C SER A 151 0.02 0.74 13.46
N ALA A 152 -1.21 0.67 12.94
CA ALA A 152 -2.00 1.85 12.65
C ALA A 152 -2.12 2.73 13.89
N LYS A 153 -1.96 2.13 15.06
CA LYS A 153 -2.15 2.84 16.33
C LYS A 153 -1.24 4.06 16.41
N THR A 154 0.07 3.82 16.45
CA THR A 154 1.04 4.91 16.47
C THR A 154 2.26 4.57 15.61
N ARG A 155 2.68 3.32 15.65
CA ARG A 155 3.90 2.90 14.96
C ARG A 155 3.76 3.07 13.45
N GLN A 156 4.39 4.11 12.92
CA GLN A 156 4.31 4.41 11.50
C GLN A 156 5.39 3.66 10.72
N GLY A 157 4.98 2.65 9.96
CA GLY A 157 5.83 2.11 8.92
C GLY A 157 5.32 2.46 7.53
N VAL A 158 4.14 3.05 7.45
CA VAL A 158 3.51 3.35 6.17
C VAL A 158 4.23 4.49 5.47
N GLU A 159 4.64 5.50 6.24
CA GLU A 159 5.32 6.66 5.68
C GLU A 159 6.64 6.25 5.02
N ASP A 160 7.44 5.46 5.75
CA ASP A 160 8.67 4.93 5.20
C ASP A 160 8.40 4.01 4.01
N ALA A 161 7.30 3.27 4.08
CA ALA A 161 6.87 2.42 2.98
C ALA A 161 6.52 3.26 1.74
N PHE A 162 5.86 4.38 1.97
CA PHE A 162 5.55 5.32 0.89
C PHE A 162 6.82 5.87 0.26
N TYR A 163 7.76 6.30 1.11
CA TYR A 163 8.98 6.92 0.64
C TYR A 163 9.84 5.92 -0.12
N THR A 164 9.94 4.70 0.41
CA THR A 164 10.71 3.65 -0.24
C THR A 164 10.14 3.30 -1.61
N LEU A 165 8.82 3.18 -1.68
CA LEU A 165 8.14 2.93 -2.94
C LEU A 165 8.43 4.04 -3.95
N VAL A 166 8.37 5.29 -3.48
CA VAL A 166 8.69 6.43 -4.33
C VAL A 166 10.14 6.40 -4.78
N ARG A 167 11.03 6.01 -3.86
CA ARG A 167 12.45 5.91 -4.18
C ARG A 167 12.70 4.82 -5.22
N GLU A 168 11.97 3.72 -5.11
CA GLU A 168 12.08 2.63 -6.07
C GLU A 168 11.53 3.05 -7.43
N ILE A 169 10.47 3.84 -7.42
CA ILE A 169 9.91 4.41 -8.64
C ILE A 169 10.91 5.35 -9.30
N ARG A 170 11.56 6.20 -8.50
CA ARG A 170 12.52 7.16 -9.00
C ARG A 170 13.76 6.44 -9.54
N GLN A 171 14.05 5.27 -8.98
CA GLN A 171 15.24 4.53 -9.37
C GLN A 171 14.90 3.41 -10.34
N HIS A 172 13.73 3.52 -10.96
CA HIS A 172 13.28 2.52 -11.92
C HIS A 172 12.63 3.18 -13.14
N MET A 7 8.77 20.94 -8.70
CA MET A 7 7.44 20.49 -8.31
C MET A 7 7.28 19.00 -8.59
N THR A 8 8.22 18.20 -8.11
CA THR A 8 8.18 16.76 -8.31
C THR A 8 6.94 16.15 -7.66
N GLU A 9 6.17 15.39 -8.43
CA GLU A 9 4.97 14.74 -7.92
C GLU A 9 5.05 13.23 -8.09
N TYR A 10 4.68 12.51 -7.05
CA TYR A 10 4.66 11.05 -7.08
C TYR A 10 3.24 10.51 -6.94
N LYS A 11 2.80 9.72 -7.92
CA LYS A 11 1.44 9.20 -7.93
C LYS A 11 1.43 7.73 -7.53
N LEU A 12 0.96 7.46 -6.32
CA LEU A 12 1.01 6.11 -5.76
C LEU A 12 -0.37 5.46 -5.78
N VAL A 13 -0.41 4.20 -6.19
CA VAL A 13 -1.65 3.44 -6.21
C VAL A 13 -1.70 2.45 -5.04
N VAL A 14 -2.70 2.63 -4.17
CA VAL A 14 -2.77 1.86 -2.94
C VAL A 14 -3.90 0.83 -3.00
N VAL A 15 -3.56 -0.43 -2.74
CA VAL A 15 -4.53 -1.52 -2.85
C VAL A 15 -4.46 -2.44 -1.65
N GLY A 16 -5.48 -3.27 -1.48
CA GLY A 16 -5.47 -4.25 -0.41
C GLY A 16 -6.86 -4.82 -0.14
N ALA A 17 -6.89 -5.98 0.51
CA ALA A 17 -8.16 -6.65 0.81
C ALA A 17 -8.89 -5.95 1.96
N GLY A 18 -10.19 -6.19 2.06
CA GLY A 18 -10.98 -5.58 3.10
C GLY A 18 -10.58 -6.05 4.49
N GLY A 19 -10.42 -5.11 5.41
CA GLY A 19 -10.06 -5.45 6.77
C GLY A 19 -8.93 -4.60 7.31
N VAL A 20 -8.37 -3.75 6.46
CA VAL A 20 -7.32 -2.83 6.87
C VAL A 20 -7.78 -1.39 6.75
N GLY A 21 -6.97 -0.48 7.28
CA GLY A 21 -7.29 0.94 7.20
C GLY A 21 -6.30 1.72 6.37
N LYS A 22 -6.10 1.28 5.13
CA LYS A 22 -5.09 1.88 4.27
C LYS A 22 -5.39 3.35 3.99
N SER A 23 -6.69 3.68 4.02
CA SER A 23 -7.11 5.08 3.92
C SER A 23 -6.85 5.82 5.23
N ALA A 24 -7.10 5.15 6.34
CA ALA A 24 -6.88 5.73 7.65
C ALA A 24 -5.40 6.04 7.87
N LEU A 25 -4.53 5.17 7.37
CA LEU A 25 -3.10 5.36 7.49
C LEU A 25 -2.65 6.60 6.73
N THR A 26 -3.21 6.81 5.55
CA THR A 26 -2.94 8.00 4.77
C THR A 26 -3.41 9.26 5.50
N ILE A 27 -4.57 9.15 6.16
CA ILE A 27 -5.12 10.26 6.91
C ILE A 27 -4.23 10.63 8.09
N GLN A 28 -3.74 9.61 8.78
CA GLN A 28 -2.89 9.81 9.94
C GLN A 28 -1.63 10.59 9.59
N LEU A 29 -1.02 10.23 8.46
CA LEU A 29 0.18 10.91 7.98
C LEU A 29 -0.13 12.35 7.61
N ILE A 30 -1.29 12.56 6.98
CA ILE A 30 -1.67 13.89 6.52
C ILE A 30 -1.99 14.81 7.69
N GLN A 31 -2.54 14.24 8.75
CA GLN A 31 -2.99 15.03 9.90
C GLN A 31 -1.92 15.01 11.00
N ASN A 32 -0.88 14.23 10.80
CA ASN A 32 0.17 14.07 11.81
C ASN A 32 -0.42 13.62 13.14
N HIS A 33 -1.32 12.64 13.08
CA HIS A 33 -2.07 12.22 14.25
C HIS A 33 -1.97 10.70 14.44
N PHE A 34 -2.11 10.25 15.68
CA PHE A 34 -2.19 8.82 15.98
C PHE A 34 -3.64 8.40 16.17
N VAL A 35 -4.17 7.67 15.19
CA VAL A 35 -5.58 7.31 15.19
C VAL A 35 -5.77 5.80 15.07
N ASP A 36 -6.37 5.20 16.09
CA ASP A 36 -6.63 3.76 16.09
C ASP A 36 -8.12 3.47 15.87
N GLU A 37 -8.50 3.27 14.62
CA GLU A 37 -9.88 2.91 14.29
C GLU A 37 -9.99 2.45 12.85
N TYR A 38 -11.21 2.11 12.43
CA TYR A 38 -11.45 1.65 11.07
C TYR A 38 -12.19 2.72 10.26
N ASP A 39 -11.66 3.03 9.09
CA ASP A 39 -12.27 4.02 8.21
C ASP A 39 -12.21 3.58 6.76
N PRO A 40 -13.23 2.81 6.33
CA PRO A 40 -13.33 2.31 4.95
C PRO A 40 -13.79 3.39 3.98
N SER A 41 -13.25 3.34 2.76
CA SER A 41 -13.67 4.26 1.71
C SER A 41 -13.59 3.59 0.34
N ILE A 42 -13.78 4.38 -0.71
CA ILE A 42 -13.76 3.85 -2.07
C ILE A 42 -13.45 4.96 -3.08
N GLU A 43 -12.49 4.69 -3.96
CA GLU A 43 -12.13 5.64 -5.00
C GLU A 43 -11.85 7.02 -4.41
N ASP A 44 -10.84 7.08 -3.54
CA ASP A 44 -10.67 8.23 -2.66
C ASP A 44 -9.21 8.67 -2.61
N SER A 45 -8.91 9.79 -3.27
CA SER A 45 -7.54 10.24 -3.44
C SER A 45 -7.15 11.22 -2.34
N TYR A 46 -5.86 11.25 -2.01
CA TYR A 46 -5.34 12.23 -1.05
C TYR A 46 -4.08 12.89 -1.60
N ARG A 47 -3.83 14.12 -1.17
CA ARG A 47 -2.59 14.82 -1.51
C ARG A 47 -1.87 15.28 -0.24
N LYS A 48 -0.56 15.12 -0.21
CA LYS A 48 0.25 15.57 0.91
C LYS A 48 1.65 15.98 0.44
N GLN A 49 2.04 17.21 0.76
CA GLN A 49 3.36 17.71 0.40
C GLN A 49 4.40 17.31 1.44
N VAL A 50 5.46 16.64 0.98
CA VAL A 50 6.47 16.10 1.88
C VAL A 50 7.87 16.36 1.36
N VAL A 51 8.87 16.11 2.20
CA VAL A 51 10.26 16.08 1.76
C VAL A 51 10.84 14.67 1.85
N ILE A 52 11.26 14.15 0.70
CA ILE A 52 11.83 12.81 0.65
C ILE A 52 13.27 12.84 0.15
N ASP A 53 14.19 12.38 0.99
CA ASP A 53 15.60 12.36 0.64
C ASP A 53 16.10 13.76 0.27
N GLY A 54 15.61 14.76 1.00
CA GLY A 54 16.07 16.12 0.79
C GLY A 54 15.35 16.80 -0.35
N GLU A 55 14.51 16.05 -1.06
CA GLU A 55 13.78 16.58 -2.19
C GLU A 55 12.34 16.89 -1.81
N THR A 56 11.91 18.12 -2.07
CA THR A 56 10.54 18.54 -1.78
C THR A 56 9.60 18.15 -2.92
N CYS A 57 8.55 17.42 -2.58
CA CYS A 57 7.69 16.81 -3.59
C CYS A 57 6.25 16.69 -3.08
N LEU A 58 5.34 16.37 -3.98
CA LEU A 58 3.94 16.16 -3.61
C LEU A 58 3.54 14.69 -3.78
N LEU A 59 3.05 14.10 -2.70
CA LEU A 59 2.53 12.73 -2.76
C LEU A 59 1.05 12.72 -3.11
N ASP A 60 0.72 12.09 -4.24
CA ASP A 60 -0.66 11.87 -4.61
C ASP A 60 -1.06 10.41 -4.39
N ILE A 61 -1.85 10.17 -3.35
CA ILE A 61 -2.15 8.80 -2.92
C ILE A 61 -3.54 8.39 -3.37
N LEU A 62 -3.60 7.33 -4.19
CA LEU A 62 -4.87 6.89 -4.77
C LEU A 62 -5.35 5.61 -4.10
N ASP A 63 -6.46 5.71 -3.37
CA ASP A 63 -7.01 4.57 -2.63
C ASP A 63 -8.16 3.92 -3.41
N THR A 64 -8.06 2.61 -3.59
CA THR A 64 -9.12 1.85 -4.25
C THR A 64 -10.19 1.42 -3.25
N ALA A 65 -11.26 0.82 -3.75
CA ALA A 65 -12.33 0.32 -2.90
C ALA A 65 -11.77 -0.53 -1.77
N GLY A 66 -12.28 -0.30 -0.56
CA GLY A 66 -11.99 -1.19 0.56
C GLY A 66 -12.51 -2.59 0.31
N GLN A 67 -13.33 -2.76 -0.71
CA GLN A 67 -13.79 -4.08 -1.12
C GLN A 67 -12.78 -4.75 -2.04
N GLU A 68 -12.32 -5.94 -1.65
CA GLU A 68 -11.29 -6.64 -2.39
C GLU A 68 -11.79 -7.04 -3.78
N GLU A 69 -13.11 -7.05 -3.94
CA GLU A 69 -13.71 -7.53 -5.18
C GLU A 69 -13.77 -6.41 -6.21
N TYR A 70 -13.31 -5.22 -5.82
CA TYR A 70 -13.29 -4.07 -6.72
C TYR A 70 -13.02 -4.52 -8.16
N SER A 71 -13.83 -4.00 -9.09
CA SER A 71 -13.82 -4.50 -10.46
C SER A 71 -12.91 -3.65 -11.34
N ALA A 72 -13.01 -3.84 -12.64
CA ALA A 72 -12.20 -3.09 -13.60
C ALA A 72 -12.44 -1.59 -13.45
N MET A 73 -13.57 -1.23 -12.86
CA MET A 73 -13.89 0.17 -12.60
C MET A 73 -12.81 0.83 -11.77
N ARG A 74 -12.17 0.06 -10.89
CA ARG A 74 -11.12 0.57 -10.02
C ARG A 74 -9.75 0.44 -10.69
N ASP A 75 -9.67 -0.44 -11.68
CA ASP A 75 -8.43 -0.66 -12.40
C ASP A 75 -8.00 0.61 -13.15
N GLN A 76 -8.96 1.50 -13.37
CA GLN A 76 -8.66 2.80 -13.94
C GLN A 76 -7.46 3.44 -13.27
N TYR A 77 -7.35 3.25 -11.95
CA TYR A 77 -6.26 3.82 -11.18
C TYR A 77 -4.92 3.29 -11.65
N MET A 78 -4.92 2.06 -12.16
CA MET A 78 -3.69 1.40 -12.56
C MET A 78 -3.00 2.18 -13.67
N ARG A 79 -3.75 2.99 -14.38
CA ARG A 79 -3.20 3.84 -15.43
C ARG A 79 -2.05 4.69 -14.89
N THR A 80 -2.11 5.00 -13.60
CA THR A 80 -1.03 5.72 -12.94
C THR A 80 0.31 5.03 -13.14
N GLY A 81 0.35 3.73 -12.82
CA GLY A 81 1.32 2.85 -13.42
C GLY A 81 2.70 3.00 -12.82
N GLU A 82 2.85 4.00 -11.96
CA GLU A 82 4.16 4.32 -11.38
C GLU A 82 4.58 3.28 -10.35
N GLY A 83 3.81 3.20 -9.27
CA GLY A 83 4.11 2.23 -8.23
C GLY A 83 2.88 1.82 -7.45
N PHE A 84 2.92 0.64 -6.83
CA PHE A 84 1.74 0.05 -6.22
C PHE A 84 2.03 -0.40 -4.80
N LEU A 85 1.21 0.06 -3.86
CA LEU A 85 1.36 -0.31 -2.46
C LEU A 85 0.31 -1.35 -2.05
N CYS A 86 0.77 -2.47 -1.50
CA CYS A 86 -0.13 -3.53 -1.06
C CYS A 86 -0.17 -3.58 0.47
N VAL A 87 -1.35 -3.29 1.03
CA VAL A 87 -1.52 -3.27 2.48
C VAL A 87 -2.43 -4.41 2.94
N PHE A 88 -1.94 -5.18 3.91
CA PHE A 88 -2.69 -6.32 4.42
C PHE A 88 -2.57 -6.41 5.94
N ALA A 89 -3.37 -7.27 6.55
CA ALA A 89 -3.34 -7.47 7.99
C ALA A 89 -2.58 -8.74 8.35
N ILE A 90 -1.75 -8.66 9.38
CA ILE A 90 -0.93 -9.79 9.79
C ILE A 90 -1.78 -10.99 10.21
N ASN A 91 -3.06 -10.73 10.50
CA ASN A 91 -3.98 -11.78 10.90
C ASN A 91 -4.67 -12.38 9.68
N ASN A 92 -4.30 -11.91 8.49
CA ASN A 92 -4.92 -12.38 7.25
C ASN A 92 -3.95 -13.25 6.46
N THR A 93 -4.15 -14.56 6.54
CA THR A 93 -3.48 -15.50 5.64
C THR A 93 -3.91 -15.28 4.20
N LYS A 94 -5.22 -15.19 3.98
CA LYS A 94 -5.77 -15.10 2.64
C LYS A 94 -5.16 -13.94 1.88
N SER A 95 -4.84 -12.87 2.59
CA SER A 95 -4.39 -11.63 1.96
C SER A 95 -3.17 -11.88 1.10
N PHE A 96 -2.42 -12.92 1.43
CA PHE A 96 -1.25 -13.30 0.64
C PHE A 96 -1.65 -13.69 -0.78
N GLU A 97 -2.73 -14.46 -0.89
CA GLU A 97 -3.24 -14.87 -2.19
C GLU A 97 -3.88 -13.68 -2.91
N ASP A 98 -4.53 -12.81 -2.15
CA ASP A 98 -5.19 -11.65 -2.71
C ASP A 98 -4.18 -10.71 -3.36
N ILE A 99 -3.04 -10.53 -2.69
CA ILE A 99 -1.97 -9.68 -3.22
C ILE A 99 -1.39 -10.27 -4.50
N HIS A 100 -1.23 -11.59 -4.52
CA HIS A 100 -0.69 -12.27 -5.69
C HIS A 100 -1.58 -12.05 -6.91
N GLN A 101 -2.88 -12.19 -6.71
CA GLN A 101 -3.84 -11.95 -7.80
C GLN A 101 -3.79 -10.50 -8.26
N TYR A 102 -3.69 -9.58 -7.31
CA TYR A 102 -3.55 -8.17 -7.62
C TYR A 102 -2.29 -7.91 -8.45
N ARG A 103 -1.22 -8.58 -8.08
CA ARG A 103 0.04 -8.47 -8.81
C ARG A 103 -0.15 -8.87 -10.28
N GLU A 104 -0.81 -10.00 -10.50
CA GLU A 104 -1.00 -10.52 -11.85
C GLU A 104 -1.92 -9.61 -12.66
N GLN A 105 -2.96 -9.10 -12.01
CA GLN A 105 -3.91 -8.21 -12.67
C GLN A 105 -3.26 -6.90 -13.06
N ILE A 106 -2.51 -6.32 -12.13
CA ILE A 106 -1.72 -5.13 -12.42
C ILE A 106 -0.73 -5.37 -13.55
N LYS A 107 -0.11 -6.53 -13.53
CA LYS A 107 0.89 -6.88 -14.54
C LYS A 107 0.27 -6.88 -15.94
N ARG A 108 -0.90 -7.48 -16.06
CA ARG A 108 -1.58 -7.61 -17.35
C ARG A 108 -2.15 -6.26 -17.80
N VAL A 109 -2.74 -5.54 -16.85
CA VAL A 109 -3.38 -4.26 -17.16
C VAL A 109 -2.35 -3.23 -17.62
N LYS A 110 -1.16 -3.30 -17.05
CA LYS A 110 -0.09 -2.35 -17.37
C LYS A 110 0.67 -2.80 -18.61
N ASP A 111 0.30 -3.95 -19.15
CA ASP A 111 1.04 -4.55 -20.25
C ASP A 111 2.54 -4.50 -19.99
N SER A 112 2.94 -4.83 -18.77
CA SER A 112 4.33 -4.71 -18.37
C SER A 112 4.78 -5.93 -17.56
N ASP A 113 6.08 -6.16 -17.53
CA ASP A 113 6.67 -7.13 -16.61
C ASP A 113 6.50 -6.65 -15.16
N ASP A 114 7.12 -7.39 -14.24
CA ASP A 114 6.90 -7.16 -12.82
C ASP A 114 7.12 -5.69 -12.47
N VAL A 115 6.44 -5.23 -11.42
CA VAL A 115 6.31 -3.80 -11.15
C VAL A 115 6.80 -3.46 -9.75
N PRO A 116 7.20 -2.20 -9.55
CA PRO A 116 7.61 -1.69 -8.24
C PRO A 116 6.49 -1.76 -7.21
N MET A 117 6.76 -2.40 -6.08
CA MET A 117 5.72 -2.77 -5.13
C MET A 117 6.27 -2.88 -3.72
N VAL A 118 5.45 -2.57 -2.73
CA VAL A 118 5.83 -2.72 -1.33
C VAL A 118 4.74 -3.44 -0.54
N LEU A 119 5.15 -4.37 0.32
CA LEU A 119 4.21 -5.09 1.16
C LEU A 119 4.20 -4.52 2.58
N VAL A 120 3.01 -4.19 3.07
CA VAL A 120 2.86 -3.63 4.40
C VAL A 120 1.92 -4.49 5.25
N GLY A 121 2.36 -4.83 6.45
CA GLY A 121 1.53 -5.62 7.35
C GLY A 121 1.09 -4.84 8.57
N ASN A 122 -0.22 -4.73 8.75
CA ASN A 122 -0.77 -3.99 9.88
C ASN A 122 -1.17 -4.93 11.01
N LYS A 123 -1.42 -4.37 12.19
CA LYS A 123 -1.92 -5.13 13.32
C LYS A 123 -0.86 -6.10 13.85
N CYS A 124 0.39 -5.66 13.82
CA CYS A 124 1.50 -6.48 14.29
C CYS A 124 1.51 -6.56 15.81
N ASP A 125 0.64 -5.77 16.45
CA ASP A 125 0.49 -5.82 17.90
C ASP A 125 -0.67 -6.73 18.28
N LEU A 126 -1.37 -7.25 17.28
CA LEU A 126 -2.47 -8.17 17.52
C LEU A 126 -1.96 -9.56 17.90
N ALA A 127 -2.56 -10.15 18.94
CA ALA A 127 -2.13 -11.44 19.43
C ALA A 127 -2.60 -12.56 18.51
N ALA A 128 -3.87 -12.51 18.13
CA ALA A 128 -4.45 -13.55 17.26
C ALA A 128 -4.13 -13.28 15.80
N ARG A 129 -2.93 -13.66 15.38
CA ARG A 129 -2.53 -13.52 13.98
C ARG A 129 -2.30 -14.90 13.35
N THR A 130 -2.43 -14.96 12.03
CA THR A 130 -2.24 -16.21 11.30
C THR A 130 -1.15 -16.05 10.25
N VAL A 131 -0.28 -15.07 10.44
CA VAL A 131 0.89 -14.90 9.58
C VAL A 131 2.17 -14.75 10.40
N GLU A 132 3.12 -15.66 10.19
CA GLU A 132 4.47 -15.49 10.70
C GLU A 132 5.23 -14.44 9.88
N SER A 133 6.08 -13.67 10.55
CA SER A 133 6.90 -12.67 9.88
C SER A 133 7.84 -13.32 8.87
N ARG A 134 8.26 -14.54 9.17
CA ARG A 134 9.11 -15.30 8.26
C ARG A 134 8.43 -15.52 6.91
N GLN A 135 7.13 -15.81 6.95
CA GLN A 135 6.36 -16.05 5.74
C GLN A 135 6.22 -14.76 4.93
N ALA A 136 5.89 -13.67 5.63
CA ALA A 136 5.65 -12.39 4.98
C ALA A 136 6.92 -11.87 4.32
N GLN A 137 8.05 -11.99 5.02
CA GLN A 137 9.33 -11.52 4.51
C GLN A 137 9.77 -12.36 3.32
N ASP A 138 9.60 -13.67 3.42
CA ASP A 138 9.99 -14.59 2.35
C ASP A 138 9.15 -14.34 1.10
N LEU A 139 7.86 -14.07 1.31
CA LEU A 139 6.96 -13.74 0.20
C LEU A 139 7.40 -12.44 -0.47
N ALA A 140 7.77 -11.45 0.34
CA ALA A 140 8.29 -10.19 -0.18
C ALA A 140 9.59 -10.41 -0.95
N ARG A 141 10.43 -11.29 -0.44
CA ARG A 141 11.71 -11.58 -1.06
C ARG A 141 11.52 -12.24 -2.42
N SER A 142 10.50 -13.08 -2.54
CA SER A 142 10.19 -13.76 -3.79
C SER A 142 9.75 -12.76 -4.86
N TYR A 143 9.25 -11.62 -4.40
CA TYR A 143 8.81 -10.57 -5.32
C TYR A 143 9.90 -9.53 -5.51
N GLY A 144 11.00 -9.69 -4.78
CA GLY A 144 12.12 -8.78 -4.91
C GLY A 144 11.86 -7.42 -4.30
N ILE A 145 10.97 -7.38 -3.32
CA ILE A 145 10.50 -6.11 -2.75
C ILE A 145 10.58 -6.14 -1.23
N PRO A 146 10.59 -4.94 -0.63
CA PRO A 146 10.71 -4.80 0.83
C PRO A 146 9.41 -5.10 1.55
N TYR A 147 9.51 -5.51 2.81
CA TYR A 147 8.34 -5.72 3.65
C TYR A 147 8.41 -4.85 4.89
N ILE A 148 7.31 -4.13 5.17
CA ILE A 148 7.27 -3.20 6.29
C ILE A 148 6.18 -3.58 7.28
N GLU A 149 6.57 -3.78 8.54
CA GLU A 149 5.61 -4.00 9.60
C GLU A 149 5.18 -2.69 10.24
N THR A 150 3.88 -2.53 10.45
CA THR A 150 3.33 -1.29 11.00
C THR A 150 2.17 -1.58 11.94
N SER A 151 1.83 -0.60 12.76
CA SER A 151 0.61 -0.66 13.57
C SER A 151 -0.17 0.65 13.50
N ALA A 152 -1.37 0.58 12.93
CA ALA A 152 -2.17 1.77 12.68
C ALA A 152 -2.35 2.59 13.96
N LYS A 153 -2.21 1.93 15.11
CA LYS A 153 -2.46 2.57 16.39
C LYS A 153 -1.58 3.81 16.56
N THR A 154 -0.28 3.60 16.57
CA THR A 154 0.67 4.70 16.69
C THR A 154 1.85 4.52 15.74
N ARG A 155 2.34 3.28 15.66
CA ARG A 155 3.52 2.98 14.85
C ARG A 155 3.24 3.22 13.37
N GLN A 156 3.72 4.35 12.85
CA GLN A 156 3.46 4.73 11.47
C GLN A 156 4.48 4.07 10.54
N GLY A 157 4.01 3.11 9.74
CA GLY A 157 4.82 2.58 8.67
C GLY A 157 4.37 3.08 7.31
N VAL A 158 3.28 3.83 7.28
CA VAL A 158 2.70 4.29 6.02
C VAL A 158 3.62 5.28 5.32
N GLU A 159 4.32 6.10 6.10
CA GLU A 159 5.23 7.09 5.55
C GLU A 159 6.42 6.42 4.88
N ASP A 160 7.04 5.49 5.60
CA ASP A 160 8.16 4.72 5.05
C ASP A 160 7.71 3.91 3.84
N ALA A 161 6.49 3.40 3.90
CA ALA A 161 5.91 2.67 2.77
C ALA A 161 5.80 3.55 1.54
N PHE A 162 5.32 4.79 1.74
CA PHE A 162 5.21 5.74 0.65
C PHE A 162 6.59 6.10 0.09
N TYR A 163 7.52 6.41 0.99
CA TYR A 163 8.85 6.84 0.59
C TYR A 163 9.60 5.71 -0.13
N THR A 164 9.51 4.51 0.43
CA THR A 164 10.18 3.35 -0.15
C THR A 164 9.65 3.04 -1.55
N LEU A 165 8.33 3.06 -1.69
CA LEU A 165 7.69 2.84 -2.98
C LEU A 165 8.11 3.91 -3.99
N VAL A 166 8.19 5.16 -3.51
CA VAL A 166 8.72 6.25 -4.31
C VAL A 166 10.17 5.97 -4.73
N ARG A 167 10.95 5.42 -3.81
CA ARG A 167 12.33 5.07 -4.09
C ARG A 167 12.42 3.99 -5.17
N GLU A 168 11.46 3.05 -5.15
CA GLU A 168 11.37 2.02 -6.18
C GLU A 168 10.93 2.63 -7.50
N ILE A 169 9.99 3.57 -7.43
CA ILE A 169 9.55 4.29 -8.63
C ILE A 169 10.71 5.05 -9.26
N ARG A 170 11.61 5.56 -8.43
CA ARG A 170 12.78 6.27 -8.92
C ARG A 170 13.68 5.36 -9.73
N GLN A 171 13.67 4.08 -9.39
CA GLN A 171 14.61 3.12 -9.98
C GLN A 171 13.94 2.31 -11.08
N HIS A 172 12.61 2.37 -11.13
CA HIS A 172 11.85 1.67 -12.16
C HIS A 172 11.20 2.65 -13.12
N MET A 7 8.63 21.24 -8.26
CA MET A 7 7.21 20.88 -8.35
C MET A 7 7.05 19.40 -8.69
N THR A 8 8.01 18.59 -8.25
CA THR A 8 7.96 17.15 -8.50
C THR A 8 6.75 16.51 -7.82
N GLU A 9 6.00 15.72 -8.58
CA GLU A 9 4.85 15.01 -8.03
C GLU A 9 5.03 13.50 -8.18
N TYR A 10 4.72 12.77 -7.11
CA TYR A 10 4.78 11.31 -7.13
C TYR A 10 3.40 10.70 -6.93
N LYS A 11 3.02 9.81 -7.84
CA LYS A 11 1.66 9.27 -7.86
C LYS A 11 1.65 7.81 -7.40
N LEU A 12 1.05 7.58 -6.24
CA LEU A 12 1.04 6.24 -5.65
C LEU A 12 -0.36 5.64 -5.68
N VAL A 13 -0.46 4.37 -6.07
CA VAL A 13 -1.70 3.62 -5.97
C VAL A 13 -1.66 2.61 -4.84
N VAL A 14 -2.62 2.70 -3.93
CA VAL A 14 -2.67 1.82 -2.77
C VAL A 14 -3.76 0.77 -2.91
N VAL A 15 -3.39 -0.49 -2.75
CA VAL A 15 -4.33 -1.59 -2.96
C VAL A 15 -4.37 -2.51 -1.75
N GLY A 16 -5.45 -3.29 -1.64
CA GLY A 16 -5.55 -4.26 -0.57
C GLY A 16 -6.98 -4.75 -0.37
N ALA A 17 -7.11 -5.94 0.21
CA ALA A 17 -8.43 -6.55 0.39
C ALA A 17 -9.17 -5.90 1.56
N GLY A 18 -10.48 -6.13 1.62
CA GLY A 18 -11.28 -5.55 2.67
C GLY A 18 -10.91 -6.06 4.05
N GLY A 19 -10.79 -5.14 5.00
CA GLY A 19 -10.45 -5.54 6.36
C GLY A 19 -9.36 -4.68 6.96
N VAL A 20 -8.83 -3.75 6.16
CA VAL A 20 -7.84 -2.80 6.64
C VAL A 20 -8.29 -1.36 6.38
N GLY A 21 -7.57 -0.41 6.97
CA GLY A 21 -8.00 0.97 6.92
C GLY A 21 -7.18 1.80 5.95
N LYS A 22 -7.22 1.42 4.68
CA LYS A 22 -6.38 2.06 3.66
C LYS A 22 -6.56 3.58 3.69
N SER A 23 -7.81 4.01 3.87
CA SER A 23 -8.10 5.44 3.93
C SER A 23 -7.57 6.06 5.22
N ALA A 24 -7.70 5.31 6.32
CA ALA A 24 -7.30 5.82 7.63
C ALA A 24 -5.80 6.07 7.70
N LEU A 25 -5.03 5.20 7.05
CA LEU A 25 -3.58 5.27 7.12
C LEU A 25 -3.05 6.51 6.41
N THR A 26 -3.63 6.81 5.25
CA THR A 26 -3.26 8.01 4.50
C THR A 26 -3.58 9.27 5.29
N ILE A 27 -4.63 9.21 6.11
CA ILE A 27 -5.01 10.34 6.94
C ILE A 27 -3.93 10.65 7.98
N GLN A 28 -3.28 9.60 8.47
CA GLN A 28 -2.26 9.75 9.50
C GLN A 28 -1.18 10.73 9.06
N LEU A 29 -0.67 10.54 7.85
CA LEU A 29 0.40 11.39 7.32
C LEU A 29 -0.09 12.81 7.11
N ILE A 30 -1.32 12.95 6.63
CA ILE A 30 -1.84 14.24 6.20
C ILE A 30 -1.96 15.20 7.37
N GLN A 31 -2.41 14.68 8.51
CA GLN A 31 -2.75 15.51 9.65
C GLN A 31 -1.73 15.34 10.77
N ASN A 32 -0.65 14.61 10.48
CA ASN A 32 0.37 14.32 11.48
C ASN A 32 -0.25 13.68 12.71
N HIS A 33 -1.14 12.71 12.50
CA HIS A 33 -1.93 12.15 13.58
C HIS A 33 -1.81 10.62 13.60
N PHE A 34 -2.11 10.03 14.75
CA PHE A 34 -2.17 8.57 14.86
C PHE A 34 -3.61 8.09 14.82
N VAL A 35 -3.96 7.35 13.76
CA VAL A 35 -5.33 6.92 13.55
C VAL A 35 -5.43 5.39 13.60
N ASP A 36 -5.95 4.87 14.70
CA ASP A 36 -6.05 3.43 14.90
C ASP A 36 -7.49 2.95 14.74
N GLU A 37 -7.87 2.66 13.50
CA GLU A 37 -9.23 2.21 13.21
C GLU A 37 -9.36 1.82 11.73
N TYR A 38 -10.54 1.34 11.37
CA TYR A 38 -10.79 0.89 10.01
C TYR A 38 -11.70 1.86 9.27
N ASP A 39 -11.31 2.22 8.05
CA ASP A 39 -12.03 3.22 7.28
C ASP A 39 -12.22 2.75 5.83
N PRO A 40 -13.33 2.06 5.57
CA PRO A 40 -13.68 1.59 4.23
C PRO A 40 -14.20 2.71 3.33
N SER A 41 -13.76 2.72 2.08
CA SER A 41 -14.22 3.71 1.12
C SER A 41 -14.08 3.18 -0.31
N ILE A 42 -14.40 4.03 -1.28
CA ILE A 42 -14.38 3.62 -2.68
C ILE A 42 -13.89 4.77 -3.57
N GLU A 43 -12.80 4.53 -4.29
CA GLU A 43 -12.26 5.53 -5.20
C GLU A 43 -11.99 6.84 -4.48
N ASP A 44 -10.97 6.85 -3.62
CA ASP A 44 -10.73 7.97 -2.74
C ASP A 44 -9.28 8.44 -2.84
N SER A 45 -9.10 9.71 -3.23
CA SER A 45 -7.76 10.23 -3.51
C SER A 45 -7.30 11.15 -2.38
N TYR A 46 -5.99 11.14 -2.12
CA TYR A 46 -5.41 12.04 -1.14
C TYR A 46 -4.18 12.74 -1.70
N ARG A 47 -3.93 13.96 -1.25
CA ARG A 47 -2.71 14.68 -1.59
C ARG A 47 -2.04 15.24 -0.34
N LYS A 48 -0.72 15.14 -0.29
CA LYS A 48 0.05 15.76 0.79
C LYS A 48 1.46 16.09 0.33
N GLN A 49 1.89 17.32 0.59
CA GLN A 49 3.25 17.75 0.27
C GLN A 49 4.25 17.15 1.26
N VAL A 50 5.24 16.44 0.72
CA VAL A 50 6.19 15.71 1.56
C VAL A 50 7.62 15.88 1.04
N VAL A 51 8.59 15.54 1.88
CA VAL A 51 9.98 15.47 1.45
C VAL A 51 10.47 14.02 1.42
N ILE A 52 10.78 13.52 0.23
CA ILE A 52 11.21 12.14 0.06
C ILE A 52 12.61 12.08 -0.55
N ASP A 53 13.53 11.44 0.16
CA ASP A 53 14.91 11.30 -0.31
C ASP A 53 15.57 12.66 -0.47
N GLY A 54 15.23 13.59 0.42
CA GLY A 54 15.82 14.91 0.39
C GLY A 54 15.14 15.83 -0.62
N GLU A 55 14.28 15.26 -1.44
CA GLU A 55 13.58 16.02 -2.47
C GLU A 55 12.19 16.44 -1.99
N THR A 56 11.88 17.72 -2.16
CA THR A 56 10.57 18.24 -1.82
C THR A 56 9.59 18.06 -2.98
N CYS A 57 8.46 17.40 -2.70
CA CYS A 57 7.56 16.95 -3.75
C CYS A 57 6.13 16.84 -3.23
N LEU A 58 5.19 16.61 -4.14
CA LEU A 58 3.80 16.37 -3.76
C LEU A 58 3.44 14.90 -3.92
N LEU A 59 2.98 14.29 -2.84
CA LEU A 59 2.61 12.88 -2.85
C LEU A 59 1.11 12.71 -3.04
N ASP A 60 0.73 12.15 -4.20
CA ASP A 60 -0.68 11.95 -4.52
C ASP A 60 -1.04 10.47 -4.44
N ILE A 61 -1.87 10.12 -3.46
CA ILE A 61 -2.16 8.72 -3.16
C ILE A 61 -3.59 8.35 -3.56
N LEU A 62 -3.71 7.32 -4.39
CA LEU A 62 -5.02 6.86 -4.81
C LEU A 62 -5.43 5.59 -4.06
N ASP A 63 -6.46 5.70 -3.24
CA ASP A 63 -6.93 4.57 -2.43
C ASP A 63 -8.05 3.82 -3.15
N THR A 64 -7.84 2.54 -3.38
CA THR A 64 -8.82 1.71 -4.09
C THR A 64 -9.93 1.25 -3.16
N ALA A 65 -11.02 0.76 -3.74
CA ALA A 65 -12.17 0.32 -2.96
C ALA A 65 -11.75 -0.67 -1.88
N GLY A 66 -12.36 -0.56 -0.70
CA GLY A 66 -12.20 -1.57 0.33
C GLY A 66 -12.75 -2.91 -0.11
N GLN A 67 -13.56 -2.92 -1.17
CA GLN A 67 -14.04 -4.15 -1.75
C GLN A 67 -13.05 -4.69 -2.77
N GLU A 68 -12.53 -5.89 -2.51
CA GLU A 68 -11.54 -6.51 -3.39
C GLU A 68 -12.19 -6.93 -4.71
N GLU A 69 -13.51 -6.94 -4.74
CA GLU A 69 -14.25 -7.30 -5.94
C GLU A 69 -14.31 -6.14 -6.92
N TYR A 70 -13.72 -5.01 -6.52
CA TYR A 70 -13.59 -3.86 -7.41
C TYR A 70 -13.42 -4.31 -8.86
N SER A 71 -14.18 -3.69 -9.76
CA SER A 71 -14.17 -4.07 -11.16
C SER A 71 -13.19 -3.22 -11.96
N ALA A 72 -13.25 -3.34 -13.28
CA ALA A 72 -12.37 -2.57 -14.16
C ALA A 72 -12.56 -1.07 -13.94
N MET A 73 -13.69 -0.69 -13.35
CA MET A 73 -13.95 0.71 -13.04
C MET A 73 -12.85 1.29 -12.16
N ARG A 74 -12.25 0.45 -11.33
CA ARG A 74 -11.20 0.89 -10.42
C ARG A 74 -9.83 0.82 -11.09
N ASP A 75 -9.74 0.03 -12.16
CA ASP A 75 -8.49 -0.13 -12.89
C ASP A 75 -8.06 1.20 -13.52
N GLN A 76 -9.00 2.14 -13.61
CA GLN A 76 -8.69 3.49 -14.04
C GLN A 76 -7.42 4.01 -13.37
N TYR A 77 -7.25 3.67 -12.10
CA TYR A 77 -6.10 4.14 -11.34
C TYR A 77 -4.80 3.62 -11.94
N MET A 78 -4.88 2.50 -12.63
CA MET A 78 -3.70 1.89 -13.23
C MET A 78 -2.95 2.88 -14.10
N ARG A 79 -3.68 3.86 -14.64
CA ARG A 79 -3.08 4.88 -15.48
C ARG A 79 -1.89 5.53 -14.79
N THR A 80 -1.94 5.59 -13.46
CA THR A 80 -0.82 6.07 -12.67
C THR A 80 0.44 5.26 -12.95
N GLY A 81 0.36 3.95 -12.71
CA GLY A 81 1.28 3.02 -13.35
C GLY A 81 2.68 3.08 -12.75
N GLU A 82 2.89 4.02 -11.83
CA GLU A 82 4.21 4.23 -11.26
C GLU A 82 4.56 3.12 -10.28
N GLY A 83 3.76 2.99 -9.22
CA GLY A 83 4.00 1.94 -8.24
C GLY A 83 2.76 1.62 -7.43
N PHE A 84 2.77 0.46 -6.77
CA PHE A 84 1.58 -0.03 -6.09
C PHE A 84 1.93 -0.51 -4.68
N LEU A 85 1.22 0.01 -3.69
CA LEU A 85 1.46 -0.36 -2.30
C LEU A 85 0.40 -1.34 -1.80
N CYS A 86 0.85 -2.49 -1.32
CA CYS A 86 -0.06 -3.55 -0.89
C CYS A 86 -0.14 -3.61 0.63
N VAL A 87 -1.31 -3.31 1.17
CA VAL A 87 -1.49 -3.26 2.63
C VAL A 87 -2.41 -4.38 3.09
N PHE A 88 -1.96 -5.15 4.08
CA PHE A 88 -2.75 -6.26 4.60
C PHE A 88 -2.55 -6.40 6.11
N ALA A 89 -3.33 -7.27 6.73
CA ALA A 89 -3.25 -7.50 8.16
C ALA A 89 -2.50 -8.78 8.48
N ILE A 90 -1.66 -8.73 9.52
CA ILE A 90 -0.85 -9.87 9.89
C ILE A 90 -1.70 -11.03 10.37
N ASN A 91 -2.97 -10.75 10.65
CA ASN A 91 -3.92 -11.79 11.05
C ASN A 91 -4.63 -12.37 9.84
N ASN A 92 -4.20 -11.95 8.65
CA ASN A 92 -4.79 -12.44 7.41
C ASN A 92 -3.80 -13.30 6.64
N THR A 93 -3.96 -14.62 6.73
CA THR A 93 -3.25 -15.55 5.86
C THR A 93 -3.70 -15.38 4.41
N LYS A 94 -5.01 -15.34 4.20
CA LYS A 94 -5.57 -15.35 2.86
C LYS A 94 -5.06 -14.16 2.05
N SER A 95 -4.72 -13.08 2.74
CA SER A 95 -4.27 -11.86 2.09
C SER A 95 -3.06 -12.13 1.20
N PHE A 96 -2.31 -13.19 1.53
CA PHE A 96 -1.14 -13.57 0.76
C PHE A 96 -1.53 -13.95 -0.67
N GLU A 97 -2.62 -14.69 -0.80
CA GLU A 97 -3.11 -15.08 -2.12
C GLU A 97 -3.62 -13.87 -2.89
N ASP A 98 -4.23 -12.94 -2.18
CA ASP A 98 -4.77 -11.72 -2.80
C ASP A 98 -3.65 -10.87 -3.39
N ILE A 99 -2.50 -10.87 -2.70
CA ILE A 99 -1.34 -10.14 -3.19
C ILE A 99 -0.89 -10.65 -4.56
N HIS A 100 -0.87 -11.97 -4.71
CA HIS A 100 -0.48 -12.59 -5.97
C HIS A 100 -1.49 -12.27 -7.07
N GLN A 101 -2.77 -12.31 -6.71
CA GLN A 101 -3.83 -11.91 -7.63
C GLN A 101 -3.66 -10.45 -8.06
N TYR A 102 -3.36 -9.59 -7.10
CA TYR A 102 -3.06 -8.19 -7.39
C TYR A 102 -1.90 -8.09 -8.37
N ARG A 103 -0.89 -8.94 -8.20
CA ARG A 103 0.29 -8.92 -9.05
C ARG A 103 -0.10 -9.17 -10.50
N GLU A 104 -0.89 -10.22 -10.73
CA GLU A 104 -1.25 -10.63 -12.09
C GLU A 104 -2.20 -9.62 -12.72
N GLN A 105 -3.13 -9.12 -11.93
CA GLN A 105 -4.09 -8.12 -12.41
C GLN A 105 -3.39 -6.83 -12.81
N ILE A 106 -2.46 -6.39 -11.97
CA ILE A 106 -1.62 -5.24 -12.28
C ILE A 106 -0.75 -5.52 -13.52
N LYS A 107 -0.23 -6.74 -13.60
CA LYS A 107 0.65 -7.12 -14.69
C LYS A 107 -0.07 -7.02 -16.04
N ARG A 108 -1.25 -7.65 -16.12
CA ARG A 108 -1.94 -7.80 -17.39
C ARG A 108 -2.53 -6.48 -17.85
N VAL A 109 -3.16 -5.75 -16.94
CA VAL A 109 -3.83 -4.51 -17.27
C VAL A 109 -2.83 -3.45 -17.71
N LYS A 110 -1.65 -3.47 -17.09
CA LYS A 110 -0.60 -2.50 -17.41
C LYS A 110 0.19 -2.94 -18.64
N ASP A 111 -0.14 -4.12 -19.16
CA ASP A 111 0.64 -4.72 -20.23
C ASP A 111 2.13 -4.63 -19.95
N SER A 112 2.52 -5.00 -18.72
CA SER A 112 3.90 -4.90 -18.30
C SER A 112 4.25 -5.97 -17.28
N ASP A 113 5.53 -6.32 -17.20
CA ASP A 113 5.99 -7.26 -16.18
C ASP A 113 5.83 -6.68 -14.78
N ASP A 114 6.30 -7.43 -13.78
CA ASP A 114 6.07 -7.06 -12.39
C ASP A 114 6.51 -5.62 -12.13
N VAL A 115 5.96 -5.01 -11.09
CA VAL A 115 6.08 -3.57 -10.89
C VAL A 115 6.56 -3.24 -9.48
N PRO A 116 7.04 -2.00 -9.29
CA PRO A 116 7.41 -1.49 -7.97
C PRO A 116 6.32 -1.71 -6.93
N MET A 117 6.65 -2.44 -5.87
CA MET A 117 5.66 -2.83 -4.87
C MET A 117 6.29 -2.88 -3.48
N VAL A 118 5.47 -2.64 -2.46
CA VAL A 118 5.88 -2.88 -1.09
C VAL A 118 4.79 -3.61 -0.31
N LEU A 119 5.19 -4.57 0.52
CA LEU A 119 4.25 -5.30 1.36
C LEU A 119 4.23 -4.72 2.78
N VAL A 120 3.04 -4.36 3.25
CA VAL A 120 2.90 -3.80 4.58
C VAL A 120 1.95 -4.64 5.43
N GLY A 121 2.41 -5.02 6.62
CA GLY A 121 1.57 -5.78 7.53
C GLY A 121 1.17 -4.98 8.75
N ASN A 122 -0.13 -4.80 8.93
CA ASN A 122 -0.66 -4.04 10.07
C ASN A 122 -1.07 -4.98 11.19
N LYS A 123 -1.32 -4.40 12.37
CA LYS A 123 -1.85 -5.17 13.50
C LYS A 123 -0.80 -6.15 14.02
N CYS A 124 0.46 -5.73 13.99
CA CYS A 124 1.55 -6.60 14.43
C CYS A 124 1.58 -6.71 15.95
N ASP A 125 0.77 -5.89 16.61
CA ASP A 125 0.63 -5.97 18.06
C ASP A 125 -0.57 -6.83 18.45
N LEU A 126 -1.28 -7.34 17.44
CA LEU A 126 -2.41 -8.23 17.68
C LEU A 126 -1.92 -9.62 18.08
N ALA A 127 -2.53 -10.18 19.12
CA ALA A 127 -2.12 -11.48 19.64
C ALA A 127 -2.59 -12.61 18.73
N ALA A 128 -3.84 -12.52 18.29
CA ALA A 128 -4.41 -13.54 17.41
C ALA A 128 -4.05 -13.26 15.96
N ARG A 129 -2.86 -13.68 15.56
CA ARG A 129 -2.43 -13.55 14.16
C ARG A 129 -2.21 -14.93 13.53
N THR A 130 -2.33 -14.98 12.22
CA THR A 130 -2.12 -16.23 11.49
C THR A 130 -1.03 -16.08 10.44
N VAL A 131 -0.17 -15.09 10.63
CA VAL A 131 1.00 -14.91 9.78
C VAL A 131 2.27 -14.84 10.61
N GLU A 132 3.19 -15.78 10.37
CA GLU A 132 4.54 -15.68 10.89
C GLU A 132 5.35 -14.65 10.11
N SER A 133 6.10 -13.83 10.84
CA SER A 133 6.86 -12.75 10.22
C SER A 133 7.79 -13.29 9.14
N ARG A 134 8.34 -14.47 9.37
CA ARG A 134 9.25 -15.10 8.41
C ARG A 134 8.56 -15.35 7.08
N GLN A 135 7.29 -15.75 7.14
CA GLN A 135 6.54 -16.07 5.94
C GLN A 135 6.27 -14.82 5.10
N ALA A 136 5.82 -13.77 5.76
CA ALA A 136 5.47 -12.53 5.07
C ALA A 136 6.70 -11.89 4.43
N GLN A 137 7.81 -11.89 5.16
CA GLN A 137 9.05 -11.31 4.67
C GLN A 137 9.59 -12.09 3.48
N ASP A 138 9.59 -13.41 3.59
CA ASP A 138 10.09 -14.28 2.53
C ASP A 138 9.22 -14.18 1.29
N LEU A 139 7.92 -14.01 1.50
CA LEU A 139 6.99 -13.74 0.41
C LEU A 139 7.37 -12.46 -0.32
N ALA A 140 7.68 -11.42 0.45
CA ALA A 140 8.17 -10.17 -0.13
C ALA A 140 9.48 -10.38 -0.87
N ARG A 141 10.34 -11.24 -0.32
CA ARG A 141 11.64 -11.51 -0.92
C ARG A 141 11.49 -12.16 -2.29
N SER A 142 10.49 -13.04 -2.42
CA SER A 142 10.27 -13.75 -3.67
C SER A 142 9.84 -12.78 -4.77
N TYR A 143 9.27 -11.64 -4.37
CA TYR A 143 8.84 -10.63 -5.32
C TYR A 143 9.90 -9.54 -5.47
N GLY A 144 10.99 -9.68 -4.71
CA GLY A 144 12.09 -8.74 -4.82
C GLY A 144 11.77 -7.39 -4.20
N ILE A 145 10.85 -7.39 -3.23
CA ILE A 145 10.38 -6.15 -2.63
C ILE A 145 10.48 -6.21 -1.11
N PRO A 146 10.47 -5.02 -0.48
CA PRO A 146 10.62 -4.90 0.98
C PRO A 146 9.33 -5.23 1.72
N TYR A 147 9.46 -5.70 2.95
CA TYR A 147 8.31 -5.93 3.81
C TYR A 147 8.41 -5.09 5.09
N ILE A 148 7.33 -4.38 5.40
CA ILE A 148 7.32 -3.48 6.55
C ILE A 148 6.23 -3.90 7.55
N GLU A 149 6.64 -4.13 8.79
CA GLU A 149 5.69 -4.34 9.88
C GLU A 149 5.31 -3.01 10.54
N THR A 150 4.01 -2.79 10.70
CA THR A 150 3.52 -1.53 11.23
C THR A 150 2.35 -1.75 12.20
N SER A 151 2.07 -0.75 13.01
CA SER A 151 0.88 -0.77 13.87
C SER A 151 0.15 0.57 13.81
N ALA A 152 -1.11 0.52 13.40
CA ALA A 152 -1.93 1.74 13.31
C ALA A 152 -1.91 2.51 14.62
N LYS A 153 -1.64 1.81 15.71
CA LYS A 153 -1.71 2.40 17.05
C LYS A 153 -0.78 3.60 17.15
N THR A 154 0.52 3.34 17.04
CA THR A 154 1.52 4.41 17.06
C THR A 154 2.65 4.13 16.07
N ARG A 155 3.06 2.87 15.99
CA ARG A 155 4.22 2.49 15.21
C ARG A 155 3.98 2.74 13.72
N GLN A 156 4.55 3.83 13.21
CA GLN A 156 4.34 4.22 11.83
C GLN A 156 5.32 3.49 10.90
N GLY A 157 4.78 2.57 10.10
CA GLY A 157 5.53 2.06 8.97
C GLY A 157 4.94 2.51 7.64
N VAL A 158 3.79 3.18 7.70
CA VAL A 158 3.08 3.59 6.50
C VAL A 158 3.85 4.68 5.75
N GLU A 159 4.33 5.67 6.50
CA GLU A 159 5.09 6.77 5.92
C GLU A 159 6.37 6.25 5.27
N ASP A 160 7.07 5.35 5.98
CA ASP A 160 8.25 4.69 5.42
C ASP A 160 7.89 3.89 4.17
N ALA A 161 6.71 3.27 4.19
CA ALA A 161 6.23 2.51 3.04
C ALA A 161 5.99 3.43 1.85
N PHE A 162 5.44 4.61 2.12
CA PHE A 162 5.23 5.61 1.07
C PHE A 162 6.56 6.05 0.46
N TYR A 163 7.50 6.41 1.32
CA TYR A 163 8.75 7.02 0.87
C TYR A 163 9.61 5.99 0.13
N THR A 164 9.73 4.81 0.72
CA THR A 164 10.58 3.76 0.16
C THR A 164 10.14 3.38 -1.25
N LEU A 165 8.83 3.19 -1.43
CA LEU A 165 8.28 2.82 -2.72
C LEU A 165 8.48 3.93 -3.75
N VAL A 166 8.29 5.17 -3.31
CA VAL A 166 8.57 6.33 -4.15
C VAL A 166 10.04 6.38 -4.53
N ARG A 167 10.90 6.06 -3.58
CA ARG A 167 12.34 6.00 -3.84
C ARG A 167 12.67 4.94 -4.89
N GLU A 168 11.98 3.80 -4.80
CA GLU A 168 12.17 2.73 -5.76
C GLU A 168 11.67 3.13 -7.14
N ILE A 169 10.52 3.81 -7.18
CA ILE A 169 9.96 4.29 -8.43
C ILE A 169 10.91 5.24 -9.14
N ARG A 170 11.57 6.10 -8.36
CA ARG A 170 12.52 7.06 -8.92
C ARG A 170 13.68 6.35 -9.59
N GLN A 171 13.96 5.13 -9.14
CA GLN A 171 15.12 4.38 -9.63
C GLN A 171 14.75 3.54 -10.84
N HIS A 172 13.54 3.73 -11.35
CA HIS A 172 13.10 3.06 -12.56
C HIS A 172 12.45 4.05 -13.53
N MET A 7 8.70 21.28 -8.55
CA MET A 7 7.29 20.94 -8.62
C MET A 7 7.10 19.46 -8.97
N THR A 8 8.07 18.64 -8.55
CA THR A 8 8.02 17.20 -8.82
C THR A 8 6.87 16.55 -8.06
N GLU A 9 6.06 15.79 -8.78
CA GLU A 9 4.92 15.10 -8.17
C GLU A 9 5.05 13.59 -8.34
N TYR A 10 4.77 12.86 -7.26
CA TYR A 10 4.83 11.40 -7.30
C TYR A 10 3.44 10.81 -7.07
N LYS A 11 3.07 9.85 -7.92
CA LYS A 11 1.73 9.27 -7.88
C LYS A 11 1.75 7.88 -7.27
N LEU A 12 1.17 7.75 -6.08
CA LEU A 12 1.28 6.52 -5.31
C LEU A 12 -0.07 5.84 -5.17
N VAL A 13 -0.13 4.56 -5.53
CA VAL A 13 -1.36 3.79 -5.45
C VAL A 13 -1.31 2.77 -4.32
N VAL A 14 -2.30 2.80 -3.45
CA VAL A 14 -2.38 1.87 -2.33
C VAL A 14 -3.51 0.88 -2.51
N VAL A 15 -3.20 -0.41 -2.38
CA VAL A 15 -4.18 -1.47 -2.57
C VAL A 15 -4.16 -2.46 -1.41
N GLY A 16 -5.25 -3.21 -1.27
CA GLY A 16 -5.32 -4.21 -0.23
C GLY A 16 -6.73 -4.75 -0.03
N ALA A 17 -6.83 -5.89 0.64
CA ALA A 17 -8.13 -6.52 0.88
C ALA A 17 -8.88 -5.82 2.02
N GLY A 18 -10.18 -6.02 2.07
CA GLY A 18 -10.99 -5.40 3.09
C GLY A 18 -10.65 -5.89 4.49
N GLY A 19 -10.62 -4.98 5.46
CA GLY A 19 -10.34 -5.36 6.82
C GLY A 19 -9.18 -4.60 7.40
N VAL A 20 -8.48 -3.84 6.56
CA VAL A 20 -7.38 -3.00 7.01
C VAL A 20 -7.72 -1.52 6.82
N GLY A 21 -6.91 -0.66 7.42
CA GLY A 21 -7.18 0.78 7.35
C GLY A 21 -6.14 1.52 6.56
N LYS A 22 -5.93 1.10 5.31
CA LYS A 22 -4.89 1.69 4.47
C LYS A 22 -5.18 3.16 4.22
N SER A 23 -6.45 3.52 4.15
CA SER A 23 -6.85 4.91 4.02
C SER A 23 -6.69 5.65 5.35
N ALA A 24 -6.91 4.93 6.45
CA ALA A 24 -6.65 5.47 7.78
C ALA A 24 -5.17 5.80 7.96
N LEU A 25 -4.31 4.96 7.39
CA LEU A 25 -2.87 5.20 7.41
C LEU A 25 -2.51 6.43 6.59
N THR A 26 -3.15 6.56 5.44
CA THR A 26 -2.97 7.74 4.59
C THR A 26 -3.33 9.02 5.35
N ILE A 27 -4.46 8.98 6.06
CA ILE A 27 -4.97 10.16 6.73
C ILE A 27 -4.06 10.58 7.89
N GLN A 28 -3.59 9.60 8.64
CA GLN A 28 -2.79 9.87 9.83
C GLN A 28 -1.57 10.71 9.50
N LEU A 29 -0.85 10.31 8.45
CA LEU A 29 0.41 10.95 8.10
C LEU A 29 0.17 12.38 7.60
N ILE A 30 -0.83 12.54 6.74
CA ILE A 30 -1.05 13.81 6.07
C ILE A 30 -1.69 14.83 6.99
N GLN A 31 -2.34 14.33 8.05
CA GLN A 31 -3.00 15.20 9.02
C GLN A 31 -2.16 15.31 10.29
N ASN A 32 -1.05 14.60 10.34
CA ASN A 32 -0.22 14.56 11.53
C ASN A 32 -1.02 14.11 12.75
N HIS A 33 -1.84 13.09 12.56
CA HIS A 33 -2.74 12.62 13.62
C HIS A 33 -2.46 11.16 13.95
N PHE A 34 -3.03 10.69 15.05
CA PHE A 34 -2.93 9.28 15.43
C PHE A 34 -4.32 8.67 15.63
N VAL A 35 -4.74 7.84 14.67
CA VAL A 35 -6.09 7.32 14.65
C VAL A 35 -6.10 5.80 14.64
N ASP A 36 -6.64 5.21 15.70
CA ASP A 36 -6.75 3.76 15.79
C ASP A 36 -8.21 3.31 15.61
N GLU A 37 -8.58 3.05 14.37
CA GLU A 37 -9.93 2.55 14.08
C GLU A 37 -10.02 2.07 12.63
N TYR A 38 -11.18 1.56 12.26
CA TYR A 38 -11.41 1.05 10.91
C TYR A 38 -12.07 2.11 10.03
N ASP A 39 -11.40 2.47 8.94
CA ASP A 39 -11.87 3.53 8.06
C ASP A 39 -11.80 3.10 6.60
N PRO A 40 -12.88 2.47 6.12
CA PRO A 40 -12.98 2.02 4.73
C PRO A 40 -13.36 3.15 3.78
N SER A 41 -12.79 3.13 2.58
CA SER A 41 -13.16 4.08 1.54
C SER A 41 -13.04 3.44 0.15
N ILE A 42 -13.24 4.26 -0.87
CA ILE A 42 -13.23 3.76 -2.24
C ILE A 42 -12.98 4.90 -3.24
N GLU A 43 -12.02 4.69 -4.14
CA GLU A 43 -11.68 5.69 -5.15
C GLU A 43 -11.41 7.04 -4.50
N ASP A 44 -10.42 7.08 -3.61
CA ASP A 44 -10.25 8.20 -2.71
C ASP A 44 -8.80 8.71 -2.73
N SER A 45 -8.64 9.95 -3.16
CA SER A 45 -7.31 10.51 -3.40
C SER A 45 -6.94 11.51 -2.31
N TYR A 46 -5.67 11.50 -1.91
CA TYR A 46 -5.13 12.51 -1.01
C TYR A 46 -3.87 13.13 -1.58
N ARG A 47 -3.62 14.39 -1.24
CA ARG A 47 -2.39 15.07 -1.62
C ARG A 47 -1.69 15.65 -0.40
N LYS A 48 -0.37 15.50 -0.36
CA LYS A 48 0.43 16.08 0.71
C LYS A 48 1.84 16.40 0.23
N GLN A 49 2.29 17.62 0.50
CA GLN A 49 3.66 18.02 0.20
C GLN A 49 4.63 17.41 1.20
N VAL A 50 5.62 16.67 0.69
CA VAL A 50 6.53 15.92 1.55
C VAL A 50 7.97 16.09 1.08
N VAL A 51 8.91 15.81 1.98
CA VAL A 51 10.33 15.76 1.62
C VAL A 51 10.87 14.34 1.73
N ILE A 52 11.26 13.76 0.59
CA ILE A 52 11.74 12.39 0.55
C ILE A 52 13.14 12.31 -0.03
N ASP A 53 14.07 11.75 0.74
CA ASP A 53 15.45 11.66 0.32
C ASP A 53 16.07 13.04 0.14
N GLY A 54 15.63 14.00 0.94
CA GLY A 54 16.12 15.35 0.84
C GLY A 54 15.46 16.13 -0.27
N GLU A 55 14.66 15.45 -1.07
CA GLU A 55 13.99 16.09 -2.21
C GLU A 55 12.58 16.51 -1.83
N THR A 56 12.25 17.77 -2.10
CA THR A 56 10.92 18.29 -1.84
C THR A 56 9.99 18.05 -3.02
N CYS A 57 8.84 17.45 -2.75
CA CYS A 57 7.93 17.03 -3.82
C CYS A 57 6.49 16.97 -3.31
N LEU A 58 5.55 16.78 -4.22
CA LEU A 58 4.16 16.59 -3.87
C LEU A 58 3.75 15.13 -4.02
N LEU A 59 3.28 14.53 -2.94
CA LEU A 59 2.90 13.12 -2.94
C LEU A 59 1.39 12.98 -3.11
N ASP A 60 0.96 12.43 -4.25
CA ASP A 60 -0.45 12.23 -4.52
C ASP A 60 -0.83 10.76 -4.39
N ILE A 61 -1.62 10.44 -3.37
CA ILE A 61 -1.89 9.05 -3.02
C ILE A 61 -3.33 8.67 -3.38
N LEU A 62 -3.47 7.65 -4.21
CA LEU A 62 -4.79 7.14 -4.57
C LEU A 62 -5.08 5.82 -3.85
N ASP A 63 -6.11 5.81 -3.02
CA ASP A 63 -6.53 4.60 -2.33
C ASP A 63 -7.72 3.95 -3.04
N THR A 64 -7.62 2.65 -3.29
CA THR A 64 -8.64 1.93 -4.03
C THR A 64 -9.74 1.41 -3.11
N ALA A 65 -10.71 0.71 -3.69
CA ALA A 65 -11.83 0.19 -2.91
C ALA A 65 -11.33 -0.69 -1.76
N GLY A 66 -11.89 -0.47 -0.58
CA GLY A 66 -11.72 -1.42 0.51
C GLY A 66 -12.33 -2.78 0.20
N GLN A 67 -13.25 -2.80 -0.76
CA GLN A 67 -13.78 -4.07 -1.28
C GLN A 67 -12.84 -4.65 -2.33
N GLU A 68 -12.28 -5.81 -2.03
CA GLU A 68 -11.25 -6.41 -2.89
C GLU A 68 -11.88 -6.89 -4.20
N GLU A 69 -13.19 -7.07 -4.20
CA GLU A 69 -13.89 -7.60 -5.36
C GLU A 69 -14.05 -6.53 -6.44
N TYR A 70 -13.64 -5.31 -6.12
CA TYR A 70 -13.65 -4.23 -7.10
C TYR A 70 -13.37 -4.75 -8.50
N SER A 71 -14.15 -4.28 -9.46
CA SER A 71 -14.11 -4.82 -10.82
C SER A 71 -13.16 -4.01 -11.71
N ALA A 72 -13.22 -4.27 -13.00
CA ALA A 72 -12.36 -3.57 -13.95
C ALA A 72 -12.58 -2.06 -13.89
N MET A 73 -13.74 -1.66 -13.38
CA MET A 73 -14.06 -0.24 -13.22
C MET A 73 -13.03 0.45 -12.35
N ARG A 74 -12.46 -0.30 -11.40
CA ARG A 74 -11.50 0.26 -10.46
C ARG A 74 -10.08 0.19 -11.03
N ASP A 75 -9.88 -0.69 -12.01
CA ASP A 75 -8.55 -0.90 -12.58
C ASP A 75 -8.00 0.40 -13.17
N GLN A 76 -8.87 1.39 -13.32
CA GLN A 76 -8.46 2.70 -13.80
C GLN A 76 -7.20 3.17 -13.08
N TYR A 77 -7.10 2.83 -11.80
CA TYR A 77 -5.98 3.28 -10.97
C TYR A 77 -4.66 2.77 -11.52
N MET A 78 -4.73 1.77 -12.39
CA MET A 78 -3.54 1.27 -13.08
C MET A 78 -2.83 2.41 -13.81
N ARG A 79 -3.60 3.35 -14.34
CA ARG A 79 -3.06 4.39 -15.20
C ARG A 79 -1.88 5.09 -14.54
N THR A 80 -1.92 5.17 -13.21
CA THR A 80 -0.81 5.73 -12.44
C THR A 80 0.47 4.96 -12.72
N GLY A 81 0.45 3.65 -12.45
CA GLY A 81 1.39 2.75 -13.09
C GLY A 81 2.79 2.86 -12.51
N GLU A 82 2.98 3.81 -11.61
CA GLU A 82 4.30 4.09 -11.05
C GLU A 82 4.68 3.03 -10.02
N GLY A 83 3.91 2.96 -8.94
CA GLY A 83 4.20 2.00 -7.89
C GLY A 83 2.97 1.66 -7.06
N PHE A 84 3.01 0.54 -6.36
CA PHE A 84 1.84 0.05 -5.62
C PHE A 84 2.25 -0.41 -4.23
N LEU A 85 1.43 -0.06 -3.24
CA LEU A 85 1.59 -0.60 -1.89
C LEU A 85 0.58 -1.70 -1.62
N CYS A 86 1.05 -2.82 -1.10
CA CYS A 86 0.17 -3.93 -0.72
C CYS A 86 0.03 -4.01 0.79
N VAL A 87 -1.17 -3.72 1.29
CA VAL A 87 -1.42 -3.71 2.73
C VAL A 87 -2.30 -4.87 3.14
N PHE A 88 -1.83 -5.65 4.12
CA PHE A 88 -2.58 -6.79 4.61
C PHE A 88 -2.58 -6.83 6.14
N ALA A 89 -3.42 -7.68 6.71
CA ALA A 89 -3.44 -7.89 8.15
C ALA A 89 -2.89 -9.25 8.53
N ILE A 90 -2.14 -9.31 9.62
CA ILE A 90 -1.43 -10.52 10.01
C ILE A 90 -2.40 -11.63 10.42
N ASN A 91 -3.66 -11.26 10.57
CA ASN A 91 -4.72 -12.24 10.86
C ASN A 91 -5.38 -12.70 9.57
N ASN A 92 -4.87 -12.22 8.44
CA ASN A 92 -5.40 -12.63 7.14
C ASN A 92 -4.37 -13.46 6.37
N THR A 93 -4.50 -14.77 6.48
CA THR A 93 -3.74 -15.69 5.63
C THR A 93 -4.17 -15.56 4.16
N LYS A 94 -5.47 -15.55 3.94
CA LYS A 94 -6.01 -15.53 2.58
C LYS A 94 -5.46 -14.33 1.80
N SER A 95 -5.23 -13.23 2.49
CA SER A 95 -4.85 -11.98 1.84
C SER A 95 -3.61 -12.18 0.97
N PHE A 96 -2.79 -13.16 1.34
CA PHE A 96 -1.57 -13.45 0.58
C PHE A 96 -1.92 -13.98 -0.81
N GLU A 97 -2.89 -14.88 -0.86
CA GLU A 97 -3.36 -15.42 -2.15
C GLU A 97 -4.07 -14.34 -2.96
N ASP A 98 -4.81 -13.47 -2.27
CA ASP A 98 -5.51 -12.37 -2.92
C ASP A 98 -4.51 -11.42 -3.59
N ILE A 99 -3.45 -11.07 -2.87
CA ILE A 99 -2.43 -10.18 -3.39
C ILE A 99 -1.77 -10.77 -4.63
N HIS A 100 -1.51 -12.08 -4.58
CA HIS A 100 -0.82 -12.76 -5.68
C HIS A 100 -1.67 -12.73 -6.95
N GLN A 101 -2.94 -13.12 -6.81
CA GLN A 101 -3.84 -13.19 -7.96
C GLN A 101 -4.09 -11.81 -8.55
N TYR A 102 -4.44 -10.86 -7.68
CA TYR A 102 -4.72 -9.50 -8.11
C TYR A 102 -3.47 -8.84 -8.70
N ARG A 103 -2.31 -9.24 -8.19
CA ARG A 103 -1.04 -8.78 -8.74
C ARG A 103 -0.90 -9.18 -10.20
N GLU A 104 -1.22 -10.44 -10.50
CA GLU A 104 -1.10 -10.95 -11.86
C GLU A 104 -2.13 -10.30 -12.78
N GLN A 105 -3.32 -10.05 -12.24
CA GLN A 105 -4.37 -9.38 -12.99
C GLN A 105 -3.98 -7.95 -13.34
N ILE A 106 -3.42 -7.25 -12.36
CA ILE A 106 -2.90 -5.90 -12.61
C ILE A 106 -1.80 -5.93 -13.67
N LYS A 107 -0.98 -6.96 -13.64
CA LYS A 107 0.12 -7.10 -14.58
C LYS A 107 -0.40 -7.23 -16.02
N ARG A 108 -1.49 -7.96 -16.17
CA ARG A 108 -2.11 -8.12 -17.48
C ARG A 108 -2.74 -6.81 -17.96
N VAL A 109 -3.36 -6.10 -17.03
CA VAL A 109 -4.01 -4.82 -17.37
C VAL A 109 -2.98 -3.78 -17.78
N LYS A 110 -1.84 -3.78 -17.11
CA LYS A 110 -0.79 -2.80 -17.36
C LYS A 110 0.13 -3.27 -18.48
N ASP A 111 -0.05 -4.51 -18.92
CA ASP A 111 0.82 -5.10 -19.93
C ASP A 111 2.29 -4.83 -19.61
N SER A 112 2.66 -5.07 -18.35
CA SER A 112 4.03 -4.84 -17.91
C SER A 112 4.46 -5.87 -16.88
N ASP A 113 5.76 -6.12 -16.79
CA ASP A 113 6.31 -6.99 -15.76
C ASP A 113 6.26 -6.31 -14.39
N ASP A 114 6.87 -6.95 -13.40
CA ASP A 114 6.73 -6.51 -12.01
C ASP A 114 7.15 -5.06 -11.86
N VAL A 115 6.64 -4.40 -10.82
CA VAL A 115 6.82 -2.97 -10.65
C VAL A 115 7.20 -2.63 -9.21
N PRO A 116 7.71 -1.41 -9.00
CA PRO A 116 8.02 -0.90 -7.66
C PRO A 116 6.88 -1.10 -6.69
N MET A 117 7.17 -1.80 -5.58
CA MET A 117 6.13 -2.14 -4.60
C MET A 117 6.74 -2.28 -3.21
N VAL A 118 5.90 -2.10 -2.19
CA VAL A 118 6.28 -2.44 -0.83
C VAL A 118 5.17 -3.21 -0.12
N LEU A 119 5.56 -4.24 0.63
CA LEU A 119 4.60 -5.06 1.34
C LEU A 119 4.47 -4.64 2.80
N VAL A 120 3.25 -4.32 3.23
CA VAL A 120 3.03 -3.76 4.56
C VAL A 120 2.05 -4.61 5.36
N GLY A 121 2.43 -4.96 6.58
CA GLY A 121 1.56 -5.74 7.45
C GLY A 121 1.10 -4.95 8.66
N ASN A 122 -0.22 -4.84 8.81
CA ASN A 122 -0.79 -4.07 9.92
C ASN A 122 -1.22 -4.99 11.05
N LYS A 123 -1.53 -4.40 12.20
CA LYS A 123 -2.08 -5.14 13.33
C LYS A 123 -1.02 -6.03 13.95
N CYS A 124 0.22 -5.55 13.96
CA CYS A 124 1.34 -6.33 14.48
C CYS A 124 1.27 -6.46 16.00
N ASP A 125 0.34 -5.72 16.60
CA ASP A 125 0.10 -5.82 18.03
C ASP A 125 -1.01 -6.82 18.33
N LEU A 126 -1.60 -7.37 17.27
CA LEU A 126 -2.64 -8.39 17.42
C LEU A 126 -2.04 -9.74 17.80
N ALA A 127 -2.58 -10.35 18.84
CA ALA A 127 -2.06 -11.62 19.33
C ALA A 127 -2.53 -12.79 18.46
N ALA A 128 -3.81 -12.78 18.10
CA ALA A 128 -4.39 -13.84 17.29
C ALA A 128 -4.08 -13.62 15.81
N ARG A 129 -2.91 -14.09 15.38
CA ARG A 129 -2.47 -13.90 14.00
C ARG A 129 -2.36 -15.23 13.27
N THR A 130 -2.49 -15.19 11.95
CA THR A 130 -2.28 -16.36 11.13
C THR A 130 -1.27 -16.09 10.03
N VAL A 131 -0.47 -15.05 10.21
CA VAL A 131 0.67 -14.77 9.34
C VAL A 131 1.96 -14.67 10.13
N GLU A 132 2.91 -15.54 9.81
CA GLU A 132 4.29 -15.36 10.26
C GLU A 132 5.00 -14.31 9.41
N SER A 133 5.65 -13.37 10.09
CA SER A 133 6.32 -12.26 9.40
C SER A 133 7.43 -12.78 8.48
N ARG A 134 7.99 -13.92 8.83
CA ARG A 134 9.00 -14.57 8.01
C ARG A 134 8.41 -15.01 6.67
N GLN A 135 7.16 -15.49 6.70
CA GLN A 135 6.46 -15.86 5.49
C GLN A 135 6.16 -14.65 4.63
N ALA A 136 5.71 -13.57 5.27
CA ALA A 136 5.45 -12.32 4.58
C ALA A 136 6.73 -11.74 3.98
N GLN A 137 7.83 -11.86 4.72
CA GLN A 137 9.13 -11.39 4.25
C GLN A 137 9.59 -12.19 3.03
N ASP A 138 9.40 -13.50 3.10
CA ASP A 138 9.77 -14.38 1.99
C ASP A 138 8.90 -14.10 0.76
N LEU A 139 7.62 -13.84 1.00
CA LEU A 139 6.70 -13.46 -0.07
C LEU A 139 7.14 -12.16 -0.73
N ALA A 140 7.50 -11.18 0.09
CA ALA A 140 8.01 -9.92 -0.41
C ALA A 140 9.35 -10.11 -1.12
N ARG A 141 10.18 -10.99 -0.56
CA ARG A 141 11.51 -11.24 -1.12
C ARG A 141 11.41 -11.85 -2.51
N SER A 142 10.45 -12.74 -2.70
CA SER A 142 10.22 -13.37 -4.00
C SER A 142 9.72 -12.34 -5.01
N TYR A 143 9.10 -11.28 -4.51
CA TYR A 143 8.63 -10.20 -5.38
C TYR A 143 9.69 -9.12 -5.54
N GLY A 144 10.80 -9.29 -4.82
CA GLY A 144 11.90 -8.36 -4.95
C GLY A 144 11.65 -7.04 -4.24
N ILE A 145 10.80 -7.07 -3.22
CA ILE A 145 10.38 -5.87 -2.53
C ILE A 145 10.59 -5.99 -1.02
N PRO A 146 10.69 -4.84 -0.35
CA PRO A 146 10.86 -4.78 1.11
C PRO A 146 9.57 -5.07 1.86
N TYR A 147 9.69 -5.56 3.09
CA TYR A 147 8.53 -5.82 3.93
C TYR A 147 8.57 -4.98 5.21
N ILE A 148 7.47 -4.29 5.50
CA ILE A 148 7.41 -3.41 6.65
C ILE A 148 6.29 -3.82 7.61
N GLU A 149 6.64 -4.03 8.87
CA GLU A 149 5.64 -4.23 9.92
C GLU A 149 5.22 -2.89 10.53
N THR A 150 3.91 -2.69 10.65
CA THR A 150 3.38 -1.42 11.14
C THR A 150 2.17 -1.66 12.04
N SER A 151 1.82 -0.63 12.81
CA SER A 151 0.59 -0.65 13.59
C SER A 151 -0.16 0.67 13.43
N ALA A 152 -1.38 0.59 12.88
CA ALA A 152 -2.16 1.79 12.59
C ALA A 152 -2.34 2.64 13.85
N LYS A 153 -2.19 2.00 15.01
CA LYS A 153 -2.41 2.67 16.28
C LYS A 153 -1.54 3.91 16.41
N THR A 154 -0.23 3.71 16.45
CA THR A 154 0.73 4.80 16.52
C THR A 154 1.95 4.53 15.66
N ARG A 155 2.41 3.28 15.68
CA ARG A 155 3.62 2.90 14.96
C ARG A 155 3.45 3.11 13.46
N GLN A 156 4.03 4.20 12.95
CA GLN A 156 3.90 4.52 11.53
C GLN A 156 4.93 3.77 10.70
N GLY A 157 4.47 2.80 9.92
CA GLY A 157 5.30 2.22 8.89
C GLY A 157 4.88 2.63 7.49
N VAL A 158 3.74 3.31 7.41
CA VAL A 158 3.21 3.74 6.11
C VAL A 158 4.08 4.80 5.48
N GLU A 159 4.70 5.63 6.32
CA GLU A 159 5.58 6.69 5.83
C GLU A 159 6.81 6.11 5.15
N ASP A 160 7.44 5.14 5.79
CA ASP A 160 8.58 4.44 5.21
C ASP A 160 8.17 3.75 3.91
N ALA A 161 6.96 3.20 3.90
CA ALA A 161 6.41 2.58 2.69
C ALA A 161 6.26 3.60 1.57
N PHE A 162 5.81 4.80 1.93
CA PHE A 162 5.67 5.89 0.96
C PHE A 162 7.03 6.27 0.38
N TYR A 163 7.99 6.54 1.27
CA TYR A 163 9.28 7.06 0.86
C TYR A 163 10.05 6.05 0.02
N THR A 164 10.07 4.80 0.49
CA THR A 164 10.79 3.74 -0.20
C THR A 164 10.25 3.56 -1.62
N LEU A 165 8.93 3.48 -1.74
CA LEU A 165 8.30 3.31 -3.04
C LEU A 165 8.58 4.49 -3.96
N VAL A 166 8.49 5.70 -3.40
CA VAL A 166 8.79 6.91 -4.15
C VAL A 166 10.24 6.91 -4.64
N ARG A 167 11.14 6.44 -3.77
CA ARG A 167 12.55 6.32 -4.14
C ARG A 167 12.73 5.34 -5.29
N GLU A 168 11.95 4.26 -5.28
CA GLU A 168 12.00 3.27 -6.35
C GLU A 168 11.37 3.83 -7.63
N ILE A 169 10.29 4.58 -7.48
CA ILE A 169 9.66 5.25 -8.60
C ILE A 169 10.63 6.19 -9.31
N ARG A 170 11.45 6.88 -8.52
CA ARG A 170 12.45 7.80 -9.06
C ARG A 170 13.47 7.05 -9.91
N GLN A 171 13.69 5.78 -9.57
CA GLN A 171 14.76 4.99 -10.17
C GLN A 171 14.23 4.09 -11.27
N HIS A 172 12.91 4.09 -11.44
CA HIS A 172 12.27 3.27 -12.47
C HIS A 172 11.39 4.13 -13.38
N MET A 7 8.52 21.30 -8.93
CA MET A 7 7.18 20.86 -8.57
C MET A 7 6.99 19.38 -8.89
N THR A 8 7.93 18.56 -8.43
CA THR A 8 7.87 17.11 -8.65
C THR A 8 6.66 16.51 -7.95
N GLU A 9 5.89 15.72 -8.70
CA GLU A 9 4.72 15.04 -8.13
C GLU A 9 4.85 13.52 -8.28
N TYR A 10 4.53 12.81 -7.21
CA TYR A 10 4.58 11.35 -7.23
C TYR A 10 3.19 10.76 -7.00
N LYS A 11 2.81 9.82 -7.85
CA LYS A 11 1.48 9.23 -7.81
C LYS A 11 1.51 7.84 -7.18
N LEU A 12 0.94 7.72 -5.98
CA LEU A 12 0.98 6.47 -5.24
C LEU A 12 -0.41 5.83 -5.16
N VAL A 13 -0.49 4.56 -5.52
CA VAL A 13 -1.75 3.83 -5.48
C VAL A 13 -1.75 2.77 -4.38
N VAL A 14 -2.74 2.82 -3.51
CA VAL A 14 -2.83 1.89 -2.40
C VAL A 14 -3.85 0.79 -2.67
N VAL A 15 -3.41 -0.46 -2.57
CA VAL A 15 -4.24 -1.59 -2.92
C VAL A 15 -4.18 -2.68 -1.85
N GLY A 16 -5.14 -3.59 -1.88
CA GLY A 16 -5.11 -4.72 -0.96
C GLY A 16 -6.49 -5.30 -0.72
N ALA A 17 -6.53 -6.51 -0.16
CA ALA A 17 -7.80 -7.15 0.19
C ALA A 17 -8.54 -6.35 1.24
N GLY A 18 -9.87 -6.42 1.22
CA GLY A 18 -10.68 -5.62 2.12
C GLY A 18 -10.52 -6.05 3.57
N GLY A 19 -10.58 -5.08 4.47
CA GLY A 19 -10.47 -5.38 5.89
C GLY A 19 -9.35 -4.61 6.56
N VAL A 20 -8.75 -3.67 5.83
CA VAL A 20 -7.73 -2.80 6.39
C VAL A 20 -8.16 -1.33 6.29
N GLY A 21 -7.34 -0.45 6.86
CA GLY A 21 -7.74 0.94 7.01
C GLY A 21 -6.98 1.86 6.05
N LYS A 22 -7.09 1.59 4.76
CA LYS A 22 -6.34 2.33 3.76
C LYS A 22 -6.51 3.84 3.95
N SER A 23 -7.75 4.26 4.19
CA SER A 23 -8.05 5.68 4.31
C SER A 23 -7.51 6.24 5.62
N ALA A 24 -7.60 5.45 6.68
CA ALA A 24 -7.17 5.90 8.00
C ALA A 24 -5.67 6.18 8.02
N LEU A 25 -4.91 5.33 7.33
CA LEU A 25 -3.45 5.44 7.34
C LEU A 25 -3.00 6.75 6.69
N THR A 26 -3.60 7.07 5.55
CA THR A 26 -3.29 8.31 4.85
C THR A 26 -3.67 9.53 5.68
N ILE A 27 -4.76 9.42 6.43
CA ILE A 27 -5.23 10.50 7.27
C ILE A 27 -4.24 10.79 8.40
N GLN A 28 -3.71 9.72 8.99
CA GLN A 28 -2.78 9.85 10.11
C GLN A 28 -1.56 10.66 9.72
N LEU A 29 -0.96 10.32 8.58
CA LEU A 29 0.24 11.00 8.10
C LEU A 29 -0.07 12.46 7.75
N ILE A 30 -1.23 12.67 7.13
CA ILE A 30 -1.60 14.00 6.66
C ILE A 30 -1.93 14.92 7.83
N GLN A 31 -2.51 14.36 8.89
CA GLN A 31 -2.97 15.15 10.01
C GLN A 31 -1.97 15.07 11.17
N ASN A 32 -0.89 14.33 10.97
CA ASN A 32 0.11 14.14 12.01
C ASN A 32 -0.53 13.60 13.28
N HIS A 33 -1.38 12.59 13.14
CA HIS A 33 -2.12 12.03 14.26
C HIS A 33 -1.95 10.52 14.34
N PHE A 34 -2.00 9.99 15.56
CA PHE A 34 -2.00 8.54 15.76
C PHE A 34 -3.41 8.02 16.00
N VAL A 35 -3.92 7.28 15.03
CA VAL A 35 -5.30 6.81 15.07
C VAL A 35 -5.37 5.29 14.88
N ASP A 36 -5.86 4.60 15.90
CA ASP A 36 -6.13 3.17 15.79
C ASP A 36 -7.62 2.92 15.57
N GLU A 37 -8.04 2.96 14.31
CA GLU A 37 -9.45 2.90 13.97
C GLU A 37 -9.66 2.44 12.54
N TYR A 38 -10.85 1.94 12.25
CA TYR A 38 -11.17 1.42 10.92
C TYR A 38 -11.92 2.47 10.10
N ASP A 39 -11.40 2.76 8.92
CA ASP A 39 -11.99 3.80 8.07
C ASP A 39 -12.19 3.28 6.65
N PRO A 40 -13.41 2.79 6.36
CA PRO A 40 -13.78 2.30 5.03
C PRO A 40 -14.16 3.42 4.08
N SER A 41 -13.71 3.32 2.83
CA SER A 41 -14.18 4.21 1.78
C SER A 41 -13.93 3.60 0.41
N ILE A 42 -14.13 4.39 -0.64
CA ILE A 42 -14.04 3.90 -2.00
C ILE A 42 -13.81 5.03 -2.99
N GLU A 43 -12.84 4.86 -3.88
CA GLU A 43 -12.47 5.91 -4.83
C GLU A 43 -12.09 7.19 -4.10
N ASP A 44 -11.03 7.11 -3.30
CA ASP A 44 -10.76 8.14 -2.30
C ASP A 44 -9.34 8.68 -2.45
N SER A 45 -9.24 9.97 -2.73
CA SER A 45 -7.97 10.57 -3.14
C SER A 45 -7.41 11.48 -2.05
N TYR A 46 -6.11 11.42 -1.84
CA TYR A 46 -5.43 12.30 -0.90
C TYR A 46 -4.22 12.96 -1.54
N ARG A 47 -3.92 14.18 -1.10
CA ARG A 47 -2.68 14.85 -1.48
C ARG A 47 -1.95 15.38 -0.25
N LYS A 48 -0.64 15.22 -0.23
CA LYS A 48 0.18 15.74 0.85
C LYS A 48 1.58 16.11 0.35
N GLN A 49 2.02 17.32 0.66
CA GLN A 49 3.36 17.77 0.31
C GLN A 49 4.39 17.16 1.24
N VAL A 50 5.36 16.44 0.65
CA VAL A 50 6.33 15.69 1.43
C VAL A 50 7.73 15.86 0.86
N VAL A 51 8.74 15.50 1.66
CA VAL A 51 10.11 15.43 1.17
C VAL A 51 10.63 14.00 1.16
N ILE A 52 10.88 13.49 -0.04
CA ILE A 52 11.29 12.10 -0.20
C ILE A 52 12.69 12.01 -0.82
N ASP A 53 13.60 11.37 -0.11
CA ASP A 53 14.97 11.21 -0.60
C ASP A 53 15.64 12.57 -0.79
N GLY A 54 15.31 13.51 0.08
CA GLY A 54 15.92 14.83 0.01
C GLY A 54 15.22 15.72 -0.99
N GLU A 55 14.34 15.14 -1.80
CA GLU A 55 13.63 15.90 -2.82
C GLU A 55 12.26 16.35 -2.31
N THR A 56 11.96 17.64 -2.49
CA THR A 56 10.66 18.17 -2.12
C THR A 56 9.64 17.98 -3.24
N CYS A 57 8.52 17.35 -2.91
CA CYS A 57 7.58 16.91 -3.93
C CYS A 57 6.16 16.85 -3.37
N LEU A 58 5.18 16.65 -4.23
CA LEU A 58 3.80 16.45 -3.81
C LEU A 58 3.37 15.00 -3.99
N LEU A 59 2.93 14.38 -2.90
CA LEU A 59 2.52 12.98 -2.94
C LEU A 59 1.01 12.87 -3.12
N ASP A 60 0.59 12.33 -4.26
CA ASP A 60 -0.82 12.14 -4.55
C ASP A 60 -1.22 10.67 -4.43
N ILE A 61 -2.05 10.36 -3.45
CA ILE A 61 -2.36 8.98 -3.10
C ILE A 61 -3.77 8.61 -3.55
N LEU A 62 -3.88 7.54 -4.33
CA LEU A 62 -5.18 7.01 -4.74
C LEU A 62 -5.55 5.79 -3.91
N ASP A 63 -6.58 5.93 -3.09
CA ASP A 63 -7.02 4.84 -2.23
C ASP A 63 -8.19 4.08 -2.84
N THR A 64 -8.01 2.78 -3.01
CA THR A 64 -9.07 1.93 -3.56
C THR A 64 -10.03 1.48 -2.47
N ALA A 65 -11.12 0.82 -2.88
CA ALA A 65 -12.15 0.41 -1.95
C ALA A 65 -11.57 -0.38 -0.78
N GLY A 66 -12.07 -0.11 0.42
CA GLY A 66 -11.78 -0.98 1.55
C GLY A 66 -12.42 -2.35 1.41
N GLN A 67 -13.10 -2.57 0.29
CA GLN A 67 -13.50 -3.91 -0.10
C GLN A 67 -12.75 -4.35 -1.36
N GLU A 68 -12.35 -5.63 -1.41
CA GLU A 68 -11.59 -6.15 -2.53
C GLU A 68 -12.47 -6.25 -3.77
N GLU A 69 -13.78 -6.20 -3.57
CA GLU A 69 -14.73 -6.42 -4.66
C GLU A 69 -14.55 -5.39 -5.77
N TYR A 70 -13.95 -4.25 -5.41
CA TYR A 70 -13.72 -3.18 -6.37
C TYR A 70 -13.43 -3.75 -7.75
N SER A 71 -14.11 -3.20 -8.76
CA SER A 71 -14.08 -3.77 -10.10
C SER A 71 -13.08 -3.04 -10.99
N ALA A 72 -13.13 -3.32 -12.28
CA ALA A 72 -12.23 -2.68 -13.24
C ALA A 72 -12.43 -1.17 -13.25
N MET A 73 -13.60 -0.73 -12.77
CA MET A 73 -13.89 0.69 -12.66
C MET A 73 -12.88 1.38 -11.74
N ARG A 74 -12.35 0.62 -10.78
CA ARG A 74 -11.34 1.15 -9.85
C ARG A 74 -9.94 0.94 -10.41
N ASP A 75 -9.81 0.01 -11.33
CA ASP A 75 -8.52 -0.28 -11.96
C ASP A 75 -8.05 0.91 -12.79
N GLN A 76 -8.98 1.81 -13.10
CA GLN A 76 -8.63 3.09 -13.71
C GLN A 76 -7.42 3.71 -13.01
N TYR A 77 -7.35 3.53 -11.70
CA TYR A 77 -6.25 4.08 -10.91
C TYR A 77 -4.91 3.55 -11.40
N MET A 78 -4.93 2.36 -12.00
CA MET A 78 -3.70 1.72 -12.47
C MET A 78 -3.01 2.60 -13.50
N ARG A 79 -3.76 3.49 -14.13
CA ARG A 79 -3.20 4.44 -15.08
C ARG A 79 -2.00 5.18 -14.47
N THR A 80 -2.01 5.30 -13.14
CA THR A 80 -0.86 5.81 -12.42
C THR A 80 0.42 5.12 -12.86
N GLY A 81 0.41 3.78 -12.82
CA GLY A 81 1.41 3.02 -13.54
C GLY A 81 2.66 2.79 -12.72
N GLU A 82 3.04 3.80 -11.94
CA GLU A 82 4.35 3.80 -11.28
C GLU A 82 4.50 2.59 -10.38
N GLY A 83 3.71 2.55 -9.31
CA GLY A 83 3.89 1.54 -8.28
C GLY A 83 2.65 1.33 -7.44
N PHE A 84 2.65 0.28 -6.63
CA PHE A 84 1.49 -0.07 -5.84
C PHE A 84 1.88 -0.47 -4.41
N LEU A 85 1.15 0.04 -3.44
CA LEU A 85 1.37 -0.33 -2.04
C LEU A 85 0.37 -1.39 -1.60
N CYS A 86 0.89 -2.54 -1.18
CA CYS A 86 0.04 -3.67 -0.80
C CYS A 86 -0.02 -3.83 0.71
N VAL A 87 -1.20 -3.58 1.29
CA VAL A 87 -1.37 -3.65 2.73
C VAL A 87 -2.27 -4.82 3.12
N PHE A 88 -1.80 -5.60 4.08
CA PHE A 88 -2.59 -6.72 4.61
C PHE A 88 -2.59 -6.71 6.14
N ALA A 89 -3.44 -7.54 6.73
CA ALA A 89 -3.44 -7.74 8.17
C ALA A 89 -2.99 -9.15 8.52
N ILE A 90 -2.20 -9.26 9.60
CA ILE A 90 -1.53 -10.51 9.93
C ILE A 90 -2.53 -11.54 10.43
N ASN A 91 -3.78 -11.12 10.59
CA ASN A 91 -4.87 -12.05 10.92
C ASN A 91 -5.62 -12.48 9.66
N ASN A 92 -5.14 -12.02 8.50
CA ASN A 92 -5.78 -12.33 7.23
C ASN A 92 -4.86 -13.16 6.36
N THR A 93 -5.02 -14.49 6.42
CA THR A 93 -4.34 -15.39 5.50
C THR A 93 -4.80 -15.17 4.07
N LYS A 94 -6.12 -15.12 3.88
CA LYS A 94 -6.70 -15.03 2.54
C LYS A 94 -6.16 -13.82 1.79
N SER A 95 -5.91 -12.73 2.53
CA SER A 95 -5.52 -11.47 1.92
C SER A 95 -4.24 -11.63 1.12
N PHE A 96 -3.45 -12.64 1.47
CA PHE A 96 -2.20 -12.92 0.76
C PHE A 96 -2.50 -13.42 -0.66
N GLU A 97 -3.48 -14.31 -0.77
CA GLU A 97 -3.86 -14.85 -2.07
C GLU A 97 -4.57 -13.80 -2.92
N ASP A 98 -5.36 -12.96 -2.26
CA ASP A 98 -6.09 -11.90 -2.95
C ASP A 98 -5.12 -10.89 -3.57
N ILE A 99 -4.13 -10.47 -2.79
CA ILE A 99 -3.12 -9.54 -3.28
C ILE A 99 -2.28 -10.18 -4.38
N HIS A 100 -2.01 -11.47 -4.25
CA HIS A 100 -1.23 -12.20 -5.24
C HIS A 100 -1.94 -12.19 -6.59
N GLN A 101 -3.24 -12.46 -6.57
CA GLN A 101 -4.04 -12.46 -7.78
C GLN A 101 -4.04 -11.08 -8.44
N TYR A 102 -4.27 -10.05 -7.63
CA TYR A 102 -4.27 -8.68 -8.13
C TYR A 102 -2.89 -8.30 -8.66
N ARG A 103 -1.85 -8.83 -8.02
CA ARG A 103 -0.49 -8.61 -8.49
C ARG A 103 -0.31 -9.14 -9.91
N GLU A 104 -0.79 -10.35 -10.15
CA GLU A 104 -0.66 -10.98 -11.47
C GLU A 104 -1.48 -10.22 -12.50
N GLN A 105 -2.62 -9.69 -12.08
CA GLN A 105 -3.47 -8.91 -12.97
C GLN A 105 -2.78 -7.62 -13.39
N ILE A 106 -2.17 -6.93 -12.44
CA ILE A 106 -1.40 -5.73 -12.73
C ILE A 106 -0.25 -6.04 -13.68
N LYS A 107 0.42 -7.17 -13.43
CA LYS A 107 1.58 -7.57 -14.23
C LYS A 107 1.19 -7.76 -15.69
N ARG A 108 0.09 -8.47 -15.92
CA ARG A 108 -0.36 -8.79 -17.28
C ARG A 108 -0.83 -7.53 -17.99
N VAL A 109 -1.56 -6.68 -17.28
CA VAL A 109 -2.11 -5.46 -17.86
C VAL A 109 -0.98 -4.53 -18.32
N LYS A 110 0.13 -4.55 -17.60
CA LYS A 110 1.25 -3.66 -17.90
C LYS A 110 2.20 -4.30 -18.89
N ASP A 111 1.88 -5.53 -19.30
CA ASP A 111 2.75 -6.29 -20.19
C ASP A 111 4.21 -6.18 -19.75
N SER A 112 4.44 -6.36 -18.46
CA SER A 112 5.77 -6.13 -17.88
C SER A 112 6.10 -7.20 -16.86
N ASP A 113 7.40 -7.40 -16.62
CA ASP A 113 7.85 -8.16 -15.45
C ASP A 113 7.36 -7.51 -14.16
N ASP A 114 7.63 -8.17 -13.04
CA ASP A 114 7.14 -7.71 -11.75
C ASP A 114 7.37 -6.21 -11.57
N VAL A 115 6.54 -5.57 -10.75
CA VAL A 115 6.40 -4.13 -10.77
C VAL A 115 6.73 -3.52 -9.41
N PRO A 116 7.04 -2.22 -9.40
CA PRO A 116 7.36 -1.49 -8.17
C PRO A 116 6.27 -1.63 -7.11
N MET A 117 6.63 -2.22 -5.96
CA MET A 117 5.67 -2.50 -4.91
C MET A 117 6.32 -2.42 -3.54
N VAL A 118 5.52 -2.14 -2.51
CA VAL A 118 5.94 -2.36 -1.13
C VAL A 118 4.89 -3.14 -0.36
N LEU A 119 5.35 -4.14 0.39
CA LEU A 119 4.44 -5.00 1.14
C LEU A 119 4.42 -4.60 2.62
N VAL A 120 3.22 -4.31 3.13
CA VAL A 120 3.07 -3.84 4.50
C VAL A 120 2.13 -4.74 5.28
N GLY A 121 2.55 -5.11 6.49
CA GLY A 121 1.67 -5.86 7.39
C GLY A 121 1.28 -5.05 8.61
N ASN A 122 -0.02 -4.83 8.78
CA ASN A 122 -0.52 -4.00 9.88
C ASN A 122 -0.94 -4.86 11.05
N LYS A 123 -1.12 -4.23 12.21
CA LYS A 123 -1.62 -4.92 13.40
C LYS A 123 -0.60 -5.95 13.88
N CYS A 124 0.68 -5.57 13.85
CA CYS A 124 1.73 -6.46 14.32
C CYS A 124 1.75 -6.54 15.85
N ASP A 125 0.86 -5.78 16.48
CA ASP A 125 0.67 -5.86 17.92
C ASP A 125 -0.51 -6.78 18.25
N LEU A 126 -1.10 -7.37 17.23
CA LEU A 126 -2.18 -8.33 17.41
C LEU A 126 -1.63 -9.70 17.81
N ALA A 127 -2.19 -10.26 18.87
CA ALA A 127 -1.72 -11.54 19.40
C ALA A 127 -2.25 -12.70 18.55
N ALA A 128 -3.55 -12.70 18.29
CA ALA A 128 -4.18 -13.76 17.51
C ALA A 128 -3.91 -13.57 16.03
N ARG A 129 -2.74 -14.01 15.58
CA ARG A 129 -2.37 -13.90 14.18
C ARG A 129 -2.32 -15.28 13.52
N THR A 130 -2.42 -15.29 12.19
CA THR A 130 -2.24 -16.52 11.43
C THR A 130 -1.17 -16.34 10.36
N VAL A 131 -0.37 -15.29 10.49
CA VAL A 131 0.68 -14.99 9.53
C VAL A 131 2.02 -14.81 10.22
N GLU A 132 2.99 -15.65 9.85
CA GLU A 132 4.39 -15.38 10.16
C GLU A 132 4.97 -14.32 9.22
N SER A 133 5.48 -13.25 9.79
CA SER A 133 5.97 -12.12 9.01
C SER A 133 7.17 -12.52 8.15
N ARG A 134 7.84 -13.59 8.57
CA ARG A 134 8.95 -14.14 7.79
C ARG A 134 8.46 -14.66 6.44
N GLN A 135 7.26 -15.23 6.43
CA GLN A 135 6.65 -15.72 5.19
C GLN A 135 6.31 -14.56 4.27
N ALA A 136 5.77 -13.48 4.83
CA ALA A 136 5.47 -12.28 4.07
C ALA A 136 6.74 -11.65 3.51
N GLN A 137 7.80 -11.66 4.32
CA GLN A 137 9.09 -11.14 3.89
C GLN A 137 9.64 -11.95 2.72
N ASP A 138 9.51 -13.26 2.81
CA ASP A 138 9.96 -14.15 1.75
C ASP A 138 9.17 -13.91 0.46
N LEU A 139 7.87 -13.68 0.60
CA LEU A 139 7.02 -13.35 -0.53
C LEU A 139 7.45 -12.03 -1.17
N ALA A 140 7.72 -11.04 -0.33
CA ALA A 140 8.20 -9.75 -0.81
C ALA A 140 9.57 -9.88 -1.46
N ARG A 141 10.43 -10.72 -0.88
CA ARG A 141 11.77 -10.92 -1.41
C ARG A 141 11.73 -11.52 -2.81
N SER A 142 10.80 -12.46 -3.01
CA SER A 142 10.63 -13.09 -4.31
C SER A 142 10.13 -12.09 -5.34
N TYR A 143 9.49 -11.03 -4.87
CA TYR A 143 9.02 -9.96 -5.75
C TYR A 143 10.06 -8.86 -5.87
N GLY A 144 11.15 -8.99 -5.12
CA GLY A 144 12.21 -8.01 -5.19
C GLY A 144 11.85 -6.70 -4.50
N ILE A 145 10.92 -6.79 -3.55
CA ILE A 145 10.42 -5.59 -2.87
C ILE A 145 10.60 -5.69 -1.36
N PRO A 146 10.62 -4.53 -0.70
CA PRO A 146 10.78 -4.46 0.76
C PRO A 146 9.49 -4.82 1.50
N TYR A 147 9.64 -5.37 2.70
CA TYR A 147 8.50 -5.66 3.56
C TYR A 147 8.60 -4.92 4.89
N ILE A 148 7.53 -4.25 5.27
CA ILE A 148 7.52 -3.45 6.49
C ILE A 148 6.42 -3.92 7.45
N GLU A 149 6.83 -4.24 8.68
CA GLU A 149 5.87 -4.49 9.75
C GLU A 149 5.46 -3.18 10.43
N THR A 150 4.16 -2.97 10.54
CA THR A 150 3.64 -1.70 11.05
C THR A 150 2.54 -1.94 12.09
N SER A 151 2.22 -0.90 12.85
CA SER A 151 0.99 -0.87 13.63
C SER A 151 0.33 0.50 13.57
N ALA A 152 -0.85 0.55 12.97
CA ALA A 152 -1.55 1.81 12.75
C ALA A 152 -1.67 2.60 14.06
N LYS A 153 -1.60 1.88 15.17
CA LYS A 153 -1.87 2.48 16.48
C LYS A 153 -0.91 3.63 16.76
N THR A 154 0.38 3.32 16.83
CA THR A 154 1.40 4.33 17.08
C THR A 154 2.65 4.07 16.24
N ARG A 155 2.91 2.81 15.94
CA ARG A 155 4.07 2.44 15.15
C ARG A 155 3.83 2.67 13.67
N GLN A 156 4.19 3.86 13.20
CA GLN A 156 3.79 4.31 11.86
C GLN A 156 4.72 3.73 10.80
N GLY A 157 4.16 2.89 9.93
CA GLY A 157 4.87 2.50 8.71
C GLY A 157 4.35 3.23 7.49
N VAL A 158 3.42 4.14 7.70
CA VAL A 158 2.75 4.84 6.59
C VAL A 158 3.76 5.66 5.79
N GLU A 159 4.49 6.52 6.47
CA GLU A 159 5.42 7.43 5.81
C GLU A 159 6.55 6.66 5.14
N ASP A 160 7.13 5.70 5.85
CA ASP A 160 8.22 4.90 5.33
C ASP A 160 7.78 4.12 4.10
N ALA A 161 6.58 3.55 4.17
CA ALA A 161 6.03 2.78 3.06
C ALA A 161 5.86 3.66 1.81
N PHE A 162 5.33 4.86 2.01
CA PHE A 162 5.12 5.79 0.92
C PHE A 162 6.44 6.21 0.30
N TYR A 163 7.40 6.56 1.14
CA TYR A 163 8.69 7.06 0.68
C TYR A 163 9.46 5.97 -0.08
N THR A 164 9.49 4.77 0.51
CA THR A 164 10.25 3.67 -0.06
C THR A 164 9.74 3.30 -1.45
N LEU A 165 8.42 3.21 -1.59
CA LEU A 165 7.80 2.94 -2.87
C LEU A 165 8.17 4.01 -3.89
N VAL A 166 8.10 5.27 -3.46
CA VAL A 166 8.46 6.40 -4.32
C VAL A 166 9.94 6.34 -4.69
N ARG A 167 10.77 5.97 -3.73
CA ARG A 167 12.21 5.87 -3.95
C ARG A 167 12.52 4.78 -4.97
N GLU A 168 11.77 3.67 -4.90
CA GLU A 168 11.92 2.58 -5.86
C GLU A 168 11.42 3.00 -7.24
N ILE A 169 10.31 3.74 -7.26
CA ILE A 169 9.76 4.25 -8.52
C ILE A 169 10.75 5.16 -9.22
N ARG A 170 11.45 5.99 -8.45
CA ARG A 170 12.41 6.93 -9.01
C ARG A 170 13.56 6.21 -9.69
N GLN A 171 13.80 4.96 -9.27
CA GLN A 171 14.92 4.18 -9.78
C GLN A 171 14.50 3.36 -10.99
N HIS A 172 13.34 3.67 -11.54
CA HIS A 172 12.88 3.04 -12.77
C HIS A 172 12.70 4.08 -13.88
N MET A 7 8.49 21.08 -8.65
CA MET A 7 7.09 20.79 -8.92
C MET A 7 6.89 19.31 -9.22
N THR A 8 7.84 18.49 -8.80
CA THR A 8 7.78 17.05 -9.03
C THR A 8 6.64 16.42 -8.24
N GLU A 9 5.79 15.68 -8.95
CA GLU A 9 4.65 15.04 -8.31
C GLU A 9 4.72 13.51 -8.46
N TYR A 10 4.43 12.80 -7.37
CA TYR A 10 4.45 11.35 -7.39
C TYR A 10 3.07 10.77 -7.13
N LYS A 11 2.64 9.86 -7.99
CA LYS A 11 1.30 9.27 -7.89
C LYS A 11 1.37 7.85 -7.33
N LEU A 12 0.86 7.67 -6.13
CA LEU A 12 1.00 6.41 -5.41
C LEU A 12 -0.35 5.72 -5.25
N VAL A 13 -0.44 4.48 -5.73
CA VAL A 13 -1.69 3.74 -5.70
C VAL A 13 -1.66 2.68 -4.59
N VAL A 14 -2.64 2.73 -3.70
CA VAL A 14 -2.69 1.83 -2.55
C VAL A 14 -3.79 0.80 -2.72
N VAL A 15 -3.44 -0.47 -2.53
CA VAL A 15 -4.38 -1.57 -2.71
C VAL A 15 -4.35 -2.53 -1.52
N GLY A 16 -5.43 -3.28 -1.34
CA GLY A 16 -5.47 -4.27 -0.29
C GLY A 16 -6.88 -4.71 0.04
N ALA A 17 -7.02 -5.89 0.64
CA ALA A 17 -8.33 -6.49 0.88
C ALA A 17 -9.06 -5.79 2.01
N GLY A 18 -10.37 -5.96 2.06
CA GLY A 18 -11.17 -5.29 3.07
C GLY A 18 -10.87 -5.79 4.47
N GLY A 19 -10.82 -4.87 5.43
CA GLY A 19 -10.51 -5.23 6.79
C GLY A 19 -9.30 -4.50 7.33
N VAL A 20 -8.50 -3.94 6.42
CA VAL A 20 -7.38 -3.09 6.81
C VAL A 20 -7.74 -1.62 6.65
N GLY A 21 -6.89 -0.74 7.19
CA GLY A 21 -7.22 0.67 7.24
C GLY A 21 -6.41 1.50 6.27
N LYS A 22 -6.51 1.17 4.99
CA LYS A 22 -5.77 1.87 3.95
C LYS A 22 -5.99 3.38 4.06
N SER A 23 -7.25 3.78 4.13
CA SER A 23 -7.60 5.20 4.27
C SER A 23 -7.12 5.74 5.61
N ALA A 24 -7.29 4.95 6.66
CA ALA A 24 -6.95 5.38 8.01
C ALA A 24 -5.45 5.66 8.13
N LEU A 25 -4.65 4.79 7.50
CA LEU A 25 -3.19 4.94 7.53
C LEU A 25 -2.75 6.19 6.79
N THR A 26 -3.35 6.42 5.62
CA THR A 26 -3.04 7.60 4.83
C THR A 26 -3.42 8.88 5.57
N ILE A 27 -4.59 8.87 6.19
CA ILE A 27 -5.09 10.04 6.91
C ILE A 27 -4.11 10.48 7.99
N GLN A 28 -3.48 9.51 8.64
CA GLN A 28 -2.52 9.79 9.70
C GLN A 28 -1.39 10.69 9.19
N LEU A 29 -0.88 10.36 8.00
CA LEU A 29 0.19 11.13 7.39
C LEU A 29 -0.29 12.53 7.02
N ILE A 30 -1.51 12.61 6.49
CA ILE A 30 -2.02 13.85 5.94
C ILE A 30 -2.19 14.91 7.02
N GLN A 31 -2.61 14.46 8.22
CA GLN A 31 -2.97 15.38 9.28
C GLN A 31 -1.97 15.29 10.44
N ASN A 32 -0.90 14.55 10.22
CA ASN A 32 0.12 14.34 11.26
C ASN A 32 -0.53 13.86 12.56
N HIS A 33 -1.42 12.89 12.43
CA HIS A 33 -2.19 12.41 13.58
C HIS A 33 -2.08 10.89 13.71
N PHE A 34 -2.31 10.39 14.93
CA PHE A 34 -2.34 8.96 15.17
C PHE A 34 -3.79 8.46 15.27
N VAL A 35 -4.19 7.65 14.30
CA VAL A 35 -5.57 7.19 14.22
C VAL A 35 -5.67 5.68 14.42
N ASP A 36 -6.04 5.27 15.62
CA ASP A 36 -6.17 3.85 15.95
C ASP A 36 -7.62 3.39 15.85
N GLU A 37 -8.07 3.12 14.62
CA GLU A 37 -9.43 2.64 14.41
C GLU A 37 -9.64 2.27 12.94
N TYR A 38 -10.83 1.75 12.64
CA TYR A 38 -11.13 1.27 11.30
C TYR A 38 -11.94 2.30 10.52
N ASP A 39 -11.42 2.69 9.35
CA ASP A 39 -12.05 3.74 8.56
C ASP A 39 -12.18 3.30 7.10
N PRO A 40 -13.33 2.68 6.77
CA PRO A 40 -13.62 2.21 5.42
C PRO A 40 -14.07 3.34 4.49
N SER A 41 -13.62 3.30 3.24
CA SER A 41 -14.07 4.25 2.24
C SER A 41 -13.95 3.66 0.84
N ILE A 42 -14.33 4.44 -0.17
CA ILE A 42 -14.37 3.96 -1.53
C ILE A 42 -13.93 5.04 -2.52
N GLU A 43 -12.89 4.74 -3.29
CA GLU A 43 -12.37 5.70 -4.26
C GLU A 43 -11.97 7.00 -3.58
N ASP A 44 -10.98 6.92 -2.69
CA ASP A 44 -10.76 7.97 -1.70
C ASP A 44 -9.30 8.41 -1.69
N SER A 45 -9.03 9.53 -2.35
CA SER A 45 -7.65 9.96 -2.58
C SER A 45 -7.21 10.98 -1.53
N TYR A 46 -5.92 11.02 -1.26
CA TYR A 46 -5.36 12.06 -0.39
C TYR A 46 -4.08 12.64 -0.99
N ARG A 47 -3.90 13.95 -0.84
CA ARG A 47 -2.77 14.63 -1.44
C ARG A 47 -2.04 15.48 -0.39
N LYS A 48 -0.71 15.40 -0.40
CA LYS A 48 0.10 16.11 0.58
C LYS A 48 1.50 16.37 0.04
N GLN A 49 2.01 17.58 0.26
CA GLN A 49 3.39 17.90 -0.07
C GLN A 49 4.35 17.29 0.97
N VAL A 50 5.30 16.51 0.48
CA VAL A 50 6.19 15.75 1.37
C VAL A 50 7.64 15.83 0.88
N VAL A 51 8.57 15.53 1.79
CA VAL A 51 9.97 15.42 1.42
C VAL A 51 10.47 13.99 1.54
N ILE A 52 10.83 13.40 0.40
CA ILE A 52 11.24 12.01 0.36
C ILE A 52 12.65 11.86 -0.20
N ASP A 53 13.53 11.23 0.57
CA ASP A 53 14.91 11.02 0.15
C ASP A 53 15.63 12.35 -0.04
N GLY A 54 15.28 13.33 0.79
CA GLY A 54 15.89 14.64 0.68
C GLY A 54 15.29 15.48 -0.43
N GLU A 55 14.47 14.84 -1.26
CA GLU A 55 13.83 15.54 -2.38
C GLU A 55 12.43 16.02 -1.99
N THR A 56 12.17 17.30 -2.24
CA THR A 56 10.85 17.87 -1.99
C THR A 56 9.92 17.65 -3.17
N CYS A 57 8.75 17.08 -2.89
CA CYS A 57 7.83 16.66 -3.95
C CYS A 57 6.39 16.68 -3.47
N LEU A 58 5.45 16.54 -4.39
CA LEU A 58 4.04 16.49 -4.05
C LEU A 58 3.49 15.07 -4.21
N LEU A 59 3.00 14.51 -3.11
CA LEU A 59 2.60 13.10 -3.09
C LEU A 59 1.09 12.97 -3.19
N ASP A 60 0.62 12.40 -4.28
CA ASP A 60 -0.81 12.17 -4.47
C ASP A 60 -1.14 10.68 -4.37
N ILE A 61 -1.89 10.31 -3.34
CA ILE A 61 -2.14 8.91 -3.03
C ILE A 61 -3.56 8.51 -3.39
N LEU A 62 -3.70 7.49 -4.24
CA LEU A 62 -5.00 7.00 -4.64
C LEU A 62 -5.34 5.69 -3.93
N ASP A 63 -6.34 5.75 -3.06
CA ASP A 63 -6.75 4.57 -2.29
C ASP A 63 -7.95 3.90 -2.93
N THR A 64 -7.81 2.62 -3.26
CA THR A 64 -8.87 1.88 -3.92
C THR A 64 -9.95 1.49 -2.94
N ALA A 65 -11.10 1.04 -3.47
CA ALA A 65 -12.24 0.69 -2.64
C ALA A 65 -11.84 -0.27 -1.53
N GLY A 66 -12.38 -0.06 -0.34
CA GLY A 66 -12.19 -1.00 0.75
C GLY A 66 -12.72 -2.39 0.43
N GLN A 67 -13.56 -2.47 -0.61
CA GLN A 67 -14.04 -3.75 -1.10
C GLN A 67 -13.01 -4.41 -2.03
N GLU A 68 -12.53 -5.58 -1.64
CA GLU A 68 -11.48 -6.26 -2.39
C GLU A 68 -11.97 -6.65 -3.78
N GLU A 69 -13.29 -6.73 -3.95
CA GLU A 69 -13.87 -7.14 -5.21
C GLU A 69 -13.94 -5.97 -6.19
N TYR A 70 -13.51 -4.80 -5.72
CA TYR A 70 -13.52 -3.60 -6.55
C TYR A 70 -13.26 -3.94 -8.01
N SER A 71 -14.07 -3.38 -8.91
CA SER A 71 -14.09 -3.81 -10.30
C SER A 71 -13.18 -2.92 -11.15
N ALA A 72 -13.31 -3.06 -12.47
CA ALA A 72 -12.50 -2.28 -13.39
C ALA A 72 -12.70 -0.78 -13.16
N MET A 73 -13.83 -0.43 -12.56
CA MET A 73 -14.12 0.97 -12.24
C MET A 73 -13.04 1.55 -11.32
N ARG A 74 -12.47 0.70 -10.48
CA ARG A 74 -11.40 1.13 -9.58
C ARG A 74 -10.03 0.93 -10.23
N ASP A 75 -9.97 0.04 -11.21
CA ASP A 75 -8.74 -0.20 -11.94
C ASP A 75 -8.28 1.05 -12.67
N GLN A 76 -9.20 1.99 -12.87
CA GLN A 76 -8.87 3.28 -13.45
C GLN A 76 -7.62 3.86 -12.80
N TYR A 77 -7.47 3.65 -11.50
CA TYR A 77 -6.33 4.16 -10.75
C TYR A 77 -5.02 3.57 -11.28
N MET A 78 -5.11 2.36 -11.81
CA MET A 78 -3.93 1.67 -12.33
C MET A 78 -3.25 2.48 -13.41
N ARG A 79 -4.03 3.32 -14.09
CA ARG A 79 -3.48 4.21 -15.11
C ARG A 79 -2.29 4.99 -14.58
N THR A 80 -2.26 5.20 -13.27
CA THR A 80 -1.11 5.79 -12.61
C THR A 80 0.15 5.01 -12.91
N GLY A 81 0.13 3.71 -12.61
CA GLY A 81 1.06 2.79 -13.24
C GLY A 81 2.47 2.93 -12.71
N GLU A 82 2.66 3.90 -11.80
CA GLU A 82 3.98 4.19 -11.27
C GLU A 82 4.39 3.15 -10.24
N GLY A 83 3.63 3.05 -9.16
CA GLY A 83 3.89 2.05 -8.14
C GLY A 83 2.66 1.69 -7.34
N PHE A 84 2.67 0.51 -6.72
CA PHE A 84 1.51 0.02 -6.00
C PHE A 84 1.89 -0.45 -4.60
N LEU A 85 1.13 0.00 -3.60
CA LEU A 85 1.36 -0.41 -2.22
C LEU A 85 0.39 -1.49 -1.81
N CYS A 86 0.91 -2.63 -1.37
CA CYS A 86 0.08 -3.76 -0.95
C CYS A 86 0.02 -3.86 0.56
N VAL A 87 -1.14 -3.58 1.12
CA VAL A 87 -1.33 -3.59 2.57
C VAL A 87 -2.21 -4.75 3.01
N PHE A 88 -1.72 -5.53 3.96
CA PHE A 88 -2.47 -6.67 4.49
C PHE A 88 -2.49 -6.64 6.01
N ALA A 89 -3.37 -7.45 6.60
CA ALA A 89 -3.42 -7.60 8.06
C ALA A 89 -2.70 -8.87 8.50
N ILE A 90 -1.95 -8.77 9.59
CA ILE A 90 -1.14 -9.88 10.07
C ILE A 90 -2.03 -11.10 10.37
N ASN A 91 -3.32 -10.85 10.56
CA ASN A 91 -4.26 -11.91 10.88
C ASN A 91 -4.91 -12.48 9.63
N ASN A 92 -4.49 -11.96 8.47
CA ASN A 92 -5.08 -12.35 7.21
C ASN A 92 -4.12 -13.20 6.38
N THR A 93 -4.29 -14.51 6.46
CA THR A 93 -3.59 -15.43 5.56
C THR A 93 -4.04 -15.23 4.11
N LYS A 94 -5.34 -15.19 3.90
CA LYS A 94 -5.90 -15.14 2.56
C LYS A 94 -5.37 -13.93 1.79
N SER A 95 -5.11 -12.85 2.52
CA SER A 95 -4.72 -11.58 1.89
C SER A 95 -3.52 -11.78 1.00
N PHE A 96 -2.70 -12.78 1.31
CA PHE A 96 -1.53 -13.09 0.51
C PHE A 96 -1.92 -13.53 -0.90
N GLU A 97 -2.96 -14.36 -0.98
CA GLU A 97 -3.49 -14.79 -2.28
C GLU A 97 -4.16 -13.63 -3.01
N ASP A 98 -4.85 -12.78 -2.24
CA ASP A 98 -5.52 -11.62 -2.81
C ASP A 98 -4.52 -10.66 -3.44
N ILE A 99 -3.41 -10.45 -2.76
CA ILE A 99 -2.36 -9.58 -3.27
C ILE A 99 -1.75 -10.14 -4.55
N HIS A 100 -1.56 -11.45 -4.57
CA HIS A 100 -0.97 -12.11 -5.74
C HIS A 100 -1.86 -11.91 -6.97
N GLN A 101 -3.17 -12.04 -6.78
CA GLN A 101 -4.12 -11.83 -7.86
C GLN A 101 -4.00 -10.42 -8.42
N TYR A 102 -3.94 -9.44 -7.53
CA TYR A 102 -3.72 -8.06 -7.93
C TYR A 102 -2.40 -7.92 -8.69
N ARG A 103 -1.38 -8.63 -8.22
CA ARG A 103 -0.08 -8.63 -8.89
C ARG A 103 -0.22 -9.08 -10.34
N GLU A 104 -0.92 -10.18 -10.55
CA GLU A 104 -1.06 -10.75 -11.89
C GLU A 104 -1.85 -9.82 -12.80
N GLN A 105 -2.87 -9.19 -12.25
CA GLN A 105 -3.69 -8.25 -13.01
C GLN A 105 -2.88 -7.04 -13.45
N ILE A 106 -2.13 -6.47 -12.51
CA ILE A 106 -1.27 -5.33 -12.82
C ILE A 106 -0.19 -5.71 -13.85
N LYS A 107 0.38 -6.90 -13.68
CA LYS A 107 1.44 -7.37 -14.57
C LYS A 107 0.94 -7.46 -16.01
N ARG A 108 -0.23 -8.08 -16.19
CA ARG A 108 -0.75 -8.33 -17.52
C ARG A 108 -1.23 -7.04 -18.18
N VAL A 109 -1.89 -6.20 -17.40
CA VAL A 109 -2.42 -4.94 -17.90
C VAL A 109 -1.29 -4.02 -18.37
N LYS A 110 -0.16 -4.09 -17.69
CA LYS A 110 0.98 -3.24 -18.01
C LYS A 110 1.89 -3.91 -19.04
N ASP A 111 1.49 -5.09 -19.49
CA ASP A 111 2.26 -5.84 -20.48
C ASP A 111 3.75 -5.81 -20.13
N SER A 112 4.07 -6.10 -18.88
CA SER A 112 5.44 -5.97 -18.39
C SER A 112 5.70 -6.98 -17.26
N ASP A 113 6.98 -7.18 -16.95
CA ASP A 113 7.37 -7.92 -15.75
C ASP A 113 6.88 -7.20 -14.50
N ASP A 114 7.18 -7.79 -13.34
CA ASP A 114 6.71 -7.24 -12.07
C ASP A 114 7.03 -5.76 -11.96
N VAL A 115 6.32 -5.07 -11.06
CA VAL A 115 6.38 -3.61 -11.00
C VAL A 115 6.69 -3.14 -9.58
N PRO A 116 7.13 -1.88 -9.47
CA PRO A 116 7.45 -1.25 -8.18
C PRO A 116 6.30 -1.38 -7.19
N MET A 117 6.59 -1.98 -6.03
CA MET A 117 5.57 -2.19 -5.01
C MET A 117 6.21 -2.47 -3.65
N VAL A 118 5.45 -2.27 -2.59
CA VAL A 118 5.92 -2.55 -1.24
C VAL A 118 4.89 -3.37 -0.46
N LEU A 119 5.36 -4.34 0.30
CA LEU A 119 4.48 -5.20 1.09
C LEU A 119 4.45 -4.76 2.55
N VAL A 120 3.27 -4.41 3.04
CA VAL A 120 3.13 -3.87 4.38
C VAL A 120 2.12 -4.68 5.20
N GLY A 121 2.49 -4.99 6.44
CA GLY A 121 1.60 -5.72 7.32
C GLY A 121 1.17 -4.90 8.52
N ASN A 122 -0.14 -4.77 8.71
CA ASN A 122 -0.68 -4.00 9.83
C ASN A 122 -1.11 -4.92 10.96
N LYS A 123 -1.42 -4.33 12.11
CA LYS A 123 -1.94 -5.09 13.24
C LYS A 123 -0.91 -6.05 13.79
N CYS A 124 0.36 -5.65 13.72
CA CYS A 124 1.46 -6.50 14.16
C CYS A 124 1.47 -6.63 15.68
N ASP A 125 0.62 -5.84 16.35
CA ASP A 125 0.48 -5.93 17.80
C ASP A 125 -0.70 -6.82 18.17
N LEU A 126 -1.34 -7.40 17.16
CA LEU A 126 -2.45 -8.32 17.38
C LEU A 126 -1.93 -9.71 17.76
N ALA A 127 -2.50 -10.29 18.81
CA ALA A 127 -2.05 -11.58 19.31
C ALA A 127 -2.56 -12.71 18.44
N ALA A 128 -3.85 -12.69 18.13
CA ALA A 128 -4.46 -13.71 17.30
C ALA A 128 -4.16 -13.47 15.82
N ARG A 129 -2.98 -13.90 15.39
CA ARG A 129 -2.56 -13.69 14.01
C ARG A 129 -2.33 -15.04 13.31
N THR A 130 -2.46 -15.03 11.99
CA THR A 130 -2.21 -16.23 11.19
C THR A 130 -1.17 -15.98 10.12
N VAL A 131 -0.37 -14.93 10.30
CA VAL A 131 0.80 -14.69 9.46
C VAL A 131 2.08 -14.65 10.28
N GLU A 132 2.96 -15.62 10.04
CA GLU A 132 4.32 -15.55 10.57
C GLU A 132 5.15 -14.52 9.80
N SER A 133 5.90 -13.72 10.55
CA SER A 133 6.70 -12.64 9.96
C SER A 133 7.65 -13.21 8.90
N ARG A 134 8.19 -14.39 9.18
CA ARG A 134 9.12 -15.04 8.25
C ARG A 134 8.46 -15.30 6.90
N GLN A 135 7.20 -15.73 6.93
CA GLN A 135 6.47 -16.04 5.72
C GLN A 135 6.22 -14.79 4.89
N ALA A 136 5.75 -13.73 5.54
CA ALA A 136 5.43 -12.49 4.87
C ALA A 136 6.67 -11.87 4.23
N GLN A 137 7.77 -11.87 4.97
CA GLN A 137 9.02 -11.31 4.48
C GLN A 137 9.55 -12.11 3.29
N ASP A 138 9.48 -13.42 3.40
CA ASP A 138 9.94 -14.30 2.32
C ASP A 138 9.09 -14.11 1.07
N LEU A 139 7.79 -13.89 1.27
CA LEU A 139 6.89 -13.58 0.16
C LEU A 139 7.35 -12.32 -0.57
N ALA A 140 7.64 -11.27 0.19
CA ALA A 140 8.17 -10.04 -0.38
C ALA A 140 9.54 -10.27 -1.02
N ARG A 141 10.35 -11.10 -0.38
CA ARG A 141 11.70 -11.37 -0.87
C ARG A 141 11.66 -12.05 -2.23
N SER A 142 10.72 -12.98 -2.40
CA SER A 142 10.56 -13.68 -3.67
C SER A 142 10.08 -12.74 -4.75
N TYR A 143 9.42 -11.65 -4.33
CA TYR A 143 8.94 -10.64 -5.27
C TYR A 143 9.97 -9.54 -5.48
N GLY A 144 11.07 -9.63 -4.73
CA GLY A 144 12.14 -8.66 -4.88
C GLY A 144 11.78 -7.31 -4.31
N ILE A 145 10.87 -7.30 -3.33
CA ILE A 145 10.38 -6.05 -2.77
C ILE A 145 10.59 -5.99 -1.26
N PRO A 146 10.59 -4.78 -0.70
CA PRO A 146 10.78 -4.56 0.73
C PRO A 146 9.55 -4.95 1.54
N TYR A 147 9.78 -5.46 2.75
CA TYR A 147 8.69 -5.82 3.65
C TYR A 147 8.71 -4.95 4.91
N ILE A 148 7.61 -4.27 5.17
CA ILE A 148 7.53 -3.35 6.30
C ILE A 148 6.36 -3.69 7.21
N GLU A 149 6.65 -3.84 8.50
CA GLU A 149 5.60 -4.06 9.50
C GLU A 149 5.24 -2.76 10.20
N THR A 150 3.93 -2.54 10.38
CA THR A 150 3.44 -1.27 10.90
C THR A 150 2.27 -1.49 11.85
N SER A 151 2.01 -0.51 12.70
CA SER A 151 0.83 -0.53 13.56
C SER A 151 0.09 0.80 13.51
N ALA A 152 -1.18 0.75 13.09
CA ALA A 152 -1.99 1.96 13.01
C ALA A 152 -1.98 2.74 14.32
N LYS A 153 -1.71 2.03 15.41
CA LYS A 153 -1.78 2.63 16.74
C LYS A 153 -0.84 3.83 16.84
N THR A 154 0.46 3.57 16.73
CA THR A 154 1.45 4.65 16.72
C THR A 154 2.56 4.35 15.72
N ARG A 155 2.98 3.09 15.66
CA ARG A 155 4.13 2.71 14.85
C ARG A 155 3.86 2.99 13.37
N GLN A 156 4.50 4.04 12.84
CA GLN A 156 4.35 4.41 11.44
C GLN A 156 5.30 3.60 10.56
N GLY A 157 4.76 2.60 9.88
CA GLY A 157 5.50 1.95 8.81
C GLY A 157 4.90 2.22 7.44
N VAL A 158 3.66 2.70 7.42
CA VAL A 158 2.99 3.04 6.17
C VAL A 158 3.62 4.28 5.53
N GLU A 159 4.10 5.20 6.37
CA GLU A 159 4.78 6.39 5.89
C GLU A 159 6.10 6.02 5.21
N ASP A 160 6.89 5.19 5.88
CA ASP A 160 8.11 4.65 5.28
C ASP A 160 7.80 3.84 4.03
N ALA A 161 6.67 3.15 4.05
CA ALA A 161 6.20 2.41 2.88
C ALA A 161 5.90 3.34 1.73
N PHE A 162 5.27 4.47 2.03
CA PHE A 162 5.00 5.50 1.02
C PHE A 162 6.30 6.04 0.44
N TYR A 163 7.25 6.36 1.31
CA TYR A 163 8.51 6.96 0.89
C TYR A 163 9.35 5.96 0.11
N THR A 164 9.43 4.73 0.62
CA THR A 164 10.22 3.68 -0.03
C THR A 164 9.69 3.39 -1.43
N LEU A 165 8.37 3.27 -1.55
CA LEU A 165 7.75 3.01 -2.84
C LEU A 165 8.03 4.14 -3.83
N VAL A 166 7.97 5.37 -3.33
CA VAL A 166 8.34 6.54 -4.13
C VAL A 166 9.81 6.48 -4.52
N ARG A 167 10.65 6.07 -3.58
CA ARG A 167 12.08 5.92 -3.84
C ARG A 167 12.34 4.86 -4.91
N GLU A 168 11.53 3.80 -4.89
CA GLU A 168 11.60 2.77 -5.90
C GLU A 168 11.16 3.30 -7.26
N ILE A 169 10.13 4.16 -7.25
CA ILE A 169 9.69 4.83 -8.47
C ILE A 169 10.80 5.73 -9.03
N ARG A 170 11.55 6.36 -8.14
CA ARG A 170 12.62 7.27 -8.55
C ARG A 170 13.71 6.50 -9.29
N GLN A 171 13.77 5.20 -9.07
CA GLN A 171 14.78 4.36 -9.70
C GLN A 171 14.27 3.80 -11.03
N HIS A 172 13.06 4.21 -11.40
CA HIS A 172 12.47 3.80 -12.68
C HIS A 172 12.09 5.02 -13.51
N MET A 7 8.34 20.92 -8.36
CA MET A 7 6.92 20.59 -8.40
C MET A 7 6.70 19.11 -8.69
N THR A 8 7.66 18.28 -8.26
CA THR A 8 7.57 16.84 -8.46
C THR A 8 6.39 16.25 -7.70
N GLU A 9 5.60 15.43 -8.40
CA GLU A 9 4.50 14.73 -7.76
C GLU A 9 4.66 13.21 -7.90
N TYR A 10 4.42 12.49 -6.82
CA TYR A 10 4.52 11.04 -6.83
C TYR A 10 3.14 10.40 -6.57
N LYS A 11 2.71 9.57 -7.51
CA LYS A 11 1.35 9.03 -7.48
C LYS A 11 1.36 7.53 -7.17
N LEU A 12 0.95 7.18 -5.96
CA LEU A 12 1.00 5.80 -5.52
C LEU A 12 -0.40 5.19 -5.43
N VAL A 13 -0.53 3.94 -5.83
CA VAL A 13 -1.80 3.22 -5.75
C VAL A 13 -1.76 2.18 -4.65
N VAL A 14 -2.71 2.28 -3.71
CA VAL A 14 -2.71 1.43 -2.53
C VAL A 14 -3.81 0.38 -2.61
N VAL A 15 -3.43 -0.88 -2.44
CA VAL A 15 -4.36 -1.99 -2.57
C VAL A 15 -4.25 -2.96 -1.40
N GLY A 16 -5.27 -3.81 -1.24
CA GLY A 16 -5.24 -4.80 -0.19
C GLY A 16 -6.62 -5.33 0.16
N ALA A 17 -6.66 -6.49 0.80
CA ALA A 17 -7.93 -7.13 1.13
C ALA A 17 -8.66 -6.37 2.25
N GLY A 18 -9.97 -6.57 2.33
CA GLY A 18 -10.75 -5.87 3.33
C GLY A 18 -10.35 -6.24 4.74
N GLY A 19 -10.27 -5.22 5.61
CA GLY A 19 -9.95 -5.47 7.01
C GLY A 19 -8.94 -4.49 7.55
N VAL A 20 -8.42 -3.63 6.68
CA VAL A 20 -7.43 -2.64 7.08
C VAL A 20 -7.99 -1.22 6.92
N GLY A 21 -7.22 -0.24 7.38
CA GLY A 21 -7.72 1.13 7.44
C GLY A 21 -7.00 2.05 6.48
N LYS A 22 -7.05 1.72 5.20
CA LYS A 22 -6.28 2.45 4.19
C LYS A 22 -6.56 3.94 4.26
N SER A 23 -7.84 4.28 4.40
CA SER A 23 -8.24 5.69 4.48
C SER A 23 -7.72 6.33 5.77
N ALA A 24 -7.79 5.58 6.86
CA ALA A 24 -7.38 6.10 8.16
C ALA A 24 -5.89 6.41 8.18
N LEU A 25 -5.09 5.57 7.52
CA LEU A 25 -3.65 5.71 7.53
C LEU A 25 -3.21 6.94 6.76
N THR A 26 -3.83 7.17 5.61
CA THR A 26 -3.57 8.35 4.81
C THR A 26 -3.99 9.62 5.56
N ILE A 27 -5.04 9.50 6.37
CA ILE A 27 -5.47 10.61 7.20
C ILE A 27 -4.42 10.96 8.25
N GLN A 28 -3.78 9.93 8.79
CA GLN A 28 -2.75 10.13 9.82
C GLN A 28 -1.68 11.10 9.33
N LEU A 29 -1.16 10.85 8.13
CA LEU A 29 -0.07 11.65 7.58
C LEU A 29 -0.51 13.10 7.37
N ILE A 30 -1.71 13.27 6.84
CA ILE A 30 -2.18 14.60 6.44
C ILE A 30 -2.49 15.46 7.65
N GLN A 31 -3.06 14.85 8.69
CA GLN A 31 -3.54 15.59 9.84
C GLN A 31 -2.48 15.62 10.95
N ASN A 32 -1.34 15.01 10.68
CA ASN A 32 -0.27 14.91 11.68
C ASN A 32 -0.79 14.25 12.96
N HIS A 33 -1.60 13.21 12.79
CA HIS A 33 -2.29 12.59 13.92
C HIS A 33 -2.19 11.06 13.84
N PHE A 34 -2.19 10.42 15.00
CA PHE A 34 -2.25 8.96 15.07
C PHE A 34 -3.70 8.50 15.24
N VAL A 35 -4.22 7.81 14.24
CA VAL A 35 -5.62 7.43 14.22
C VAL A 35 -5.78 5.91 14.18
N ASP A 36 -6.15 5.33 15.32
CA ASP A 36 -6.31 3.88 15.43
C ASP A 36 -7.78 3.48 15.38
N GLU A 37 -8.28 3.22 14.18
CA GLU A 37 -9.64 2.75 14.00
C GLU A 37 -9.89 2.32 12.56
N TYR A 38 -11.09 1.82 12.30
CA TYR A 38 -11.41 1.23 11.01
C TYR A 38 -12.20 2.19 10.14
N ASP A 39 -11.72 2.46 8.93
CA ASP A 39 -12.33 3.43 8.05
C ASP A 39 -12.51 2.87 6.64
N PRO A 40 -13.68 2.29 6.38
CA PRO A 40 -14.03 1.74 5.07
C PRO A 40 -14.46 2.83 4.09
N SER A 41 -13.93 2.76 2.87
CA SER A 41 -14.33 3.69 1.82
C SER A 41 -14.09 3.09 0.44
N ILE A 42 -14.21 3.90 -0.59
CA ILE A 42 -14.08 3.44 -1.97
C ILE A 42 -13.77 4.58 -2.92
N GLU A 43 -12.74 4.40 -3.74
CA GLU A 43 -12.35 5.41 -4.72
C GLU A 43 -12.11 6.76 -4.04
N ASP A 44 -11.03 6.84 -3.27
CA ASP A 44 -10.77 8.01 -2.44
C ASP A 44 -9.30 8.41 -2.51
N SER A 45 -9.05 9.64 -2.96
CA SER A 45 -7.69 10.12 -3.16
C SER A 45 -7.23 10.97 -1.98
N TYR A 46 -5.94 10.91 -1.68
CA TYR A 46 -5.35 11.77 -0.66
C TYR A 46 -4.06 12.41 -1.16
N ARG A 47 -3.81 13.65 -0.75
CA ARG A 47 -2.59 14.36 -1.13
C ARG A 47 -1.93 14.98 0.09
N LYS A 48 -0.61 14.88 0.16
CA LYS A 48 0.15 15.47 1.24
C LYS A 48 1.56 15.85 0.77
N GLN A 49 1.94 17.10 1.05
CA GLN A 49 3.25 17.60 0.63
C GLN A 49 4.36 17.04 1.52
N VAL A 50 5.33 16.40 0.91
CA VAL A 50 6.38 15.69 1.65
C VAL A 50 7.76 16.00 1.09
N VAL A 51 8.79 15.66 1.86
CA VAL A 51 10.16 15.67 1.35
C VAL A 51 10.76 14.26 1.36
N ILE A 52 11.02 13.73 0.17
CA ILE A 52 11.49 12.36 0.04
C ILE A 52 12.88 12.32 -0.60
N ASP A 53 13.83 11.72 0.10
CA ASP A 53 15.20 11.60 -0.40
C ASP A 53 15.79 12.99 -0.66
N GLY A 54 15.42 13.96 0.18
CA GLY A 54 15.96 15.29 0.03
C GLY A 54 15.21 16.11 -1.01
N GLU A 55 14.32 15.45 -1.75
CA GLU A 55 13.55 16.12 -2.79
C GLU A 55 12.19 16.57 -2.24
N THR A 56 11.84 17.82 -2.51
CA THR A 56 10.54 18.35 -2.11
C THR A 56 9.50 18.09 -3.19
N CYS A 57 8.41 17.42 -2.81
CA CYS A 57 7.44 16.92 -3.77
C CYS A 57 6.06 16.77 -3.14
N LEU A 58 5.06 16.50 -3.97
CA LEU A 58 3.71 16.24 -3.47
C LEU A 58 3.38 14.75 -3.56
N LEU A 59 3.01 14.16 -2.43
CA LEU A 59 2.70 12.74 -2.37
C LEU A 59 1.20 12.51 -2.56
N ASP A 60 0.84 11.85 -3.66
CA ASP A 60 -0.56 11.61 -3.99
C ASP A 60 -0.91 10.13 -3.85
N ILE A 61 -1.71 9.81 -2.83
CA ILE A 61 -2.02 8.41 -2.53
C ILE A 61 -3.46 8.08 -2.92
N LEU A 62 -3.62 7.04 -3.73
CA LEU A 62 -4.93 6.62 -4.19
C LEU A 62 -5.42 5.41 -3.42
N ASP A 63 -6.53 5.57 -2.71
CA ASP A 63 -7.05 4.50 -1.86
C ASP A 63 -8.19 3.77 -2.56
N THR A 64 -8.02 2.46 -2.74
CA THR A 64 -9.02 1.65 -3.42
C THR A 64 -10.08 1.14 -2.44
N ALA A 65 -11.15 0.59 -2.99
CA ALA A 65 -12.23 0.05 -2.16
C ALA A 65 -11.68 -0.86 -1.06
N GLY A 66 -12.23 -0.73 0.14
CA GLY A 66 -12.00 -1.71 1.18
C GLY A 66 -12.51 -3.09 0.79
N GLN A 67 -13.28 -3.15 -0.29
CA GLN A 67 -13.71 -4.43 -0.85
C GLN A 67 -12.70 -4.93 -1.88
N GLU A 68 -12.16 -6.12 -1.62
CA GLU A 68 -11.15 -6.69 -2.50
C GLU A 68 -11.74 -7.09 -3.85
N GLU A 69 -13.08 -7.15 -3.90
CA GLU A 69 -13.77 -7.58 -5.10
C GLU A 69 -13.88 -6.43 -6.10
N TYR A 70 -13.46 -5.24 -5.68
CA TYR A 70 -13.49 -4.07 -6.53
C TYR A 70 -13.24 -4.45 -7.99
N SER A 71 -14.07 -3.92 -8.89
CA SER A 71 -14.10 -4.37 -10.27
C SER A 71 -13.23 -3.48 -11.15
N ALA A 72 -13.34 -3.66 -12.46
CA ALA A 72 -12.53 -2.91 -13.41
C ALA A 72 -12.72 -1.41 -13.23
N MET A 73 -13.87 -1.03 -12.68
CA MET A 73 -14.17 0.38 -12.44
C MET A 73 -13.14 1.01 -11.52
N ARG A 74 -12.54 0.19 -10.67
CA ARG A 74 -11.52 0.68 -9.73
C ARG A 74 -10.13 0.59 -10.34
N ASP A 75 -10.00 -0.23 -11.38
CA ASP A 75 -8.73 -0.37 -12.08
C ASP A 75 -8.32 0.95 -12.74
N GLN A 76 -9.29 1.86 -12.86
CA GLN A 76 -9.01 3.20 -13.36
C GLN A 76 -7.76 3.79 -12.69
N TYR A 77 -7.63 3.54 -11.39
CA TYR A 77 -6.50 4.05 -10.63
C TYR A 77 -5.18 3.48 -11.15
N MET A 78 -5.24 2.27 -11.68
CA MET A 78 -4.04 1.57 -12.13
C MET A 78 -3.33 2.36 -13.23
N ARG A 79 -4.10 3.16 -13.96
CA ARG A 79 -3.54 4.01 -15.01
C ARG A 79 -2.43 4.89 -14.45
N THR A 80 -2.50 5.20 -13.16
CA THR A 80 -1.44 5.92 -12.48
C THR A 80 -0.08 5.30 -12.76
N GLY A 81 -0.01 3.98 -12.64
CA GLY A 81 1.04 3.23 -13.33
C GLY A 81 2.30 3.12 -12.51
N GLU A 82 2.72 4.24 -11.91
CA GLU A 82 4.03 4.34 -11.29
C GLU A 82 4.32 3.11 -10.43
N GLY A 83 3.60 3.00 -9.31
CA GLY A 83 3.91 1.97 -8.33
C GLY A 83 2.70 1.57 -7.52
N PHE A 84 2.76 0.40 -6.89
CA PHE A 84 1.62 -0.15 -6.18
C PHE A 84 2.03 -0.61 -4.78
N LEU A 85 1.29 -0.13 -3.77
CA LEU A 85 1.53 -0.54 -2.39
C LEU A 85 0.56 -1.65 -1.98
N CYS A 86 1.10 -2.80 -1.59
CA CYS A 86 0.28 -3.94 -1.22
C CYS A 86 0.21 -4.09 0.30
N VAL A 87 -0.96 -3.82 0.86
CA VAL A 87 -1.15 -3.85 2.30
C VAL A 87 -2.07 -4.98 2.73
N PHE A 88 -1.62 -5.78 3.70
CA PHE A 88 -2.45 -6.84 4.25
C PHE A 88 -2.55 -6.72 5.77
N ALA A 89 -3.50 -7.44 6.35
CA ALA A 89 -3.63 -7.49 7.81
C ALA A 89 -3.06 -8.80 8.35
N ILE A 90 -2.42 -8.71 9.52
CA ILE A 90 -1.83 -9.88 10.16
C ILE A 90 -2.88 -10.97 10.37
N ASN A 91 -4.15 -10.58 10.37
CA ASN A 91 -5.24 -11.52 10.57
C ASN A 91 -5.87 -11.91 9.23
N ASN A 92 -5.32 -11.36 8.15
CA ASN A 92 -5.84 -11.64 6.81
C ASN A 92 -4.85 -12.47 6.01
N THR A 93 -4.86 -13.79 6.24
CA THR A 93 -4.05 -14.71 5.47
C THR A 93 -4.45 -14.68 4.00
N LYS A 94 -5.75 -14.70 3.73
CA LYS A 94 -6.25 -14.66 2.37
C LYS A 94 -5.67 -13.48 1.60
N SER A 95 -5.44 -12.38 2.30
CA SER A 95 -4.97 -11.15 1.66
C SER A 95 -3.72 -11.42 0.83
N PHE A 96 -2.95 -12.42 1.23
CA PHE A 96 -1.71 -12.76 0.53
C PHE A 96 -2.01 -13.27 -0.88
N GLU A 97 -3.04 -14.10 -1.00
CA GLU A 97 -3.46 -14.60 -2.30
C GLU A 97 -4.11 -13.50 -3.13
N ASP A 98 -4.82 -12.59 -2.45
CA ASP A 98 -5.46 -11.47 -3.12
C ASP A 98 -4.42 -10.53 -3.74
N ILE A 99 -3.35 -10.29 -2.99
CA ILE A 99 -2.26 -9.46 -3.48
C ILE A 99 -1.56 -10.12 -4.68
N HIS A 100 -1.40 -11.43 -4.61
CA HIS A 100 -0.77 -12.18 -5.69
C HIS A 100 -1.58 -12.03 -6.99
N GLN A 101 -2.90 -12.15 -6.88
CA GLN A 101 -3.78 -11.96 -8.02
C GLN A 101 -3.66 -10.54 -8.57
N TYR A 102 -3.63 -9.57 -7.67
CA TYR A 102 -3.40 -8.18 -8.06
C TYR A 102 -2.07 -8.04 -8.78
N ARG A 103 -1.04 -8.70 -8.27
CA ARG A 103 0.30 -8.63 -8.85
C ARG A 103 0.28 -9.07 -10.31
N GLU A 104 -0.37 -10.20 -10.58
CA GLU A 104 -0.44 -10.73 -11.94
C GLU A 104 -1.29 -9.83 -12.83
N GLN A 105 -2.35 -9.27 -12.26
CA GLN A 105 -3.22 -8.36 -13.00
C GLN A 105 -2.49 -7.08 -13.38
N ILE A 106 -1.71 -6.56 -12.45
CA ILE A 106 -0.92 -5.34 -12.69
C ILE A 106 0.02 -5.53 -13.87
N LYS A 107 0.65 -6.70 -13.93
CA LYS A 107 1.60 -7.00 -15.00
C LYS A 107 0.93 -6.97 -16.37
N ARG A 108 -0.25 -7.56 -16.45
CA ARG A 108 -0.99 -7.64 -17.71
C ARG A 108 -1.51 -6.27 -18.13
N VAL A 109 -1.99 -5.51 -17.14
CA VAL A 109 -2.51 -4.18 -17.41
C VAL A 109 -1.42 -3.23 -17.87
N LYS A 110 -0.22 -3.39 -17.30
CA LYS A 110 0.91 -2.53 -17.61
C LYS A 110 1.74 -3.10 -18.75
N ASP A 111 1.27 -4.22 -19.31
CA ASP A 111 1.98 -4.87 -20.41
C ASP A 111 3.48 -4.95 -20.12
N SER A 112 3.81 -5.38 -18.90
CA SER A 112 5.19 -5.36 -18.45
C SER A 112 5.44 -6.46 -17.42
N ASP A 113 6.70 -6.82 -17.24
CA ASP A 113 7.11 -7.67 -16.12
C ASP A 113 6.85 -6.96 -14.80
N ASP A 114 7.21 -7.62 -13.70
CA ASP A 114 6.88 -7.13 -12.37
C ASP A 114 7.25 -5.67 -12.21
N VAL A 115 6.66 -5.01 -11.23
CA VAL A 115 6.71 -3.55 -11.14
C VAL A 115 7.01 -3.09 -9.71
N PRO A 116 7.41 -1.82 -9.58
CA PRO A 116 7.68 -1.22 -8.26
C PRO A 116 6.51 -1.40 -7.30
N MET A 117 6.80 -1.99 -6.14
CA MET A 117 5.78 -2.26 -5.14
C MET A 117 6.39 -2.59 -3.80
N VAL A 118 5.63 -2.41 -2.73
CA VAL A 118 6.11 -2.73 -1.38
C VAL A 118 5.05 -3.52 -0.60
N LEU A 119 5.50 -4.51 0.15
CA LEU A 119 4.59 -5.34 0.94
C LEU A 119 4.56 -4.89 2.39
N VAL A 120 3.38 -4.57 2.89
CA VAL A 120 3.22 -4.04 4.24
C VAL A 120 2.24 -4.88 5.05
N GLY A 121 2.63 -5.21 6.28
CA GLY A 121 1.74 -5.95 7.15
C GLY A 121 1.32 -5.14 8.36
N ASN A 122 0.01 -4.96 8.51
CA ASN A 122 -0.54 -4.16 9.61
C ASN A 122 -0.99 -5.06 10.76
N LYS A 123 -1.21 -4.46 11.92
CA LYS A 123 -1.73 -5.19 13.07
C LYS A 123 -0.66 -6.12 13.65
N CYS A 124 0.59 -5.66 13.63
CA CYS A 124 1.70 -6.44 14.17
C CYS A 124 1.65 -6.48 15.68
N ASP A 125 0.75 -5.69 16.26
CA ASP A 125 0.56 -5.69 17.71
C ASP A 125 -0.69 -6.48 18.09
N LEU A 126 -1.32 -7.09 17.08
CA LEU A 126 -2.50 -7.91 17.32
C LEU A 126 -2.12 -9.26 17.92
N ALA A 127 -2.85 -9.67 18.95
CA ALA A 127 -2.55 -10.91 19.66
C ALA A 127 -2.97 -12.13 18.84
N ALA A 128 -4.23 -12.14 18.42
CA ALA A 128 -4.76 -13.25 17.64
C ALA A 128 -4.44 -13.10 16.16
N ARG A 129 -3.21 -13.45 15.79
CA ARG A 129 -2.79 -13.37 14.38
C ARG A 129 -2.59 -14.76 13.79
N THR A 130 -2.66 -14.86 12.47
CA THR A 130 -2.43 -16.12 11.78
C THR A 130 -1.36 -15.97 10.71
N VAL A 131 -0.55 -14.91 10.83
CA VAL A 131 0.52 -14.67 9.87
C VAL A 131 1.85 -14.48 10.58
N GLU A 132 2.82 -15.34 10.25
CA GLU A 132 4.22 -15.06 10.56
C GLU A 132 4.80 -14.03 9.58
N SER A 133 5.44 -13.00 10.13
CA SER A 133 5.99 -11.94 9.30
C SER A 133 7.17 -12.44 8.47
N ARG A 134 7.80 -13.52 8.96
CA ARG A 134 8.90 -14.14 8.23
C ARG A 134 8.42 -14.73 6.90
N GLN A 135 7.23 -15.29 6.92
CA GLN A 135 6.61 -15.82 5.70
C GLN A 135 6.30 -14.70 4.72
N ALA A 136 5.76 -13.60 5.23
CA ALA A 136 5.48 -12.44 4.41
C ALA A 136 6.76 -11.84 3.82
N GLN A 137 7.82 -11.84 4.62
CA GLN A 137 9.11 -11.34 4.16
C GLN A 137 9.66 -12.20 3.02
N ASP A 138 9.55 -13.52 3.19
CA ASP A 138 10.01 -14.45 2.16
C ASP A 138 9.21 -14.29 0.87
N LEU A 139 7.91 -14.10 1.01
CA LEU A 139 7.03 -13.85 -0.13
C LEU A 139 7.43 -12.56 -0.84
N ALA A 140 7.71 -11.52 -0.05
CA ALA A 140 8.20 -10.26 -0.59
C ALA A 140 9.56 -10.44 -1.26
N ARG A 141 10.42 -11.27 -0.66
CA ARG A 141 11.75 -11.51 -1.19
C ARG A 141 11.68 -12.17 -2.56
N SER A 142 10.74 -13.11 -2.71
CA SER A 142 10.55 -13.79 -3.99
C SER A 142 10.01 -12.82 -5.04
N TYR A 143 9.37 -11.75 -4.59
CA TYR A 143 8.87 -10.71 -5.48
C TYR A 143 9.94 -9.65 -5.72
N GLY A 144 11.05 -9.76 -5.01
CA GLY A 144 12.14 -8.82 -5.18
C GLY A 144 11.86 -7.47 -4.54
N ILE A 145 10.98 -7.47 -3.53
CA ILE A 145 10.52 -6.22 -2.94
C ILE A 145 10.73 -6.23 -1.43
N PRO A 146 10.79 -5.04 -0.83
CA PRO A 146 10.94 -4.88 0.62
C PRO A 146 9.66 -5.19 1.38
N TYR A 147 9.80 -5.65 2.62
CA TYR A 147 8.66 -5.91 3.48
C TYR A 147 8.73 -5.07 4.76
N ILE A 148 7.63 -4.42 5.10
CA ILE A 148 7.58 -3.56 6.27
C ILE A 148 6.49 -4.01 7.24
N GLU A 149 6.88 -4.25 8.49
CA GLU A 149 5.92 -4.44 9.57
C GLU A 149 5.51 -3.09 10.16
N THR A 150 4.21 -2.87 10.26
CA THR A 150 3.68 -1.60 10.73
C THR A 150 2.52 -1.80 11.69
N SER A 151 2.21 -0.77 12.46
CA SER A 151 1.01 -0.76 13.28
C SER A 151 0.27 0.58 13.19
N ALA A 152 -0.98 0.53 12.73
CA ALA A 152 -1.78 1.73 12.58
C ALA A 152 -1.75 2.57 13.84
N LYS A 153 -1.54 1.92 14.98
CA LYS A 153 -1.67 2.57 16.27
C LYS A 153 -0.77 3.79 16.38
N THR A 154 0.54 3.56 16.32
CA THR A 154 1.51 4.65 16.31
C THR A 154 2.69 4.32 15.39
N ARG A 155 3.14 3.07 15.44
CA ARG A 155 4.32 2.66 14.69
C ARG A 155 4.11 2.84 13.18
N GLN A 156 4.66 3.92 12.65
CA GLN A 156 4.43 4.27 11.24
C GLN A 156 5.32 3.44 10.33
N GLY A 157 4.73 2.46 9.66
CA GLY A 157 5.37 1.86 8.51
C GLY A 157 4.78 2.35 7.19
N VAL A 158 3.68 3.11 7.29
CA VAL A 158 2.98 3.58 6.10
C VAL A 158 3.80 4.62 5.36
N GLU A 159 4.31 5.61 6.10
CA GLU A 159 5.11 6.68 5.52
C GLU A 159 6.39 6.12 4.90
N ASP A 160 7.08 5.25 5.64
CA ASP A 160 8.26 4.57 5.13
C ASP A 160 7.91 3.75 3.89
N ALA A 161 6.74 3.13 3.91
CA ALA A 161 6.27 2.36 2.77
C ALA A 161 6.06 3.26 1.55
N PHE A 162 5.50 4.45 1.79
CA PHE A 162 5.31 5.42 0.73
C PHE A 162 6.64 5.86 0.15
N TYR A 163 7.58 6.23 1.03
CA TYR A 163 8.86 6.79 0.60
C TYR A 163 9.70 5.73 -0.10
N THR A 164 9.71 4.53 0.46
CA THR A 164 10.44 3.42 -0.14
C THR A 164 9.92 3.11 -1.55
N LEU A 165 8.60 3.04 -1.68
CA LEU A 165 7.96 2.82 -2.97
C LEU A 165 8.34 3.93 -3.95
N VAL A 166 8.33 5.16 -3.47
CA VAL A 166 8.77 6.30 -4.27
C VAL A 166 10.23 6.14 -4.69
N ARG A 167 11.06 5.68 -3.76
CA ARG A 167 12.48 5.48 -4.02
C ARG A 167 12.67 4.40 -5.10
N GLU A 168 11.93 3.32 -4.98
CA GLU A 168 12.04 2.21 -5.93
C GLU A 168 11.56 2.62 -7.31
N ILE A 169 10.50 3.42 -7.35
CA ILE A 169 10.01 3.98 -8.60
C ILE A 169 11.03 4.92 -9.22
N ARG A 170 11.59 5.80 -8.39
CA ARG A 170 12.57 6.79 -8.86
C ARG A 170 13.83 6.10 -9.37
N GLN A 171 14.12 4.92 -8.83
CA GLN A 171 15.32 4.18 -9.21
C GLN A 171 14.98 3.10 -10.23
N HIS A 172 13.77 3.16 -10.78
CA HIS A 172 13.33 2.16 -11.76
C HIS A 172 13.24 2.78 -13.15
N MET A 7 9.03 21.38 -9.09
CA MET A 7 7.61 21.08 -9.22
C MET A 7 7.37 19.57 -9.23
N THR A 8 8.18 18.84 -8.47
CA THR A 8 8.06 17.39 -8.41
C THR A 8 6.70 16.98 -7.85
N GLU A 9 5.96 16.18 -8.61
CA GLU A 9 4.71 15.60 -8.14
C GLU A 9 4.69 14.09 -8.34
N TYR A 10 4.24 13.37 -7.34
CA TYR A 10 4.21 11.91 -7.39
C TYR A 10 2.83 11.38 -7.01
N LYS A 11 2.29 10.50 -7.85
CA LYS A 11 1.04 9.81 -7.53
C LYS A 11 1.32 8.44 -6.94
N LEU A 12 0.84 8.23 -5.72
CA LEU A 12 1.06 6.96 -5.02
C LEU A 12 -0.25 6.21 -4.81
N VAL A 13 -0.31 4.99 -5.33
CA VAL A 13 -1.56 4.22 -5.32
C VAL A 13 -1.51 3.12 -4.25
N VAL A 14 -2.50 3.13 -3.37
CA VAL A 14 -2.55 2.17 -2.27
C VAL A 14 -3.66 1.14 -2.50
N VAL A 15 -3.31 -0.14 -2.36
CA VAL A 15 -4.24 -1.22 -2.69
C VAL A 15 -4.20 -2.30 -1.62
N GLY A 16 -5.32 -2.98 -1.43
CA GLY A 16 -5.38 -4.07 -0.47
C GLY A 16 -6.78 -4.63 -0.30
N ALA A 17 -6.90 -5.73 0.43
CA ALA A 17 -8.19 -6.36 0.66
C ALA A 17 -8.93 -5.68 1.81
N GLY A 18 -10.24 -5.89 1.88
CA GLY A 18 -11.04 -5.31 2.94
C GLY A 18 -10.66 -5.85 4.31
N GLY A 19 -10.63 -4.97 5.30
CA GLY A 19 -10.29 -5.39 6.65
C GLY A 19 -9.07 -4.66 7.19
N VAL A 20 -8.44 -3.84 6.34
CA VAL A 20 -7.31 -3.03 6.76
C VAL A 20 -7.59 -1.54 6.55
N GLY A 21 -6.81 -0.71 7.22
CA GLY A 21 -7.10 0.72 7.24
C GLY A 21 -6.18 1.51 6.32
N LYS A 22 -6.19 1.17 5.03
CA LYS A 22 -5.37 1.86 4.05
C LYS A 22 -5.67 3.36 4.06
N SER A 23 -6.96 3.70 4.06
CA SER A 23 -7.37 5.10 4.10
C SER A 23 -7.02 5.73 5.45
N ALA A 24 -7.16 4.95 6.52
CA ALA A 24 -6.82 5.43 7.85
C ALA A 24 -5.34 5.77 7.95
N LEU A 25 -4.50 4.95 7.34
CA LEU A 25 -3.06 5.18 7.33
C LEU A 25 -2.73 6.45 6.54
N THR A 26 -3.41 6.63 5.41
CA THR A 26 -3.25 7.84 4.61
C THR A 26 -3.69 9.07 5.38
N ILE A 27 -4.83 8.98 6.05
CA ILE A 27 -5.38 10.09 6.81
C ILE A 27 -4.42 10.53 7.91
N GLN A 28 -3.83 9.55 8.60
CA GLN A 28 -2.93 9.84 9.71
C GLN A 28 -1.72 10.64 9.24
N LEU A 29 -1.10 10.20 8.15
CA LEU A 29 0.10 10.85 7.65
C LEU A 29 -0.22 12.22 7.06
N ILE A 30 -1.33 12.30 6.34
CA ILE A 30 -1.72 13.53 5.66
C ILE A 30 -2.09 14.61 6.67
N GLN A 31 -2.68 14.20 7.79
CA GLN A 31 -3.19 15.13 8.78
C GLN A 31 -2.31 15.15 10.02
N ASN A 32 -1.25 14.34 10.01
CA ASN A 32 -0.34 14.25 11.14
C ASN A 32 -1.08 13.88 12.42
N HIS A 33 -1.97 12.89 12.31
CA HIS A 33 -2.82 12.50 13.43
C HIS A 33 -2.65 11.01 13.74
N PHE A 34 -3.06 10.61 14.93
CA PHE A 34 -3.11 9.19 15.30
C PHE A 34 -4.55 8.69 15.34
N VAL A 35 -4.89 7.81 14.41
CA VAL A 35 -6.25 7.32 14.27
C VAL A 35 -6.33 5.81 14.48
N ASP A 36 -6.81 5.40 15.64
CA ASP A 36 -6.93 3.97 15.96
C ASP A 36 -8.36 3.50 15.76
N GLU A 37 -8.71 3.15 14.52
CA GLU A 37 -10.03 2.61 14.22
C GLU A 37 -10.11 2.18 12.75
N TYR A 38 -11.23 1.57 12.39
CA TYR A 38 -11.43 1.10 11.02
C TYR A 38 -12.25 2.11 10.22
N ASP A 39 -11.67 2.56 9.11
CA ASP A 39 -12.31 3.59 8.29
C ASP A 39 -12.38 3.15 6.82
N PRO A 40 -13.47 2.46 6.46
CA PRO A 40 -13.69 1.99 5.09
C PRO A 40 -14.18 3.10 4.17
N SER A 41 -13.74 3.06 2.91
CA SER A 41 -14.21 4.00 1.91
C SER A 41 -13.95 3.47 0.50
N ILE A 42 -14.25 4.29 -0.50
CA ILE A 42 -14.09 3.89 -1.90
C ILE A 42 -13.57 5.04 -2.75
N GLU A 43 -12.44 4.82 -3.40
CA GLU A 43 -11.86 5.83 -4.29
C GLU A 43 -11.76 7.18 -3.58
N ASP A 44 -10.94 7.23 -2.54
CA ASP A 44 -10.85 8.43 -1.71
C ASP A 44 -9.41 8.89 -1.58
N SER A 45 -9.05 9.91 -2.35
CA SER A 45 -7.66 10.33 -2.47
C SER A 45 -7.32 11.40 -1.43
N TYR A 46 -6.06 11.47 -1.04
CA TYR A 46 -5.59 12.52 -0.15
C TYR A 46 -4.29 13.13 -0.67
N ARG A 47 -4.15 14.44 -0.49
CA ARG A 47 -3.02 15.17 -1.07
C ARG A 47 -2.26 15.96 -0.01
N LYS A 48 -0.94 15.96 -0.11
CA LYS A 48 -0.11 16.70 0.83
C LYS A 48 1.28 16.96 0.24
N GLN A 49 1.75 18.19 0.39
CA GLN A 49 3.13 18.53 0.03
C GLN A 49 4.10 17.95 1.05
N VAL A 50 5.05 17.15 0.58
CA VAL A 50 5.96 16.43 1.46
C VAL A 50 7.39 16.51 0.95
N VAL A 51 8.35 16.19 1.83
CA VAL A 51 9.73 16.07 1.44
C VAL A 51 10.20 14.61 1.50
N ILE A 52 10.60 14.08 0.35
CA ILE A 52 11.07 12.70 0.27
C ILE A 52 12.52 12.63 -0.18
N ASP A 53 13.37 12.06 0.66
CA ASP A 53 14.79 11.92 0.34
C ASP A 53 15.45 13.29 0.17
N GLY A 54 14.99 14.25 0.97
CA GLY A 54 15.57 15.58 0.92
C GLY A 54 14.99 16.43 -0.19
N GLU A 55 14.22 15.80 -1.07
CA GLU A 55 13.62 16.50 -2.20
C GLU A 55 12.17 16.88 -1.90
N THR A 56 11.85 18.16 -2.09
CA THR A 56 10.50 18.65 -1.85
C THR A 56 9.58 18.36 -3.03
N CYS A 57 8.44 17.76 -2.75
CA CYS A 57 7.53 17.32 -3.81
C CYS A 57 6.08 17.34 -3.32
N LEU A 58 5.15 17.14 -4.26
CA LEU A 58 3.74 17.06 -3.90
C LEU A 58 3.25 15.62 -4.01
N LEU A 59 2.76 15.07 -2.91
CA LEU A 59 2.35 13.68 -2.84
C LEU A 59 0.84 13.54 -2.98
N ASP A 60 0.40 12.93 -4.07
CA ASP A 60 -1.00 12.63 -4.27
C ASP A 60 -1.28 11.14 -4.06
N ILE A 61 -1.98 10.82 -2.98
CA ILE A 61 -2.20 9.43 -2.60
C ILE A 61 -3.58 8.96 -3.03
N LEU A 62 -3.61 7.94 -3.87
CA LEU A 62 -4.86 7.44 -4.43
C LEU A 62 -5.25 6.10 -3.80
N ASP A 63 -6.37 6.09 -3.08
CA ASP A 63 -6.86 4.87 -2.46
C ASP A 63 -7.77 4.10 -3.41
N THR A 64 -7.60 2.78 -3.45
CA THR A 64 -8.53 1.91 -4.14
C THR A 64 -9.70 1.53 -3.23
N ALA A 65 -10.75 0.97 -3.83
CA ALA A 65 -11.93 0.57 -3.07
C ALA A 65 -11.54 -0.36 -1.93
N GLY A 66 -12.12 -0.12 -0.76
CA GLY A 66 -11.92 -1.01 0.38
C GLY A 66 -12.44 -2.41 0.12
N GLN A 67 -13.28 -2.55 -0.91
CA GLN A 67 -13.75 -3.86 -1.34
C GLN A 67 -12.75 -4.51 -2.30
N GLU A 68 -12.28 -5.69 -1.94
CA GLU A 68 -11.28 -6.39 -2.73
C GLU A 68 -11.86 -6.83 -4.08
N GLU A 69 -13.19 -6.84 -4.17
CA GLU A 69 -13.86 -7.25 -5.38
C GLU A 69 -13.78 -6.17 -6.45
N TYR A 70 -13.18 -5.03 -6.08
CA TYR A 70 -12.94 -3.95 -7.04
C TYR A 70 -12.64 -4.50 -8.42
N SER A 71 -13.30 -3.94 -9.43
CA SER A 71 -13.18 -4.44 -10.79
C SER A 71 -12.14 -3.65 -11.58
N ALA A 72 -12.15 -3.82 -12.89
CA ALA A 72 -11.26 -3.06 -13.77
C ALA A 72 -11.51 -1.56 -13.64
N MET A 73 -12.66 -1.20 -13.07
CA MET A 73 -12.98 0.19 -12.80
C MET A 73 -11.95 0.82 -11.88
N ARG A 74 -11.36 0.00 -11.00
CA ARG A 74 -10.35 0.48 -10.07
C ARG A 74 -8.96 0.34 -10.67
N ASP A 75 -8.84 -0.51 -11.68
CA ASP A 75 -7.57 -0.67 -12.40
C ASP A 75 -7.16 0.62 -13.08
N GLN A 76 -8.11 1.53 -13.24
CA GLN A 76 -7.82 2.88 -13.73
C GLN A 76 -6.62 3.46 -12.99
N TYR A 77 -6.52 3.19 -11.69
CA TYR A 77 -5.44 3.71 -10.87
C TYR A 77 -4.09 3.20 -11.37
N MET A 78 -4.10 2.01 -11.97
CA MET A 78 -2.86 1.42 -12.48
C MET A 78 -2.22 2.32 -13.55
N ARG A 79 -3.04 3.15 -14.17
CA ARG A 79 -2.55 4.09 -15.18
C ARG A 79 -1.39 4.92 -14.62
N THR A 80 -1.40 5.15 -13.31
CA THR A 80 -0.30 5.82 -12.65
C THR A 80 1.01 5.09 -12.87
N GLY A 81 1.04 3.81 -12.52
CA GLY A 81 2.05 2.91 -13.05
C GLY A 81 3.41 3.13 -12.42
N GLU A 82 3.49 4.08 -11.50
CA GLU A 82 4.76 4.44 -10.87
C GLU A 82 5.10 3.48 -9.73
N GLY A 83 4.25 3.48 -8.71
CA GLY A 83 4.46 2.59 -7.57
C GLY A 83 3.17 2.28 -6.84
N PHE A 84 3.13 1.12 -6.19
CA PHE A 84 1.90 0.65 -5.55
C PHE A 84 2.20 0.06 -4.17
N LEU A 85 1.38 0.43 -3.20
CA LEU A 85 1.53 -0.09 -1.84
C LEU A 85 0.51 -1.19 -1.54
N CYS A 86 1.01 -2.36 -1.16
CA CYS A 86 0.15 -3.48 -0.84
C CYS A 86 0.02 -3.66 0.67
N VAL A 87 -1.20 -3.48 1.18
CA VAL A 87 -1.44 -3.54 2.61
C VAL A 87 -2.24 -4.78 2.99
N PHE A 88 -1.73 -5.52 3.97
CA PHE A 88 -2.45 -6.69 4.49
C PHE A 88 -2.40 -6.73 6.01
N ALA A 89 -3.22 -7.60 6.61
CA ALA A 89 -3.17 -7.82 8.04
C ALA A 89 -2.61 -9.21 8.36
N ILE A 90 -1.78 -9.28 9.39
CA ILE A 90 -1.03 -10.50 9.69
C ILE A 90 -1.95 -11.59 10.24
N ASN A 91 -3.19 -11.22 10.53
CA ASN A 91 -4.20 -12.19 10.94
C ASN A 91 -4.99 -12.68 9.74
N ASN A 92 -4.65 -12.19 8.55
CA ASN A 92 -5.30 -12.62 7.32
C ASN A 92 -4.36 -13.49 6.49
N THR A 93 -4.57 -14.80 6.55
CA THR A 93 -3.91 -15.73 5.65
C THR A 93 -4.35 -15.51 4.20
N LYS A 94 -5.66 -15.38 4.00
CA LYS A 94 -6.22 -15.31 2.66
C LYS A 94 -5.66 -14.10 1.91
N SER A 95 -5.34 -13.05 2.65
CA SER A 95 -4.95 -11.77 2.04
C SER A 95 -3.77 -11.97 1.09
N PHE A 96 -2.92 -12.94 1.41
CA PHE A 96 -1.77 -13.25 0.57
C PHE A 96 -2.22 -13.81 -0.78
N GLU A 97 -3.21 -14.71 -0.74
CA GLU A 97 -3.77 -15.27 -1.96
C GLU A 97 -4.48 -14.18 -2.78
N ASP A 98 -5.16 -13.27 -2.09
CA ASP A 98 -5.85 -12.18 -2.75
C ASP A 98 -4.86 -11.28 -3.48
N ILE A 99 -3.76 -10.93 -2.81
CA ILE A 99 -2.75 -10.07 -3.40
C ILE A 99 -2.13 -10.72 -4.63
N HIS A 100 -1.81 -12.00 -4.53
CA HIS A 100 -1.15 -12.73 -5.61
C HIS A 100 -2.06 -12.84 -6.82
N GLN A 101 -3.30 -13.26 -6.59
CA GLN A 101 -4.25 -13.48 -7.66
C GLN A 101 -4.58 -12.19 -8.38
N TYR A 102 -4.91 -11.16 -7.59
CA TYR A 102 -5.23 -9.85 -8.14
C TYR A 102 -4.02 -9.23 -8.83
N ARG A 103 -2.83 -9.55 -8.32
CA ARG A 103 -1.59 -9.09 -8.94
C ARG A 103 -1.47 -9.64 -10.36
N GLU A 104 -1.75 -10.92 -10.53
CA GLU A 104 -1.62 -11.58 -11.83
C GLU A 104 -2.72 -11.11 -12.78
N GLN A 105 -3.92 -10.96 -12.25
CA GLN A 105 -5.06 -10.53 -13.06
C GLN A 105 -4.88 -9.09 -13.52
N ILE A 106 -4.52 -8.21 -12.60
CA ILE A 106 -4.21 -6.83 -12.94
C ILE A 106 -3.02 -6.75 -13.89
N LYS A 107 -2.04 -7.64 -13.68
CA LYS A 107 -0.86 -7.69 -14.53
C LYS A 107 -1.24 -7.94 -15.98
N ARG A 108 -2.22 -8.83 -16.18
CA ARG A 108 -2.71 -9.13 -17.52
C ARG A 108 -3.50 -7.96 -18.09
N VAL A 109 -4.28 -7.31 -17.23
CA VAL A 109 -5.12 -6.19 -17.65
C VAL A 109 -4.27 -5.02 -18.14
N LYS A 110 -3.17 -4.77 -17.45
CA LYS A 110 -2.27 -3.67 -17.79
C LYS A 110 -1.28 -4.10 -18.87
N ASP A 111 -1.32 -5.38 -19.24
CA ASP A 111 -0.42 -5.92 -20.24
C ASP A 111 1.01 -5.42 -20.00
N SER A 112 1.47 -5.51 -18.76
CA SER A 112 2.81 -5.07 -18.40
C SER A 112 3.42 -5.97 -17.35
N ASP A 113 4.75 -5.98 -17.28
CA ASP A 113 5.46 -6.73 -16.25
C ASP A 113 5.24 -6.13 -14.87
N ASP A 114 5.75 -6.80 -13.85
CA ASP A 114 5.53 -6.36 -12.47
C ASP A 114 6.22 -5.02 -12.22
N VAL A 115 5.76 -4.32 -11.19
CA VAL A 115 6.12 -2.92 -11.00
C VAL A 115 6.55 -2.64 -9.57
N PRO A 116 7.25 -1.52 -9.37
CA PRO A 116 7.69 -1.10 -8.04
C PRO A 116 6.55 -1.11 -7.02
N MET A 117 6.79 -1.77 -5.89
CA MET A 117 5.73 -2.01 -4.91
C MET A 117 6.33 -2.33 -3.54
N VAL A 118 5.55 -2.08 -2.49
CA VAL A 118 5.99 -2.35 -1.13
C VAL A 118 4.96 -3.16 -0.36
N LEU A 119 5.41 -4.15 0.39
CA LEU A 119 4.52 -5.00 1.16
C LEU A 119 4.58 -4.66 2.65
N VAL A 120 3.44 -4.31 3.22
CA VAL A 120 3.38 -3.91 4.63
C VAL A 120 2.33 -4.73 5.37
N GLY A 121 2.64 -5.05 6.63
CA GLY A 121 1.71 -5.83 7.44
C GLY A 121 1.19 -5.05 8.63
N ASN A 122 -0.12 -5.00 8.79
CA ASN A 122 -0.74 -4.28 9.90
C ASN A 122 -1.15 -5.24 11.01
N LYS A 123 -1.51 -4.67 12.16
CA LYS A 123 -2.03 -5.47 13.27
C LYS A 123 -0.93 -6.32 13.88
N CYS A 124 0.27 -5.75 13.97
CA CYS A 124 1.42 -6.46 14.52
C CYS A 124 1.35 -6.50 16.05
N ASP A 125 0.42 -5.74 16.61
CA ASP A 125 0.18 -5.77 18.05
C ASP A 125 -0.86 -6.82 18.41
N LEU A 126 -1.49 -7.39 17.39
CA LEU A 126 -2.42 -8.50 17.59
C LEU A 126 -1.67 -9.82 17.69
N ALA A 127 -1.96 -10.57 18.75
CA ALA A 127 -1.28 -11.83 19.00
C ALA A 127 -1.91 -12.98 18.22
N ALA A 128 -3.24 -12.91 18.07
CA ALA A 128 -3.97 -13.90 17.29
C ALA A 128 -3.77 -13.67 15.79
N ARG A 129 -2.65 -14.13 15.26
CA ARG A 129 -2.31 -13.88 13.87
C ARG A 129 -1.93 -15.19 13.16
N THR A 130 -2.00 -15.19 11.83
CA THR A 130 -1.73 -16.38 11.05
C THR A 130 -0.74 -16.09 9.93
N VAL A 131 -0.01 -14.98 10.06
CA VAL A 131 1.09 -14.67 9.16
C VAL A 131 2.39 -14.49 9.94
N GLU A 132 3.33 -15.41 9.74
CA GLU A 132 4.68 -15.26 10.27
C GLU A 132 5.47 -14.26 9.44
N SER A 133 6.33 -13.49 10.10
CA SER A 133 7.16 -12.49 9.42
C SER A 133 8.10 -13.17 8.42
N ARG A 134 8.44 -14.42 8.69
CA ARG A 134 9.23 -15.22 7.76
C ARG A 134 8.50 -15.39 6.43
N GLN A 135 7.21 -15.70 6.51
CA GLN A 135 6.41 -15.94 5.31
C GLN A 135 6.19 -14.64 4.54
N ALA A 136 5.85 -13.59 5.27
CA ALA A 136 5.59 -12.29 4.64
C ALA A 136 6.84 -11.73 3.99
N GLN A 137 7.98 -11.89 4.66
CA GLN A 137 9.25 -11.44 4.13
C GLN A 137 9.62 -12.24 2.88
N ASP A 138 9.39 -13.54 2.92
CA ASP A 138 9.68 -14.41 1.78
C ASP A 138 8.82 -14.04 0.58
N LEU A 139 7.56 -13.69 0.85
CA LEU A 139 6.66 -13.24 -0.21
C LEU A 139 7.16 -11.94 -0.83
N ALA A 140 7.58 -11.01 0.01
CA ALA A 140 8.16 -9.75 -0.45
C ALA A 140 9.47 -10.00 -1.18
N ARG A 141 10.28 -10.93 -0.66
CA ARG A 141 11.57 -11.24 -1.26
C ARG A 141 11.39 -11.85 -2.64
N SER A 142 10.35 -12.67 -2.81
CA SER A 142 10.05 -13.27 -4.10
C SER A 142 9.68 -12.20 -5.13
N TYR A 143 9.10 -11.10 -4.64
CA TYR A 143 8.70 -10.01 -5.51
C TYR A 143 9.82 -8.99 -5.66
N GLY A 144 10.91 -9.20 -4.94
CA GLY A 144 12.05 -8.31 -5.02
C GLY A 144 11.82 -6.99 -4.31
N ILE A 145 11.00 -7.02 -3.27
CA ILE A 145 10.58 -5.80 -2.60
C ILE A 145 10.81 -5.90 -1.09
N PRO A 146 10.89 -4.74 -0.43
CA PRO A 146 11.04 -4.66 1.02
C PRO A 146 9.75 -4.99 1.76
N TYR A 147 9.89 -5.50 2.98
CA TYR A 147 8.74 -5.76 3.83
C TYR A 147 8.80 -4.94 5.12
N ILE A 148 7.72 -4.26 5.43
CA ILE A 148 7.66 -3.41 6.62
C ILE A 148 6.52 -3.84 7.54
N GLU A 149 6.84 -4.00 8.83
CA GLU A 149 5.82 -4.20 9.85
C GLU A 149 5.37 -2.87 10.44
N THR A 150 4.06 -2.69 10.53
CA THR A 150 3.49 -1.42 10.99
C THR A 150 2.23 -1.64 11.81
N SER A 151 1.85 -0.64 12.59
CA SER A 151 0.59 -0.67 13.32
C SER A 151 -0.20 0.61 13.10
N ALA A 152 -1.40 0.49 12.56
CA ALA A 152 -2.24 1.64 12.26
C ALA A 152 -2.47 2.49 13.50
N LYS A 153 -2.32 1.87 14.67
CA LYS A 153 -2.59 2.55 15.94
C LYS A 153 -1.71 3.79 16.10
N THR A 154 -0.41 3.58 16.18
CA THR A 154 0.54 4.67 16.32
C THR A 154 1.79 4.44 15.48
N ARG A 155 2.27 3.20 15.48
CA ARG A 155 3.51 2.87 14.79
C ARG A 155 3.38 3.08 13.28
N GLN A 156 3.95 4.17 12.80
CA GLN A 156 3.82 4.54 11.39
C GLN A 156 4.87 3.82 10.54
N GLY A 157 4.40 2.88 9.73
CA GLY A 157 5.26 2.30 8.70
C GLY A 157 4.85 2.73 7.31
N VAL A 158 3.70 3.40 7.21
CA VAL A 158 3.18 3.82 5.91
C VAL A 158 4.04 4.91 5.29
N GLU A 159 4.60 5.78 6.15
CA GLU A 159 5.48 6.84 5.69
C GLU A 159 6.78 6.28 5.14
N ASP A 160 7.38 5.36 5.89
CA ASP A 160 8.59 4.68 5.44
C ASP A 160 8.32 3.89 4.16
N ALA A 161 7.14 3.30 4.08
CA ALA A 161 6.73 2.57 2.89
C ALA A 161 6.66 3.50 1.68
N PHE A 162 6.12 4.71 1.88
CA PHE A 162 6.05 5.69 0.82
C PHE A 162 7.44 6.12 0.36
N TYR A 163 8.31 6.40 1.31
CA TYR A 163 9.66 6.87 1.01
C TYR A 163 10.46 5.79 0.29
N THR A 164 10.40 4.57 0.81
CA THR A 164 11.11 3.44 0.21
C THR A 164 10.63 3.18 -1.21
N LEU A 165 9.31 3.20 -1.40
CA LEU A 165 8.73 3.01 -2.72
C LEU A 165 9.29 4.01 -3.72
N VAL A 166 9.25 5.30 -3.35
CA VAL A 166 9.71 6.37 -4.23
C VAL A 166 11.21 6.25 -4.48
N ARG A 167 11.96 5.97 -3.42
CA ARG A 167 13.41 5.90 -3.52
C ARG A 167 13.84 4.75 -4.44
N GLU A 168 13.15 3.62 -4.31
CA GLU A 168 13.43 2.47 -5.15
C GLU A 168 13.11 2.77 -6.62
N ILE A 169 12.03 3.49 -6.85
CA ILE A 169 11.66 3.92 -8.19
C ILE A 169 12.72 4.84 -8.78
N ARG A 170 13.26 5.72 -7.95
CA ARG A 170 14.27 6.67 -8.39
C ARG A 170 15.55 5.96 -8.82
N GLN A 171 15.80 4.80 -8.22
CA GLN A 171 17.03 4.05 -8.46
C GLN A 171 16.79 2.94 -9.47
N HIS A 172 15.59 2.91 -10.05
CA HIS A 172 15.26 1.92 -11.06
C HIS A 172 14.56 2.57 -12.25
#